data_8FUK
#
_entry.id   8FUK
#
_cell.length_a   1.00
_cell.length_b   1.00
_cell.length_c   1.00
_cell.angle_alpha   90.00
_cell.angle_beta   90.00
_cell.angle_gamma   90.00
#
_symmetry.space_group_name_H-M   'P 1'
#
loop_
_entity.id
_entity.type
_entity.pdbx_description
1 polymer 'Type III-B crRNA'
2 polymer Cas7
3 polymer 'CRISPR-associated protein Cas8'
4 polymer Cas6
5 polymer TniQ
#
loop_
_entity_poly.entity_id
_entity_poly.type
_entity_poly.pdbx_seq_one_letter_code
_entity_poly.pdbx_strand_id
1 'polyribonucleotide' CUUAGAAAAGUACAGCGCGGCUGAAAUCAUCAUUAAAGCGGUUCACUGCCGCACAGGCAG 1
2 'polypeptide(L)'
;MKLPTNLAYERSIDPSDVCFFVVWPDDRKTPLTYNSRTLLGQMEAASLAYDVSGQPIKSATAEALAQGNPHQVDFCHVPY
GASHIECSFSVSFSSELRQPYKCNSSKVKQTLVQLVELYETKIGWTELATRYLMNICNGKWLWKNTRKAYCWNIVLTPWP
WNGEKVGFEDIRTNYTSRQDFKNNKNWSAIVEMIKTAFSSTDGLAIFEVRATLHLPTNAMVRPSQVFTEKESGSKSKSKT
QNSRVFQSTTIDGERSPILGAFKTGAAIATIDDWYPEATEPLRVGRFGVHREDVTCYRHPSTGKDFFSILQQAEHYIEVL
SANKTPAQETINDMHFLMANLIKGGMFQHKGD
;
A,B,C,D,E,F
3 'polypeptide(L)'
;MQTLKELIASNPDDLTTELKRAFRPLTPHIAIDGNELDALTILVNLTDKTDDQKDLLDRAKCKQKLRDEKWWASCINCVN
YRQSHNPKFPDIRSEGVIRTQALGELPSFLLSSSKIPPYHWSYSHDSKYVNKSAFLTNEFCWDGEISCLGELLKDADHPL
WNTLKKLGCSQKTCKAMAKQLADITLTTINVTLAPNYLTQISLPDSDTSYISLSPVASLSMQSHFHQRLQDENRHSAITR
FSRTTNMGVTAMTCGGAFRMLKSGAKFSSPPHHRLNSKRSWLTSEHVQSLKQYQRLNKSLIPENSRIALRRKYKIELQNM
VRSWFAMQDHTLDSNILIQHLNHDLSYLGATKRFAYDPAMTKLFTELLKRELSNSINNGEQHTNGSFLVLPNIRVCGATA
LSSPVTVGIPSLTAFFGFVHAFERNINRTTSSFRVESFAICVHQLHVEKRGLTAEFVEKGDGTISAPATRDDWQCDVVFS
LILNTNFAQHIDQDTLVTSLPKRLARGSAKIAIDDFKHINSFSTLETAIESLPIEAGRWLSLYAQSNNNLSDLLAAMTED
HQLMASCVGYHLLEEPKDKPNSLRGYKHAIAECIIGLINSITFSSETDPNTIFWSLKNYQNYLVVQPRSINDETTDKSSL
;
G
4 'polypeptide(L)'
;MKWYYKTITFLPELCNNESLAAKCLRVLHGFNYQYETRNIGVSFPLWCDATVGKKISFVSKNKIELDLLLKQHYFVQMEQ
LQYFHISNTVLVPEDCTYVSFRRCQSIDKLTAAGLARKIRRLEKRALSRGEQFDPSSFAQKEHTAIAHYHSLGESSKQTN
RNFRLNIRMLSEQPREGNSIFSSYGLSNSENSFQPVPLI
;
H
5 'polypeptide(L)'
;MFLQRPKPYSDESLESFFIRVANKNGYGDVHRFLEATKRFLQDIDHNGYQTFPTDITRINPYSAKNSSSARTASFLKLAQ
LTFNEPPELLGLAINRTNMKYSPSTSAVVRGAEVFPRSLLRTHSIPCCPLCLRENGYASYLWHFQGYEYCHSHNVPLITT
CSCGKEFDYRVSGLKGICCKCKEPITLTSRENGHEAACTVSNWLAGHESKPLPNLPKSYRWGLVHWWMGIKDSEFDHFSF
VQFFSNWPRSFHSIIEDEVEFNLEHAVVSTSELRLKDLLGRLFFGSIRLPERNLQHNIILGELLCYLENRLWQDKGLIAN
LKMNALEATVMLNCSLDQIASMVEQRILKPNRKSKPNSPLDVTDYLFHFGDIFCLWLAEFQSDEFNRSFYVSRW
;
I,J
#
loop_
_chem_comp.id
_chem_comp.type
_chem_comp.name
_chem_comp.formula
A RNA linking ADENOSINE-5'-MONOPHOSPHATE 'C10 H14 N5 O7 P'
C RNA linking CYTIDINE-5'-MONOPHOSPHATE 'C9 H14 N3 O8 P'
G RNA linking GUANOSINE-5'-MONOPHOSPHATE 'C10 H14 N5 O8 P'
U RNA linking URIDINE-5'-MONOPHOSPHATE 'C9 H13 N2 O9 P'
#
# COMPACT_ATOMS: atom_id res chain seq x y z
N LYS B 2 54.94 -25.38 53.50
CA LYS B 2 54.37 -26.63 53.02
C LYS B 2 53.82 -26.48 51.61
N LEU B 3 53.41 -25.27 51.26
CA LEU B 3 52.88 -25.00 49.94
C LEU B 3 53.99 -25.16 48.89
N PRO B 4 53.67 -25.74 47.73
CA PRO B 4 54.68 -25.87 46.67
C PRO B 4 55.02 -24.53 46.06
N THR B 5 56.09 -24.53 45.26
CA THR B 5 56.55 -23.30 44.63
C THR B 5 55.55 -22.77 43.61
N ASN B 6 54.87 -23.66 42.90
CA ASN B 6 53.92 -23.26 41.87
C ASN B 6 52.79 -24.27 41.79
N LEU B 7 51.55 -23.80 41.92
CA LEU B 7 50.39 -24.65 41.75
C LEU B 7 49.19 -23.76 41.42
N ALA B 8 48.25 -24.34 40.68
CA ALA B 8 47.05 -23.61 40.28
C ALA B 8 45.98 -24.61 39.89
N TYR B 9 44.74 -24.13 39.84
CA TYR B 9 43.59 -24.94 39.48
C TYR B 9 42.75 -24.22 38.44
N GLU B 10 42.08 -25.00 37.59
CA GLU B 10 41.10 -24.46 36.66
C GLU B 10 39.72 -24.65 37.25
N ARG B 11 38.86 -23.64 37.08
CA ARG B 11 37.55 -23.67 37.70
C ARG B 11 36.72 -24.82 37.16
N SER B 12 35.98 -25.48 38.07
CA SER B 12 35.15 -26.60 37.68
C SER B 12 33.73 -26.18 37.31
N ILE B 13 33.25 -25.07 37.84
CA ILE B 13 31.93 -24.54 37.51
C ILE B 13 32.13 -23.27 36.69
N ASP B 14 31.61 -23.27 35.47
CA ASP B 14 31.78 -22.15 34.53
C ASP B 14 30.43 -21.64 34.09
N PRO B 15 29.93 -20.54 34.67
CA PRO B 15 28.64 -20.01 34.27
C PRO B 15 28.73 -18.96 33.17
N SER B 16 27.67 -18.88 32.38
CA SER B 16 27.55 -17.87 31.34
C SER B 16 27.02 -16.58 31.94
N ASP B 17 26.61 -15.65 31.10
CA ASP B 17 26.09 -14.36 31.53
C ASP B 17 24.57 -14.31 31.37
N VAL B 18 23.94 -13.45 32.17
CA VAL B 18 22.49 -13.33 32.19
C VAL B 18 22.07 -12.23 31.21
N CYS B 19 21.17 -12.58 30.30
CA CYS B 19 20.64 -11.64 29.33
C CYS B 19 19.19 -11.34 29.66
N PHE B 20 18.83 -10.06 29.67
CA PHE B 20 17.49 -9.62 30.04
C PHE B 20 16.63 -9.46 28.78
N PHE B 21 15.51 -10.17 28.75
CA PHE B 21 14.56 -10.09 27.65
C PHE B 21 13.18 -9.72 28.21
N VAL B 22 12.49 -8.83 27.52
CA VAL B 22 11.15 -8.40 27.92
C VAL B 22 10.14 -9.08 27.01
N VAL B 23 9.10 -9.67 27.59
CA VAL B 23 8.09 -10.43 26.86
C VAL B 23 6.82 -9.60 26.83
N TRP B 24 6.35 -9.30 25.63
CA TRP B 24 5.13 -8.54 25.42
C TRP B 24 3.91 -9.41 25.64
N PRO B 25 2.75 -8.81 25.91
CA PRO B 25 1.52 -9.62 26.07
C PRO B 25 1.18 -10.43 24.83
N ASP B 26 1.58 -9.96 23.65
CA ASP B 26 1.40 -10.70 22.40
C ASP B 26 2.43 -11.81 22.20
N ASP B 27 3.13 -12.18 23.28
CA ASP B 27 4.05 -13.31 23.35
C ASP B 27 5.32 -13.13 22.52
N ARG B 28 5.59 -11.92 22.02
CA ARG B 28 6.86 -11.65 21.40
C ARG B 28 7.90 -11.30 22.45
N LYS B 29 9.16 -11.57 22.13
CA LYS B 29 10.28 -11.32 23.03
C LYS B 29 11.27 -10.37 22.37
N THR B 30 11.63 -9.32 23.08
CA THR B 30 12.59 -8.33 22.60
C THR B 30 13.64 -8.07 23.65
N PRO B 31 14.86 -7.73 23.24
CA PRO B 31 15.89 -7.41 24.23
C PRO B 31 15.59 -6.11 24.96
N LEU B 32 15.99 -6.07 26.23
CA LEU B 32 15.77 -4.87 27.04
C LEU B 32 16.77 -3.79 26.63
N THR B 33 16.31 -2.54 26.63
CA THR B 33 17.12 -1.41 26.19
C THR B 33 17.22 -0.37 27.30
N TYR B 34 18.42 0.13 27.52
CA TYR B 34 18.67 1.16 28.52
C TYR B 34 19.23 2.41 27.85
N ASN B 35 18.87 3.56 28.41
CA ASN B 35 19.28 4.86 27.87
C ASN B 35 19.85 5.71 28.99
N SER B 36 20.83 6.55 28.62
CA SER B 36 21.41 7.47 29.59
C SER B 36 20.41 8.54 29.97
N ARG B 37 20.38 8.88 31.26
CA ARG B 37 19.47 9.88 31.79
C ARG B 37 20.25 10.83 32.68
N THR B 38 20.04 12.13 32.51
CA THR B 38 20.73 13.16 33.29
C THR B 38 19.77 13.71 34.33
N LEU B 39 20.24 13.79 35.58
CA LEU B 39 19.41 14.23 36.69
C LEU B 39 20.12 15.35 37.44
N LEU B 40 19.32 16.17 38.11
CA LEU B 40 19.81 17.28 38.91
C LEU B 40 19.68 16.92 40.38
N GLY B 41 20.81 16.62 41.02
CA GLY B 41 20.83 16.26 42.42
C GLY B 41 21.11 17.44 43.32
N GLN B 42 21.03 17.19 44.62
CA GLN B 42 21.33 18.19 45.64
C GLN B 42 22.74 18.00 46.16
N MET B 43 23.36 19.09 46.58
CA MET B 43 24.66 19.02 47.24
C MET B 43 24.45 18.40 48.62
N GLU B 44 24.73 17.11 48.74
CA GLU B 44 24.40 16.37 49.94
C GLU B 44 25.57 15.61 50.55
N ALA B 45 26.71 15.55 49.88
CA ALA B 45 27.87 14.85 50.43
C ALA B 45 28.45 15.63 51.61
N ALA B 46 29.02 14.88 52.55
CA ALA B 46 29.58 15.50 53.76
C ALA B 46 30.76 16.40 53.42
N SER B 47 31.60 16.00 52.46
CA SER B 47 32.82 16.72 52.17
C SER B 47 32.58 18.13 51.64
N LEU B 48 31.42 18.40 51.05
CA LEU B 48 31.13 19.73 50.55
C LEU B 48 30.77 20.71 51.66
N ALA B 49 30.41 20.23 52.84
CA ALA B 49 30.10 21.11 53.96
C ALA B 49 30.86 20.78 55.24
N TYR B 50 31.55 19.64 55.31
CA TYR B 50 32.32 19.24 56.49
C TYR B 50 33.71 18.78 56.06
N ASP B 51 34.37 19.55 55.19
CA ASP B 51 35.68 19.14 54.72
C ASP B 51 36.69 19.08 55.85
N VAL B 52 36.68 20.08 56.73
CA VAL B 52 37.51 20.04 57.93
C VAL B 52 36.84 19.16 58.97
N SER B 53 37.63 18.35 59.65
CA SER B 53 37.12 17.34 60.58
C SER B 53 36.30 17.95 61.71
N GLY B 54 35.00 17.68 61.73
CA GLY B 54 34.15 18.08 62.82
C GLY B 54 33.77 19.54 62.87
N GLN B 55 34.05 20.31 61.82
CA GLN B 55 33.72 21.73 61.79
C GLN B 55 33.16 22.08 60.42
N PRO B 56 32.29 23.09 60.34
CA PRO B 56 31.82 23.56 59.04
C PRO B 56 32.93 24.27 58.27
N ILE B 57 32.81 24.27 56.95
CA ILE B 57 33.73 24.97 56.07
C ILE B 57 33.13 26.32 55.73
N LYS B 58 33.94 27.38 55.89
CA LYS B 58 33.42 28.74 55.81
C LYS B 58 32.89 29.07 54.42
N SER B 59 33.59 28.62 53.38
CA SER B 59 33.20 28.98 52.01
C SER B 59 31.88 28.35 51.58
N ALA B 60 31.37 27.37 52.31
CA ALA B 60 30.11 26.70 51.96
C ALA B 60 28.95 27.37 52.69
N THR B 61 28.59 28.56 52.21
CA THR B 61 27.50 29.31 52.79
C THR B 61 26.17 28.66 52.46
N ALA B 62 25.10 29.21 53.04
CA ALA B 62 23.77 28.62 52.86
C ALA B 62 23.34 28.66 51.40
N GLU B 63 23.58 29.78 50.72
CA GLU B 63 23.19 29.87 49.31
C GLU B 63 23.98 28.91 48.45
N ALA B 64 25.24 28.65 48.79
CA ALA B 64 26.08 27.74 48.00
C ALA B 64 25.70 26.29 48.19
N LEU B 65 24.84 25.96 49.15
CA LEU B 65 24.38 24.60 49.38
C LEU B 65 23.00 24.35 48.79
N ALA B 66 22.46 25.30 48.03
CA ALA B 66 21.16 25.13 47.39
C ALA B 66 21.24 24.89 45.90
N GLN B 67 22.34 25.23 45.26
CA GLN B 67 22.50 24.97 43.83
C GLN B 67 22.56 23.47 43.57
N GLY B 68 21.94 23.04 42.47
CA GLY B 68 21.99 21.64 42.11
C GLY B 68 23.25 21.30 41.34
N ASN B 69 23.73 20.07 41.55
CA ASN B 69 24.89 19.57 40.84
C ASN B 69 24.46 18.47 39.89
N PRO B 70 24.70 18.62 38.59
CA PRO B 70 24.25 17.61 37.63
C PRO B 70 24.96 16.28 37.84
N HIS B 71 24.21 15.20 37.63
CA HIS B 71 24.76 13.85 37.63
C HIS B 71 24.15 13.10 36.46
N GLN B 72 24.94 12.21 35.86
CA GLN B 72 24.51 11.42 34.71
C GLN B 72 24.56 9.95 35.08
N VAL B 73 23.43 9.27 34.93
CA VAL B 73 23.33 7.84 35.24
C VAL B 73 22.66 7.13 34.07
N ASP B 74 22.92 5.83 33.97
CA ASP B 74 22.26 5.00 32.98
C ASP B 74 20.97 4.44 33.57
N PHE B 75 19.91 4.47 32.75
CA PHE B 75 18.57 4.19 33.22
C PHE B 75 18.00 2.99 32.47
N CYS B 76 17.49 2.01 33.22
CA CYS B 76 16.87 0.83 32.64
C CYS B 76 15.61 0.50 33.42
N HIS B 77 14.51 0.25 32.72
CA HIS B 77 13.25 -0.05 33.35
C HIS B 77 12.38 -0.86 32.41
N VAL B 78 11.36 -1.50 32.97
CA VAL B 78 10.43 -2.29 32.18
C VAL B 78 9.58 -1.36 31.32
N PRO B 79 9.50 -1.58 30.01
CA PRO B 79 8.61 -0.75 29.18
C PRO B 79 7.16 -0.94 29.59
N TYR B 80 6.37 0.11 29.40
CA TYR B 80 4.96 0.05 29.75
C TYR B 80 4.24 -0.96 28.88
N GLY B 81 3.28 -1.66 29.48
CA GLY B 81 2.50 -2.66 28.78
C GLY B 81 3.13 -4.04 28.72
N ALA B 82 4.35 -4.19 29.23
CA ALA B 82 5.00 -5.48 29.21
C ALA B 82 4.38 -6.42 30.24
N SER B 83 4.51 -7.72 29.98
CA SER B 83 3.97 -8.73 30.87
C SER B 83 4.99 -9.16 31.92
N HIS B 84 6.16 -9.64 31.47
CA HIS B 84 7.20 -10.10 32.39
C HIS B 84 8.54 -10.03 31.68
N ILE B 85 9.60 -10.12 32.47
CA ILE B 85 10.97 -10.12 31.98
C ILE B 85 11.54 -11.52 32.16
N GLU B 86 12.16 -12.05 31.10
CA GLU B 86 12.79 -13.35 31.13
C GLU B 86 14.30 -13.20 31.14
N CYS B 87 14.96 -13.83 32.10
CA CYS B 87 16.40 -13.81 32.23
C CYS B 87 16.93 -15.23 32.06
N SER B 88 17.90 -15.39 31.17
CA SER B 88 18.41 -16.72 30.81
C SER B 88 19.93 -16.73 30.81
N PHE B 89 20.49 -17.84 31.26
CA PHE B 89 21.93 -18.08 31.21
C PHE B 89 22.15 -19.59 31.25
N SER B 90 23.42 -20.00 31.17
CA SER B 90 23.76 -21.42 31.13
C SER B 90 24.96 -21.67 32.03
N VAL B 91 24.76 -22.48 33.07
CA VAL B 91 25.82 -22.87 33.97
C VAL B 91 26.31 -24.26 33.58
N SER B 92 27.61 -24.49 33.76
CA SER B 92 28.23 -25.76 33.41
C SER B 92 29.01 -26.28 34.60
N PHE B 93 28.75 -27.53 34.98
CA PHE B 93 29.45 -28.18 36.08
C PHE B 93 30.42 -29.21 35.50
N SER B 94 31.70 -29.06 35.83
CA SER B 94 32.74 -29.93 35.29
C SER B 94 33.57 -30.52 36.43
N SER B 95 34.68 -31.18 36.09
CA SER B 95 35.44 -31.95 37.07
C SER B 95 36.94 -31.67 36.96
N GLU B 96 37.32 -30.39 36.89
CA GLU B 96 38.73 -30.04 36.93
C GLU B 96 39.31 -30.06 38.34
N LEU B 97 38.47 -30.21 39.36
CA LEU B 97 38.97 -30.27 40.72
C LEU B 97 39.68 -31.59 41.03
N ARG B 98 39.45 -32.62 40.22
CA ARG B 98 40.08 -33.91 40.47
C ARG B 98 41.57 -33.89 40.09
N GLN B 99 41.92 -33.19 39.01
CA GLN B 99 43.32 -33.08 38.61
C GLN B 99 43.76 -31.63 38.74
N PRO B 100 44.79 -31.34 39.52
CA PRO B 100 45.33 -29.96 39.54
C PRO B 100 45.80 -29.53 38.16
N TYR B 101 45.49 -28.29 37.82
CA TYR B 101 45.88 -27.77 36.50
C TYR B 101 47.39 -27.65 36.38
N LYS B 102 48.05 -27.18 37.43
CA LYS B 102 49.50 -27.00 37.42
C LYS B 102 50.04 -27.32 38.80
N CYS B 103 51.21 -27.94 38.84
CA CYS B 103 51.87 -28.28 40.09
C CYS B 103 53.33 -28.62 39.81
N ASN B 104 54.20 -28.27 40.75
CA ASN B 104 55.62 -28.57 40.62
C ASN B 104 56.10 -29.53 41.71
N SER B 105 55.20 -30.19 42.42
CA SER B 105 55.58 -31.14 43.46
C SER B 105 54.70 -32.37 43.37
N SER B 106 55.33 -33.53 43.12
CA SER B 106 54.59 -34.78 43.09
C SER B 106 53.95 -35.08 44.44
N LYS B 107 54.60 -34.67 45.53
CA LYS B 107 54.02 -34.88 46.86
C LYS B 107 52.71 -34.12 47.01
N VAL B 108 52.71 -32.83 46.66
CA VAL B 108 51.47 -32.05 46.80
C VAL B 108 50.42 -32.56 45.82
N LYS B 109 50.85 -32.99 44.63
CA LYS B 109 49.91 -33.53 43.66
C LYS B 109 49.20 -34.77 44.20
N GLN B 110 49.98 -35.74 44.69
CA GLN B 110 49.39 -36.96 45.21
C GLN B 110 48.55 -36.70 46.45
N THR B 111 49.00 -35.81 47.34
CA THR B 111 48.21 -35.50 48.53
C THR B 111 46.88 -34.87 48.15
N LEU B 112 46.89 -33.94 47.19
CA LEU B 112 45.64 -33.29 46.80
C LEU B 112 44.68 -34.26 46.13
N VAL B 113 45.19 -35.12 45.23
CA VAL B 113 44.29 -36.06 44.57
C VAL B 113 43.75 -37.08 45.56
N GLN B 114 44.59 -37.56 46.48
CA GLN B 114 44.10 -38.47 47.50
C GLN B 114 43.08 -37.79 48.40
N LEU B 115 43.29 -36.52 48.73
CA LEU B 115 42.35 -35.81 49.59
C LEU B 115 40.99 -35.65 48.91
N VAL B 116 40.98 -35.26 47.64
CA VAL B 116 39.71 -35.08 46.96
C VAL B 116 39.01 -36.43 46.78
N GLU B 117 39.76 -37.48 46.45
CA GLU B 117 39.16 -38.81 46.31
C GLU B 117 38.57 -39.29 47.62
N LEU B 118 39.29 -39.10 48.72
CA LEU B 118 38.80 -39.54 50.02
C LEU B 118 37.60 -38.73 50.47
N TYR B 119 37.59 -37.42 50.19
CA TYR B 119 36.43 -36.60 50.52
C TYR B 119 35.20 -37.07 49.75
N GLU B 120 35.37 -37.35 48.45
CA GLU B 120 34.27 -37.87 47.66
C GLU B 120 33.77 -39.21 48.20
N THR B 121 34.71 -40.10 48.56
CA THR B 121 34.32 -41.42 49.04
C THR B 121 33.60 -41.34 50.39
N LYS B 122 34.08 -40.50 51.30
CA LYS B 122 33.57 -40.49 52.67
C LYS B 122 32.44 -39.49 52.87
N ILE B 123 32.71 -38.20 52.66
CA ILE B 123 31.72 -37.17 52.94
C ILE B 123 30.66 -37.13 51.85
N GLY B 124 31.07 -37.17 50.59
CA GLY B 124 30.14 -37.18 49.48
C GLY B 124 29.88 -35.80 48.92
N TRP B 125 29.49 -35.78 47.65
CA TRP B 125 29.20 -34.55 46.93
C TRP B 125 27.77 -34.05 47.15
N THR B 126 26.97 -34.76 47.94
CA THR B 126 25.57 -34.39 48.09
C THR B 126 25.40 -33.00 48.70
N GLU B 127 26.17 -32.70 49.76
CA GLU B 127 26.03 -31.42 50.44
C GLU B 127 26.40 -30.25 49.53
N LEU B 128 27.57 -30.33 48.89
CA LEU B 128 28.00 -29.25 48.01
C LEU B 128 27.06 -29.13 46.81
N ALA B 129 26.61 -30.25 46.26
CA ALA B 129 25.69 -30.21 45.13
C ALA B 129 24.39 -29.53 45.51
N THR B 130 23.83 -29.87 46.67
CA THR B 130 22.59 -29.24 47.12
C THR B 130 22.79 -27.76 47.37
N ARG B 131 23.92 -27.38 47.98
CA ARG B 131 24.18 -25.97 48.25
C ARG B 131 24.30 -25.17 46.96
N TYR B 132 24.99 -25.72 45.96
CA TYR B 132 25.09 -25.04 44.68
C TYR B 132 23.75 -24.95 43.98
N LEU B 133 22.96 -26.03 44.03
CA LEU B 133 21.66 -26.02 43.37
C LEU B 133 20.67 -25.08 44.05
N MET B 134 20.84 -24.85 45.35
CA MET B 134 19.94 -23.95 46.05
C MET B 134 20.06 -22.54 45.50
N ASN B 135 21.28 -22.08 45.25
CA ASN B 135 21.49 -20.71 44.76
C ASN B 135 20.90 -20.53 43.37
N ILE B 136 21.07 -21.51 42.49
CA ILE B 136 20.50 -21.40 41.15
C ILE B 136 18.99 -21.46 41.19
N CYS B 137 18.44 -22.29 42.08
CA CYS B 137 17.01 -22.55 42.06
C CYS B 137 16.17 -21.41 42.64
N ASN B 138 16.69 -20.67 43.62
CA ASN B 138 15.94 -19.61 44.27
C ASN B 138 16.23 -18.24 43.68
N GLY B 139 16.93 -18.17 42.56
CA GLY B 139 17.18 -16.90 41.92
C GLY B 139 18.24 -16.04 42.55
N LYS B 140 19.17 -16.64 43.30
CA LYS B 140 20.25 -15.86 43.91
C LYS B 140 21.11 -15.19 42.85
N TRP B 141 21.18 -15.76 41.65
CA TRP B 141 21.96 -15.16 40.57
C TRP B 141 21.33 -13.88 40.04
N LEU B 142 20.10 -13.57 40.41
CA LEU B 142 19.43 -12.35 39.97
C LEU B 142 19.72 -11.16 40.87
N TRP B 143 20.29 -11.38 42.05
CA TRP B 143 20.70 -10.32 42.98
C TRP B 143 19.48 -9.47 43.34
N LYS B 144 19.55 -8.15 43.25
CA LYS B 144 18.48 -7.28 43.75
C LYS B 144 17.20 -7.36 42.91
N ASN B 145 17.26 -7.96 41.72
CA ASN B 145 16.05 -8.04 40.89
C ASN B 145 14.98 -8.90 41.53
N THR B 146 15.36 -9.89 42.34
CA THR B 146 14.37 -10.69 43.05
C THR B 146 13.56 -9.83 44.01
N ARG B 147 14.24 -8.95 44.73
CA ARG B 147 13.55 -8.05 45.65
C ARG B 147 12.66 -7.09 44.88
N LYS B 148 11.54 -6.72 45.50
CA LYS B 148 10.55 -5.83 44.90
C LYS B 148 10.01 -6.39 43.58
N ALA B 149 9.81 -7.70 43.55
CA ALA B 149 9.22 -8.38 42.40
C ALA B 149 8.00 -9.16 42.85
N TYR B 150 6.98 -9.20 41.99
CA TYR B 150 5.73 -9.85 42.34
C TYR B 150 5.92 -11.34 42.60
N CYS B 151 6.24 -12.09 41.54
CA CYS B 151 6.45 -13.52 41.63
C CYS B 151 7.37 -13.93 40.48
N TRP B 152 8.45 -14.64 40.79
CA TRP B 152 9.36 -15.11 39.76
C TRP B 152 9.55 -16.62 39.87
N ASN B 153 9.56 -17.28 38.72
CA ASN B 153 9.71 -18.73 38.64
C ASN B 153 10.89 -19.06 37.74
N ILE B 154 11.49 -20.23 37.99
CA ILE B 154 12.73 -20.63 37.33
C ILE B 154 12.52 -21.99 36.68
N VAL B 155 12.98 -22.12 35.43
CA VAL B 155 12.87 -23.34 34.66
C VAL B 155 14.26 -23.75 34.20
N LEU B 156 14.62 -25.01 34.46
CA LEU B 156 15.93 -25.55 34.09
C LEU B 156 15.78 -26.68 33.10
N THR B 157 16.70 -26.76 32.13
CA THR B 157 16.73 -27.81 31.13
C THR B 157 18.12 -28.43 31.12
N PRO B 158 18.36 -29.42 31.99
CA PRO B 158 19.69 -30.03 32.03
C PRO B 158 20.03 -30.75 30.72
N TRP B 159 21.33 -30.84 30.43
CA TRP B 159 21.74 -31.45 29.16
C TRP B 159 21.46 -32.96 29.14
N PRO B 160 22.04 -33.78 30.03
CA PRO B 160 21.74 -35.23 29.96
C PRO B 160 20.40 -35.57 30.61
N TRP B 161 19.33 -35.00 30.06
CA TRP B 161 17.98 -35.19 30.57
C TRP B 161 17.16 -35.96 29.55
N ASN B 162 16.31 -36.85 30.05
CA ASN B 162 15.48 -37.70 29.21
C ASN B 162 14.01 -37.56 29.59
N GLY B 163 13.59 -36.37 29.92
CA GLY B 163 12.21 -36.12 30.30
C GLY B 163 11.82 -34.67 30.12
N GLU B 164 10.90 -34.21 30.96
CA GLU B 164 10.39 -32.85 30.87
C GLU B 164 11.37 -31.87 31.51
N LYS B 165 11.13 -30.58 31.25
CA LYS B 165 11.97 -29.52 31.82
C LYS B 165 11.48 -29.21 33.23
N VAL B 166 12.38 -29.28 34.21
CA VAL B 166 12.00 -29.02 35.59
C VAL B 166 11.76 -27.53 35.78
N GLY B 167 10.84 -27.20 36.70
CA GLY B 167 10.50 -25.82 36.97
C GLY B 167 10.20 -25.62 38.44
N PHE B 168 10.35 -24.37 38.88
CA PHE B 168 10.12 -23.97 40.26
C PHE B 168 9.24 -22.73 40.26
N GLU B 169 7.96 -22.90 40.59
CA GLU B 169 6.99 -21.82 40.50
C GLU B 169 6.85 -21.10 41.84
N ASP B 170 6.85 -19.77 41.79
CA ASP B 170 6.58 -18.91 42.95
C ASP B 170 7.56 -19.20 44.08
N ILE B 171 8.83 -18.92 43.82
CA ILE B 171 9.88 -19.16 44.81
C ILE B 171 9.76 -18.21 46.00
N ARG B 172 9.00 -17.13 45.88
CA ARG B 172 8.84 -16.21 47.01
C ARG B 172 8.10 -16.87 48.17
N THR B 173 7.05 -17.63 47.87
CA THR B 173 6.25 -18.27 48.92
C THR B 173 6.75 -19.68 49.22
N ASN B 174 6.74 -20.56 48.23
CA ASN B 174 7.24 -21.91 48.38
C ASN B 174 8.69 -21.98 47.91
N TYR B 175 9.28 -23.18 48.02
CA TYR B 175 10.67 -23.40 47.64
C TYR B 175 11.63 -22.48 48.39
N THR B 176 11.30 -22.13 49.63
CA THR B 176 12.10 -21.25 50.44
C THR B 176 12.95 -21.98 51.46
N SER B 177 13.04 -23.31 51.36
CA SER B 177 13.81 -24.09 52.32
C SER B 177 14.39 -25.31 51.62
N ARG B 178 15.38 -25.93 52.27
CA ARG B 178 16.01 -27.12 51.71
C ARG B 178 15.02 -28.27 51.58
N GLN B 179 14.16 -28.44 52.59
CA GLN B 179 13.14 -29.48 52.51
C GLN B 179 12.16 -29.20 51.38
N ASP B 180 11.76 -27.94 51.21
CA ASP B 180 10.86 -27.58 50.12
C ASP B 180 11.49 -27.85 48.76
N PHE B 181 12.79 -27.57 48.63
CA PHE B 181 13.49 -27.90 47.39
C PHE B 181 13.53 -29.40 47.18
N LYS B 182 13.74 -30.17 48.25
CA LYS B 182 13.82 -31.62 48.13
C LYS B 182 12.49 -32.25 47.74
N ASN B 183 11.37 -31.58 48.03
CA ASN B 183 10.06 -32.14 47.73
C ASN B 183 9.74 -32.12 46.24
N ASN B 184 10.55 -31.46 45.42
CA ASN B 184 10.31 -31.44 43.98
C ASN B 184 10.56 -32.81 43.38
N LYS B 185 9.90 -33.09 42.25
CA LYS B 185 9.99 -34.41 41.64
C LYS B 185 11.39 -34.71 41.14
N ASN B 186 12.05 -33.74 40.50
CA ASN B 186 13.33 -33.98 39.84
C ASN B 186 14.52 -33.49 40.66
N TRP B 187 14.31 -33.05 41.90
CA TRP B 187 15.41 -32.52 42.70
C TRP B 187 16.48 -33.57 42.93
N SER B 188 16.08 -34.77 43.34
CA SER B 188 17.05 -35.84 43.55
C SER B 188 17.75 -36.21 42.26
N ALA B 189 17.02 -36.22 41.15
CA ALA B 189 17.63 -36.53 39.86
C ALA B 189 18.72 -35.52 39.50
N ILE B 190 18.44 -34.23 39.69
CA ILE B 190 19.44 -33.21 39.35
C ILE B 190 20.62 -33.28 40.31
N VAL B 191 20.36 -33.55 41.59
CA VAL B 191 21.46 -33.67 42.55
C VAL B 191 22.37 -34.83 42.17
N GLU B 192 21.77 -35.96 41.81
CA GLU B 192 22.57 -37.11 41.36
C GLU B 192 23.30 -36.80 40.06
N MET B 193 22.68 -36.00 39.19
CA MET B 193 23.36 -35.56 37.97
C MET B 193 24.63 -34.79 38.30
N ILE B 194 24.52 -33.82 39.22
CA ILE B 194 25.69 -33.03 39.58
C ILE B 194 26.74 -33.89 40.27
N LYS B 195 26.30 -34.82 41.12
CA LYS B 195 27.25 -35.71 41.79
C LYS B 195 28.00 -36.58 40.78
N THR B 196 27.28 -37.12 39.79
CA THR B 196 27.92 -37.92 38.76
C THR B 196 28.90 -37.08 37.95
N ALA B 197 28.52 -35.84 37.62
CA ALA B 197 29.43 -34.98 36.89
C ALA B 197 30.70 -34.69 37.69
N PHE B 198 30.55 -34.45 38.99
CA PHE B 198 31.71 -34.18 39.83
C PHE B 198 32.60 -35.40 39.97
N SER B 199 32.00 -36.59 40.13
CA SER B 199 32.79 -37.78 40.41
C SER B 199 33.45 -38.33 39.15
N SER B 200 32.67 -38.57 38.10
CA SER B 200 33.20 -39.15 36.88
C SER B 200 34.24 -38.23 36.25
N THR B 201 35.38 -38.81 35.86
CA THR B 201 36.43 -38.03 35.24
C THR B 201 35.98 -37.51 33.88
N ASP B 202 36.32 -36.25 33.60
CA ASP B 202 35.98 -35.60 32.32
C ASP B 202 34.47 -35.60 32.08
N GLY B 203 33.71 -35.44 33.17
CA GLY B 203 32.26 -35.34 33.05
C GLY B 203 31.81 -33.91 32.82
N LEU B 204 30.59 -33.77 32.31
CA LEU B 204 30.02 -32.46 32.04
C LEU B 204 28.55 -32.45 32.42
N ALA B 205 28.12 -31.36 33.06
CA ALA B 205 26.72 -31.14 33.40
C ALA B 205 26.38 -29.70 33.04
N ILE B 206 25.44 -29.53 32.11
CA ILE B 206 25.06 -28.22 31.60
C ILE B 206 23.60 -27.98 31.91
N PHE B 207 23.32 -26.82 32.52
CA PHE B 207 21.96 -26.41 32.84
C PHE B 207 21.66 -25.10 32.10
N GLU B 208 20.58 -25.11 31.33
CA GLU B 208 20.08 -23.89 30.68
C GLU B 208 18.95 -23.35 31.54
N VAL B 209 19.21 -22.25 32.24
CA VAL B 209 18.26 -21.68 33.19
C VAL B 209 17.54 -20.51 32.52
N ARG B 210 16.26 -20.36 32.84
CA ARG B 210 15.47 -19.25 32.31
C ARG B 210 14.45 -18.87 33.38
N ALA B 211 14.63 -17.70 33.98
CA ALA B 211 13.76 -17.24 35.06
C ALA B 211 12.84 -16.15 34.54
N THR B 212 11.53 -16.35 34.71
CA THR B 212 10.55 -15.36 34.34
C THR B 212 10.31 -14.44 35.53
N LEU B 213 10.52 -13.15 35.34
CA LEU B 213 10.45 -12.16 36.41
C LEU B 213 9.26 -11.24 36.17
N HIS B 214 8.38 -11.14 37.18
CA HIS B 214 7.21 -10.28 37.12
C HIS B 214 7.45 -9.04 37.96
N LEU B 215 7.29 -7.86 37.36
CA LEU B 215 7.58 -6.60 38.01
C LEU B 215 6.42 -5.63 37.81
N PRO B 216 6.26 -4.66 38.73
CA PRO B 216 5.18 -3.67 38.56
C PRO B 216 5.39 -2.79 37.34
N THR B 217 4.43 -1.91 37.07
CA THR B 217 4.49 -1.06 35.88
C THR B 217 5.70 -0.14 35.93
N ASN B 218 6.49 -0.16 34.85
CA ASN B 218 7.70 0.65 34.74
C ASN B 218 8.63 0.43 35.94
N ALA B 219 8.74 -0.83 36.37
CA ALA B 219 9.58 -1.15 37.51
C ALA B 219 11.06 -1.06 37.13
N MET B 220 11.89 -0.92 38.16
CA MET B 220 13.31 -0.67 37.94
C MET B 220 14.05 -1.98 37.73
N VAL B 221 15.12 -1.92 36.93
CA VAL B 221 16.00 -3.04 36.68
C VAL B 221 17.41 -2.62 37.05
N ARG B 222 18.15 -3.50 37.75
CA ARG B 222 19.46 -3.18 38.31
C ARG B 222 20.48 -4.20 37.82
N PRO B 223 20.99 -4.05 36.60
CA PRO B 223 22.05 -4.93 36.12
C PRO B 223 23.39 -4.57 36.74
N SER B 224 24.43 -5.26 36.29
CA SER B 224 25.78 -5.01 36.79
C SER B 224 26.30 -3.67 36.30
N GLN B 225 27.43 -3.24 36.85
CA GLN B 225 28.03 -1.97 36.52
C GLN B 225 29.52 -2.12 36.24
N VAL B 226 30.05 -1.21 35.45
CA VAL B 226 31.44 -1.29 34.99
C VAL B 226 32.37 -0.88 36.13
N PHE B 227 33.52 -1.56 36.21
CA PHE B 227 34.48 -1.29 37.28
C PHE B 227 35.28 -0.01 37.03
N THR B 228 35.52 0.35 35.78
CA THR B 228 36.32 1.54 35.47
C THR B 228 35.58 2.82 35.85
N GLN B 241 31.07 12.97 34.40
CA GLN B 241 30.00 13.12 35.39
C GLN B 241 29.20 11.83 35.51
N ASN B 242 29.60 10.81 34.77
CA ASN B 242 28.88 9.53 34.75
C ASN B 242 29.12 8.79 36.05
N SER B 243 28.07 8.64 36.86
CA SER B 243 28.17 7.98 38.15
C SER B 243 27.69 6.53 38.12
N ARG B 244 27.04 6.09 37.05
CA ARG B 244 26.53 4.73 36.97
C ARG B 244 26.50 4.33 35.50
N VAL B 245 27.37 3.40 35.12
CA VAL B 245 27.44 2.89 33.75
C VAL B 245 27.25 1.39 33.79
N PHE B 246 26.33 0.89 32.99
CA PHE B 246 25.98 -0.53 32.98
C PHE B 246 26.84 -1.30 32.00
N GLN B 247 27.04 -2.57 32.30
CA GLN B 247 27.66 -3.49 31.35
C GLN B 247 26.61 -3.92 30.33
N SER B 248 27.00 -3.92 29.06
CA SER B 248 26.06 -4.21 27.99
C SER B 248 26.71 -5.08 26.92
N THR B 249 25.87 -5.87 26.25
CA THR B 249 26.28 -6.66 25.10
C THR B 249 25.24 -6.49 24.00
N THR B 250 25.68 -6.65 22.75
CA THR B 250 24.81 -6.49 21.61
C THR B 250 23.99 -7.75 21.39
N ILE B 251 22.67 -7.62 21.38
CA ILE B 251 21.75 -8.73 21.14
C ILE B 251 20.83 -8.33 20.00
N ASP B 252 20.85 -9.10 18.92
CA ASP B 252 20.03 -8.86 17.72
C ASP B 252 20.27 -7.50 17.09
N GLY B 253 21.36 -6.83 17.45
CA GLY B 253 21.65 -5.50 16.97
C GLY B 253 21.31 -4.39 17.93
N GLU B 254 20.49 -4.66 18.94
CA GLU B 254 20.13 -3.67 19.95
C GLU B 254 20.91 -3.94 21.23
N ARG B 255 21.43 -2.87 21.83
CA ARG B 255 22.15 -2.99 23.09
C ARG B 255 21.22 -3.45 24.20
N SER B 256 21.76 -4.22 25.14
CA SER B 256 20.97 -4.73 26.24
C SER B 256 21.83 -4.83 27.49
N PRO B 257 21.30 -4.47 28.65
CA PRO B 257 22.06 -4.62 29.89
C PRO B 257 22.30 -6.09 30.22
N ILE B 258 23.39 -6.35 30.91
CA ILE B 258 23.84 -7.70 31.21
C ILE B 258 24.20 -7.77 32.69
N LEU B 259 24.03 -8.95 33.27
CA LEU B 259 24.32 -9.15 34.69
C LEU B 259 25.74 -9.59 34.96
N GLY B 260 26.53 -9.89 33.93
CA GLY B 260 27.92 -10.24 34.11
C GLY B 260 28.14 -11.73 34.29
N ALA B 261 29.37 -12.15 34.01
CA ALA B 261 29.75 -13.55 34.16
C ALA B 261 30.37 -13.83 35.53
N PHE B 262 31.34 -13.03 35.94
CA PHE B 262 31.92 -13.19 37.27
C PHE B 262 30.90 -12.91 38.36
N LYS B 263 29.99 -11.95 38.12
CA LYS B 263 28.93 -11.68 39.09
C LYS B 263 28.04 -12.90 39.27
N THR B 264 27.65 -13.54 38.16
CA THR B 264 26.85 -14.76 38.26
C THR B 264 27.62 -15.88 38.93
N GLY B 265 28.91 -16.02 38.61
CA GLY B 265 29.72 -17.05 39.24
C GLY B 265 29.81 -16.87 40.74
N ALA B 266 29.96 -15.63 41.19
CA ALA B 266 29.95 -15.36 42.63
C ALA B 266 28.58 -15.56 43.24
N ALA B 267 27.52 -15.29 42.47
CA ALA B 267 26.16 -15.45 42.99
C ALA B 267 25.82 -16.91 43.22
N ILE B 268 26.22 -17.79 42.31
CA ILE B 268 25.89 -19.21 42.44
C ILE B 268 26.91 -19.95 43.29
N ALA B 269 27.89 -19.27 43.86
CA ALA B 269 28.92 -19.89 44.68
C ALA B 269 28.93 -19.37 46.10
N THR B 270 28.07 -18.40 46.44
CA THR B 270 28.01 -17.88 47.80
C THR B 270 27.30 -18.88 48.70
N ILE B 271 28.09 -19.81 49.25
CA ILE B 271 27.58 -20.86 50.11
C ILE B 271 28.35 -20.98 51.42
N ASP B 272 29.36 -20.15 51.64
CA ASP B 272 30.24 -20.30 52.78
C ASP B 272 29.54 -19.89 54.07
N ASP B 273 28.91 -20.85 54.75
CA ASP B 273 28.24 -20.64 56.02
C ASP B 273 28.96 -21.35 57.16
N TRP B 274 30.22 -21.70 56.96
CA TRP B 274 30.99 -22.49 57.91
C TRP B 274 32.03 -21.67 58.66
N TYR B 275 32.09 -20.36 58.41
CA TYR B 275 33.06 -19.50 59.06
C TYR B 275 32.71 -19.33 60.53
N PRO B 276 33.69 -18.99 61.37
CA PRO B 276 33.42 -18.84 62.81
C PRO B 276 32.35 -17.79 63.06
N GLU B 277 31.45 -18.10 63.99
CA GLU B 277 30.33 -17.24 64.36
C GLU B 277 29.52 -16.85 63.12
N ALA B 278 29.08 -17.86 62.38
CA ALA B 278 28.42 -17.63 61.10
C ALA B 278 27.06 -16.98 61.30
N THR B 279 26.73 -16.03 60.42
CA THR B 279 25.42 -15.41 60.45
C THR B 279 24.78 -15.36 59.06
N GLU B 280 25.60 -15.36 58.00
CA GLU B 280 25.08 -15.38 56.64
C GLU B 280 26.17 -15.90 55.72
N PRO B 281 25.81 -16.63 54.66
CA PRO B 281 26.83 -17.18 53.76
C PRO B 281 27.48 -16.11 52.92
N LEU B 282 28.81 -16.06 52.97
CA LEU B 282 29.57 -15.17 52.10
C LEU B 282 29.91 -15.89 50.79
N ARG B 283 30.55 -15.16 49.89
CA ARG B 283 31.06 -15.76 48.66
C ARG B 283 32.30 -16.58 48.99
N VAL B 284 32.35 -17.81 48.49
CA VAL B 284 33.47 -18.70 48.78
C VAL B 284 34.75 -18.13 48.18
N GLY B 285 35.83 -18.16 48.94
CA GLY B 285 37.08 -17.61 48.47
C GLY B 285 38.20 -17.87 49.46
N ARG B 286 39.35 -17.28 49.16
CA ARG B 286 40.53 -17.46 50.01
C ARG B 286 40.27 -16.94 51.42
N PHE B 287 39.62 -15.79 51.53
CA PHE B 287 39.26 -15.20 52.81
C PHE B 287 37.80 -14.78 52.78
N GLY B 288 37.19 -14.72 53.96
CA GLY B 288 35.79 -14.36 54.06
C GLY B 288 35.55 -12.89 53.81
N VAL B 289 35.75 -12.45 52.57
CA VAL B 289 35.57 -11.04 52.22
C VAL B 289 34.09 -10.77 52.06
N HIS B 290 33.60 -9.73 52.75
CA HIS B 290 32.19 -9.37 52.74
C HIS B 290 32.05 -7.96 52.21
N ARG B 291 31.18 -7.79 51.20
CA ARG B 291 30.95 -6.46 50.64
C ARG B 291 30.13 -5.61 51.60
N GLU B 292 28.90 -6.03 51.87
CA GLU B 292 28.10 -5.39 52.91
C GLU B 292 28.75 -5.63 54.27
N ASP B 293 28.88 -4.56 55.06
CA ASP B 293 29.61 -4.62 56.33
C ASP B 293 31.04 -5.11 56.09
N VAL B 294 31.79 -4.28 55.37
CA VAL B 294 33.09 -4.69 54.86
C VAL B 294 34.02 -5.05 56.01
N THR B 295 34.60 -6.25 55.92
CA THR B 295 35.59 -6.74 56.87
C THR B 295 36.25 -7.96 56.21
N CYS B 296 37.11 -8.64 56.97
CA CYS B 296 37.84 -9.81 56.47
C CYS B 296 37.58 -10.98 57.42
N TYR B 297 36.53 -11.73 57.16
CA TYR B 297 36.32 -12.98 57.88
C TYR B 297 37.36 -14.00 57.45
N ARG B 298 37.61 -14.97 58.34
CA ARG B 298 38.66 -15.97 58.13
C ARG B 298 40.00 -15.31 57.85
N HIS B 299 40.28 -14.24 58.60
CA HIS B 299 41.55 -13.54 58.44
C HIS B 299 42.70 -14.46 58.85
N PRO B 300 43.81 -14.46 58.08
CA PRO B 300 44.94 -15.35 58.40
C PRO B 300 45.42 -15.29 59.84
N SER B 301 45.09 -14.20 60.55
CA SER B 301 45.44 -14.11 61.96
C SER B 301 44.73 -15.18 62.78
N THR B 302 43.45 -15.43 62.48
CA THR B 302 42.69 -16.42 63.23
C THR B 302 42.95 -17.85 62.76
N GLY B 303 43.67 -18.03 61.66
CA GLY B 303 44.04 -19.35 61.19
C GLY B 303 42.93 -20.10 60.49
N LYS B 304 41.83 -19.44 60.17
CA LYS B 304 40.72 -20.06 59.45
C LYS B 304 40.72 -19.73 57.97
N ASP B 305 41.78 -19.10 57.48
CA ASP B 305 41.86 -18.81 56.06
C ASP B 305 42.19 -20.08 55.28
N PHE B 306 42.15 -19.96 53.95
CA PHE B 306 42.36 -21.14 53.12
C PHE B 306 43.78 -21.69 53.27
N PHE B 307 44.77 -20.80 53.36
CA PHE B 307 46.16 -21.24 53.36
C PHE B 307 46.47 -22.09 54.58
N SER B 308 46.01 -21.67 55.77
CA SER B 308 46.26 -22.46 56.96
C SER B 308 45.56 -23.81 56.88
N ILE B 309 44.32 -23.82 56.38
CA ILE B 309 43.57 -25.07 56.25
C ILE B 309 44.26 -26.00 55.27
N LEU B 310 44.72 -25.46 54.14
CA LEU B 310 45.44 -26.28 53.16
C LEU B 310 46.74 -26.82 53.72
N GLN B 311 47.34 -26.11 54.68
CA GLN B 311 48.60 -26.57 55.25
C GLN B 311 48.46 -27.83 56.09
N GLN B 312 47.23 -28.23 56.45
CA GLN B 312 46.99 -29.43 57.23
C GLN B 312 46.43 -30.57 56.38
N ALA B 313 46.82 -30.64 55.11
CA ALA B 313 46.30 -31.68 54.23
C ALA B 313 46.73 -33.07 54.69
N GLU B 314 48.00 -33.22 55.08
CA GLU B 314 48.50 -34.52 55.50
C GLU B 314 47.83 -34.98 56.79
N HIS B 315 47.68 -34.09 57.76
CA HIS B 315 47.02 -34.45 59.02
C HIS B 315 45.56 -34.80 58.79
N TYR B 316 44.87 -34.05 57.95
CA TYR B 316 43.42 -34.22 57.83
C TYR B 316 43.07 -35.52 57.13
N ILE B 317 43.95 -36.02 56.24
CA ILE B 317 43.71 -37.31 55.60
C ILE B 317 43.77 -38.44 56.62
N GLU B 318 44.51 -38.26 57.72
CA GLU B 318 44.58 -39.30 58.73
C GLU B 318 43.29 -39.38 59.54
N VAL B 319 42.72 -38.23 59.91
CA VAL B 319 41.49 -38.24 60.69
C VAL B 319 40.29 -38.65 59.84
N LEU B 320 40.38 -38.50 58.53
CA LEU B 320 39.28 -38.89 57.65
C LEU B 320 39.36 -40.38 57.34
N ALA B 327 34.98 -33.91 64.75
CA ALA B 327 33.54 -33.75 64.83
C ALA B 327 33.01 -32.97 63.63
N GLN B 328 32.10 -32.03 63.89
CA GLN B 328 31.50 -31.25 62.82
C GLN B 328 32.46 -30.22 62.25
N GLU B 329 33.46 -29.80 63.01
CA GLU B 329 34.44 -28.86 62.48
C GLU B 329 35.27 -29.48 61.37
N THR B 330 35.53 -30.78 61.44
CA THR B 330 36.28 -31.45 60.38
C THR B 330 35.51 -31.45 59.06
N ILE B 331 34.22 -31.81 59.11
CA ILE B 331 33.44 -31.81 57.89
C ILE B 331 33.21 -30.40 57.39
N ASN B 332 33.11 -29.42 58.31
CA ASN B 332 33.03 -28.03 57.88
C ASN B 332 34.30 -27.61 57.13
N ASP B 333 35.46 -28.00 57.66
CA ASP B 333 36.71 -27.67 56.99
C ASP B 333 36.80 -28.34 55.63
N MET B 334 36.35 -29.60 55.53
CA MET B 334 36.31 -30.25 54.22
C MET B 334 35.39 -29.53 53.24
N HIS B 335 34.21 -29.12 53.72
CA HIS B 335 33.28 -28.41 52.85
C HIS B 335 33.88 -27.11 52.34
N PHE B 336 34.47 -26.32 53.25
CA PHE B 336 35.10 -25.07 52.85
C PHE B 336 36.27 -25.31 51.91
N LEU B 337 37.09 -26.31 52.20
CA LEU B 337 38.27 -26.61 51.40
C LEU B 337 37.89 -27.01 49.99
N MET B 338 36.90 -27.89 49.84
CA MET B 338 36.51 -28.33 48.52
C MET B 338 35.73 -27.26 47.77
N ALA B 339 34.99 -26.41 48.48
CA ALA B 339 34.34 -25.28 47.82
C ALA B 339 35.37 -24.32 47.27
N ASN B 340 36.43 -24.04 48.02
CA ASN B 340 37.50 -23.20 47.48
C ASN B 340 38.21 -23.88 46.32
N LEU B 341 38.46 -25.18 46.43
CA LEU B 341 39.18 -25.89 45.37
C LEU B 341 38.39 -25.90 44.07
N ILE B 342 37.05 -25.95 44.18
CA ILE B 342 36.21 -25.96 42.99
C ILE B 342 36.42 -24.68 42.17
N LYS B 343 36.44 -23.53 42.85
CA LYS B 343 36.64 -22.27 42.16
C LYS B 343 38.03 -22.18 41.54
N GLY B 344 39.04 -22.70 42.22
CA GLY B 344 40.40 -22.65 41.71
C GLY B 344 41.12 -21.34 42.00
N GLY B 345 42.31 -21.22 41.44
CA GLY B 345 43.12 -20.02 41.64
C GLY B 345 44.60 -20.29 41.77
N MET B 346 45.42 -19.25 41.65
CA MET B 346 46.87 -19.40 41.84
C MET B 346 47.09 -19.48 43.34
N PHE B 347 47.06 -20.71 43.86
CA PHE B 347 47.23 -20.90 45.29
C PHE B 347 48.68 -20.77 45.75
N GLN B 348 49.61 -20.47 44.85
CA GLN B 348 51.02 -20.33 45.20
C GLN B 348 51.25 -19.18 46.18
N LYS C 2 33.90 10.03 64.27
CA LYS C 2 32.57 9.53 64.58
C LYS C 2 31.92 8.91 63.35
N LEU C 3 31.89 9.68 62.27
CA LEU C 3 31.31 9.18 61.02
C LEU C 3 32.25 8.17 60.39
N PRO C 4 31.77 6.96 60.08
CA PRO C 4 32.65 5.98 59.43
C PRO C 4 33.08 6.44 58.06
N THR C 5 34.24 5.95 57.62
CA THR C 5 34.78 6.32 56.32
C THR C 5 34.14 5.57 55.17
N ASN C 6 33.25 4.60 55.45
CA ASN C 6 32.65 3.81 54.38
C ASN C 6 31.16 3.53 54.64
N LEU C 7 30.47 4.43 55.32
CA LEU C 7 29.05 4.25 55.59
C LEU C 7 28.21 4.59 54.37
N ALA C 8 27.19 3.77 54.11
CA ALA C 8 26.29 4.01 53.00
C ALA C 8 24.97 3.30 53.26
N TYR C 9 23.88 3.91 52.82
CA TYR C 9 22.54 3.39 53.05
C TYR C 9 21.80 3.28 51.73
N GLU C 10 21.01 2.22 51.59
CA GLU C 10 20.27 1.96 50.36
C GLU C 10 18.87 2.55 50.44
N ARG C 11 18.32 2.88 49.29
CA ARG C 11 17.00 3.49 49.19
C ARG C 11 15.91 2.49 49.60
N SER C 12 14.88 3.00 50.28
CA SER C 12 13.79 2.16 50.76
C SER C 12 12.52 2.30 49.93
N ILE C 13 12.35 3.39 49.19
CA ILE C 13 11.18 3.60 48.34
C ILE C 13 11.65 3.71 46.91
N ASP C 14 11.05 2.91 46.02
CA ASP C 14 11.41 2.91 44.61
C ASP C 14 10.20 3.36 43.80
N PRO C 15 10.03 4.67 43.59
CA PRO C 15 8.96 5.14 42.70
C PRO C 15 9.25 4.78 41.26
N SER C 16 8.39 5.20 40.34
CA SER C 16 8.54 4.81 38.95
C SER C 16 8.07 5.93 38.04
N ASP C 17 8.46 5.84 36.78
CA ASP C 17 8.07 6.84 35.79
C ASP C 17 6.56 6.89 35.65
N VAL C 18 6.02 8.10 35.57
CA VAL C 18 4.59 8.31 35.40
C VAL C 18 4.30 8.37 33.90
N CYS C 19 3.44 7.48 33.42
CA CYS C 19 3.09 7.41 32.01
C CYS C 19 1.79 8.18 31.77
N PHE C 20 1.84 9.12 30.84
CA PHE C 20 0.71 9.98 30.54
C PHE C 20 -0.12 9.38 29.42
N PHE C 21 -1.39 9.12 29.69
CA PHE C 21 -2.32 8.57 28.73
C PHE C 21 -3.51 9.49 28.57
N VAL C 22 -4.04 9.55 27.35
CA VAL C 22 -5.21 10.35 27.04
C VAL C 22 -6.32 9.41 26.61
N VAL C 23 -7.49 9.56 27.20
CA VAL C 23 -8.63 8.67 26.96
C VAL C 23 -9.73 9.45 26.27
N TRP C 24 -10.37 8.82 25.29
CA TRP C 24 -11.43 9.39 24.50
C TRP C 24 -12.78 8.96 25.06
N PRO C 25 -13.88 9.56 24.58
CA PRO C 25 -15.21 9.13 25.05
C PRO C 25 -15.49 7.66 24.78
N ASP C 26 -14.88 7.07 23.75
CA ASP C 26 -15.02 5.65 23.45
C ASP C 26 -14.25 4.76 24.41
N ASP C 27 -13.68 5.34 25.47
CA ASP C 27 -12.86 4.63 26.46
C ASP C 27 -11.61 4.03 25.85
N ARG C 28 -11.23 4.47 24.65
CA ARG C 28 -9.99 4.03 24.04
C ARG C 28 -8.83 4.88 24.57
N LYS C 29 -7.75 4.22 24.94
CA LYS C 29 -6.59 4.89 25.53
C LYS C 29 -5.46 4.96 24.51
N THR C 30 -4.87 6.14 24.37
CA THR C 30 -3.75 6.36 23.49
C THR C 30 -2.65 7.13 24.21
N PRO C 31 -1.40 6.91 23.86
CA PRO C 31 -0.31 7.65 24.52
C PRO C 31 -0.36 9.13 24.18
N LEU C 32 0.12 9.94 25.11
CA LEU C 32 0.21 11.38 24.90
C LEU C 32 1.48 11.71 24.13
N THR C 33 1.37 12.65 23.19
CA THR C 33 2.49 13.05 22.36
C THR C 33 2.63 14.57 22.37
N TYR C 34 3.87 15.03 22.23
CA TYR C 34 4.18 16.45 22.21
C TYR C 34 4.94 16.80 20.94
N ASN C 35 4.98 18.09 20.63
CA ASN C 35 5.66 18.59 19.44
C ASN C 35 6.57 19.74 19.82
N SER C 36 7.64 19.90 19.05
CA SER C 36 8.64 20.94 19.30
C SER C 36 8.33 22.15 18.42
N ARG C 37 7.34 22.92 18.84
CA ARG C 37 6.90 24.08 18.07
C ARG C 37 7.68 25.32 18.47
N THR C 38 8.12 26.07 17.47
CA THR C 38 8.90 27.27 17.69
C THR C 38 7.99 28.49 17.88
N LEU C 39 8.54 29.52 18.50
CA LEU C 39 7.77 30.72 18.82
C LEU C 39 8.66 31.95 18.68
N LEU C 40 8.01 33.10 18.53
CA LEU C 40 8.68 34.39 18.45
C LEU C 40 8.34 35.19 19.70
N GLY C 41 9.37 35.64 20.40
CA GLY C 41 9.22 36.41 21.61
C GLY C 41 9.54 37.88 21.40
N GLN C 42 9.89 38.54 22.49
CA GLN C 42 10.31 39.93 22.46
C GLN C 42 11.66 40.06 23.16
N MET C 43 12.42 41.08 22.76
CA MET C 43 13.67 41.36 23.44
C MET C 43 13.36 41.96 24.81
N GLU C 44 13.29 41.11 25.83
CA GLU C 44 12.81 41.52 27.14
C GLU C 44 13.77 41.19 28.28
N ALA C 45 14.83 40.42 28.04
CA ALA C 45 15.78 40.09 29.10
C ALA C 45 16.52 41.34 29.55
N ALA C 46 16.90 41.36 30.83
CA ALA C 46 17.60 42.51 31.38
C ALA C 46 18.98 42.68 30.77
N SER C 47 19.64 41.58 30.43
CA SER C 47 20.98 41.66 29.87
C SER C 47 20.99 42.36 28.51
N LEU C 48 19.88 42.26 27.76
CA LEU C 48 19.83 42.86 26.43
C LEU C 48 19.67 44.37 26.46
N ALA C 49 19.22 44.94 27.58
CA ALA C 49 19.00 46.38 27.65
C ALA C 49 19.53 47.00 28.95
N TYR C 50 20.24 46.24 29.78
CA TYR C 50 20.84 46.77 30.99
C TYR C 50 22.13 46.03 31.27
N ASP C 51 23.13 46.76 31.77
CA ASP C 51 24.40 46.17 32.15
C ASP C 51 24.39 45.86 33.64
N VAL C 52 25.54 45.49 34.18
CA VAL C 52 25.65 45.30 35.63
C VAL C 52 25.42 46.62 36.35
N SER C 53 25.88 47.72 35.76
CA SER C 53 25.61 49.06 36.29
C SER C 53 25.29 49.99 35.12
N GLY C 54 24.31 50.85 35.32
CA GLY C 54 23.90 51.74 34.25
C GLY C 54 23.11 51.01 33.17
N GLN C 55 23.08 51.61 32.00
CA GLN C 55 22.37 51.05 30.85
C GLN C 55 23.23 51.21 29.61
N PRO C 56 23.11 50.30 28.63
CA PRO C 56 23.91 50.38 27.39
C PRO C 56 23.27 51.22 26.30
N ILE C 57 23.32 52.54 26.48
CA ILE C 57 22.74 53.46 25.52
C ILE C 57 23.47 53.42 24.18
N LYS C 58 24.68 52.86 24.15
CA LYS C 58 25.46 52.86 22.92
C LYS C 58 24.80 52.03 21.82
N SER C 59 24.24 50.87 22.18
CA SER C 59 23.70 49.95 21.20
C SER C 59 22.25 49.55 21.42
N ALA C 60 21.73 49.70 22.64
CA ALA C 60 20.35 49.31 22.94
C ALA C 60 19.39 50.46 22.61
N THR C 61 19.36 50.83 21.33
CA THR C 61 18.45 51.86 20.87
C THR C 61 17.02 51.34 20.84
N ALA C 62 16.08 52.25 20.61
CA ALA C 62 14.67 51.87 20.65
C ALA C 62 14.33 50.86 19.56
N GLU C 63 14.82 51.09 18.33
CA GLU C 63 14.47 50.19 17.24
C GLU C 63 15.07 48.80 17.44
N ALA C 64 16.31 48.73 17.96
CA ALA C 64 16.95 47.44 18.14
C ALA C 64 16.31 46.60 19.23
N LEU C 65 15.51 47.21 20.09
CA LEU C 65 14.81 46.48 21.15
C LEU C 65 13.43 46.00 20.73
N ALA C 66 12.98 46.36 19.53
CA ALA C 66 11.70 45.89 19.03
C ALA C 66 11.81 44.65 18.16
N GLN C 67 13.02 44.21 17.85
CA GLN C 67 13.20 43.01 17.05
C GLN C 67 12.76 41.78 17.81
N GLY C 68 12.24 40.79 17.07
CA GLY C 68 11.78 39.55 17.67
C GLY C 68 12.89 38.52 17.71
N ASN C 69 13.08 37.92 18.88
CA ASN C 69 14.09 36.88 19.05
C ASN C 69 13.42 35.52 19.05
N PRO C 70 13.75 34.63 18.11
CA PRO C 70 13.10 33.32 18.07
C PRO C 70 13.44 32.47 19.28
N HIS C 71 12.50 31.59 19.62
CA HIS C 71 12.72 30.58 20.65
C HIS C 71 12.05 29.29 20.20
N GLN C 72 12.58 28.17 20.69
CA GLN C 72 12.02 26.86 20.39
C GLN C 72 11.72 26.14 21.68
N VAL C 73 10.48 25.71 21.85
CA VAL C 73 10.05 24.98 23.03
C VAL C 73 9.25 23.75 22.57
N ASP C 74 9.08 22.82 23.50
CA ASP C 74 8.24 21.65 23.28
C ASP C 74 6.91 21.86 23.97
N PHE C 75 5.81 21.71 23.22
CA PHE C 75 4.47 21.96 23.72
C PHE C 75 3.71 20.65 23.80
N CYS C 76 3.16 20.37 24.99
CA CYS C 76 2.34 19.19 25.23
C CYS C 76 0.99 19.64 25.75
N HIS C 77 -0.07 19.25 25.04
CA HIS C 77 -1.42 19.68 25.39
C HIS C 77 -2.41 18.56 25.11
N VAL C 78 -3.51 18.58 25.85
CA VAL C 78 -4.58 17.59 25.69
C VAL C 78 -5.28 17.85 24.35
N PRO C 79 -5.37 16.87 23.48
CA PRO C 79 -6.05 17.08 22.19
C PRO C 79 -7.54 17.33 22.37
N TYR C 80 -8.12 17.98 21.37
CA TYR C 80 -9.54 18.29 21.40
C TYR C 80 -10.37 17.01 21.35
N GLY C 81 -11.46 17.01 22.12
CA GLY C 81 -12.37 15.89 22.16
C GLY C 81 -12.04 14.82 23.18
N ALA C 82 -10.89 14.93 23.85
CA ALA C 82 -10.52 13.97 24.87
C ALA C 82 -11.40 14.13 26.11
N SER C 83 -11.53 13.04 26.86
CA SER C 83 -12.31 13.06 28.10
C SER C 83 -11.45 13.51 29.29
N HIS C 84 -10.35 12.80 29.54
CA HIS C 84 -9.47 13.15 30.64
C HIS C 84 -8.11 12.50 30.40
N ILE C 85 -7.14 12.88 31.24
CA ILE C 85 -5.78 12.38 31.18
C ILE C 85 -5.58 11.41 32.34
N GLU C 86 -5.02 10.24 32.04
CA GLU C 86 -4.80 9.20 33.03
C GLU C 86 -3.30 8.98 33.21
N CYS C 87 -2.85 8.92 34.46
CA CYS C 87 -1.45 8.72 34.80
C CYS C 87 -1.31 7.56 35.77
N SER C 88 -0.28 6.74 35.56
CA SER C 88 -0.10 5.54 36.38
C SER C 88 1.39 5.27 36.60
N PHE C 89 1.72 4.81 37.79
CA PHE C 89 3.08 4.44 38.15
C PHE C 89 3.02 3.47 39.33
N SER C 90 4.18 3.12 39.89
CA SER C 90 4.23 2.14 40.97
C SER C 90 5.35 2.49 41.94
N VAL C 91 5.10 2.19 43.23
CA VAL C 91 6.09 2.39 44.28
C VAL C 91 6.33 1.06 44.99
N SER C 92 7.37 1.03 45.81
CA SER C 92 7.74 -0.19 46.53
C SER C 92 8.46 0.19 47.81
N PHE C 93 7.90 -0.21 48.95
CA PHE C 93 8.52 -0.01 50.26
C PHE C 93 9.29 -1.27 50.62
N SER C 94 10.60 -1.25 50.36
CA SER C 94 11.41 -2.47 50.40
C SER C 94 12.02 -2.74 51.77
N SER C 95 11.83 -1.87 52.76
CA SER C 95 12.37 -2.07 54.11
C SER C 95 13.88 -2.26 54.10
N GLU C 96 14.56 -1.39 53.37
CA GLU C 96 16.02 -1.44 53.28
C GLU C 96 16.72 -0.59 54.33
N LEU C 97 15.96 0.07 55.21
CA LEU C 97 16.53 0.94 56.23
C LEU C 97 16.93 0.21 57.50
N ARG C 98 16.59 -1.08 57.63
CA ARG C 98 16.86 -1.80 58.87
C ARG C 98 18.35 -1.93 59.13
N GLN C 99 19.12 -2.24 58.10
CA GLN C 99 20.56 -2.40 58.25
C GLN C 99 21.29 -1.59 57.19
N PRO C 100 22.48 -1.07 57.51
CA PRO C 100 23.23 -0.31 56.51
C PRO C 100 23.63 -1.18 55.33
N TYR C 101 23.58 -0.58 54.14
CA TYR C 101 24.02 -1.29 52.94
C TYR C 101 25.52 -1.60 53.00
N LYS C 102 26.31 -0.64 53.44
CA LYS C 102 27.75 -0.84 53.61
C LYS C 102 28.21 -0.07 54.85
N CYS C 103 29.06 -0.71 55.65
CA CYS C 103 29.58 -0.08 56.85
C CYS C 103 30.96 -0.65 57.13
N ASN C 104 31.83 0.20 57.70
CA ASN C 104 33.19 -0.20 58.00
C ASN C 104 33.42 -0.51 59.48
N SER C 105 32.75 0.22 60.37
CA SER C 105 32.91 0.03 61.80
C SER C 105 31.71 -0.72 62.36
N SER C 106 31.97 -1.84 63.04
CA SER C 106 30.90 -2.62 63.63
C SER C 106 30.19 -1.89 64.75
N LYS C 107 30.87 -0.94 65.41
CA LYS C 107 30.24 -0.16 66.47
C LYS C 107 29.13 0.72 65.91
N VAL C 108 29.40 1.41 64.80
CA VAL C 108 28.43 2.34 64.24
C VAL C 108 27.25 1.57 63.64
N LYS C 109 27.52 0.44 62.98
CA LYS C 109 26.44 -0.37 62.44
C LYS C 109 25.52 -0.87 63.53
N GLN C 110 26.09 -1.36 64.63
CA GLN C 110 25.28 -1.81 65.76
C GLN C 110 24.50 -0.65 66.36
N THR C 111 25.13 0.52 66.48
CA THR C 111 24.43 1.67 67.03
C THR C 111 23.25 2.07 66.16
N LEU C 112 23.43 2.06 64.84
CA LEU C 112 22.34 2.42 63.93
C LEU C 112 21.21 1.40 63.99
N VAL C 113 21.55 0.10 64.05
CA VAL C 113 20.51 -0.92 64.13
C VAL C 113 19.74 -0.80 65.43
N GLN C 114 20.45 -0.56 66.54
CA GLN C 114 19.79 -0.39 67.82
C GLN C 114 18.90 0.85 67.82
N LEU C 115 19.36 1.93 67.18
CA LEU C 115 18.55 3.13 67.06
C LEU C 115 17.28 2.87 66.27
N VAL C 116 17.39 2.14 65.16
CA VAL C 116 16.20 1.83 64.36
C VAL C 116 15.22 1.00 65.18
N GLU C 117 15.73 -0.01 65.90
CA GLU C 117 14.84 -0.85 66.71
C GLU C 117 14.18 -0.05 67.82
N LEU C 118 14.94 0.81 68.50
CA LEU C 118 14.37 1.59 69.59
C LEU C 118 13.35 2.59 69.08
N TYR C 119 13.61 3.20 67.92
CA TYR C 119 12.62 4.09 67.30
C TYR C 119 11.36 3.31 66.96
N GLU C 120 11.52 2.14 66.33
CA GLU C 120 10.37 1.32 65.98
C GLU C 120 9.55 0.96 67.21
N THR C 121 10.22 0.74 68.35
CA THR C 121 9.50 0.38 69.58
C THR C 121 8.79 1.58 70.18
N LYS C 122 9.54 2.65 70.47
CA LYS C 122 8.97 3.78 71.21
C LYS C 122 7.97 4.56 70.36
N ILE C 123 8.35 4.90 69.12
CA ILE C 123 7.54 5.74 68.25
C ILE C 123 7.10 4.91 67.05
N GLY C 124 5.79 4.77 66.88
CA GLY C 124 5.28 3.97 65.78
C GLY C 124 5.63 4.57 64.42
N TRP C 125 5.65 3.70 63.42
CA TRP C 125 5.86 4.12 62.03
C TRP C 125 4.67 4.85 61.47
N THR C 126 3.66 5.12 62.31
CA THR C 126 2.42 5.73 61.83
C THR C 126 2.68 7.11 61.22
N GLU C 127 3.51 7.92 61.88
CA GLU C 127 3.74 9.28 61.39
C GLU C 127 4.41 9.26 60.02
N LEU C 128 5.52 8.53 59.89
CA LEU C 128 6.22 8.47 58.60
C LEU C 128 5.37 7.84 57.53
N ALA C 129 4.65 6.76 57.85
CA ALA C 129 3.81 6.11 56.87
C ALA C 129 2.69 7.04 56.40
N THR C 130 2.06 7.77 57.33
CA THR C 130 1.00 8.70 56.97
C THR C 130 1.52 9.83 56.09
N ARG C 131 2.68 10.40 56.45
CA ARG C 131 3.22 11.50 55.65
C ARG C 131 3.73 11.02 54.29
N TYR C 132 4.14 9.75 54.19
CA TYR C 132 4.61 9.20 52.93
C TYR C 132 3.47 8.75 52.03
N LEU C 133 2.34 8.39 52.62
CA LEU C 133 1.19 7.93 51.85
C LEU C 133 0.24 9.06 51.48
N MET C 134 0.20 10.12 52.29
CA MET C 134 -0.65 11.26 51.94
C MET C 134 -0.21 11.90 50.64
N ASN C 135 1.11 12.02 50.43
CA ASN C 135 1.62 12.58 49.19
C ASN C 135 1.25 11.71 47.99
N ILE C 136 1.24 10.38 48.17
CA ILE C 136 0.84 9.49 47.10
C ILE C 136 -0.64 9.66 46.79
N CYS C 137 -1.48 9.78 47.81
CA CYS C 137 -2.92 9.77 47.65
C CYS C 137 -3.51 11.13 47.32
N ASN C 138 -2.87 12.23 47.72
CA ASN C 138 -3.43 13.56 47.47
C ASN C 138 -3.01 14.12 46.11
N GLY C 139 -2.22 13.39 45.34
CA GLY C 139 -1.81 13.88 44.04
C GLY C 139 -0.60 14.79 44.05
N LYS C 140 0.24 14.72 45.09
CA LYS C 140 1.45 15.54 45.12
C LYS C 140 2.42 15.15 44.01
N TRP C 141 2.40 13.88 43.58
CA TRP C 141 3.33 13.42 42.56
C TRP C 141 3.02 13.99 41.18
N LEU C 142 1.85 14.58 40.98
CA LEU C 142 1.51 15.19 39.70
C LEU C 142 2.10 16.58 39.53
N TRP C 143 2.60 17.19 40.60
CA TRP C 143 3.27 18.50 40.58
C TRP C 143 2.28 19.54 40.05
N LYS C 144 2.59 20.25 38.97
CA LYS C 144 1.78 21.36 38.52
C LYS C 144 0.59 20.94 37.65
N ASN C 145 0.50 19.66 37.29
CA ASN C 145 -0.63 19.21 36.49
C ASN C 145 -1.93 19.29 37.26
N THR C 146 -1.88 19.17 38.60
CA THR C 146 -3.08 19.30 39.40
C THR C 146 -3.61 20.73 39.40
N ARG C 147 -2.72 21.71 39.34
CA ARG C 147 -3.15 23.09 39.24
C ARG C 147 -3.90 23.31 37.93
N LYS C 148 -4.94 24.13 37.99
CA LYS C 148 -5.78 24.45 36.82
C LYS C 148 -6.40 23.18 36.23
N ALA C 149 -6.97 22.36 37.11
CA ALA C 149 -7.71 21.17 36.72
C ALA C 149 -9.03 21.12 37.47
N TYR C 150 -10.06 20.61 36.79
CA TYR C 150 -11.39 20.58 37.39
C TYR C 150 -11.43 19.70 38.64
N CYS C 151 -10.97 18.46 38.52
CA CYS C 151 -10.90 17.54 39.63
C CYS C 151 -10.12 16.32 39.21
N TRP C 152 -9.30 15.79 40.13
CA TRP C 152 -8.48 14.62 39.85
C TRP C 152 -8.76 13.54 40.89
N ASN C 153 -8.89 12.30 40.42
CA ASN C 153 -9.17 11.15 41.26
C ASN C 153 -8.03 10.15 41.18
N ILE C 154 -7.70 9.54 42.32
CA ILE C 154 -6.60 8.60 42.42
C ILE C 154 -7.16 7.26 42.85
N VAL C 155 -6.85 6.22 42.07
CA VAL C 155 -7.25 4.85 42.38
C VAL C 155 -5.97 4.01 42.42
N LEU C 156 -5.71 3.38 43.56
CA LEU C 156 -4.50 2.60 43.74
C LEU C 156 -4.85 1.20 44.23
N THR C 157 -4.16 0.20 43.67
CA THR C 157 -4.36 -1.19 44.07
C THR C 157 -3.14 -1.69 44.83
N PRO C 158 -3.25 -1.96 46.13
CA PRO C 158 -2.07 -2.35 46.90
C PRO C 158 -1.64 -3.79 46.64
N TRP C 159 -0.60 -4.24 47.34
CA TRP C 159 -0.12 -5.61 47.24
C TRP C 159 0.76 -5.92 48.45
N PRO C 160 0.51 -7.02 49.16
CA PRO C 160 -0.54 -8.01 48.95
C PRO C 160 -1.90 -7.48 49.38
N TRP C 161 -2.96 -7.80 48.64
CA TRP C 161 -4.28 -7.23 48.91
C TRP C 161 -5.34 -8.28 48.63
N ASN C 162 -6.49 -8.14 49.29
CA ASN C 162 -7.60 -9.07 49.11
C ASN C 162 -8.89 -8.33 49.34
N GLY C 163 -9.77 -8.32 48.34
CA GLY C 163 -11.07 -7.70 48.48
C GLY C 163 -11.28 -6.47 47.62
N GLU C 164 -11.36 -5.31 48.27
CA GLU C 164 -11.74 -4.08 47.59
C GLU C 164 -10.57 -3.51 46.79
N LYS C 165 -10.80 -2.34 46.19
CA LYS C 165 -9.78 -1.60 45.47
C LYS C 165 -9.83 -0.16 45.97
N VAL C 166 -8.79 0.27 46.68
CA VAL C 166 -8.80 1.58 47.31
C VAL C 166 -8.83 2.67 46.24
N GLY C 167 -9.74 3.61 46.40
CA GLY C 167 -9.88 4.69 45.45
C GLY C 167 -10.35 5.99 46.07
N PHE C 168 -9.66 7.08 45.77
CA PHE C 168 -10.01 8.40 46.27
C PHE C 168 -10.58 9.24 45.14
N GLU C 169 -11.75 9.83 45.37
CA GLU C 169 -12.48 10.56 44.34
C GLU C 169 -12.61 12.03 44.74
N ASP C 170 -12.37 12.92 43.78
CA ASP C 170 -12.50 14.36 43.96
C ASP C 170 -11.60 14.84 45.11
N ILE C 171 -10.29 14.68 44.89
CA ILE C 171 -9.31 14.99 45.93
C ILE C 171 -9.35 16.47 46.31
N ARG C 172 -9.70 17.34 45.36
CA ARG C 172 -9.68 18.77 45.62
C ARG C 172 -10.61 19.15 46.77
N THR C 173 -11.82 18.59 46.79
CA THR C 173 -12.83 18.95 47.77
C THR C 173 -13.06 17.92 48.85
N ASN C 174 -12.85 16.62 48.55
CA ASN C 174 -13.12 15.59 49.55
C ASN C 174 -11.97 15.46 50.54
N TYR C 175 -10.78 15.12 50.04
CA TYR C 175 -9.63 14.82 50.89
C TYR C 175 -8.71 16.04 50.90
N THR C 176 -8.86 16.88 51.93
CA THR C 176 -8.06 18.08 52.06
C THR C 176 -7.20 18.10 53.32
N SER C 177 -7.25 17.05 54.14
CA SER C 177 -6.48 17.02 55.37
C SER C 177 -6.31 15.57 55.81
N ARG C 178 -5.41 15.37 56.77
CA ARG C 178 -5.17 14.03 57.28
C ARG C 178 -6.41 13.45 57.94
N GLN C 179 -7.19 14.29 58.61
CA GLN C 179 -8.45 13.82 59.20
C GLN C 179 -9.40 13.32 58.13
N ASP C 180 -9.51 14.04 57.02
CA ASP C 180 -10.35 13.59 55.92
C ASP C 180 -9.81 12.28 55.33
N PHE C 181 -8.49 12.17 55.21
CA PHE C 181 -7.92 10.94 54.68
C PHE C 181 -8.21 9.75 55.59
N LYS C 182 -8.13 9.94 56.91
CA LYS C 182 -8.38 8.85 57.84
C LYS C 182 -9.82 8.39 57.83
N ASN C 183 -10.75 9.24 57.36
CA ASN C 183 -12.15 8.84 57.34
C ASN C 183 -12.42 7.72 56.34
N ASN C 184 -11.52 7.49 55.39
CA ASN C 184 -11.67 6.38 54.46
C ASN C 184 -11.58 5.06 55.20
N LYS C 185 -12.41 4.10 54.80
CA LYS C 185 -12.47 2.83 55.51
C LYS C 185 -11.21 1.98 55.29
N ASN C 186 -10.53 2.16 54.16
CA ASN C 186 -9.34 1.39 53.85
C ASN C 186 -8.05 2.11 54.24
N TRP C 187 -8.14 3.31 54.82
CA TRP C 187 -6.94 4.06 55.19
C TRP C 187 -6.15 3.32 56.27
N SER C 188 -6.83 2.85 57.31
CA SER C 188 -6.14 2.11 58.36
C SER C 188 -5.57 0.80 57.86
N ALA C 189 -6.04 0.30 56.71
CA ALA C 189 -5.49 -0.92 56.15
C ALA C 189 -4.25 -0.63 55.31
N ILE C 190 -4.32 0.38 54.44
CA ILE C 190 -3.17 0.68 53.59
C ILE C 190 -2.02 1.25 54.43
N VAL C 191 -2.33 2.06 55.44
CA VAL C 191 -1.28 2.60 56.30
C VAL C 191 -0.60 1.47 57.08
N GLU C 192 -1.39 0.55 57.62
CA GLU C 192 -0.81 -0.55 58.40
C GLU C 192 0.05 -1.46 57.52
N MET C 193 -0.27 -1.56 56.23
CA MET C 193 0.55 -2.36 55.33
C MET C 193 1.95 -1.77 55.20
N ILE C 194 2.06 -0.45 55.15
CA ILE C 194 3.36 0.20 55.00
C ILE C 194 4.23 -0.03 56.23
N LYS C 195 3.66 0.19 57.42
CA LYS C 195 4.46 0.05 58.65
C LYS C 195 4.83 -1.41 58.91
N THR C 196 3.94 -2.34 58.56
CA THR C 196 4.29 -3.76 58.70
C THR C 196 5.47 -4.12 57.82
N ALA C 197 5.49 -3.60 56.59
CA ALA C 197 6.64 -3.82 55.71
C ALA C 197 7.89 -3.17 56.29
N PHE C 198 7.76 -1.96 56.83
CA PHE C 198 8.92 -1.26 57.38
C PHE C 198 9.49 -1.96 58.60
N SER C 199 8.65 -2.64 59.38
CA SER C 199 9.07 -3.23 60.65
C SER C 199 9.35 -4.72 60.52
N SER C 200 9.89 -5.18 59.40
CA SER C 200 10.27 -6.57 59.24
C SER C 200 11.47 -6.65 58.30
N THR C 201 12.27 -7.71 58.47
CA THR C 201 13.51 -7.83 57.70
C THR C 201 13.24 -8.14 56.23
N ASP C 202 12.10 -8.72 55.90
CA ASP C 202 11.75 -9.05 54.51
C ASP C 202 10.50 -8.30 54.07
N GLY C 203 10.23 -7.15 54.67
CA GLY C 203 9.02 -6.43 54.37
C GLY C 203 8.97 -5.94 52.94
N LEU C 204 7.76 -5.89 52.39
CA LEU C 204 7.54 -5.42 51.03
C LEU C 204 6.09 -5.01 50.89
N ALA C 205 5.85 -3.91 50.17
CA ALA C 205 4.50 -3.42 49.94
C ALA C 205 4.51 -2.62 48.65
N ILE C 206 3.91 -3.17 47.60
CA ILE C 206 3.94 -2.57 46.27
C ILE C 206 2.56 -1.97 45.97
N PHE C 207 2.54 -0.68 45.65
CA PHE C 207 1.33 0.01 45.26
C PHE C 207 1.40 0.39 43.79
N GLU C 208 0.27 0.25 43.09
CA GLU C 208 0.15 0.67 41.69
C GLU C 208 -0.92 1.74 41.61
N VAL C 209 -0.50 2.98 41.38
CA VAL C 209 -1.40 4.12 41.39
C VAL C 209 -1.90 4.39 39.98
N ARG C 210 -3.07 5.02 39.88
CA ARG C 210 -3.66 5.36 38.59
C ARG C 210 -4.55 6.58 38.81
N ALA C 211 -4.09 7.76 38.39
CA ALA C 211 -4.81 9.00 38.60
C ALA C 211 -5.40 9.50 37.28
N THR C 212 -6.57 10.14 37.38
CA THR C 212 -7.24 10.73 36.23
C THR C 212 -7.39 12.23 36.45
N LEU C 213 -7.12 13.01 35.41
CA LEU C 213 -7.17 14.47 35.48
C LEU C 213 -8.20 15.00 34.49
N HIS C 214 -9.16 15.77 34.98
CA HIS C 214 -10.19 16.38 34.14
C HIS C 214 -9.76 17.82 33.81
N LEU C 215 -8.80 17.93 32.92
CA LEU C 215 -8.29 19.24 32.51
C LEU C 215 -9.29 19.91 31.57
N PRO C 216 -9.25 21.24 31.48
CA PRO C 216 -10.12 21.94 30.53
C PRO C 216 -9.71 21.66 29.09
N THR C 217 -10.53 22.15 28.17
CA THR C 217 -10.28 21.88 26.75
C THR C 217 -8.96 22.49 26.30
N ASN C 218 -8.19 21.70 25.55
CA ASN C 218 -6.90 22.11 25.00
C ASN C 218 -5.91 22.54 26.09
N ALA C 219 -6.08 22.05 27.31
CA ALA C 219 -5.18 22.42 28.39
C ALA C 219 -3.79 21.82 28.16
N MET C 220 -2.79 22.49 28.71
CA MET C 220 -1.40 22.09 28.54
C MET C 220 -0.95 21.23 29.72
N VAL C 221 -0.28 20.13 29.42
CA VAL C 221 0.26 19.22 30.42
C VAL C 221 1.76 19.45 30.52
N ARG C 222 2.27 19.58 31.75
CA ARG C 222 3.67 19.91 31.97
C ARG C 222 4.42 18.73 32.54
N PRO C 223 5.17 17.97 31.74
CA PRO C 223 6.01 16.91 32.28
C PRO C 223 7.37 17.41 32.73
N SER C 224 8.25 16.50 33.14
CA SER C 224 9.59 16.90 33.53
C SER C 224 10.41 17.25 32.28
N GLN C 225 11.51 17.98 32.51
CA GLN C 225 12.35 18.47 31.43
C GLN C 225 13.77 17.95 31.58
N VAL C 226 14.42 17.68 30.46
CA VAL C 226 15.77 17.14 30.48
C VAL C 226 16.75 18.21 30.95
N PHE C 227 17.86 17.76 31.56
CA PHE C 227 18.85 18.70 32.07
C PHE C 227 19.59 19.39 30.93
N THR C 228 20.06 18.62 29.95
CA THR C 228 20.89 19.11 28.86
C THR C 228 22.12 19.87 29.38
N GLN C 241 18.93 24.82 19.09
CA GLN C 241 18.87 24.79 20.55
C GLN C 241 17.44 24.99 21.05
N ASN C 242 17.12 24.39 22.18
CA ASN C 242 15.79 24.47 22.78
C ASN C 242 15.91 25.03 24.20
N SER C 243 14.95 25.87 24.57
CA SER C 243 14.87 26.38 25.93
C SER C 243 14.09 25.45 26.85
N ARG C 244 13.43 24.42 26.31
CA ARG C 244 12.67 23.48 27.12
C ARG C 244 12.49 22.21 26.31
N VAL C 245 13.05 21.11 26.79
CA VAL C 245 12.91 19.80 26.14
C VAL C 245 12.44 18.81 27.19
N PHE C 246 11.38 18.06 26.86
CA PHE C 246 10.75 17.14 27.80
C PHE C 246 11.44 15.78 27.77
N GLN C 247 11.45 15.13 28.94
CA GLN C 247 11.81 13.72 28.98
C GLN C 247 10.69 12.90 28.37
N SER C 248 11.07 11.80 27.72
CA SER C 248 10.08 11.00 27.01
C SER C 248 10.50 9.54 27.00
N THR C 249 9.51 8.67 26.80
CA THR C 249 9.74 7.25 26.62
C THR C 249 8.86 6.76 25.48
N THR C 250 9.25 5.63 24.89
CA THR C 250 8.53 5.06 23.76
C THR C 250 7.41 4.17 24.29
N ILE C 251 6.17 4.60 24.09
CA ILE C 251 4.99 3.85 24.49
C ILE C 251 4.22 3.52 23.22
N ASP C 252 3.97 2.22 23.00
CA ASP C 252 3.25 1.73 21.82
C ASP C 252 3.91 2.18 20.52
N GLY C 253 5.23 2.34 20.53
CA GLY C 253 5.95 2.73 19.34
C GLY C 253 5.98 4.20 19.05
N GLU C 254 5.47 5.05 19.95
CA GLU C 254 5.47 6.49 19.74
C GLU C 254 5.94 7.19 21.00
N ARG C 255 6.48 8.39 20.83
CA ARG C 255 7.02 9.16 21.94
C ARG C 255 5.93 9.56 22.92
N SER C 256 6.30 9.59 24.20
CA SER C 256 5.35 9.95 25.25
C SER C 256 6.09 10.62 26.42
N PRO C 257 5.70 11.83 26.80
CA PRO C 257 6.36 12.49 27.93
C PRO C 257 6.08 11.78 29.24
N ILE C 258 7.02 11.89 30.18
CA ILE C 258 6.92 11.28 31.49
C ILE C 258 7.33 12.30 32.54
N LEU C 259 7.04 11.96 33.80
CA LEU C 259 7.44 12.81 34.92
C LEU C 259 8.78 12.42 35.51
N GLY C 260 9.22 11.17 35.33
CA GLY C 260 10.51 10.76 35.83
C GLY C 260 10.44 10.12 37.21
N ALA C 261 11.26 9.09 37.43
CA ALA C 261 11.25 8.40 38.72
C ALA C 261 11.76 9.30 39.84
N PHE C 262 12.84 10.04 39.58
CA PHE C 262 13.42 10.87 40.63
C PHE C 262 12.51 12.03 40.99
N LYS C 263 11.84 12.63 40.00
CA LYS C 263 10.93 13.73 40.29
C LYS C 263 9.75 13.27 41.14
N THR C 264 9.18 12.12 40.81
CA THR C 264 8.11 11.57 41.65
C THR C 264 8.63 11.13 43.00
N GLY C 265 9.89 10.68 43.06
CA GLY C 265 10.49 10.37 44.35
C GLY C 265 10.65 11.58 45.22
N ALA C 266 10.89 12.75 44.62
CA ALA C 266 10.97 13.98 45.39
C ALA C 266 9.60 14.43 45.87
N ALA C 267 8.54 14.10 45.13
CA ALA C 267 7.20 14.50 45.54
C ALA C 267 6.68 13.65 46.70
N ILE C 268 6.94 12.35 46.68
CA ILE C 268 6.45 11.48 47.75
C ILE C 268 7.15 11.80 49.06
N ALA C 269 8.45 12.09 49.00
CA ALA C 269 9.26 12.32 50.20
C ALA C 269 9.34 13.79 50.57
N THR C 270 8.31 14.58 50.28
CA THR C 270 8.25 15.99 50.65
C THR C 270 7.43 16.10 51.93
N ILE C 271 8.06 15.72 53.05
CA ILE C 271 7.39 15.69 54.35
C ILE C 271 8.16 16.44 55.42
N ASP C 272 9.33 17.00 55.11
CA ASP C 272 10.18 17.62 56.11
C ASP C 272 9.61 18.97 56.51
N ASP C 273 8.86 19.00 57.61
CA ASP C 273 8.40 20.25 58.21
C ASP C 273 8.86 20.39 59.65
N TRP C 274 9.82 19.58 60.07
CA TRP C 274 10.41 19.66 61.41
C TRP C 274 11.70 20.47 61.38
N TYR C 275 11.58 21.74 61.03
CA TYR C 275 12.71 22.66 60.94
C TYR C 275 12.35 23.95 61.65
N PRO C 276 13.35 24.77 62.02
CA PRO C 276 13.07 25.92 62.88
C PRO C 276 12.01 26.89 62.34
N GLU C 277 11.95 27.09 61.03
CA GLU C 277 10.97 28.03 60.48
C GLU C 277 9.58 27.39 60.42
N ALA C 278 9.47 26.21 59.82
CA ALA C 278 8.28 25.35 59.89
C ALA C 278 7.04 26.07 59.35
N THR C 279 7.09 26.35 58.05
CA THR C 279 5.93 26.88 57.34
C THR C 279 5.43 25.94 56.24
N GLU C 280 6.33 25.44 55.39
CA GLU C 280 5.96 24.54 54.32
C GLU C 280 6.92 23.36 54.28
N PRO C 281 6.43 22.18 53.90
CA PRO C 281 7.31 21.01 53.82
C PRO C 281 8.35 21.15 52.72
N LEU C 282 9.48 20.50 52.93
CA LEU C 282 10.56 20.46 51.95
C LEU C 282 10.91 19.00 51.66
N ARG C 283 11.60 18.79 50.54
CA ARG C 283 12.13 17.47 50.25
C ARG C 283 13.13 17.07 51.32
N VAL C 284 13.01 15.83 51.79
CA VAL C 284 13.88 15.34 52.87
C VAL C 284 15.30 15.25 52.34
N GLY C 285 16.16 16.17 52.77
CA GLY C 285 17.55 16.17 52.36
C GLY C 285 18.46 16.31 53.57
N ARG C 286 19.76 16.17 53.31
CA ARG C 286 20.74 16.27 54.38
C ARG C 286 20.73 17.66 55.02
N PHE C 287 20.66 18.70 54.20
CA PHE C 287 20.71 20.07 54.67
C PHE C 287 19.40 20.82 54.49
N GLY C 288 18.36 20.16 54.00
CA GLY C 288 17.06 20.80 53.85
C GLY C 288 17.05 21.93 52.83
N VAL C 289 17.24 21.60 51.56
CA VAL C 289 17.32 22.61 50.52
C VAL C 289 15.92 23.03 50.09
N HIS C 290 15.67 24.33 50.11
CA HIS C 290 14.43 24.89 49.60
C HIS C 290 14.70 25.46 48.21
N ARG C 291 14.20 24.78 47.18
CA ARG C 291 14.50 25.18 45.81
C ARG C 291 13.89 26.54 45.48
N GLU C 292 12.67 26.81 45.94
CA GLU C 292 11.99 28.05 45.60
C GLU C 292 12.58 29.27 46.30
N ASP C 293 13.49 29.09 47.25
CA ASP C 293 14.16 30.20 47.90
C ASP C 293 15.66 30.20 47.70
N VAL C 294 16.21 29.19 47.03
CA VAL C 294 17.64 29.06 46.74
C VAL C 294 18.38 29.19 48.07
N THR C 295 17.86 28.53 49.11
CA THR C 295 18.50 28.55 50.42
C THR C 295 18.15 27.26 51.15
N CYS C 296 18.97 26.94 52.14
CA CYS C 296 18.76 25.77 52.99
C CYS C 296 18.44 26.23 54.40
N TYR C 297 17.33 25.72 54.95
CA TYR C 297 16.90 26.08 56.30
C TYR C 297 17.46 25.14 57.35
N ARG C 298 18.34 24.22 56.96
CA ARG C 298 18.94 23.27 57.88
C ARG C 298 20.43 23.16 57.61
N HIS C 299 21.08 24.30 57.35
CA HIS C 299 22.50 24.32 57.06
C HIS C 299 23.31 24.09 58.33
N PRO C 300 24.55 23.61 58.20
CA PRO C 300 25.25 23.04 59.36
C PRO C 300 25.38 23.97 60.56
N SER C 301 25.51 25.28 60.34
CA SER C 301 25.73 26.19 61.46
C SER C 301 24.55 26.24 62.41
N THR C 302 23.35 25.87 61.98
CA THR C 302 22.20 25.84 62.86
C THR C 302 22.22 24.64 63.80
N GLY C 303 23.11 23.69 63.59
CA GLY C 303 23.20 22.53 64.45
C GLY C 303 22.06 21.57 64.34
N LYS C 304 21.37 21.54 63.20
CA LYS C 304 20.23 20.67 63.00
C LYS C 304 20.32 19.86 61.71
N ASP C 305 21.47 19.85 61.05
CA ASP C 305 21.60 19.10 59.82
C ASP C 305 21.66 17.60 60.09
N PHE C 306 21.66 16.81 59.01
CA PHE C 306 21.62 15.37 59.14
C PHE C 306 22.82 14.82 59.90
N PHE C 307 24.02 15.33 59.60
CA PHE C 307 25.21 14.84 60.27
C PHE C 307 25.24 15.27 61.74
N SER C 308 24.82 16.51 62.03
CA SER C 308 24.76 16.96 63.41
C SER C 308 23.76 16.17 64.21
N ILE C 309 22.72 15.62 63.56
CA ILE C 309 21.80 14.75 64.27
C ILE C 309 22.37 13.34 64.41
N LEU C 310 23.00 12.83 63.35
CA LEU C 310 23.54 11.47 63.38
C LEU C 310 24.65 11.33 64.41
N GLN C 311 25.44 12.39 64.62
CA GLN C 311 26.50 12.33 65.63
C GLN C 311 25.95 12.32 67.05
N GLN C 312 24.65 12.57 67.24
CA GLN C 312 24.01 12.49 68.54
C GLN C 312 23.20 11.21 68.72
N ALA C 313 23.56 10.16 67.99
CA ALA C 313 22.81 8.91 68.04
C ALA C 313 22.83 8.28 69.43
N GLU C 314 23.98 8.35 70.10
CA GLU C 314 24.07 7.78 71.45
C GLU C 314 23.15 8.53 72.41
N HIS C 315 23.13 9.86 72.32
CA HIS C 315 22.23 10.64 73.17
C HIS C 315 20.78 10.32 72.89
N TYR C 316 20.42 10.15 71.60
CA TYR C 316 19.05 9.76 71.28
C TYR C 316 18.72 8.38 71.82
N ILE C 317 19.66 7.45 71.76
CA ILE C 317 19.46 6.13 72.34
C ILE C 317 19.19 6.24 73.83
N GLU C 318 19.98 7.06 74.51
CA GLU C 318 19.80 7.23 75.95
C GLU C 318 18.45 7.86 76.27
N VAL C 319 18.03 8.87 75.49
CA VAL C 319 16.77 9.53 75.79
C VAL C 319 15.60 8.60 75.51
N LEU C 320 15.75 7.68 74.55
CA LEU C 320 14.67 6.71 74.33
C LEU C 320 14.63 5.64 75.40
N SER C 321 15.79 5.23 75.92
CA SER C 321 15.81 4.21 76.95
C SER C 321 15.45 4.74 78.33
N ALA C 322 15.62 6.04 78.56
CA ALA C 322 15.47 6.57 79.91
C ALA C 322 14.01 6.68 80.32
N ASN C 323 13.23 7.50 79.61
CA ASN C 323 11.88 7.85 79.99
C ASN C 323 10.89 7.33 78.96
N LYS C 324 9.66 7.08 79.41
CA LYS C 324 8.62 6.59 78.51
C LYS C 324 8.26 7.63 77.45
N THR C 325 8.17 8.89 77.84
CA THR C 325 7.77 9.95 76.91
C THR C 325 8.96 10.81 76.53
N PRO C 326 9.46 10.70 75.30
CA PRO C 326 10.56 11.58 74.87
C PRO C 326 10.07 13.00 74.65
N ALA C 327 11.04 13.93 74.65
CA ALA C 327 10.74 15.32 74.35
C ALA C 327 10.25 15.47 72.91
N GLN C 328 9.36 16.44 72.71
CA GLN C 328 8.77 16.63 71.39
C GLN C 328 9.80 17.02 70.35
N GLU C 329 10.75 17.89 70.73
CA GLU C 329 11.79 18.30 69.79
C GLU C 329 12.65 17.12 69.36
N THR C 330 13.03 16.26 70.32
CA THR C 330 13.79 15.07 69.98
C THR C 330 12.98 14.14 69.08
N ILE C 331 11.66 14.13 69.24
CA ILE C 331 10.81 13.33 68.36
C ILE C 331 10.90 13.83 66.93
N ASN C 332 10.87 15.15 66.73
CA ASN C 332 11.01 15.70 65.39
C ASN C 332 12.39 15.42 64.82
N ASP C 333 13.43 15.54 65.64
CA ASP C 333 14.78 15.24 65.17
C ASP C 333 14.90 13.78 64.73
N MET C 334 14.34 12.87 65.52
CA MET C 334 14.34 11.46 65.15
C MET C 334 13.53 11.21 63.88
N HIS C 335 12.40 11.89 63.74
CA HIS C 335 11.62 11.74 62.51
C HIS C 335 12.44 12.14 61.30
N PHE C 336 13.18 13.24 61.41
CA PHE C 336 14.07 13.66 60.33
C PHE C 336 15.15 12.62 60.06
N LEU C 337 15.72 12.06 61.13
CA LEU C 337 16.78 11.07 60.98
C LEU C 337 16.26 9.82 60.27
N MET C 338 15.09 9.33 60.66
CA MET C 338 14.53 8.15 60.02
C MET C 338 14.08 8.44 58.60
N ALA C 339 13.60 9.65 58.31
CA ALA C 339 13.29 9.99 56.93
C ALA C 339 14.54 9.97 56.06
N ASN C 340 15.65 10.50 56.59
CA ASN C 340 16.90 10.45 55.84
C ASN C 340 17.39 9.03 55.65
N LEU C 341 17.23 8.18 56.69
CA LEU C 341 17.62 6.79 56.55
C LEU C 341 16.78 6.08 55.49
N ILE C 342 15.47 6.35 55.46
CA ILE C 342 14.60 5.76 54.45
C ILE C 342 15.03 6.21 53.06
N LYS C 343 15.34 7.50 52.91
CA LYS C 343 15.80 7.99 51.61
C LYS C 343 17.12 7.34 51.21
N GLY C 344 18.00 7.09 52.18
CA GLY C 344 19.27 6.47 51.91
C GLY C 344 20.28 7.46 51.37
N GLY C 345 21.45 6.94 51.02
CA GLY C 345 22.47 7.79 50.44
C GLY C 345 23.85 7.36 50.88
N MET C 346 24.79 8.29 50.74
CA MET C 346 26.17 8.10 51.10
C MET C 346 26.50 9.07 52.23
N PHE C 347 26.87 8.52 53.40
CA PHE C 347 27.23 9.35 54.55
C PHE C 347 28.72 9.35 54.86
N GLN C 348 29.54 8.72 54.02
CA GLN C 348 30.97 8.67 54.35
C GLN C 348 31.64 10.00 54.05
N HIS C 349 32.84 10.16 54.59
CA HIS C 349 33.67 11.32 54.34
C HIS C 349 34.94 10.88 53.64
N LYS C 350 35.30 11.58 52.56
CA LYS C 350 36.46 11.24 51.75
C LYS C 350 37.75 11.27 52.57
N LYS D 2 19.00 46.52 42.74
CA LYS D 2 18.01 45.89 43.60
C LYS D 2 17.48 44.61 42.96
N LEU D 3 18.19 44.12 41.94
CA LEU D 3 17.77 42.89 41.27
C LEU D 3 18.66 41.76 41.74
N PRO D 4 18.13 40.78 42.48
CA PRO D 4 18.97 39.69 42.99
C PRO D 4 19.48 38.78 41.89
N THR D 5 20.31 37.80 42.25
CA THR D 5 20.85 36.87 41.27
C THR D 5 19.75 36.01 40.66
N ASN D 6 18.77 35.61 41.47
CA ASN D 6 17.65 34.79 40.99
C ASN D 6 16.34 35.48 41.36
N LEU D 7 15.53 35.79 40.36
CA LEU D 7 14.21 36.36 40.59
C LEU D 7 13.33 36.03 39.40
N ALA D 8 12.41 35.09 39.59
CA ALA D 8 11.52 34.65 38.51
C ALA D 8 10.09 34.62 39.02
N TYR D 9 9.15 34.81 38.09
CA TYR D 9 7.73 34.79 38.40
C TYR D 9 7.03 33.82 37.46
N GLU D 10 5.91 33.28 37.92
CA GLU D 10 5.15 32.31 37.16
C GLU D 10 3.95 32.97 36.50
N ARG D 11 3.64 32.54 35.28
CA ARG D 11 2.53 33.10 34.52
C ARG D 11 1.21 32.87 35.26
N SER D 12 0.38 33.90 35.29
CA SER D 12 -0.90 33.84 36.00
C SER D 12 -2.07 33.54 35.08
N ILE D 13 -2.09 34.10 33.88
CA ILE D 13 -3.16 33.86 32.92
C ILE D 13 -2.71 32.76 31.97
N ASP D 14 -3.44 31.64 31.96
CA ASP D 14 -3.04 30.45 31.21
C ASP D 14 -4.02 30.19 30.06
N PRO D 15 -3.73 30.67 28.85
CA PRO D 15 -4.63 30.39 27.72
C PRO D 15 -4.37 29.04 27.08
N SER D 16 -5.04 28.77 25.96
CA SER D 16 -4.88 27.52 25.24
C SER D 16 -5.13 27.76 23.76
N ASP D 17 -4.76 26.77 22.95
CA ASP D 17 -4.90 26.90 21.51
C ASP D 17 -6.37 27.06 21.12
N VAL D 18 -6.60 27.84 20.08
CA VAL D 18 -7.94 28.07 19.54
C VAL D 18 -8.16 27.10 18.39
N CYS D 19 -9.18 26.25 18.51
CA CYS D 19 -9.50 25.27 17.49
C CYS D 19 -10.62 25.79 16.60
N PHE D 20 -10.47 25.59 15.29
CA PHE D 20 -11.42 26.09 14.32
C PHE D 20 -12.35 24.97 13.88
N PHE D 21 -13.64 25.20 13.99
CA PHE D 21 -14.66 24.24 13.59
C PHE D 21 -15.62 24.89 12.61
N VAL D 22 -16.16 24.07 11.72
CA VAL D 22 -17.09 24.53 10.69
C VAL D 22 -18.46 23.96 11.02
N VAL D 23 -19.45 24.84 11.15
CA VAL D 23 -20.81 24.43 11.49
C VAL D 23 -21.65 24.44 10.22
N TRP D 24 -22.13 23.27 9.84
CA TRP D 24 -22.95 23.12 8.64
C TRP D 24 -24.40 23.47 8.95
N PRO D 25 -25.22 23.73 7.91
CA PRO D 25 -26.62 24.09 8.17
C PRO D 25 -27.40 23.04 8.94
N ASP D 26 -27.09 21.76 8.77
CA ASP D 26 -27.75 20.71 9.52
C ASP D 26 -27.17 20.54 10.93
N ASP D 27 -26.40 21.52 11.40
CA ASP D 27 -25.88 21.68 12.75
C ASP D 27 -24.74 20.73 13.09
N ARG D 28 -24.30 19.89 12.16
CA ARG D 28 -23.15 19.05 12.43
C ARG D 28 -21.86 19.85 12.25
N LYS D 29 -20.84 19.48 13.03
CA LYS D 29 -19.57 20.19 13.05
C LYS D 29 -18.47 19.29 12.52
N THR D 30 -17.63 19.85 11.66
CA THR D 30 -16.45 19.19 11.13
C THR D 30 -15.25 20.11 11.28
N PRO D 31 -14.06 19.56 11.51
CA PRO D 31 -12.87 20.41 11.67
C PRO D 31 -12.57 21.19 10.39
N LEU D 32 -12.11 22.43 10.55
CA LEU D 32 -11.69 23.23 9.42
C LEU D 32 -10.33 22.76 8.94
N THR D 33 -10.14 22.74 7.62
CA THR D 33 -8.91 22.27 7.03
C THR D 33 -8.42 23.26 5.98
N TYR D 34 -7.11 23.24 5.74
CA TYR D 34 -6.47 24.14 4.79
C TYR D 34 -5.57 23.35 3.85
N ASN D 35 -5.48 23.83 2.62
CA ASN D 35 -4.62 23.24 1.60
C ASN D 35 -3.66 24.29 1.06
N SER D 36 -2.41 23.91 0.86
CA SER D 36 -1.46 24.80 0.23
C SER D 36 -1.75 24.91 -1.26
N ARG D 37 -1.30 26.01 -1.85
CA ARG D 37 -1.53 26.23 -3.27
C ARG D 37 -0.39 27.08 -3.84
N THR D 38 -0.08 26.83 -5.12
CA THR D 38 0.95 27.56 -5.82
C THR D 38 0.31 28.69 -6.61
N LEU D 39 0.97 29.85 -6.59
CA LEU D 39 0.42 31.08 -7.17
C LEU D 39 1.49 31.76 -8.01
N LEU D 40 1.07 32.32 -9.14
CA LEU D 40 1.98 33.01 -10.05
C LEU D 40 2.01 34.49 -9.68
N GLY D 41 2.97 34.84 -8.82
CA GLY D 41 3.09 36.22 -8.39
C GLY D 41 3.77 37.09 -9.43
N GLN D 42 3.25 38.30 -9.58
CA GLN D 42 3.87 39.27 -10.47
C GLN D 42 5.24 39.67 -9.93
N MET D 43 6.22 39.80 -10.84
CA MET D 43 7.57 40.16 -10.46
C MET D 43 7.61 41.66 -10.15
N GLU D 44 7.68 42.00 -8.88
CA GLU D 44 7.69 43.40 -8.47
C GLU D 44 8.36 43.51 -7.11
N ALA D 45 9.57 44.06 -7.07
CA ALA D 45 10.31 44.21 -5.83
C ALA D 45 11.37 45.29 -6.03
N ALA D 46 11.60 46.08 -4.98
CA ALA D 46 12.60 47.13 -5.06
C ALA D 46 13.99 46.54 -5.32
N SER D 47 14.34 45.45 -4.63
CA SER D 47 15.63 44.82 -4.85
C SER D 47 15.73 44.22 -6.24
N LEU D 48 14.61 43.73 -6.78
CA LEU D 48 14.64 43.16 -8.13
C LEU D 48 14.74 44.23 -9.19
N ALA D 49 14.26 45.44 -8.91
CA ALA D 49 14.27 46.52 -9.89
C ALA D 49 15.37 47.55 -9.63
N TYR D 50 15.42 48.12 -8.43
CA TYR D 50 16.34 49.19 -8.10
C TYR D 50 17.52 48.64 -7.32
N ASP D 51 18.73 48.92 -7.80
CA ASP D 51 19.93 48.56 -7.07
C ASP D 51 20.05 49.41 -5.82
N VAL D 52 21.11 49.17 -5.05
CA VAL D 52 21.35 49.97 -3.86
C VAL D 52 21.59 51.43 -4.25
N SER D 53 21.38 52.32 -3.29
CA SER D 53 21.52 53.77 -3.46
C SER D 53 20.51 54.33 -4.46
N GLY D 54 19.40 53.63 -4.68
CA GLY D 54 18.32 54.17 -5.49
C GLY D 54 18.59 54.27 -6.96
N GLN D 55 19.48 53.43 -7.50
CA GLN D 55 19.75 53.47 -8.92
C GLN D 55 19.17 52.25 -9.62
N PRO D 56 18.52 52.43 -10.76
CA PRO D 56 17.92 51.29 -11.47
C PRO D 56 18.98 50.32 -11.97
N ILE D 57 18.61 49.06 -12.04
CA ILE D 57 19.51 48.01 -12.52
C ILE D 57 19.52 48.03 -14.04
N LYS D 58 20.72 48.14 -14.61
CA LYS D 58 20.84 48.19 -16.07
C LYS D 58 20.49 46.86 -16.72
N SER D 59 20.69 45.74 -16.01
CA SER D 59 20.41 44.43 -16.56
C SER D 59 18.97 43.98 -16.36
N ALA D 60 18.16 44.77 -15.65
CA ALA D 60 16.75 44.45 -15.45
C ALA D 60 15.93 45.25 -16.46
N THR D 61 15.95 44.77 -17.70
CA THR D 61 15.25 45.45 -18.79
C THR D 61 13.73 45.33 -18.62
N ALA D 62 13.00 45.99 -19.51
CA ALA D 62 11.55 45.95 -19.43
C ALA D 62 11.02 44.54 -19.62
N GLU D 63 11.59 43.79 -20.57
CA GLU D 63 11.16 42.42 -20.80
C GLU D 63 11.42 41.53 -19.59
N ALA D 64 12.57 41.72 -18.95
CA ALA D 64 12.92 40.87 -17.81
C ALA D 64 12.01 41.12 -16.60
N LEU D 65 11.46 42.33 -16.49
CA LEU D 65 10.57 42.66 -15.38
C LEU D 65 9.11 42.33 -15.64
N ALA D 66 8.79 41.83 -16.84
CA ALA D 66 7.43 41.44 -17.17
C ALA D 66 7.13 39.97 -16.87
N GLN D 67 8.14 39.20 -16.44
CA GLN D 67 7.94 37.79 -16.15
C GLN D 67 7.22 37.63 -14.81
N GLY D 68 6.94 36.38 -14.47
CA GLY D 68 6.30 36.07 -13.20
C GLY D 68 7.00 34.97 -12.44
N ASN D 69 7.27 35.22 -11.16
CA ASN D 69 7.94 34.20 -10.34
C ASN D 69 6.92 33.50 -9.46
N PRO D 70 6.86 32.18 -9.51
CA PRO D 70 5.85 31.46 -8.72
C PRO D 70 6.11 31.54 -7.23
N HIS D 71 5.02 31.44 -6.47
CA HIS D 71 5.09 31.42 -5.02
C HIS D 71 4.14 30.35 -4.50
N GLN D 72 4.42 29.87 -3.28
CA GLN D 72 3.61 28.84 -2.65
C GLN D 72 3.17 29.34 -1.29
N VAL D 73 1.85 29.35 -1.06
CA VAL D 73 1.27 29.77 0.21
C VAL D 73 0.22 28.75 0.62
N ASP D 74 -0.15 28.79 1.89
CA ASP D 74 -1.22 27.97 2.43
C ASP D 74 -2.50 28.79 2.49
N PHE D 75 -3.57 28.25 1.92
CA PHE D 75 -4.84 28.95 1.82
C PHE D 75 -5.89 28.26 2.68
N CYS D 76 -6.54 29.03 3.56
CA CYS D 76 -7.61 28.53 4.40
C CYS D 76 -8.83 29.41 4.21
N HIS D 77 -9.98 28.79 3.93
CA HIS D 77 -11.20 29.55 3.66
C HIS D 77 -12.40 28.72 4.09
N VAL D 78 -13.51 29.42 4.33
CA VAL D 78 -14.76 28.80 4.75
C VAL D 78 -15.33 28.01 3.57
N PRO D 79 -15.60 26.72 3.73
CA PRO D 79 -16.15 25.93 2.62
C PRO D 79 -17.53 26.42 2.22
N TYR D 80 -17.85 26.23 0.95
CA TYR D 80 -19.15 26.67 0.44
C TYR D 80 -20.28 25.90 1.10
N GLY D 81 -21.33 26.62 1.47
CA GLY D 81 -22.48 26.03 2.12
C GLY D 81 -22.41 26.00 3.63
N ALA D 82 -21.26 26.34 4.21
CA ALA D 82 -21.13 26.37 5.66
C ALA D 82 -21.96 27.50 6.26
N SER D 83 -22.55 27.24 7.42
CA SER D 83 -23.35 28.26 8.08
C SER D 83 -22.46 29.30 8.76
N HIS D 84 -21.61 28.86 9.68
CA HIS D 84 -20.72 29.75 10.40
C HIS D 84 -19.55 28.96 10.95
N ILE D 85 -18.47 29.67 11.29
CA ILE D 85 -17.27 29.07 11.84
C ILE D 85 -17.29 29.23 13.36
N GLU D 86 -16.95 28.16 14.07
CA GLU D 86 -16.95 28.14 15.53
C GLU D 86 -15.54 27.94 16.04
N CYS D 87 -15.11 28.79 16.97
CA CYS D 87 -13.79 28.70 17.58
C CYS D 87 -13.94 28.59 19.10
N SER D 88 -13.21 27.67 19.69
CA SER D 88 -13.32 27.41 21.13
C SER D 88 -11.94 27.26 21.74
N PHE D 89 -11.76 27.85 22.92
CA PHE D 89 -10.50 27.75 23.66
C PHE D 89 -10.79 27.96 25.13
N SER D 90 -9.81 27.63 25.97
CA SER D 90 -9.94 27.72 27.42
C SER D 90 -8.84 28.60 27.99
N VAL D 91 -9.21 29.46 28.93
CA VAL D 91 -8.27 30.36 29.61
C VAL D 91 -8.54 30.30 31.09
N SER D 92 -7.48 30.37 31.90
CA SER D 92 -7.59 30.24 33.35
C SER D 92 -6.82 31.36 34.04
N PHE D 93 -7.38 31.84 35.14
CA PHE D 93 -6.75 32.86 35.97
C PHE D 93 -6.39 32.26 37.32
N SER D 94 -5.19 32.55 37.80
CA SER D 94 -4.70 31.99 39.05
C SER D 94 -3.92 33.06 39.82
N SER D 95 -3.61 32.75 41.07
CA SER D 95 -2.91 33.65 41.97
C SER D 95 -1.43 33.34 42.08
N GLU D 96 -0.80 32.92 40.98
CA GLU D 96 0.61 32.60 40.99
C GLU D 96 1.51 33.82 41.13
N LEU D 97 0.95 35.03 41.03
CA LEU D 97 1.71 36.26 41.20
C LEU D 97 1.83 36.70 42.65
N ARG D 98 1.16 35.99 43.58
CA ARG D 98 1.19 36.39 44.98
C ARG D 98 2.59 36.31 45.55
N GLN D 99 3.33 35.26 45.23
CA GLN D 99 4.69 35.08 45.71
C GLN D 99 5.63 34.80 44.54
N PRO D 100 6.86 35.28 44.60
CA PRO D 100 7.82 34.97 43.54
C PRO D 100 8.06 33.47 43.44
N TYR D 101 8.18 32.98 42.21
CA TYR D 101 8.43 31.56 42.01
C TYR D 101 9.79 31.16 42.57
N LYS D 102 10.81 31.97 42.33
CA LYS D 102 12.16 31.69 42.81
C LYS D 102 12.84 33.00 43.13
N CYS D 103 13.27 33.18 44.38
CA CYS D 103 13.88 34.43 44.81
C CYS D 103 15.11 34.11 45.65
N ASN D 104 16.23 34.74 45.30
CA ASN D 104 17.49 34.45 45.98
C ASN D 104 17.55 35.09 47.37
N SER D 105 17.10 36.33 47.49
CA SER D 105 17.20 37.07 48.75
C SER D 105 15.82 37.28 49.34
N SER D 106 15.72 37.18 50.67
CA SER D 106 14.44 37.28 51.34
C SER D 106 13.92 38.72 51.41
N LYS D 107 14.82 39.71 51.39
CA LYS D 107 14.39 41.10 51.52
C LYS D 107 13.55 41.54 50.34
N VAL D 108 14.03 41.29 49.12
CA VAL D 108 13.27 41.72 47.94
C VAL D 108 12.01 40.89 47.79
N LYS D 109 12.03 39.62 48.19
CA LYS D 109 10.81 38.81 48.15
C LYS D 109 9.75 39.39 49.08
N GLN D 110 10.14 39.73 50.31
CA GLN D 110 9.20 40.32 51.25
C GLN D 110 8.70 41.67 50.74
N THR D 111 9.59 42.48 50.15
CA THR D 111 9.17 43.75 49.60
C THR D 111 8.14 43.56 48.48
N LEU D 112 8.37 42.59 47.60
CA LEU D 112 7.44 42.35 46.49
C LEU D 112 6.09 41.85 47.00
N VAL D 113 6.09 40.94 47.98
CA VAL D 113 4.84 40.45 48.53
C VAL D 113 4.06 41.59 49.20
N GLN D 114 4.77 42.42 49.98
CA GLN D 114 4.12 43.56 50.61
C GLN D 114 3.59 44.53 49.57
N LEU D 115 4.33 44.74 48.48
CA LEU D 115 3.87 45.62 47.42
C LEU D 115 2.59 45.09 46.78
N VAL D 116 2.55 43.78 46.51
CA VAL D 116 1.35 43.19 45.93
C VAL D 116 0.16 43.34 46.87
N GLU D 117 0.38 43.08 48.16
CA GLU D 117 -0.71 43.21 49.13
C GLU D 117 -1.20 44.65 49.22
N LEU D 118 -0.27 45.61 49.22
CA LEU D 118 -0.66 47.01 49.29
C LEU D 118 -1.46 47.43 48.05
N TYR D 119 -1.01 46.99 46.87
CA TYR D 119 -1.77 47.29 45.66
C TYR D 119 -3.16 46.69 45.72
N GLU D 120 -3.26 45.44 46.17
CA GLU D 120 -4.57 44.80 46.28
C GLU D 120 -5.48 45.56 47.24
N THR D 121 -4.94 46.00 48.38
CA THR D 121 -5.77 46.65 49.39
C THR D 121 -6.15 48.07 49.01
N LYS D 122 -5.30 48.79 48.27
CA LYS D 122 -5.55 50.20 48.00
C LYS D 122 -6.08 50.45 46.59
N ILE D 123 -5.40 49.96 45.56
CA ILE D 123 -5.83 50.23 44.20
C ILE D 123 -6.94 49.28 43.78
N GLY D 124 -6.79 47.99 44.09
CA GLY D 124 -7.81 47.02 43.75
C GLY D 124 -7.52 46.32 42.43
N TRP D 125 -8.03 45.09 42.31
CA TRP D 125 -7.85 44.29 41.12
C TRP D 125 -8.91 44.58 40.06
N THR D 126 -9.83 45.51 40.33
CA THR D 126 -10.96 45.71 39.43
C THR D 126 -10.52 46.18 38.05
N GLU D 127 -9.54 47.09 37.99
CA GLU D 127 -9.13 47.63 36.69
C GLU D 127 -8.49 46.56 35.81
N LEU D 128 -7.52 45.83 36.37
CA LEU D 128 -6.86 44.78 35.59
C LEU D 128 -7.84 43.67 35.23
N ALA D 129 -8.71 43.29 36.17
CA ALA D 129 -9.69 42.25 35.88
C ALA D 129 -10.63 42.68 34.77
N THR D 130 -11.10 43.93 34.81
CA THR D 130 -12.00 44.42 33.77
C THR D 130 -11.32 44.46 32.42
N ARG D 131 -10.07 44.93 32.37
CA ARG D 131 -9.36 44.96 31.10
C ARG D 131 -9.15 43.56 30.54
N TYR D 132 -8.73 42.62 31.39
CA TYR D 132 -8.47 41.26 30.93
C TYR D 132 -9.75 40.58 30.46
N LEU D 133 -10.85 40.77 31.18
CA LEU D 133 -12.12 40.17 30.77
C LEU D 133 -12.72 40.87 29.57
N MET D 134 -12.38 42.14 29.34
CA MET D 134 -12.84 42.80 28.13
C MET D 134 -12.09 42.29 26.91
N ASN D 135 -10.78 42.06 27.04
CA ASN D 135 -10.02 41.55 25.89
C ASN D 135 -10.41 40.14 25.51
N ILE D 136 -11.16 39.43 26.34
CA ILE D 136 -11.64 38.09 26.00
C ILE D 136 -13.02 38.13 25.37
N CYS D 137 -13.96 38.85 26.01
CA CYS D 137 -15.33 38.88 25.52
C CYS D 137 -15.49 39.75 24.28
N ASN D 138 -14.66 40.79 24.13
CA ASN D 138 -14.75 41.66 22.97
C ASN D 138 -14.34 40.95 21.68
N GLY D 139 -13.70 39.78 21.78
CA GLY D 139 -13.24 39.09 20.60
C GLY D 139 -11.90 39.53 20.09
N LYS D 140 -11.10 40.20 20.91
CA LYS D 140 -9.78 40.60 20.49
C LYS D 140 -8.90 39.40 20.18
N TRP D 141 -9.15 38.26 20.83
CA TRP D 141 -8.33 37.07 20.58
C TRP D 141 -8.57 36.47 19.21
N LEU D 142 -9.59 36.93 18.47
CA LEU D 142 -9.82 36.45 17.11
C LEU D 142 -8.92 37.13 16.09
N TRP D 143 -8.23 38.20 16.48
CA TRP D 143 -7.24 38.90 15.64
C TRP D 143 -7.94 39.37 14.37
N LYS D 144 -7.36 39.18 13.18
CA LYS D 144 -7.91 39.74 11.95
C LYS D 144 -9.11 38.97 11.42
N ASN D 145 -9.42 37.80 11.99
CA ASN D 145 -10.58 37.04 11.54
C ASN D 145 -11.89 37.80 11.78
N THR D 146 -11.96 38.56 12.87
CA THR D 146 -13.17 39.31 13.17
C THR D 146 -13.41 40.44 12.19
N ARG D 147 -12.39 40.90 11.49
CA ARG D 147 -12.58 41.88 10.44
C ARG D 147 -13.22 41.21 9.22
N LYS D 148 -13.98 42.00 8.47
CA LYS D 148 -14.71 41.49 7.30
C LYS D 148 -15.65 40.35 7.69
N ALA D 149 -16.38 40.53 8.77
CA ALA D 149 -17.32 39.53 9.27
C ALA D 149 -18.66 40.19 9.55
N TYR D 150 -19.74 39.45 9.26
CA TYR D 150 -21.07 39.99 9.49
C TYR D 150 -21.31 40.25 10.97
N CYS D 151 -20.96 39.29 11.82
CA CYS D 151 -21.12 39.41 13.26
C CYS D 151 -20.36 38.27 13.92
N TRP D 152 -20.13 38.41 15.22
CA TRP D 152 -19.55 37.33 15.99
C TRP D 152 -20.08 37.41 17.42
N ASN D 153 -20.08 36.26 18.10
CA ASN D 153 -20.64 36.15 19.44
C ASN D 153 -19.67 35.41 20.34
N ILE D 154 -19.79 35.66 21.65
CA ILE D 154 -18.98 35.01 22.66
C ILE D 154 -19.91 34.38 23.67
N VAL D 155 -19.74 33.08 23.92
CA VAL D 155 -20.53 32.33 24.88
C VAL D 155 -19.54 31.56 25.75
N LEU D 156 -19.17 32.12 26.89
CA LEU D 156 -18.18 31.52 27.77
C LEU D 156 -18.85 30.95 29.01
N THR D 157 -18.40 29.77 29.42
CA THR D 157 -18.93 29.10 30.61
C THR D 157 -17.89 29.08 31.73
N PRO D 158 -18.05 29.93 32.75
CA PRO D 158 -17.05 29.99 33.82
C PRO D 158 -17.14 28.78 34.73
N TRP D 159 -16.10 28.64 35.56
CA TRP D 159 -16.01 27.58 36.55
C TRP D 159 -15.15 28.10 37.70
N PRO D 160 -15.64 28.04 38.94
CA PRO D 160 -16.94 27.53 39.39
C PRO D 160 -18.07 28.50 39.11
N TRP D 161 -19.23 28.01 38.71
CA TRP D 161 -20.35 28.86 38.34
C TRP D 161 -21.64 28.25 38.85
N ASN D 162 -22.63 29.10 39.11
CA ASN D 162 -23.93 28.67 39.57
C ASN D 162 -25.09 29.15 38.72
N GLY D 163 -24.84 30.00 37.73
CA GLY D 163 -25.88 30.46 36.83
C GLY D 163 -25.79 29.81 35.46
N GLU D 164 -26.30 30.50 34.44
CA GLU D 164 -26.24 29.99 33.08
C GLU D 164 -24.92 30.40 32.42
N LYS D 165 -24.75 30.02 31.16
CA LYS D 165 -23.55 30.36 30.42
C LYS D 165 -23.61 31.82 29.98
N VAL D 166 -22.62 32.61 30.38
CA VAL D 166 -22.58 34.01 30.03
C VAL D 166 -22.36 34.16 28.54
N GLY D 167 -23.20 34.97 27.89
CA GLY D 167 -23.14 35.11 26.45
C GLY D 167 -23.26 36.53 25.96
N PHE D 168 -22.35 36.93 25.08
CA PHE D 168 -22.36 38.24 24.45
C PHE D 168 -22.63 38.08 22.96
N GLU D 169 -23.64 38.78 22.44
CA GLU D 169 -24.11 38.58 21.09
C GLU D 169 -23.98 39.87 20.28
N ASP D 170 -23.51 39.72 19.03
CA ASP D 170 -23.37 40.83 18.08
C ASP D 170 -22.49 41.93 18.67
N ILE D 171 -21.23 41.57 18.91
CA ILE D 171 -20.31 42.49 19.58
C ILE D 171 -20.04 43.73 18.74
N ARG D 172 -20.05 43.59 17.41
CA ARG D 172 -19.72 44.72 16.54
C ARG D 172 -20.63 45.91 16.78
N THR D 173 -21.88 45.67 17.19
CA THR D 173 -22.84 46.73 17.44
C THR D 173 -23.28 46.84 18.89
N ASN D 174 -23.52 45.70 19.56
CA ASN D 174 -24.05 45.75 20.92
C ASN D 174 -23.01 46.20 21.92
N TYR D 175 -21.80 45.65 21.83
CA TYR D 175 -20.75 45.87 22.84
C TYR D 175 -19.62 46.66 22.21
N THR D 176 -19.59 47.96 22.48
CA THR D 176 -18.59 48.87 21.94
C THR D 176 -17.54 49.28 22.95
N SER D 177 -17.96 49.71 24.14
CA SER D 177 -17.04 50.21 25.16
C SER D 177 -17.29 49.46 26.47
N ARG D 178 -16.55 49.87 27.51
CA ARG D 178 -16.68 49.21 28.81
C ARG D 178 -18.07 49.39 29.39
N GLN D 179 -18.67 50.56 29.21
CA GLN D 179 -20.01 50.80 29.71
C GLN D 179 -21.03 49.87 29.06
N ASP D 180 -20.77 49.45 27.83
CA ASP D 180 -21.67 48.50 27.17
C ASP D 180 -21.58 47.13 27.84
N PHE D 181 -20.38 46.72 28.25
CA PHE D 181 -20.25 45.47 28.99
C PHE D 181 -20.86 45.58 30.38
N LYS D 182 -20.77 46.75 31.01
CA LYS D 182 -21.28 46.92 32.36
C LYS D 182 -22.78 46.66 32.44
N ASN D 183 -23.52 46.97 31.37
CA ASN D 183 -24.96 46.76 31.37
C ASN D 183 -25.34 45.28 31.36
N ASN D 184 -24.40 44.40 31.02
CA ASN D 184 -24.68 42.97 31.05
C ASN D 184 -24.94 42.53 32.48
N LYS D 185 -25.93 41.64 32.65
CA LYS D 185 -26.34 41.22 33.98
C LYS D 185 -25.25 40.40 34.68
N ASN D 186 -24.50 39.60 33.92
CA ASN D 186 -23.52 38.70 34.51
C ASN D 186 -22.14 39.32 34.65
N TRP D 187 -21.93 40.56 34.20
CA TRP D 187 -20.60 41.16 34.26
C TRP D 187 -20.13 41.33 35.70
N SER D 188 -21.00 41.82 36.58
CA SER D 188 -20.61 42.03 37.97
C SER D 188 -20.29 40.73 38.68
N ALA D 189 -20.90 39.62 38.25
CA ALA D 189 -20.64 38.33 38.85
C ALA D 189 -19.53 37.56 38.16
N ILE D 190 -19.14 37.95 36.95
CA ILE D 190 -18.05 37.29 36.25
C ILE D 190 -16.72 38.01 36.40
N VAL D 191 -16.74 39.30 36.75
CA VAL D 191 -15.49 40.01 37.03
C VAL D 191 -15.05 39.82 38.47
N GLU D 192 -15.95 39.39 39.36
CA GLU D 192 -15.56 39.13 40.74
C GLU D 192 -14.78 37.84 40.88
N MET D 193 -15.00 36.88 39.97
CA MET D 193 -14.27 35.62 40.02
C MET D 193 -12.79 35.84 39.76
N ILE D 194 -12.45 36.70 38.79
CA ILE D 194 -11.05 36.98 38.50
C ILE D 194 -10.40 37.72 39.67
N LYS D 195 -11.11 38.68 40.27
CA LYS D 195 -10.59 39.37 41.44
C LYS D 195 -10.37 38.41 42.60
N THR D 196 -11.33 37.51 42.84
CA THR D 196 -11.16 36.51 43.88
C THR D 196 -10.01 35.55 43.54
N ALA D 197 -9.90 35.16 42.27
CA ALA D 197 -8.82 34.27 41.87
C ALA D 197 -7.46 34.93 42.05
N PHE D 198 -7.34 36.21 41.72
CA PHE D 198 -6.08 36.90 41.90
C PHE D 198 -5.77 37.13 43.38
N SER D 199 -6.79 37.41 44.18
CA SER D 199 -6.55 37.81 45.57
C SER D 199 -6.20 36.63 46.45
N SER D 200 -7.12 35.68 46.58
CA SER D 200 -6.93 34.57 47.52
C SER D 200 -5.82 33.64 47.05
N THR D 201 -5.00 33.17 47.99
CA THR D 201 -3.98 32.19 47.67
C THR D 201 -4.63 30.88 47.26
N ASP D 202 -4.03 30.20 46.28
CA ASP D 202 -4.57 28.97 45.72
C ASP D 202 -5.97 29.18 45.13
N GLY D 203 -6.22 30.38 44.60
CA GLY D 203 -7.47 30.63 43.91
C GLY D 203 -7.43 30.13 42.48
N LEU D 204 -8.61 30.08 41.87
CA LEU D 204 -8.71 29.58 40.50
C LEU D 204 -9.96 30.12 39.85
N ALA D 205 -9.90 30.25 38.52
CA ALA D 205 -11.06 30.65 37.71
C ALA D 205 -10.81 30.22 36.29
N ILE D 206 -11.62 29.29 35.79
CA ILE D 206 -11.43 28.68 34.47
C ILE D 206 -12.58 29.09 33.57
N PHE D 207 -12.25 29.67 32.42
CA PHE D 207 -13.23 30.05 31.42
C PHE D 207 -13.04 29.21 30.17
N GLU D 208 -14.14 28.73 29.61
CA GLU D 208 -14.13 27.98 28.36
C GLU D 208 -14.90 28.81 27.34
N VAL D 209 -14.17 29.69 26.64
CA VAL D 209 -14.80 30.65 25.75
C VAL D 209 -15.06 30.00 24.39
N ARG D 210 -16.28 30.15 23.90
CA ARG D 210 -16.69 29.63 22.61
C ARG D 210 -17.25 30.76 21.76
N ALA D 211 -16.79 30.84 20.51
CA ALA D 211 -17.18 31.92 19.62
C ALA D 211 -17.71 31.36 18.31
N THR D 212 -18.65 32.09 17.71
CA THR D 212 -19.19 31.76 16.40
C THR D 212 -18.95 32.94 15.46
N LEU D 213 -18.40 32.65 14.28
CA LEU D 213 -18.05 33.68 13.31
C LEU D 213 -18.94 33.53 12.09
N HIS D 214 -19.67 34.60 11.76
CA HIS D 214 -20.46 34.66 10.54
C HIS D 214 -19.64 35.39 9.48
N LEU D 215 -19.35 34.71 8.38
CA LEU D 215 -18.47 35.25 7.36
C LEU D 215 -19.14 35.18 6.00
N PRO D 216 -18.76 36.06 5.07
CA PRO D 216 -19.33 36.01 3.72
C PRO D 216 -18.95 34.73 3.00
N THR D 217 -19.52 34.57 1.81
CA THR D 217 -19.31 33.34 1.04
C THR D 217 -17.84 33.17 0.68
N ASN D 218 -17.31 31.98 0.94
CA ASN D 218 -15.92 31.65 0.65
C ASN D 218 -14.94 32.62 1.29
N ALA D 219 -15.28 33.14 2.47
CA ALA D 219 -14.42 34.11 3.13
C ALA D 219 -13.14 33.46 3.61
N MET D 220 -12.06 34.23 3.58
CA MET D 220 -10.76 33.74 3.99
C MET D 220 -10.63 33.76 5.51
N VAL D 221 -10.11 32.68 6.07
CA VAL D 221 -9.85 32.55 7.50
C VAL D 221 -8.34 32.67 7.70
N ARG D 222 -7.94 33.49 8.68
CA ARG D 222 -6.53 33.83 8.90
C ARG D 222 -6.09 33.32 10.26
N PRO D 223 -5.51 32.12 10.33
CA PRO D 223 -4.96 31.63 11.61
C PRO D 223 -3.55 32.11 11.86
N SER D 224 -2.93 31.63 12.94
CA SER D 224 -1.54 31.97 13.22
C SER D 224 -0.62 31.19 12.27
N GLN D 225 0.65 31.59 12.25
CA GLN D 225 1.62 31.04 11.32
C GLN D 225 2.81 30.45 12.09
N VAL D 226 3.76 29.91 11.34
CA VAL D 226 4.87 29.13 11.87
C VAL D 226 6.17 29.86 11.58
N PHE D 227 6.99 30.04 12.61
CA PHE D 227 8.33 30.61 12.44
C PHE D 227 9.19 29.65 11.64
N THR D 228 9.73 30.12 10.52
CA THR D 228 10.63 29.32 9.69
C THR D 228 11.81 30.17 9.27
N GLU D 229 13.00 29.60 9.38
CA GLU D 229 14.22 30.30 9.00
C GLU D 229 14.58 30.05 7.53
N GLN D 241 10.26 26.79 -0.25
CA GLN D 241 9.92 28.10 -0.80
C GLN D 241 8.57 28.57 -0.29
N ASN D 242 8.01 27.85 0.68
CA ASN D 242 6.71 28.20 1.23
C ASN D 242 6.77 29.56 1.92
N SER D 243 5.78 30.40 1.62
CA SER D 243 5.75 31.76 2.16
C SER D 243 4.92 31.86 3.42
N ARG D 244 3.82 31.12 3.51
CA ARG D 244 2.92 31.20 4.66
C ARG D 244 2.57 29.78 5.09
N VAL D 245 3.00 29.39 6.29
CA VAL D 245 2.70 28.09 6.87
C VAL D 245 1.92 28.30 8.16
N PHE D 246 0.80 27.61 8.29
CA PHE D 246 -0.07 27.76 9.45
C PHE D 246 0.26 26.70 10.51
N GLN D 247 0.09 27.08 11.77
CA GLN D 247 0.16 26.10 12.84
C GLN D 247 -1.03 25.15 12.75
N SER D 248 -0.76 23.86 12.90
CA SER D 248 -1.76 22.84 12.67
C SER D 248 -1.92 21.94 13.89
N THR D 249 -3.14 21.48 14.10
CA THR D 249 -3.47 20.52 15.14
C THR D 249 -4.34 19.43 14.53
N THR D 250 -3.97 18.17 14.78
CA THR D 250 -4.69 17.04 14.22
C THR D 250 -5.97 16.81 15.03
N ILE D 251 -7.12 17.05 14.41
CA ILE D 251 -8.42 16.82 15.02
C ILE D 251 -9.13 15.74 14.22
N ASP D 252 -9.45 14.63 14.88
CA ASP D 252 -10.16 13.51 14.25
C ASP D 252 -9.43 13.02 13.00
N GLY D 253 -8.11 13.03 13.05
CA GLY D 253 -7.30 12.57 11.93
C GLY D 253 -7.06 13.60 10.85
N GLU D 254 -7.64 14.79 10.96
CA GLU D 254 -7.48 15.85 9.97
C GLU D 254 -6.75 17.02 10.61
N ARG D 255 -5.73 17.54 9.93
CA ARG D 255 -5.02 18.71 10.42
C ARG D 255 -5.91 19.93 10.34
N SER D 256 -5.87 20.76 11.39
CA SER D 256 -6.71 21.93 11.46
C SER D 256 -5.89 23.15 11.86
N PRO D 257 -6.08 24.29 11.20
CA PRO D 257 -5.36 25.49 11.60
C PRO D 257 -5.81 25.95 12.98
N ILE D 258 -4.86 26.51 13.73
CA ILE D 258 -5.11 26.95 15.10
C ILE D 258 -4.39 28.27 15.34
N LEU D 259 -4.85 28.98 16.36
CA LEU D 259 -4.14 30.13 16.90
C LEU D 259 -3.29 29.67 18.07
N GLY D 260 -2.00 30.02 18.05
CA GLY D 260 -1.09 29.49 19.04
C GLY D 260 -1.46 29.93 20.45
N ALA D 261 -1.11 29.09 21.42
CA ALA D 261 -1.43 29.41 22.81
C ALA D 261 -0.70 30.66 23.28
N PHE D 262 0.48 30.94 22.73
CA PHE D 262 1.19 32.16 23.08
C PHE D 262 0.61 33.38 22.38
N LYS D 263 0.07 33.20 21.17
CA LYS D 263 -0.50 34.34 20.46
C LYS D 263 -1.80 34.82 21.10
N THR D 264 -2.68 33.88 21.49
CA THR D 264 -3.92 34.29 22.14
C THR D 264 -3.67 34.95 23.48
N GLY D 265 -2.63 34.52 24.21
CA GLY D 265 -2.26 35.21 25.42
C GLY D 265 -1.84 36.64 25.16
N ALA D 266 -1.12 36.87 24.07
CA ALA D 266 -0.75 38.23 23.69
C ALA D 266 -1.97 39.07 23.40
N ALA D 267 -2.97 38.50 22.72
CA ALA D 267 -4.20 39.23 22.44
C ALA D 267 -4.93 39.56 23.74
N ILE D 268 -4.98 38.62 24.67
CA ILE D 268 -5.66 38.87 25.94
C ILE D 268 -4.93 39.93 26.76
N ALA D 269 -3.61 39.97 26.68
CA ALA D 269 -2.80 40.84 27.53
C ALA D 269 -2.61 42.24 26.96
N THR D 270 -3.19 42.57 25.79
CA THR D 270 -3.04 43.90 25.21
C THR D 270 -3.91 44.89 26.00
N ILE D 271 -3.38 45.33 27.13
CA ILE D 271 -4.10 46.25 28.01
C ILE D 271 -3.26 47.47 28.30
N ASP D 272 -1.97 47.43 27.94
CA ASP D 272 -1.05 48.51 28.29
C ASP D 272 -1.43 49.79 27.57
N ASP D 273 -2.00 50.73 28.31
CA ASP D 273 -2.38 52.04 27.78
C ASP D 273 -1.99 53.10 28.81
N TRP D 274 -0.75 53.00 29.30
CA TRP D 274 -0.24 53.95 30.28
C TRP D 274 1.16 54.44 29.95
N TYR D 275 1.70 54.09 28.79
CA TYR D 275 2.99 54.57 28.37
C TYR D 275 2.91 56.06 28.07
N PRO D 276 4.05 56.78 28.12
CA PRO D 276 4.00 58.23 27.88
C PRO D 276 3.42 58.55 26.51
N GLU D 277 2.53 59.55 26.48
CA GLU D 277 1.79 59.91 25.28
C GLU D 277 1.00 58.70 24.75
N ALA D 278 0.06 58.25 25.56
CA ALA D 278 -0.68 57.02 25.27
C ALA D 278 -1.79 57.26 24.27
N THR D 279 -1.81 56.46 23.20
CA THR D 279 -2.86 56.53 22.20
C THR D 279 -3.41 55.17 21.78
N GLU D 280 -2.66 54.08 21.95
CA GLU D 280 -3.12 52.76 21.51
C GLU D 280 -2.60 51.68 22.44
N PRO D 281 -3.44 50.74 22.85
CA PRO D 281 -2.98 49.66 23.73
C PRO D 281 -1.94 48.78 23.07
N LEU D 282 -1.03 48.26 23.88
CA LEU D 282 0.01 47.35 23.43
C LEU D 282 0.05 46.13 24.34
N ARG D 283 0.66 45.07 23.84
CA ARG D 283 0.92 43.90 24.67
C ARG D 283 1.85 44.29 25.82
N VAL D 284 1.51 43.86 27.04
CA VAL D 284 2.31 44.22 28.20
C VAL D 284 3.66 43.53 28.12
N GLY D 285 4.72 44.30 28.33
CA GLY D 285 6.07 43.77 28.29
C GLY D 285 6.98 44.66 29.11
N ARG D 286 8.25 44.28 29.14
CA ARG D 286 9.23 45.06 29.90
C ARG D 286 9.39 46.45 29.32
N PHE D 287 9.43 46.56 27.99
CA PHE D 287 9.73 47.83 27.33
C PHE D 287 8.60 48.32 26.43
N GLY D 288 7.43 47.68 26.49
CA GLY D 288 6.29 48.14 25.72
C GLY D 288 6.51 48.15 24.23
N VAL D 289 7.05 47.05 23.69
CA VAL D 289 7.35 46.99 22.26
C VAL D 289 6.07 47.10 21.45
N HIS D 290 6.08 47.97 20.45
CA HIS D 290 4.97 48.14 19.52
C HIS D 290 5.37 47.49 18.20
N ARG D 291 4.78 46.33 17.91
CA ARG D 291 5.18 45.58 16.73
C ARG D 291 4.87 46.31 15.44
N GLU D 292 3.70 46.97 15.38
CA GLU D 292 3.29 47.64 14.14
C GLU D 292 4.08 48.90 13.86
N ASP D 293 5.05 49.25 14.70
CA ASP D 293 5.88 50.43 14.49
C ASP D 293 7.37 50.15 14.64
N VAL D 294 7.76 48.95 15.06
CA VAL D 294 9.15 48.55 15.26
C VAL D 294 9.84 49.56 16.18
N THR D 295 9.17 49.90 17.29
CA THR D 295 9.72 50.84 18.26
C THR D 295 9.10 50.55 19.61
N CYS D 296 9.93 50.56 20.66
CA CYS D 296 9.47 50.38 22.02
C CYS D 296 9.22 51.73 22.66
N TYR D 297 8.00 51.95 23.14
CA TYR D 297 7.61 53.23 23.71
C TYR D 297 7.94 53.35 25.18
N ARG D 298 8.50 52.32 25.79
CA ARG D 298 8.96 52.37 27.17
C ARG D 298 10.45 52.08 27.25
N HIS D 299 11.22 52.70 26.37
CA HIS D 299 12.65 52.51 26.35
C HIS D 299 13.26 52.94 27.68
N PRO D 300 14.33 52.29 28.13
CA PRO D 300 14.92 52.66 29.43
C PRO D 300 15.35 54.11 29.52
N SER D 301 15.61 54.78 28.39
CA SER D 301 15.98 56.19 28.44
C SER D 301 14.85 57.07 28.92
N THR D 302 13.60 56.64 28.81
CA THR D 302 12.48 57.42 29.31
C THR D 302 12.12 57.10 30.76
N GLY D 303 12.70 56.04 31.33
CA GLY D 303 12.46 55.72 32.72
C GLY D 303 11.14 55.06 33.02
N LYS D 304 10.35 54.72 32.01
CA LYS D 304 9.04 54.10 32.21
C LYS D 304 9.06 52.59 31.98
N ASP D 305 10.24 52.01 31.75
CA ASP D 305 10.31 50.57 31.53
C ASP D 305 10.05 49.83 32.84
N PHE D 306 9.87 48.51 32.72
CA PHE D 306 9.55 47.69 33.89
C PHE D 306 10.68 47.72 34.91
N PHE D 307 11.93 47.61 34.44
CA PHE D 307 13.06 47.52 35.36
C PHE D 307 13.24 48.81 36.15
N SER D 308 13.10 49.97 35.49
CA SER D 308 13.20 51.24 36.20
C SER D 308 12.00 51.51 37.11
N ILE D 309 10.95 50.72 36.99
CA ILE D 309 9.82 50.81 37.90
C ILE D 309 9.99 49.84 39.07
N LEU D 310 10.49 48.64 38.80
CA LEU D 310 10.66 47.64 39.85
C LEU D 310 11.65 48.10 40.91
N GLN D 311 12.75 48.74 40.49
CA GLN D 311 13.79 49.14 41.43
C GLN D 311 13.31 50.20 42.42
N GLN D 312 12.18 50.85 42.15
CA GLN D 312 11.60 51.81 43.07
C GLN D 312 10.40 51.25 43.83
N ALA D 313 10.42 49.95 44.13
CA ALA D 313 9.31 49.34 44.86
C ALA D 313 9.19 49.95 46.26
N GLU D 314 10.32 50.17 46.93
CA GLU D 314 10.29 50.81 48.24
C GLU D 314 9.75 52.23 48.15
N HIS D 315 10.02 52.93 47.04
CA HIS D 315 9.47 54.27 46.86
C HIS D 315 7.96 54.23 46.76
N TYR D 316 7.41 53.22 46.08
CA TYR D 316 5.96 53.10 45.93
C TYR D 316 5.28 52.72 47.23
N ILE D 317 6.01 52.15 48.18
CA ILE D 317 5.43 51.78 49.47
C ILE D 317 5.43 52.98 50.41
N ALA D 327 -2.58 60.49 43.29
CA ALA D 327 -1.70 60.70 42.14
C ALA D 327 -1.98 59.66 41.06
N GLN D 328 -2.54 60.12 39.94
CA GLN D 328 -2.87 59.19 38.85
C GLN D 328 -1.62 58.61 38.21
N GLU D 329 -0.52 59.36 38.19
CA GLU D 329 0.70 58.85 37.56
C GLU D 329 1.24 57.63 38.31
N THR D 330 1.18 57.65 39.64
CA THR D 330 1.62 56.50 40.41
C THR D 330 0.72 55.29 40.18
N ILE D 331 -0.58 55.52 39.99
CA ILE D 331 -1.51 54.42 39.75
C ILE D 331 -1.19 53.71 38.44
N ASN D 332 -0.80 54.48 37.42
CA ASN D 332 -0.42 53.86 36.16
C ASN D 332 0.84 53.00 36.31
N ASP D 333 1.80 53.48 37.09
CA ASP D 333 2.99 52.67 37.37
C ASP D 333 2.61 51.41 38.13
N MET D 334 1.68 51.51 39.07
CA MET D 334 1.21 50.34 39.80
C MET D 334 0.58 49.33 38.85
N HIS D 335 -0.27 49.81 37.93
CA HIS D 335 -0.92 48.92 36.98
C HIS D 335 0.10 48.25 36.08
N PHE D 336 1.09 49.00 35.60
CA PHE D 336 2.11 48.39 34.74
C PHE D 336 2.91 47.35 35.51
N LEU D 337 3.28 47.66 36.76
CA LEU D 337 4.02 46.69 37.56
C LEU D 337 3.23 45.41 37.75
N MET D 338 1.94 45.53 38.06
CA MET D 338 1.13 44.34 38.31
C MET D 338 0.86 43.57 37.03
N ALA D 339 0.70 44.25 35.90
CA ALA D 339 0.55 43.55 34.63
C ALA D 339 1.81 42.75 34.29
N ASN D 340 2.98 43.34 34.54
CA ASN D 340 4.22 42.62 34.25
C ASN D 340 4.43 41.48 35.23
N LEU D 341 3.99 41.63 36.49
CA LEU D 341 4.06 40.51 37.43
C LEU D 341 3.13 39.38 37.00
N ILE D 342 1.93 39.72 36.49
CA ILE D 342 0.99 38.71 36.04
C ILE D 342 1.53 37.98 34.81
N LYS D 343 2.17 38.72 33.89
CA LYS D 343 2.72 38.08 32.70
C LYS D 343 3.78 37.05 33.08
N GLY D 344 4.65 37.37 34.03
CA GLY D 344 5.68 36.45 34.48
C GLY D 344 7.04 36.80 33.92
N GLY D 345 7.89 35.79 33.87
CA GLY D 345 9.24 35.93 33.35
C GLY D 345 10.28 35.75 34.44
N MET D 346 11.54 35.75 34.01
CA MET D 346 12.68 35.75 34.90
C MET D 346 13.31 37.13 34.86
N PHE D 347 13.15 37.89 35.93
CA PHE D 347 13.60 39.28 35.98
C PHE D 347 15.08 39.41 36.34
N GLN D 348 15.76 38.30 36.60
CA GLN D 348 17.16 38.35 36.98
C GLN D 348 18.02 38.85 35.84
N HIS D 349 19.20 39.35 36.18
CA HIS D 349 20.13 39.86 35.18
C HIS D 349 20.91 38.73 34.54
N LYS E 2 14.73 57.51 0.83
CA LYS E 2 13.47 57.89 1.44
C LYS E 2 12.72 56.67 1.95
N LEU E 3 12.83 55.56 1.22
CA LEU E 3 12.14 54.34 1.62
C LEU E 3 12.77 53.78 2.90
N PRO E 4 11.97 53.52 3.94
CA PRO E 4 12.56 53.04 5.20
C PRO E 4 13.10 51.62 5.11
N THR E 5 13.59 51.10 6.25
CA THR E 5 14.17 49.77 6.26
C THR E 5 13.13 48.71 5.95
N ASN E 6 11.97 48.79 6.60
CA ASN E 6 10.86 47.90 6.31
C ASN E 6 9.56 48.69 6.25
N LEU E 7 8.72 48.36 5.28
CA LEU E 7 7.46 49.04 5.08
C LEU E 7 6.50 48.07 4.41
N ALA E 8 5.25 48.06 4.86
CA ALA E 8 4.28 47.12 4.34
C ALA E 8 2.88 47.70 4.43
N TYR E 9 2.03 47.28 3.50
CA TYR E 9 0.63 47.67 3.45
C TYR E 9 -0.23 46.44 3.28
N GLU E 10 -1.45 46.50 3.81
CA GLU E 10 -2.41 45.42 3.67
C GLU E 10 -3.40 45.74 2.55
N ARG E 11 -3.88 44.70 1.89
CA ARG E 11 -4.83 44.88 0.81
C ARG E 11 -6.14 45.44 1.34
N SER E 12 -6.78 46.28 0.53
CA SER E 12 -8.06 46.88 0.89
C SER E 12 -9.24 46.21 0.22
N ILE E 13 -9.04 45.52 -0.90
CA ILE E 13 -10.09 44.80 -1.59
C ILE E 13 -9.82 43.31 -1.41
N ASP E 14 -10.76 42.62 -0.77
CA ASP E 14 -10.58 41.20 -0.45
C ASP E 14 -11.55 40.36 -1.27
N PRO E 15 -11.10 39.75 -2.37
CA PRO E 15 -11.99 38.87 -3.14
C PRO E 15 -12.07 37.49 -2.52
N SER E 16 -12.77 36.56 -3.20
CA SER E 16 -12.91 35.21 -2.71
C SER E 16 -13.09 34.27 -3.90
N ASP E 17 -13.06 32.97 -3.61
CA ASP E 17 -13.18 31.96 -4.66
C ASP E 17 -14.53 32.07 -5.34
N VAL E 18 -14.54 31.83 -6.66
CA VAL E 18 -15.76 31.76 -7.44
C VAL E 18 -16.11 30.29 -7.64
N CYS E 19 -17.30 29.90 -7.18
CA CYS E 19 -17.74 28.52 -7.26
C CYS E 19 -18.77 28.39 -8.39
N PHE E 20 -18.51 27.49 -9.33
CA PHE E 20 -19.38 27.31 -10.48
C PHE E 20 -20.48 26.31 -10.16
N PHE E 21 -21.73 26.70 -10.44
CA PHE E 21 -22.88 25.85 -10.21
C PHE E 21 -23.69 25.75 -11.49
N VAL E 22 -24.26 24.57 -11.73
CA VAL E 22 -25.07 24.32 -12.92
C VAL E 22 -26.53 24.29 -12.51
N VAL E 23 -27.35 25.12 -13.16
CA VAL E 23 -28.76 25.23 -12.84
C VAL E 23 -29.55 24.44 -13.88
N TRP E 24 -30.28 23.43 -13.42
CA TRP E 24 -31.11 22.62 -14.30
C TRP E 24 -32.47 23.28 -14.50
N PRO E 25 -33.20 22.87 -15.53
CA PRO E 25 -34.53 23.48 -15.76
C PRO E 25 -35.50 23.29 -14.61
N ASP E 26 -35.30 22.28 -13.77
CA ASP E 26 -36.12 22.08 -12.58
C ASP E 26 -35.72 22.98 -11.42
N ASP E 27 -34.93 24.01 -11.68
CA ASP E 27 -34.44 24.92 -10.66
C ASP E 27 -33.66 24.16 -9.58
N ARG E 28 -32.93 23.14 -9.99
CA ARG E 28 -32.09 22.35 -9.10
C ARG E 28 -30.63 22.59 -9.47
N LYS E 29 -29.83 22.93 -8.47
CA LYS E 29 -28.43 23.31 -8.68
C LYS E 29 -27.51 22.20 -8.21
N THR E 30 -26.59 21.80 -9.08
CA THR E 30 -25.55 20.84 -8.76
C THR E 30 -24.19 21.41 -9.14
N PRO E 31 -23.14 21.10 -8.39
CA PRO E 31 -21.82 21.64 -8.71
C PRO E 31 -21.30 21.12 -10.05
N LEU E 32 -20.58 21.99 -10.76
CA LEU E 32 -19.96 21.61 -12.01
C LEU E 32 -18.77 20.68 -11.75
N THR E 33 -18.52 19.79 -12.70
CA THR E 33 -17.44 18.82 -12.57
C THR E 33 -16.63 18.75 -13.85
N TYR E 34 -15.32 18.55 -13.70
CA TYR E 34 -14.40 18.44 -14.82
C TYR E 34 -13.70 17.09 -14.78
N ASN E 35 -13.38 16.56 -15.96
CA ASN E 35 -12.74 15.26 -16.09
C ASN E 35 -11.46 15.40 -16.88
N SER E 36 -10.45 14.62 -16.52
CA SER E 36 -9.18 14.61 -17.23
C SER E 36 -9.34 13.84 -18.53
N ARG E 37 -9.19 14.54 -19.65
CA ARG E 37 -9.38 13.96 -20.97
C ARG E 37 -8.04 13.91 -21.71
N THR E 38 -7.71 12.74 -22.25
CA THR E 38 -6.48 12.55 -23.01
C THR E 38 -6.79 12.62 -24.50
N LEU E 39 -5.98 13.37 -25.23
CA LEU E 39 -6.21 13.61 -26.65
C LEU E 39 -4.92 13.38 -27.42
N LEU E 40 -5.08 13.10 -28.71
CA LEU E 40 -3.96 12.94 -29.63
C LEU E 40 -3.89 14.17 -30.53
N GLY E 41 -2.77 14.87 -30.48
CA GLY E 41 -2.52 16.01 -31.31
C GLY E 41 -1.72 15.65 -32.55
N GLN E 42 -0.92 16.61 -33.02
CA GLN E 42 0.01 16.36 -34.11
C GLN E 42 1.23 17.25 -33.91
N MET E 43 2.30 16.93 -34.64
CA MET E 43 3.56 17.62 -34.46
C MET E 43 3.50 19.02 -35.04
N GLU E 44 3.05 19.98 -34.24
CA GLU E 44 2.88 21.35 -34.68
C GLU E 44 3.96 22.30 -34.18
N ALA E 45 4.67 21.94 -33.11
CA ALA E 45 5.69 22.82 -32.56
C ALA E 45 6.85 22.96 -33.54
N ALA E 46 7.45 24.16 -33.56
CA ALA E 46 8.56 24.41 -34.48
C ALA E 46 9.81 23.66 -34.05
N SER E 47 9.98 23.40 -32.75
CA SER E 47 11.17 22.73 -32.27
C SER E 47 11.25 21.28 -32.73
N LEU E 48 10.12 20.68 -33.11
CA LEU E 48 10.10 19.30 -33.57
C LEU E 48 10.54 19.15 -35.03
N ALA E 49 10.64 20.26 -35.77
CA ALA E 49 11.05 20.21 -37.17
C ALA E 49 12.09 21.26 -37.54
N TYR E 50 12.25 22.33 -36.78
CA TYR E 50 13.18 23.40 -37.10
C TYR E 50 14.21 23.54 -35.99
N ASP E 51 15.47 23.69 -36.39
CA ASP E 51 16.54 23.97 -35.44
C ASP E 51 16.45 25.42 -34.97
N VAL E 52 17.17 25.71 -33.88
CA VAL E 52 17.18 27.08 -33.35
C VAL E 52 17.73 28.05 -34.38
N SER E 53 18.62 27.58 -35.25
CA SER E 53 19.22 28.42 -36.28
C SER E 53 18.27 28.69 -37.45
N GLY E 54 17.02 28.25 -37.37
CA GLY E 54 16.09 28.45 -38.46
C GLY E 54 16.31 27.56 -39.66
N GLN E 55 16.79 26.34 -39.43
CA GLN E 55 17.03 25.39 -40.51
C GLN E 55 16.37 24.06 -40.18
N PRO E 56 15.79 23.39 -41.16
CA PRO E 56 15.11 22.11 -40.89
C PRO E 56 16.07 21.06 -40.37
N ILE E 57 15.56 20.23 -39.46
CA ILE E 57 16.33 19.14 -38.88
C ILE E 57 16.23 17.92 -39.80
N LYS E 58 17.38 17.37 -40.18
CA LYS E 58 17.38 16.22 -41.08
C LYS E 58 16.82 14.96 -40.43
N SER E 59 16.84 14.88 -39.09
CA SER E 59 16.30 13.71 -38.41
C SER E 59 14.79 13.63 -38.56
N ALA E 60 14.11 14.77 -38.47
CA ALA E 60 12.64 14.81 -38.54
C ALA E 60 12.23 14.73 -40.00
N THR E 61 12.04 13.52 -40.49
CA THR E 61 11.63 13.29 -41.86
C THR E 61 10.12 13.51 -42.00
N ALA E 62 9.61 13.32 -43.22
CA ALA E 62 8.19 13.55 -43.48
C ALA E 62 7.31 12.60 -42.69
N GLU E 63 7.69 11.32 -42.63
CA GLU E 63 6.89 10.34 -41.89
C GLU E 63 6.95 10.60 -40.39
N ALA E 64 8.11 10.97 -39.87
CA ALA E 64 8.27 11.19 -38.43
C ALA E 64 7.41 12.35 -37.96
N LEU E 65 7.35 13.43 -38.73
CA LEU E 65 6.56 14.59 -38.36
C LEU E 65 5.07 14.34 -38.43
N ALA E 66 4.63 13.25 -39.05
CA ALA E 66 3.22 12.98 -39.24
C ALA E 66 2.61 12.09 -38.16
N GLN E 67 3.42 11.59 -37.24
CA GLN E 67 2.89 10.80 -36.13
C GLN E 67 2.21 11.71 -35.11
N GLY E 68 1.25 11.13 -34.39
CA GLY E 68 0.52 11.87 -33.37
C GLY E 68 1.15 11.70 -31.99
N ASN E 69 1.21 12.80 -31.25
CA ASN E 69 1.76 12.78 -29.89
C ASN E 69 0.64 13.07 -28.90
N PRO E 70 0.34 12.15 -28.00
CA PRO E 70 -0.77 12.37 -27.06
C PRO E 70 -0.46 13.45 -26.04
N HIS E 71 -1.52 14.10 -25.58
CA HIS E 71 -1.44 15.08 -24.51
C HIS E 71 -2.62 14.87 -23.57
N GLN E 72 -2.44 15.26 -22.31
CA GLN E 72 -3.47 15.16 -21.30
C GLN E 72 -3.87 16.54 -20.83
N VAL E 73 -5.17 16.84 -20.88
CA VAL E 73 -5.70 18.12 -20.41
C VAL E 73 -6.95 17.83 -19.59
N ASP E 74 -7.29 18.80 -18.74
CA ASP E 74 -8.55 18.75 -18.00
C ASP E 74 -9.64 19.44 -18.81
N PHE E 75 -10.77 18.77 -18.95
CA PHE E 75 -11.87 19.24 -19.80
C PHE E 75 -13.09 19.52 -18.94
N CYS E 76 -13.61 20.74 -19.05
CA CYS E 76 -14.81 21.14 -18.31
C CYS E 76 -15.79 21.78 -19.27
N HIS E 77 -17.04 21.30 -19.26
CA HIS E 77 -18.05 21.83 -20.16
C HIS E 77 -19.42 21.70 -19.51
N VAL E 78 -20.35 22.51 -20.00
CA VAL E 78 -21.72 22.49 -19.49
C VAL E 78 -22.37 21.16 -19.85
N PRO E 79 -22.98 20.45 -18.91
CA PRO E 79 -23.67 19.20 -19.25
C PRO E 79 -24.89 19.47 -20.12
N TYR E 80 -25.25 18.48 -20.92
CA TYR E 80 -26.41 18.59 -21.79
C TYR E 80 -27.69 18.69 -20.96
N GLY E 81 -28.61 19.54 -21.41
CA GLY E 81 -29.88 19.74 -20.74
C GLY E 81 -29.89 20.81 -19.68
N ALA E 82 -28.74 21.40 -19.36
CA ALA E 82 -28.67 22.45 -18.36
C ALA E 82 -29.32 23.73 -18.89
N SER E 83 -29.78 24.56 -17.96
CA SER E 83 -30.39 25.84 -18.32
C SER E 83 -29.36 26.96 -18.41
N HIS E 84 -28.51 27.08 -17.39
CA HIS E 84 -27.47 28.11 -17.36
C HIS E 84 -26.49 27.74 -16.26
N ILE E 85 -25.50 28.60 -16.06
CA ILE E 85 -24.47 28.42 -15.04
C ILE E 85 -24.54 29.59 -14.06
N GLU E 86 -24.47 29.29 -12.77
CA GLU E 86 -24.48 30.30 -11.73
C GLU E 86 -23.12 30.32 -11.03
N CYS E 87 -22.54 31.51 -10.92
CA CYS E 87 -21.25 31.71 -10.27
C CYS E 87 -21.41 32.74 -9.16
N SER E 88 -20.91 32.41 -7.97
CA SER E 88 -21.08 33.25 -6.79
C SER E 88 -19.78 33.40 -6.04
N PHE E 89 -19.51 34.62 -5.57
CA PHE E 89 -18.34 34.91 -4.75
C PHE E 89 -18.63 36.17 -3.95
N SER E 90 -17.69 36.51 -3.07
CA SER E 90 -17.85 37.66 -2.19
C SER E 90 -16.59 38.53 -2.24
N VAL E 91 -16.78 39.84 -2.20
CA VAL E 91 -15.70 40.81 -2.21
C VAL E 91 -15.94 41.80 -1.07
N SER E 92 -14.88 42.11 -0.31
CA SER E 92 -14.99 42.97 0.85
C SER E 92 -13.97 44.09 0.77
N PHE E 93 -14.41 45.30 1.08
CA PHE E 93 -13.53 46.49 1.12
C PHE E 93 -13.28 46.83 2.58
N SER E 94 -12.00 46.91 2.96
CA SER E 94 -11.63 47.02 4.36
C SER E 94 -11.01 48.35 4.75
N SER E 95 -10.42 49.08 3.81
CA SER E 95 -9.77 50.37 4.08
C SER E 95 -8.60 50.20 5.05
N GLU E 96 -7.65 49.34 4.67
CA GLU E 96 -6.40 49.20 5.39
C GLU E 96 -5.32 50.11 4.83
N LEU E 97 -5.65 50.95 3.85
CA LEU E 97 -4.69 51.85 3.24
C LEU E 97 -4.47 53.14 4.01
N ARG E 98 -5.33 53.44 4.99
CA ARG E 98 -5.22 54.71 5.71
C ARG E 98 -3.91 54.80 6.48
N GLN E 99 -3.52 53.72 7.16
CA GLN E 99 -2.29 53.70 7.92
C GLN E 99 -1.45 52.50 7.54
N PRO E 100 -0.14 52.67 7.38
CA PRO E 100 0.70 51.54 6.99
C PRO E 100 0.67 50.44 8.04
N TYR E 101 0.70 49.19 7.57
CA TYR E 101 0.69 48.06 8.48
C TYR E 101 1.95 48.02 9.34
N LYS E 102 3.10 48.32 8.75
CA LYS E 102 4.37 48.36 9.46
C LYS E 102 5.27 49.40 8.80
N CYS E 103 6.01 50.14 9.62
CA CYS E 103 6.88 51.19 9.10
C CYS E 103 8.06 51.38 10.03
N ASN E 104 9.26 51.40 9.47
CA ASN E 104 10.47 51.57 10.28
C ASN E 104 10.53 52.97 10.89
N SER E 105 10.35 53.99 10.06
CA SER E 105 10.53 55.38 10.48
C SER E 105 9.17 56.06 10.56
N SER E 106 8.97 56.82 11.64
CA SER E 106 7.69 57.49 11.85
C SER E 106 7.44 58.57 10.81
N LYS E 107 8.49 59.18 10.27
CA LYS E 107 8.31 60.25 9.29
C LYS E 107 7.61 59.75 8.04
N VAL E 108 8.00 58.57 7.55
CA VAL E 108 7.36 58.01 6.36
C VAL E 108 5.88 57.74 6.63
N LYS E 109 5.56 57.25 7.83
CA LYS E 109 4.16 57.01 8.17
C LYS E 109 3.37 58.32 8.16
N GLN E 110 3.96 59.39 8.71
CA GLN E 110 3.27 60.68 8.70
C GLN E 110 3.03 61.16 7.28
N THR E 111 4.05 61.06 6.42
CA THR E 111 3.88 61.52 5.04
C THR E 111 2.81 60.71 4.32
N LEU E 112 2.80 59.39 4.50
CA LEU E 112 1.81 58.57 3.81
C LEU E 112 0.39 58.85 4.31
N VAL E 113 0.23 59.01 5.63
CA VAL E 113 -1.10 59.28 6.18
C VAL E 113 -1.60 60.63 5.69
N GLN E 114 -0.72 61.65 5.73
CA GLN E 114 -1.11 62.97 5.24
C GLN E 114 -1.43 62.93 3.75
N LEU E 115 -0.68 62.12 2.99
CA LEU E 115 -0.94 61.99 1.57
C LEU E 115 -2.31 61.41 1.30
N VAL E 116 -2.68 60.36 2.04
CA VAL E 116 -3.99 59.75 1.87
C VAL E 116 -5.09 60.72 2.24
N GLU E 117 -4.92 61.44 3.36
CA GLU E 117 -5.94 62.40 3.77
C GLU E 117 -6.10 63.52 2.75
N LEU E 118 -4.99 64.05 2.25
CA LEU E 118 -5.07 65.12 1.25
C LEU E 118 -5.70 64.62 -0.05
N TYR E 119 -5.38 63.39 -0.46
CA TYR E 119 -6.00 62.84 -1.66
C TYR E 119 -7.51 62.71 -1.48
N GLU E 120 -7.94 62.14 -0.35
CA GLU E 120 -9.37 61.98 -0.14
C GLU E 120 -10.09 63.32 0.00
N THR E 121 -9.37 64.36 0.43
CA THR E 121 -9.99 65.68 0.57
C THR E 121 -10.08 66.41 -0.77
N LYS E 122 -9.03 66.33 -1.59
CA LYS E 122 -8.95 67.14 -2.80
C LYS E 122 -9.52 66.45 -4.03
N ILE E 123 -9.28 65.15 -4.20
CA ILE E 123 -9.67 64.43 -5.40
C ILE E 123 -10.93 63.61 -5.17
N GLY E 124 -10.98 62.87 -4.08
CA GLY E 124 -12.12 62.03 -3.78
C GLY E 124 -11.96 60.61 -4.28
N TRP E 125 -12.70 59.70 -3.65
CA TRP E 125 -12.64 58.28 -3.99
C TRP E 125 -13.63 57.89 -5.07
N THR E 126 -14.32 58.86 -5.67
CA THR E 126 -15.34 58.53 -6.67
C THR E 126 -14.74 57.77 -7.84
N GLU E 127 -13.58 58.24 -8.35
CA GLU E 127 -13.00 57.62 -9.53
C GLU E 127 -12.57 56.19 -9.27
N LEU E 128 -11.82 55.97 -8.18
CA LEU E 128 -11.37 54.62 -7.86
C LEU E 128 -12.55 53.70 -7.56
N ALA E 129 -13.54 54.21 -6.81
CA ALA E 129 -14.70 53.39 -6.48
C ALA E 129 -15.46 52.97 -7.73
N THR E 130 -15.69 53.92 -8.64
CA THR E 130 -16.39 53.58 -9.88
C THR E 130 -15.56 52.63 -10.75
N ARG E 131 -14.25 52.81 -10.77
CA ARG E 131 -13.41 51.95 -11.59
C ARG E 131 -13.41 50.51 -11.07
N TYR E 132 -13.40 50.33 -9.75
CA TYR E 132 -13.50 48.98 -9.21
C TYR E 132 -14.90 48.40 -9.41
N LEU E 133 -15.93 49.22 -9.20
CA LEU E 133 -17.30 48.72 -9.27
C LEU E 133 -17.68 48.35 -10.69
N MET E 134 -17.17 49.06 -11.70
CA MET E 134 -17.46 48.69 -13.07
C MET E 134 -16.92 47.29 -13.39
N ASN E 135 -15.70 47.00 -12.94
CA ASN E 135 -15.14 45.67 -13.16
C ASN E 135 -15.90 44.62 -12.38
N ILE E 136 -16.35 44.94 -11.16
CA ILE E 136 -17.10 43.97 -10.38
C ILE E 136 -18.44 43.66 -11.05
N CYS E 137 -19.14 44.70 -11.55
CA CYS E 137 -20.51 44.56 -12.01
C CYS E 137 -20.65 44.32 -13.51
N ASN E 138 -19.56 44.37 -14.28
CA ASN E 138 -19.63 44.10 -15.71
C ASN E 138 -19.17 42.70 -16.08
N GLY E 139 -18.95 41.83 -15.09
CA GLY E 139 -18.53 40.48 -15.38
C GLY E 139 -17.09 40.33 -15.81
N LYS E 140 -16.24 41.30 -15.48
CA LYS E 140 -14.82 41.17 -15.80
C LYS E 140 -14.18 40.01 -15.04
N TRP E 141 -14.65 39.74 -13.82
CA TRP E 141 -14.09 38.66 -13.01
C TRP E 141 -14.33 37.29 -13.62
N LEU E 142 -15.26 37.16 -14.56
CA LEU E 142 -15.48 35.89 -15.24
C LEU E 142 -14.44 35.61 -16.31
N TRP E 143 -13.63 36.61 -16.66
CA TRP E 143 -12.51 36.47 -17.60
C TRP E 143 -13.07 36.03 -18.96
N LYS E 144 -12.59 34.95 -19.55
CA LYS E 144 -12.94 34.59 -20.92
C LYS E 144 -14.24 33.80 -21.03
N ASN E 145 -14.90 33.51 -19.91
CA ASN E 145 -16.20 32.84 -19.98
C ASN E 145 -17.29 33.76 -20.50
N THR E 146 -17.13 35.08 -20.36
CA THR E 146 -18.13 36.00 -20.88
C THR E 146 -18.19 35.95 -22.40
N ARG E 147 -17.05 35.86 -23.07
CA ARG E 147 -17.03 35.73 -24.52
C ARG E 147 -17.62 34.38 -24.92
N LYS E 148 -18.23 34.36 -26.12
CA LYS E 148 -18.91 33.17 -26.64
C LYS E 148 -20.06 32.75 -25.73
N ALA E 149 -20.78 33.73 -25.18
CA ALA E 149 -21.95 33.48 -24.37
C ALA E 149 -23.11 34.29 -24.91
N TYR E 150 -24.32 33.79 -24.69
CA TYR E 150 -25.51 34.48 -25.19
C TYR E 150 -25.72 35.79 -24.43
N CYS E 151 -25.95 35.70 -23.13
CA CYS E 151 -26.13 36.87 -22.29
C CYS E 151 -25.93 36.45 -20.85
N TRP E 152 -25.33 37.33 -20.05
CA TRP E 152 -25.09 37.05 -18.65
C TRP E 152 -25.55 38.22 -17.81
N ASN E 153 -25.96 37.93 -16.57
CA ASN E 153 -26.46 38.92 -15.65
C ASN E 153 -25.65 38.88 -14.36
N ILE E 154 -25.51 40.04 -13.73
CA ILE E 154 -24.78 40.18 -12.48
C ILE E 154 -25.74 40.72 -11.44
N VAL E 155 -26.03 39.91 -10.42
CA VAL E 155 -26.87 40.31 -9.31
C VAL E 155 -26.05 40.20 -8.03
N LEU E 156 -26.00 41.28 -7.27
CA LEU E 156 -25.18 41.35 -6.07
C LEU E 156 -25.99 41.92 -4.91
N THR E 157 -25.68 41.45 -3.71
CA THR E 157 -26.37 41.90 -2.49
C THR E 157 -25.39 42.62 -1.57
N PRO E 158 -25.39 43.95 -1.56
CA PRO E 158 -24.43 44.67 -0.72
C PRO E 158 -24.75 44.54 0.76
N TRP E 159 -23.76 44.90 1.58
CA TRP E 159 -23.90 44.91 3.03
C TRP E 159 -22.93 45.93 3.59
N PRO E 160 -23.36 46.81 4.51
CA PRO E 160 -24.71 46.94 5.07
C PRO E 160 -25.70 47.54 4.07
N TRP E 161 -26.94 47.06 4.06
CA TRP E 161 -27.90 47.49 3.06
C TRP E 161 -29.30 47.45 3.69
N ASN E 162 -30.19 48.22 3.11
CA ASN E 162 -31.55 48.34 3.62
C ASN E 162 -32.62 48.03 2.58
N GLY E 163 -32.39 48.40 1.32
CA GLY E 163 -33.36 48.21 0.27
C GLY E 163 -33.34 46.82 -0.31
N GLU E 164 -33.83 46.71 -1.54
CA GLU E 164 -33.92 45.43 -2.22
C GLU E 164 -32.56 45.07 -2.84
N LYS E 165 -32.51 43.91 -3.48
CA LYS E 165 -31.30 43.45 -4.13
C LYS E 165 -31.00 44.30 -5.37
N VAL E 166 -29.73 44.31 -5.77
CA VAL E 166 -29.27 45.06 -6.93
C VAL E 166 -28.84 44.07 -8.00
N GLY E 167 -29.33 44.25 -9.22
CA GLY E 167 -29.00 43.35 -10.29
C GLY E 167 -28.86 44.01 -11.65
N PHE E 168 -27.80 43.66 -12.37
CA PHE E 168 -27.56 44.12 -13.73
C PHE E 168 -27.82 42.97 -14.69
N GLU E 169 -28.62 43.22 -15.72
CA GLU E 169 -29.02 42.18 -16.66
C GLU E 169 -28.59 42.56 -18.07
N ASP E 170 -28.21 41.55 -18.86
CA ASP E 170 -27.76 41.73 -20.23
C ASP E 170 -26.59 42.72 -20.29
N ILE E 171 -25.48 42.28 -19.69
CA ILE E 171 -24.31 43.16 -19.56
C ILE E 171 -23.80 43.58 -20.93
N ARG E 172 -23.72 42.64 -21.88
CA ARG E 172 -23.16 42.95 -23.19
C ARG E 172 -24.06 43.89 -23.99
N THR E 173 -25.35 43.92 -23.70
CA THR E 173 -26.30 44.75 -24.46
C THR E 173 -26.59 46.08 -23.79
N ASN E 174 -26.83 46.08 -22.48
CA ASN E 174 -27.25 47.29 -21.78
C ASN E 174 -26.08 48.04 -21.15
N TYR E 175 -25.36 47.38 -20.23
CA TYR E 175 -24.32 48.04 -19.46
C TYR E 175 -22.99 47.85 -20.15
N THR E 176 -22.68 48.77 -21.07
CA THR E 176 -21.44 48.72 -21.84
C THR E 176 -20.62 50.00 -21.72
N SER E 177 -20.94 50.87 -20.77
CA SER E 177 -20.19 52.10 -20.59
C SER E 177 -20.48 52.64 -19.19
N ARG E 178 -19.63 53.59 -18.76
CA ARG E 178 -19.80 54.20 -17.46
C ARG E 178 -21.12 54.94 -17.35
N GLN E 179 -21.51 55.62 -18.43
CA GLN E 179 -22.80 56.31 -18.42
C GLN E 179 -23.95 55.32 -18.34
N ASP E 180 -23.82 54.16 -19.01
CA ASP E 180 -24.85 53.13 -18.89
C ASP E 180 -24.94 52.61 -17.46
N PHE E 181 -23.81 52.41 -16.80
CA PHE E 181 -23.83 51.97 -15.41
C PHE E 181 -24.45 53.02 -14.51
N LYS E 182 -24.12 54.29 -14.72
CA LYS E 182 -24.60 55.36 -13.86
C LYS E 182 -26.10 55.61 -13.98
N ASN E 183 -26.74 55.04 -14.99
CA ASN E 183 -28.19 55.18 -15.15
C ASN E 183 -28.98 54.23 -14.25
N ASN E 184 -28.31 53.34 -13.53
CA ASN E 184 -29.00 52.42 -12.63
C ASN E 184 -29.64 53.20 -11.48
N LYS E 185 -30.78 52.69 -11.02
CA LYS E 185 -31.56 53.41 -10.00
C LYS E 185 -30.87 53.45 -8.65
N ASN E 186 -29.88 52.58 -8.40
CA ASN E 186 -29.19 52.56 -7.12
C ASN E 186 -27.68 52.45 -7.28
N TRP E 187 -27.14 52.84 -8.43
CA TRP E 187 -25.69 52.84 -8.61
C TRP E 187 -25.03 53.87 -7.69
N SER E 188 -25.63 55.05 -7.55
CA SER E 188 -25.05 56.08 -6.70
C SER E 188 -25.03 55.63 -5.25
N ALA E 189 -25.97 54.78 -4.84
CA ALA E 189 -25.96 54.28 -3.47
C ALA E 189 -24.86 53.24 -3.26
N ILE E 190 -24.66 52.36 -4.25
CA ILE E 190 -23.64 51.32 -4.11
C ILE E 190 -22.24 51.94 -4.12
N VAL E 191 -21.98 52.88 -5.03
CA VAL E 191 -20.69 53.54 -5.06
C VAL E 191 -20.48 54.43 -3.85
N GLU E 192 -21.56 54.78 -3.14
CA GLU E 192 -21.41 55.60 -1.93
C GLU E 192 -20.85 54.79 -0.77
N MET E 193 -21.30 53.56 -0.59
CA MET E 193 -20.85 52.77 0.55
C MET E 193 -19.41 52.31 0.39
N ILE E 194 -18.85 52.35 -0.82
CA ILE E 194 -17.43 52.09 -0.98
C ILE E 194 -16.61 53.31 -0.60
N LYS E 195 -17.10 54.51 -0.94
CA LYS E 195 -16.41 55.73 -0.54
C LYS E 195 -16.37 55.86 0.97
N THR E 196 -17.49 55.60 1.65
CA THR E 196 -17.48 55.64 3.10
C THR E 196 -16.64 54.52 3.69
N ALA E 197 -16.55 53.38 2.99
CA ALA E 197 -15.66 52.31 3.45
C ALA E 197 -14.21 52.77 3.44
N PHE E 198 -13.75 53.31 2.31
CA PHE E 198 -12.36 53.76 2.22
C PHE E 198 -12.08 54.98 3.09
N SER E 199 -13.08 55.81 3.32
CA SER E 199 -12.89 57.11 3.95
C SER E 199 -13.24 57.13 5.43
N SER E 200 -13.43 55.97 6.05
CA SER E 200 -13.74 55.90 7.47
C SER E 200 -12.91 54.82 8.12
N THR E 201 -12.39 55.12 9.30
CA THR E 201 -11.68 54.11 10.08
C THR E 201 -12.64 53.00 10.48
N ASP E 202 -12.17 51.75 10.37
CA ASP E 202 -12.97 50.56 10.63
C ASP E 202 -14.19 50.46 9.72
N GLY E 203 -14.13 51.10 8.54
CA GLY E 203 -15.22 50.98 7.59
C GLY E 203 -15.21 49.64 6.88
N LEU E 204 -16.38 49.22 6.43
CA LEU E 204 -16.53 47.92 5.80
C LEU E 204 -17.71 47.94 4.85
N ALA E 205 -17.57 47.25 3.72
CA ALA E 205 -18.64 47.12 2.74
C ALA E 205 -18.44 45.79 2.03
N ILE E 206 -19.33 44.84 2.27
CA ILE E 206 -19.21 43.47 1.75
C ILE E 206 -20.26 43.29 0.66
N PHE E 207 -19.80 42.94 -0.54
CA PHE E 207 -20.68 42.62 -1.66
C PHE E 207 -20.59 41.14 -1.97
N GLU E 208 -21.74 40.47 -1.98
CA GLU E 208 -21.83 39.08 -2.40
C GLU E 208 -22.40 39.06 -3.81
N VAL E 209 -21.57 38.71 -4.78
CA VAL E 209 -21.91 38.86 -6.19
C VAL E 209 -22.29 37.50 -6.75
N ARG E 210 -23.39 37.45 -7.49
CA ARG E 210 -23.86 36.23 -8.14
C ARG E 210 -24.14 36.51 -9.60
N ALA E 211 -23.73 35.58 -10.46
CA ALA E 211 -23.86 35.76 -11.90
C ALA E 211 -24.52 34.54 -12.52
N THR E 212 -25.29 34.77 -13.59
CA THR E 212 -25.92 33.71 -14.36
C THR E 212 -25.39 33.79 -15.79
N LEU E 213 -24.82 32.70 -16.26
CA LEU E 213 -24.22 32.63 -17.59
C LEU E 213 -25.07 31.72 -18.48
N HIS E 214 -25.55 32.27 -19.59
CA HIS E 214 -26.34 31.50 -20.56
C HIS E 214 -25.40 31.04 -21.68
N LEU E 215 -24.59 30.04 -21.37
CA LEU E 215 -23.65 29.50 -22.35
C LEU E 215 -24.40 28.64 -23.37
N PRO E 216 -23.86 28.50 -24.58
CA PRO E 216 -24.52 27.65 -25.59
C PRO E 216 -24.48 26.17 -25.24
N THR E 217 -25.06 25.34 -26.09
CA THR E 217 -25.16 23.91 -25.81
C THR E 217 -23.78 23.28 -25.73
N ASN E 218 -23.55 22.54 -24.65
CA ASN E 218 -22.29 21.83 -24.42
C ASN E 218 -21.08 22.77 -24.44
N ALA E 219 -21.30 24.04 -24.08
CA ALA E 219 -20.22 25.01 -24.11
C ALA E 219 -19.16 24.68 -23.07
N MET E 220 -17.92 25.03 -23.38
CA MET E 220 -16.80 24.74 -22.50
C MET E 220 -16.54 25.92 -21.57
N VAL E 221 -16.30 25.60 -20.29
CA VAL E 221 -16.02 26.59 -19.26
C VAL E 221 -14.51 26.61 -19.03
N ARG E 222 -13.98 27.79 -18.72
CA ARG E 222 -12.54 28.00 -18.56
C ARG E 222 -12.24 28.55 -17.17
N PRO E 223 -12.09 27.69 -16.18
CA PRO E 223 -11.70 28.14 -14.84
C PRO E 223 -10.20 28.42 -14.79
N SER E 224 -9.76 28.91 -13.63
CA SER E 224 -8.34 29.18 -13.45
C SER E 224 -7.55 27.89 -13.34
N GLN E 225 -6.25 28.00 -13.60
CA GLN E 225 -5.36 26.85 -13.64
C GLN E 225 -4.33 26.94 -12.52
N VAL E 226 -3.71 25.80 -12.22
CA VAL E 226 -2.74 25.70 -11.13
C VAL E 226 -1.33 25.68 -11.72
N PHE E 227 -0.40 26.29 -10.99
CA PHE E 227 1.00 26.36 -11.42
C PHE E 227 1.65 25.01 -11.13
N THR E 228 1.81 24.20 -12.17
CA THR E 228 2.43 22.89 -12.03
C THR E 228 3.91 23.01 -11.73
N GLN E 241 2.54 14.92 -17.27
CA GLN E 241 2.13 14.93 -18.66
C GLN E 241 1.01 15.93 -18.90
N ASN E 242 0.28 16.25 -17.84
CA ASN E 242 -0.82 17.20 -17.94
C ASN E 242 -0.30 18.57 -18.35
N SER E 243 -0.98 19.17 -19.33
CA SER E 243 -0.65 20.52 -19.78
C SER E 243 -1.70 21.54 -19.39
N ARG E 244 -2.76 21.12 -18.71
CA ARG E 244 -3.81 22.05 -18.27
C ARG E 244 -4.52 21.41 -17.09
N VAL E 245 -4.27 21.93 -15.88
CA VAL E 245 -4.89 21.42 -14.66
C VAL E 245 -5.66 22.56 -14.02
N PHE E 246 -6.94 22.34 -13.76
CA PHE E 246 -7.80 23.36 -13.18
C PHE E 246 -7.71 23.33 -11.67
N GLN E 247 -7.87 24.50 -11.06
CA GLN E 247 -7.97 24.60 -9.62
C GLN E 247 -9.37 24.16 -9.18
N SER E 248 -9.43 23.31 -8.16
CA SER E 248 -10.69 22.69 -7.76
C SER E 248 -10.90 22.81 -6.27
N THR E 249 -12.17 22.93 -5.89
CA THR E 249 -12.62 22.87 -4.51
C THR E 249 -13.63 21.73 -4.38
N THR E 250 -13.94 21.37 -3.14
CA THR E 250 -14.87 20.29 -2.85
C THR E 250 -16.20 20.86 -2.39
N ILE E 251 -17.27 20.55 -3.11
CA ILE E 251 -18.62 20.97 -2.76
C ILE E 251 -19.50 19.73 -2.71
N ASP E 252 -20.12 19.48 -1.55
CA ASP E 252 -21.01 18.34 -1.35
C ASP E 252 -20.32 17.01 -1.65
N GLY E 253 -19.00 16.97 -1.50
CA GLY E 253 -18.24 15.77 -1.79
C GLY E 253 -17.82 15.63 -3.24
N GLU E 254 -18.24 16.52 -4.13
CA GLU E 254 -17.89 16.48 -5.54
C GLU E 254 -16.96 17.64 -5.85
N ARG E 255 -15.81 17.34 -6.45
CA ARG E 255 -14.87 18.40 -6.82
C ARG E 255 -15.46 19.28 -7.91
N SER E 256 -15.21 20.58 -7.81
CA SER E 256 -15.72 21.54 -8.77
C SER E 256 -14.62 22.55 -9.09
N PRO E 257 -14.46 22.91 -10.36
CA PRO E 257 -13.47 23.92 -10.71
C PRO E 257 -13.84 25.28 -10.14
N ILE E 258 -12.81 26.08 -9.85
CA ILE E 258 -12.98 27.42 -9.31
C ILE E 258 -12.18 28.39 -10.16
N LEU E 259 -12.47 29.68 -9.97
CA LEU E 259 -11.76 30.74 -10.67
C LEU E 259 -10.64 31.35 -9.82
N GLY E 260 -10.39 30.81 -8.64
CA GLY E 260 -9.30 31.28 -7.81
C GLY E 260 -9.67 32.52 -7.02
N ALA E 261 -8.82 32.85 -6.06
CA ALA E 261 -9.01 34.01 -5.20
C ALA E 261 -8.19 35.21 -5.67
N PHE E 262 -6.89 35.00 -5.93
CA PHE E 262 -6.06 36.10 -6.42
C PHE E 262 -6.41 36.49 -7.84
N LYS E 263 -6.88 35.53 -8.65
CA LYS E 263 -7.24 35.84 -10.03
C LYS E 263 -8.42 36.78 -10.10
N THR E 264 -9.44 36.57 -9.25
CA THR E 264 -10.55 37.50 -9.21
C THR E 264 -10.12 38.87 -8.70
N GLY E 265 -9.16 38.91 -7.77
CA GLY E 265 -8.61 40.19 -7.36
C GLY E 265 -7.92 40.91 -8.50
N ALA E 266 -7.17 40.16 -9.32
CA ALA E 266 -6.56 40.76 -10.51
C ALA E 266 -7.61 41.29 -11.46
N ALA E 267 -8.69 40.53 -11.66
CA ALA E 267 -9.75 40.98 -12.55
C ALA E 267 -10.41 42.25 -12.04
N ILE E 268 -10.64 42.33 -10.72
CA ILE E 268 -11.24 43.53 -10.15
C ILE E 268 -10.30 44.72 -10.25
N ALA E 269 -9.00 44.48 -10.07
CA ALA E 269 -8.03 45.56 -9.97
C ALA E 269 -7.49 46.04 -11.32
N THR E 270 -7.95 45.49 -12.43
CA THR E 270 -7.52 45.97 -13.75
C THR E 270 -8.22 47.29 -14.03
N ILE E 271 -7.62 48.38 -13.57
CA ILE E 271 -8.21 49.70 -13.74
C ILE E 271 -7.15 50.67 -14.27
N ASP E 272 -5.89 50.25 -14.24
CA ASP E 272 -4.78 51.15 -14.55
C ASP E 272 -4.74 51.43 -16.05
N ASP E 273 -5.15 52.64 -16.44
CA ASP E 273 -5.01 53.12 -17.80
C ASP E 273 -4.40 54.51 -17.82
N TRP E 274 -3.64 54.86 -16.78
CA TRP E 274 -2.97 56.14 -16.68
C TRP E 274 -1.53 56.09 -17.18
N TYR E 275 -1.03 54.92 -17.55
CA TYR E 275 0.35 54.79 -17.99
C TYR E 275 0.56 55.51 -19.32
N PRO E 276 1.78 55.92 -19.61
CA PRO E 276 2.03 56.67 -20.86
C PRO E 276 1.65 55.87 -22.09
N GLU E 277 1.10 56.57 -23.09
CA GLU E 277 0.55 55.96 -24.30
C GLU E 277 -0.39 54.81 -23.95
N ALA E 278 -1.35 55.09 -23.09
CA ALA E 278 -2.31 54.07 -22.67
C ALA E 278 -3.27 53.74 -23.78
N THR E 279 -3.51 52.45 -23.99
CA THR E 279 -4.48 52.00 -24.98
C THR E 279 -5.44 50.98 -24.37
N GLU E 280 -4.97 50.19 -23.42
CA GLU E 280 -5.77 49.17 -22.77
C GLU E 280 -5.48 49.18 -21.27
N PRO E 281 -6.51 49.02 -20.43
CA PRO E 281 -6.27 48.98 -18.98
C PRO E 281 -5.39 47.80 -18.58
N LEU E 282 -4.58 48.02 -17.56
CA LEU E 282 -3.68 47.01 -17.03
C LEU E 282 -3.98 46.76 -15.56
N ARG E 283 -3.50 45.64 -15.06
CA ARG E 283 -3.61 45.35 -13.64
C ARG E 283 -2.65 46.23 -12.86
N VAL E 284 -3.14 46.81 -11.76
CA VAL E 284 -2.32 47.74 -10.99
C VAL E 284 -1.14 47.00 -10.40
N GLY E 285 0.06 47.58 -10.58
CA GLY E 285 1.28 46.99 -10.07
C GLY E 285 2.33 48.08 -9.98
N ARG E 286 3.51 47.69 -9.49
CA ARG E 286 4.59 48.65 -9.35
C ARG E 286 5.05 49.17 -10.70
N PHE E 287 5.08 48.29 -11.71
CA PHE E 287 5.60 48.64 -13.02
C PHE E 287 4.58 48.51 -14.14
N GLY E 288 3.35 48.10 -13.83
CA GLY E 288 2.33 47.97 -14.85
C GLY E 288 2.66 46.92 -15.89
N VAL E 289 2.66 45.65 -15.48
CA VAL E 289 3.05 44.56 -16.36
C VAL E 289 1.89 44.26 -17.32
N HIS E 290 2.18 44.30 -18.61
CA HIS E 290 1.20 43.97 -19.64
C HIS E 290 1.46 42.56 -20.13
N ARG E 291 0.47 41.68 -19.97
CA ARG E 291 0.67 40.27 -20.29
C ARG E 291 0.66 40.02 -21.79
N GLU E 292 -0.19 40.74 -22.53
CA GLU E 292 -0.29 40.50 -23.96
C GLU E 292 1.01 40.83 -24.69
N ASP E 293 1.67 41.93 -24.30
CA ASP E 293 2.92 42.31 -24.91
C ASP E 293 4.14 41.78 -24.16
N VAL E 294 3.94 41.19 -22.98
CA VAL E 294 5.04 40.72 -22.13
C VAL E 294 6.05 41.84 -21.94
N THR E 295 5.58 43.01 -21.51
CA THR E 295 6.45 44.16 -21.31
C THR E 295 5.80 45.08 -20.28
N CYS E 296 6.61 45.58 -19.35
CA CYS E 296 6.12 46.52 -18.36
C CYS E 296 6.13 47.94 -18.92
N TYR E 297 4.98 48.60 -18.87
CA TYR E 297 4.86 49.92 -19.47
C TYR E 297 5.36 51.02 -18.54
N ARG E 298 5.17 50.87 -17.23
CA ARG E 298 5.71 51.82 -16.26
C ARG E 298 7.11 51.38 -15.82
N HIS E 299 8.02 51.33 -16.79
CA HIS E 299 9.38 50.94 -16.51
C HIS E 299 10.06 52.01 -15.64
N PRO E 300 10.97 51.61 -14.75
CA PRO E 300 11.63 52.60 -13.89
C PRO E 300 12.40 53.66 -14.67
N SER E 301 12.84 53.36 -15.89
CA SER E 301 13.52 54.37 -16.70
C SER E 301 12.57 55.49 -17.11
N THR E 302 11.30 55.17 -17.34
CA THR E 302 10.32 56.19 -17.71
C THR E 302 10.01 57.14 -16.58
N GLY E 303 10.38 56.80 -15.33
CA GLY E 303 10.09 57.67 -14.22
C GLY E 303 8.64 57.74 -13.83
N LYS E 304 7.84 56.73 -14.21
CA LYS E 304 6.42 56.70 -13.90
C LYS E 304 6.02 55.48 -13.09
N ASP E 305 6.98 54.69 -12.63
CA ASP E 305 6.66 53.51 -11.83
C ASP E 305 6.27 53.93 -10.42
N PHE E 306 5.78 52.94 -9.65
CA PHE E 306 5.26 53.23 -8.32
C PHE E 306 6.35 53.78 -7.40
N PHE E 307 7.54 53.19 -7.46
CA PHE E 307 8.61 53.63 -6.56
C PHE E 307 9.05 55.05 -6.87
N SER E 308 9.24 55.37 -8.16
CA SER E 308 9.63 56.72 -8.53
C SER E 308 8.54 57.73 -8.19
N ILE E 309 7.27 57.33 -8.35
CA ILE E 309 6.18 58.21 -7.97
C ILE E 309 6.15 58.43 -6.47
N LEU E 310 6.40 57.37 -5.69
CA LEU E 310 6.36 57.49 -4.24
C LEU E 310 7.53 58.30 -3.70
N GLN E 311 8.66 58.32 -4.42
CA GLN E 311 9.82 59.06 -3.95
C GLN E 311 9.54 60.56 -3.81
N GLN E 312 8.54 61.09 -4.51
CA GLN E 312 8.18 62.50 -4.45
C GLN E 312 6.84 62.71 -3.75
N ALA E 313 6.60 61.94 -2.68
CA ALA E 313 5.37 62.11 -1.91
C ALA E 313 5.30 63.49 -1.27
N GLU E 314 6.46 64.02 -0.85
CA GLU E 314 6.49 65.36 -0.28
C GLU E 314 6.11 66.41 -1.32
N HIS E 315 6.62 66.25 -2.55
CA HIS E 315 6.24 67.18 -3.62
C HIS E 315 4.75 67.08 -3.92
N TYR E 316 4.20 65.87 -3.92
CA TYR E 316 2.76 65.73 -4.15
C TYR E 316 1.96 66.36 -3.01
N ILE E 317 2.45 66.24 -1.78
CA ILE E 317 1.80 66.89 -0.64
C ILE E 317 1.77 68.39 -0.84
N GLU E 318 2.92 68.98 -1.21
CA GLU E 318 2.96 70.42 -1.40
C GLU E 318 2.13 70.85 -2.60
N VAL E 319 1.96 69.97 -3.60
CA VAL E 319 1.12 70.29 -4.75
C VAL E 319 -0.35 70.31 -4.35
N LEU E 320 -0.79 69.32 -3.58
CA LEU E 320 -2.20 69.25 -3.21
C LEU E 320 -2.59 70.42 -2.30
N SER E 321 -1.68 70.85 -1.42
CA SER E 321 -1.99 71.93 -0.50
C SER E 321 -1.99 73.26 -1.23
N ALA E 322 -2.99 73.47 -2.08
CA ALA E 322 -3.13 74.70 -2.86
C ALA E 322 -4.60 74.88 -3.19
N ASN E 323 -4.89 75.84 -4.07
CA ASN E 323 -6.28 76.11 -4.44
C ASN E 323 -6.84 75.04 -5.36
N LYS E 324 -6.04 74.58 -6.32
CA LYS E 324 -6.51 73.57 -7.27
C LYS E 324 -5.34 72.73 -7.73
N THR E 325 -5.63 71.50 -8.15
CA THR E 325 -4.61 70.62 -8.70
C THR E 325 -4.08 71.21 -10.02
N PRO E 326 -2.80 70.99 -10.32
CA PRO E 326 -2.21 71.58 -11.53
C PRO E 326 -2.84 71.06 -12.82
N ALA E 327 -2.84 69.75 -13.01
CA ALA E 327 -3.33 69.18 -14.26
C ALA E 327 -3.60 67.69 -14.04
N GLN E 328 -4.06 67.03 -15.10
CA GLN E 328 -4.33 65.60 -15.04
C GLN E 328 -3.06 64.78 -14.88
N GLU E 329 -1.89 65.36 -15.15
CA GLU E 329 -0.64 64.62 -14.98
C GLU E 329 -0.42 64.25 -13.54
N THR E 330 -0.69 65.17 -12.61
CA THR E 330 -0.57 64.86 -11.19
C THR E 330 -1.73 63.99 -10.72
N ILE E 331 -2.92 64.22 -11.28
CA ILE E 331 -4.09 63.45 -10.88
C ILE E 331 -3.89 61.97 -11.21
N ASN E 332 -3.37 61.69 -12.40
CA ASN E 332 -3.15 60.30 -12.79
C ASN E 332 -2.12 59.63 -11.89
N ASP E 333 -1.03 60.34 -11.56
CA ASP E 333 -0.04 59.78 -10.66
C ASP E 333 -0.61 59.52 -9.28
N MET E 334 -1.45 60.44 -8.79
CA MET E 334 -2.10 60.22 -7.49
C MET E 334 -3.03 59.03 -7.52
N HIS E 335 -3.80 58.89 -8.60
CA HIS E 335 -4.68 57.72 -8.73
C HIS E 335 -3.88 56.43 -8.74
N PHE E 336 -2.76 56.41 -9.47
CA PHE E 336 -1.93 55.22 -9.52
C PHE E 336 -1.33 54.90 -8.16
N LEU E 337 -0.85 55.92 -7.44
CA LEU E 337 -0.29 55.70 -6.12
C LEU E 337 -1.34 55.16 -5.16
N MET E 338 -2.54 55.72 -5.20
CA MET E 338 -3.60 55.25 -4.31
C MET E 338 -4.03 53.82 -4.66
N ALA E 339 -4.06 53.49 -5.95
CA ALA E 339 -4.38 52.13 -6.34
C ALA E 339 -3.32 51.16 -5.83
N ASN E 340 -2.05 51.53 -5.91
CA ASN E 340 -0.99 50.67 -5.39
C ASN E 340 -1.09 50.52 -3.88
N LEU E 341 -1.40 51.60 -3.17
CA LEU E 341 -1.58 51.51 -1.73
C LEU E 341 -2.75 50.59 -1.38
N ILE E 342 -3.82 50.66 -2.17
CA ILE E 342 -4.96 49.77 -1.96
C ILE E 342 -4.55 48.32 -2.18
N LYS E 343 -3.77 48.06 -3.23
CA LYS E 343 -3.31 46.70 -3.49
C LYS E 343 -2.44 46.19 -2.35
N GLY E 344 -1.56 47.04 -1.82
CA GLY E 344 -0.72 46.65 -0.72
C GLY E 344 0.55 45.95 -1.16
N GLY E 345 1.28 45.45 -0.17
CA GLY E 345 2.52 44.75 -0.37
C GLY E 345 3.61 45.31 0.52
N MET E 346 4.85 44.99 0.19
CA MET E 346 6.01 45.52 0.88
C MET E 346 6.78 46.42 -0.06
N PHE E 347 7.00 47.66 0.34
CA PHE E 347 7.74 48.64 -0.46
C PHE E 347 9.15 48.85 0.05
N GLN E 348 9.62 48.01 0.97
CA GLN E 348 10.95 48.13 1.50
C GLN E 348 11.99 47.70 0.46
N HIS E 349 13.24 48.06 0.74
CA HIS E 349 14.34 47.68 -0.16
C HIS E 349 14.92 46.34 0.26
N LYS F 2 12.92 36.15 -37.45
CA LYS F 2 11.60 36.78 -37.53
C LYS F 2 10.71 36.34 -36.37
N LEU F 3 10.68 35.03 -36.13
CA LEU F 3 9.83 34.50 -35.06
C LEU F 3 10.38 34.90 -33.70
N PRO F 4 9.59 35.56 -32.86
CA PRO F 4 10.06 35.92 -31.53
C PRO F 4 10.02 34.74 -30.57
N THR F 5 10.56 34.97 -29.37
CA THR F 5 10.61 33.92 -28.36
C THR F 5 9.24 33.63 -27.76
N ASN F 6 8.27 34.52 -27.92
CA ASN F 6 6.91 34.30 -27.46
C ASN F 6 5.93 34.77 -28.52
N LEU F 7 5.07 33.86 -29.00
CA LEU F 7 4.03 34.22 -29.96
C LEU F 7 2.97 33.14 -29.90
N ALA F 8 1.73 33.53 -29.59
CA ALA F 8 0.66 32.56 -29.44
C ALA F 8 -0.64 33.18 -29.94
N TYR F 9 -1.47 32.36 -30.56
CA TYR F 9 -2.76 32.77 -31.08
C TYR F 9 -3.84 31.88 -30.51
N GLU F 10 -4.87 32.48 -29.92
CA GLU F 10 -6.01 31.73 -29.44
C GLU F 10 -6.91 31.36 -30.62
N ARG F 11 -7.51 30.18 -30.54
CA ARG F 11 -8.35 29.70 -31.64
C ARG F 11 -9.55 30.61 -31.85
N SER F 12 -9.95 30.75 -33.10
CA SER F 12 -11.11 31.57 -33.45
C SER F 12 -12.39 30.75 -33.64
N ILE F 13 -12.30 29.43 -33.58
CA ILE F 13 -13.45 28.55 -33.74
C ILE F 13 -13.48 27.60 -32.54
N ASP F 14 -14.62 27.53 -31.86
CA ASP F 14 -14.75 26.76 -30.62
C ASP F 14 -15.93 25.81 -30.69
N PRO F 15 -15.74 24.61 -31.22
CA PRO F 15 -16.84 23.62 -31.24
C PRO F 15 -17.10 23.01 -29.88
N SER F 16 -18.00 22.03 -29.82
CA SER F 16 -18.35 21.37 -28.57
C SER F 16 -18.64 19.91 -28.85
N ASP F 17 -18.94 19.16 -27.79
CA ASP F 17 -19.22 17.74 -27.92
C ASP F 17 -20.52 17.51 -28.67
N VAL F 18 -20.62 16.35 -29.32
CA VAL F 18 -21.81 15.93 -30.04
C VAL F 18 -22.53 14.90 -29.21
N CYS F 19 -23.80 15.16 -28.89
CA CYS F 19 -24.59 14.28 -28.05
C CYS F 19 -25.53 13.46 -28.93
N PHE F 20 -25.37 12.13 -28.87
CA PHE F 20 -26.20 11.24 -29.67
C PHE F 20 -27.50 10.96 -28.93
N PHE F 21 -28.62 11.10 -29.64
CA PHE F 21 -29.94 10.88 -29.07
C PHE F 21 -30.75 10.01 -30.01
N VAL F 22 -31.50 9.08 -29.45
CA VAL F 22 -32.36 8.17 -30.22
C VAL F 22 -33.78 8.71 -30.17
N VAL F 23 -34.38 8.88 -31.34
CA VAL F 23 -35.74 9.42 -31.45
C VAL F 23 -36.69 8.27 -31.70
N TRP F 24 -37.47 7.92 -30.69
CA TRP F 24 -38.49 6.89 -30.81
C TRP F 24 -39.71 7.46 -31.53
N PRO F 25 -40.53 6.59 -32.15
CA PRO F 25 -41.73 7.07 -32.85
C PRO F 25 -42.74 7.74 -31.93
N ARG F 28 -40.44 11.04 -28.58
CA ARG F 28 -39.72 10.70 -27.36
C ARG F 28 -38.25 10.41 -27.66
N LYS F 29 -37.36 11.14 -26.97
CA LYS F 29 -35.93 11.02 -27.17
C LYS F 29 -35.27 10.51 -25.90
N THR F 30 -34.40 9.52 -26.05
CA THR F 30 -33.63 8.96 -24.95
C THR F 30 -32.17 8.89 -25.34
N PRO F 31 -31.26 9.04 -24.37
CA PRO F 31 -29.83 9.00 -24.70
C PRO F 31 -29.42 7.65 -25.28
N LEU F 32 -28.50 7.69 -26.23
CA LEU F 32 -27.93 6.46 -26.76
C LEU F 32 -27.03 5.81 -25.72
N THR F 33 -27.04 4.48 -25.69
CA THR F 33 -26.26 3.74 -24.72
C THR F 33 -25.47 2.64 -25.40
N TYR F 34 -24.28 2.35 -24.86
CA TYR F 34 -23.40 1.35 -25.41
C TYR F 34 -22.96 0.40 -24.30
N ASN F 35 -22.61 -0.82 -24.69
CA ASN F 35 -22.16 -1.84 -23.76
C ASN F 35 -20.90 -2.51 -24.28
N SER F 36 -20.07 -3.00 -23.36
CA SER F 36 -18.84 -3.67 -23.73
C SER F 36 -19.14 -5.11 -24.12
N ARG F 37 -18.89 -5.44 -25.39
CA ARG F 37 -19.18 -6.77 -25.91
C ARG F 37 -17.89 -7.55 -26.06
N THR F 38 -17.84 -8.73 -25.46
CA THR F 38 -16.69 -9.61 -25.57
C THR F 38 -16.84 -10.51 -26.80
N LEU F 39 -15.74 -10.68 -27.53
CA LEU F 39 -15.76 -11.37 -28.81
C LEU F 39 -14.54 -12.27 -28.93
N LEU F 40 -14.65 -13.27 -29.80
CA LEU F 40 -13.60 -14.25 -30.02
C LEU F 40 -13.22 -14.24 -31.50
N GLY F 41 -12.13 -13.56 -31.83
CA GLY F 41 -11.60 -13.56 -33.18
C GLY F 41 -10.66 -14.72 -33.41
N GLN F 42 -10.09 -14.75 -34.62
CA GLN F 42 -9.13 -15.76 -35.00
C GLN F 42 -7.73 -15.15 -35.08
N MET F 43 -6.74 -16.02 -35.20
CA MET F 43 -5.34 -15.61 -35.25
C MET F 43 -5.02 -15.13 -36.67
N GLU F 44 -5.25 -13.84 -36.90
CA GLU F 44 -4.99 -13.23 -38.20
C GLU F 44 -3.95 -12.12 -38.10
N ALA F 45 -2.97 -12.30 -37.21
CA ALA F 45 -1.90 -11.32 -37.03
C ALA F 45 -0.72 -11.71 -37.89
N ALA F 46 -0.25 -10.75 -38.70
CA ALA F 46 0.82 -11.04 -39.65
C ALA F 46 2.12 -11.40 -38.94
N SER F 47 2.48 -10.67 -37.88
CA SER F 47 3.71 -10.95 -37.16
C SER F 47 3.61 -12.19 -36.28
N LEU F 48 2.41 -12.71 -36.06
CA LEU F 48 2.24 -13.89 -35.23
C LEU F 48 2.60 -15.17 -35.97
N ALA F 49 2.63 -15.15 -37.30
CA ALA F 49 2.86 -16.36 -38.07
C ALA F 49 3.94 -16.21 -39.15
N TYR F 50 4.64 -15.08 -39.20
CA TYR F 50 5.63 -14.89 -40.25
C TYR F 50 6.92 -14.22 -39.77
N ASP F 51 7.11 -14.05 -38.46
CA ASP F 51 8.27 -13.34 -37.92
C ASP F 51 8.42 -11.98 -38.58
N VAL F 52 9.65 -11.57 -38.86
CA VAL F 52 9.91 -10.33 -39.57
C VAL F 52 10.74 -10.64 -40.82
N SER F 53 10.21 -10.26 -41.98
CA SER F 53 10.89 -10.37 -43.27
C SER F 53 11.67 -11.67 -43.41
N GLY F 54 11.01 -12.78 -43.13
CA GLY F 54 11.69 -14.05 -43.15
C GLY F 54 10.74 -15.21 -43.30
N GLN F 55 11.29 -16.41 -43.11
CA GLN F 55 10.53 -17.63 -43.23
C GLN F 55 9.51 -17.75 -42.10
N PRO F 56 8.45 -18.55 -42.29
CA PRO F 56 7.46 -18.71 -41.22
C PRO F 56 8.08 -19.26 -39.95
N ILE F 57 7.58 -18.79 -38.81
CA ILE F 57 8.06 -19.27 -37.53
C ILE F 57 7.71 -20.74 -37.35
N LYS F 58 8.68 -21.53 -36.89
CA LYS F 58 8.52 -22.97 -36.83
C LYS F 58 7.39 -23.39 -35.90
N SER F 59 7.25 -22.70 -34.76
CA SER F 59 6.25 -23.08 -33.77
C SER F 59 4.82 -22.80 -34.22
N ALA F 60 4.63 -22.09 -35.34
CA ALA F 60 3.29 -21.77 -35.82
C ALA F 60 2.73 -22.99 -36.56
N THR F 61 2.28 -23.96 -35.77
CA THR F 61 1.66 -25.16 -36.31
C THR F 61 0.23 -24.85 -36.73
N ALA F 62 -0.48 -25.89 -37.20
CA ALA F 62 -1.86 -25.71 -37.64
C ALA F 62 -2.75 -25.29 -36.47
N GLU F 63 -2.58 -25.91 -35.31
CA GLU F 63 -3.44 -25.61 -34.17
C GLU F 63 -3.19 -24.21 -33.63
N ALA F 64 -1.91 -23.81 -33.53
CA ALA F 64 -1.58 -22.52 -32.94
C ALA F 64 -2.16 -21.38 -33.75
N LEU F 65 -2.08 -21.45 -35.07
CA LEU F 65 -2.61 -20.39 -35.92
C LEU F 65 -4.12 -20.43 -36.04
N ALA F 66 -4.77 -21.49 -35.57
CA ALA F 66 -6.22 -21.62 -35.67
C ALA F 66 -6.91 -21.58 -34.32
N GLN F 67 -6.16 -21.37 -33.23
CA GLN F 67 -6.79 -21.14 -31.93
C GLN F 67 -7.55 -19.82 -31.96
N GLY F 68 -8.34 -19.60 -30.91
CA GLY F 68 -9.16 -18.40 -30.79
C GLY F 68 -8.59 -17.45 -29.74
N ASN F 69 -8.39 -16.20 -30.14
CA ASN F 69 -7.88 -15.17 -29.24
C ASN F 69 -9.01 -14.21 -28.89
N PRO F 70 -9.45 -14.14 -27.64
CA PRO F 70 -10.59 -13.29 -27.30
C PRO F 70 -10.20 -11.82 -27.33
N HIS F 71 -11.23 -10.97 -27.47
CA HIS F 71 -11.08 -9.53 -27.43
C HIS F 71 -12.31 -8.93 -26.76
N GLN F 72 -12.14 -7.70 -26.27
CA GLN F 72 -13.24 -6.98 -25.62
C GLN F 72 -13.35 -5.61 -26.26
N VAL F 73 -14.49 -5.34 -26.89
CA VAL F 73 -14.75 -4.06 -27.54
C VAL F 73 -16.09 -3.52 -27.05
N ASP F 74 -16.27 -2.22 -27.23
CA ASP F 74 -17.52 -1.55 -26.90
C ASP F 74 -18.38 -1.46 -28.14
N PHE F 75 -19.58 -2.02 -28.08
CA PHE F 75 -20.48 -2.09 -29.23
C PHE F 75 -21.64 -1.14 -29.00
N CYS F 76 -21.81 -0.19 -29.94
CA CYS F 76 -22.90 0.76 -29.89
C CYS F 76 -23.70 0.64 -31.18
N HIS F 77 -25.03 0.51 -31.04
CA HIS F 77 -25.89 0.32 -32.20
C HIS F 77 -27.25 0.95 -31.93
N VAL F 78 -27.94 1.28 -33.02
CA VAL F 78 -29.29 1.84 -32.91
C VAL F 78 -30.24 0.76 -32.40
N PRO F 79 -31.04 1.03 -31.38
CA PRO F 79 -31.97 0.01 -30.89
C PRO F 79 -33.05 -0.30 -31.90
N TYR F 80 -33.54 -1.54 -31.86
CA TYR F 80 -34.62 -1.94 -32.73
C TYR F 80 -35.90 -1.20 -32.36
N GLY F 81 -36.65 -0.78 -33.37
CA GLY F 81 -37.89 -0.06 -33.16
C GLY F 81 -37.74 1.44 -33.10
N ALA F 82 -36.53 1.97 -33.19
CA ALA F 82 -36.31 3.41 -33.18
C ALA F 82 -36.71 4.00 -34.53
N SER F 83 -36.55 5.30 -34.68
CA SER F 83 -36.84 5.98 -35.93
C SER F 83 -35.61 6.59 -36.58
N HIS F 84 -34.87 7.43 -35.85
CA HIS F 84 -33.69 8.07 -36.41
C HIS F 84 -32.83 8.61 -35.28
N ILE F 85 -31.52 8.51 -35.45
CA ILE F 85 -30.58 9.07 -34.48
C ILE F 85 -30.49 10.58 -34.68
N GLU F 86 -30.45 11.32 -33.58
CA GLU F 86 -30.35 12.77 -33.60
C GLU F 86 -29.08 13.20 -32.88
N CYS F 87 -28.30 14.06 -33.52
CA CYS F 87 -27.05 14.57 -32.95
C CYS F 87 -27.07 16.08 -32.97
N SER F 88 -26.55 16.69 -31.90
CA SER F 88 -26.57 18.14 -31.76
C SER F 88 -25.31 18.63 -31.08
N PHE F 89 -24.83 19.80 -31.51
CA PHE F 89 -23.68 20.45 -30.91
C PHE F 89 -23.72 21.92 -31.26
N SER F 90 -22.80 22.69 -30.67
CA SER F 90 -22.76 24.14 -30.88
C SER F 90 -21.34 24.58 -31.19
N VAL F 91 -21.20 25.44 -32.21
CA VAL F 91 -19.91 25.97 -32.62
C VAL F 91 -20.06 27.48 -32.76
N SER F 92 -19.03 28.23 -32.34
CA SER F 92 -19.06 29.68 -32.34
C SER F 92 -17.83 30.23 -33.04
N PHE F 93 -18.02 31.32 -33.78
CA PHE F 93 -16.96 31.99 -34.51
C PHE F 93 -16.67 33.33 -33.85
N SER F 94 -15.41 33.56 -33.48
CA SER F 94 -15.01 34.78 -32.81
C SER F 94 -13.89 35.47 -33.58
N SER F 95 -13.55 36.68 -33.15
CA SER F 95 -12.56 37.52 -33.80
C SER F 95 -11.25 37.57 -33.03
N GLU F 96 -10.82 36.44 -32.47
CA GLU F 96 -9.59 36.39 -31.69
C GLU F 96 -8.34 36.24 -32.53
N LEU F 97 -8.48 36.14 -33.86
CA LEU F 97 -7.33 36.02 -34.75
C LEU F 97 -6.71 37.37 -35.10
N ARG F 98 -7.39 38.48 -34.78
CA ARG F 98 -6.89 39.79 -35.20
C ARG F 98 -5.62 40.18 -34.45
N GLN F 99 -5.57 39.91 -33.15
CA GLN F 99 -4.43 40.28 -32.34
C GLN F 99 -3.86 39.06 -31.64
N PRO F 100 -2.55 38.85 -31.67
CA PRO F 100 -1.98 37.65 -31.04
C PRO F 100 -2.17 37.65 -29.53
N TYR F 101 -2.29 36.44 -28.99
CA TYR F 101 -2.44 36.29 -27.55
C TYR F 101 -1.21 36.81 -26.80
N LYS F 102 -0.02 36.51 -27.32
CA LYS F 102 1.23 37.02 -26.78
C LYS F 102 2.15 37.41 -27.92
N CYS F 103 3.04 38.36 -27.65
CA CYS F 103 4.05 38.76 -28.64
C CYS F 103 5.18 39.46 -27.90
N ASN F 104 6.38 38.87 -27.95
CA ASN F 104 7.52 39.48 -27.28
C ASN F 104 7.90 40.82 -27.90
N SER F 105 7.87 40.91 -29.22
CA SER F 105 8.32 42.09 -29.94
C SER F 105 7.14 42.83 -30.55
N SER F 106 7.12 44.15 -30.40
CA SER F 106 6.02 44.95 -30.91
C SER F 106 6.05 45.06 -32.44
N LYS F 107 7.18 44.77 -33.07
CA LYS F 107 7.24 44.84 -34.53
C LYS F 107 6.53 43.65 -35.17
N VAL F 108 6.61 42.48 -34.56
CA VAL F 108 5.91 41.32 -35.10
C VAL F 108 4.40 41.48 -34.99
N LYS F 109 3.93 42.02 -33.86
CA LYS F 109 2.50 42.22 -33.68
C LYS F 109 1.93 43.18 -34.71
N GLN F 110 2.65 44.29 -34.96
CA GLN F 110 2.19 45.24 -35.97
C GLN F 110 2.14 44.61 -37.35
N THR F 111 3.16 43.81 -37.68
CA THR F 111 3.17 43.14 -38.98
C THR F 111 2.00 42.18 -39.11
N LEU F 112 1.71 41.39 -38.07
CA LEU F 112 0.60 40.44 -38.14
C LEU F 112 -0.74 41.16 -38.25
N VAL F 113 -0.94 42.22 -37.48
CA VAL F 113 -2.21 42.95 -37.55
C VAL F 113 -2.37 43.60 -38.92
N GLN F 114 -1.30 44.19 -39.45
CA GLN F 114 -1.37 44.79 -40.78
C GLN F 114 -1.67 43.74 -41.85
N LEU F 115 -1.06 42.57 -41.74
CA LEU F 115 -1.32 41.51 -42.70
C LEU F 115 -2.77 41.05 -42.64
N VAL F 116 -3.32 40.90 -41.43
CA VAL F 116 -4.71 40.49 -41.30
C VAL F 116 -5.64 41.54 -41.90
N GLU F 117 -5.39 42.82 -41.61
CA GLU F 117 -6.23 43.88 -42.16
C GLU F 117 -6.14 43.95 -43.68
N LEU F 118 -4.93 43.79 -44.21
CA LEU F 118 -4.77 43.82 -45.67
C LEU F 118 -5.48 42.64 -46.32
N TYR F 119 -5.39 41.44 -45.72
CA TYR F 119 -6.11 40.30 -46.24
C TYR F 119 -7.62 40.55 -46.23
N GLU F 120 -8.13 41.09 -45.11
CA GLU F 120 -9.55 41.36 -45.02
C GLU F 120 -10.00 42.37 -46.07
N THR F 121 -9.21 43.41 -46.30
CA THR F 121 -9.60 44.44 -47.27
C THR F 121 -9.45 43.97 -48.70
N LYS F 122 -8.48 43.09 -48.99
CA LYS F 122 -8.18 42.71 -50.37
C LYS F 122 -8.92 41.45 -50.79
N ILE F 123 -8.70 40.35 -50.10
CA ILE F 123 -9.26 39.06 -50.53
C ILE F 123 -10.64 38.83 -49.94
N GLY F 124 -10.83 39.13 -48.66
CA GLY F 124 -12.12 38.94 -48.02
C GLY F 124 -12.21 37.61 -47.31
N TRP F 125 -13.10 37.56 -46.33
CA TRP F 125 -13.32 36.37 -45.52
C TRP F 125 -14.29 35.40 -46.16
N THR F 126 -14.81 35.71 -47.35
CA THR F 126 -15.88 34.90 -47.93
C THR F 126 -15.43 33.47 -48.23
N GLU F 127 -14.20 33.31 -48.73
CA GLU F 127 -13.73 31.97 -49.08
C GLU F 127 -13.60 31.08 -47.86
N LEU F 128 -12.93 31.57 -46.82
CA LEU F 128 -12.77 30.78 -45.60
C LEU F 128 -14.10 30.53 -44.92
N ALA F 129 -14.96 31.55 -44.89
CA ALA F 129 -16.28 31.39 -44.27
C ALA F 129 -17.09 30.32 -44.99
N THR F 130 -17.09 30.34 -46.32
CA THR F 130 -17.82 29.34 -47.08
C THR F 130 -17.22 27.94 -46.88
N ARG F 131 -15.89 27.85 -46.86
CA ARG F 131 -15.25 26.55 -46.68
C ARG F 131 -15.53 25.96 -45.30
N TYR F 132 -15.64 26.80 -44.27
CA TYR F 132 -16.00 26.30 -42.95
C TYR F 132 -17.48 25.93 -42.88
N LEU F 133 -18.34 26.77 -43.45
CA LEU F 133 -19.77 26.54 -43.36
C LEU F 133 -20.20 25.32 -44.16
N MET F 134 -19.51 25.03 -45.26
CA MET F 134 -19.80 23.82 -46.02
C MET F 134 -19.55 22.58 -45.18
N ASN F 135 -18.41 22.55 -44.47
CA ASN F 135 -18.12 21.41 -43.61
C ASN F 135 -19.08 21.34 -42.43
N ILE F 136 -19.51 22.48 -41.91
CA ILE F 136 -20.48 22.48 -40.82
C ILE F 136 -21.82 21.91 -41.30
N CYS F 137 -22.27 22.33 -42.48
CA CYS F 137 -23.63 22.07 -42.93
C CYS F 137 -23.78 20.88 -43.87
N ASN F 138 -22.69 20.16 -44.16
CA ASN F 138 -22.78 18.97 -45.01
C ASN F 138 -22.54 17.68 -44.23
N GLY F 139 -22.51 17.73 -42.91
CA GLY F 139 -22.33 16.54 -42.12
C GLY F 139 -20.93 15.99 -42.06
N LYS F 140 -19.92 16.80 -42.39
CA LYS F 140 -18.54 16.35 -42.24
C LYS F 140 -18.19 16.08 -40.79
N TRP F 141 -18.85 16.77 -39.86
CA TRP F 141 -18.60 16.56 -38.44
C TRP F 141 -19.13 15.23 -37.94
N LEU F 142 -19.97 14.54 -38.71
CA LEU F 142 -20.46 13.22 -38.34
C LEU F 142 -19.47 12.10 -38.63
N TRP F 143 -18.43 12.38 -39.42
CA TRP F 143 -17.34 11.44 -39.69
C TRP F 143 -17.91 10.20 -40.35
N LYS F 144 -17.71 9.00 -39.79
CA LYS F 144 -18.09 7.76 -40.47
C LYS F 144 -19.58 7.45 -40.36
N ASN F 145 -20.34 8.20 -39.57
CA ASN F 145 -21.77 7.93 -39.47
C ASN F 145 -22.52 8.33 -40.74
N THR F 146 -21.93 9.17 -41.59
CA THR F 146 -22.59 9.55 -42.83
C THR F 146 -22.75 8.35 -43.76
N ARG F 147 -21.71 7.54 -43.88
CA ARG F 147 -21.76 6.35 -44.73
C ARG F 147 -22.77 5.35 -44.16
N LYS F 148 -23.36 4.57 -45.06
CA LYS F 148 -24.33 3.54 -44.70
C LYS F 148 -25.52 4.14 -43.96
N ALA F 149 -25.96 5.32 -44.40
CA ALA F 149 -27.13 5.99 -43.85
C ALA F 149 -28.05 6.38 -44.99
N TYR F 150 -29.36 6.31 -44.74
CA TYR F 150 -30.33 6.62 -45.78
C TYR F 150 -30.30 8.10 -46.15
N CYS F 151 -30.34 8.98 -45.16
CA CYS F 151 -30.28 10.41 -45.38
C CYS F 151 -29.98 11.09 -44.05
N TRP F 152 -29.51 12.32 -44.13
CA TRP F 152 -29.27 13.11 -42.92
C TRP F 152 -29.53 14.57 -43.23
N ASN F 153 -30.25 15.25 -42.33
CA ASN F 153 -30.60 16.65 -42.48
C ASN F 153 -30.02 17.44 -41.32
N ILE F 154 -29.27 18.49 -41.62
CA ILE F 154 -28.66 19.35 -40.62
C ILE F 154 -29.44 20.65 -40.55
N VAL F 155 -30.08 20.90 -39.40
CA VAL F 155 -30.82 22.12 -39.14
C VAL F 155 -30.08 22.86 -38.03
N LEU F 156 -29.64 24.09 -38.32
CA LEU F 156 -28.84 24.87 -37.40
C LEU F 156 -29.53 26.18 -37.07
N THR F 157 -29.41 26.62 -35.82
CA THR F 157 -30.04 27.83 -35.34
C THR F 157 -28.98 28.88 -35.06
N PRO F 158 -28.71 29.79 -35.98
CA PRO F 158 -27.62 30.76 -35.78
C PRO F 158 -28.00 31.82 -34.76
N TRP F 159 -26.99 32.62 -34.39
CA TRP F 159 -27.15 33.71 -33.45
C TRP F 159 -26.07 34.75 -33.72
N PRO F 160 -26.42 36.05 -33.78
CA PRO F 160 -27.76 36.63 -33.64
C PRO F 160 -28.61 36.40 -34.88
N TRP F 161 -29.89 36.10 -34.71
CA TRP F 161 -30.76 35.72 -35.80
C TRP F 161 -32.19 36.12 -35.47
N ASN F 162 -32.96 36.38 -36.51
CA ASN F 162 -34.37 36.72 -36.33
C ASN F 162 -35.29 36.00 -37.30
N GLY F 163 -34.76 35.19 -38.21
CA GLY F 163 -35.56 34.45 -39.15
C GLY F 163 -35.87 33.05 -38.69
N GLU F 164 -36.28 32.22 -39.64
CA GLU F 164 -36.64 30.83 -39.37
C GLU F 164 -35.40 29.95 -39.34
N LYS F 165 -35.61 28.65 -39.18
CA LYS F 165 -34.50 27.70 -39.22
C LYS F 165 -33.92 27.63 -40.62
N VAL F 166 -32.67 27.16 -40.70
CA VAL F 166 -31.94 27.21 -41.97
C VAL F 166 -32.50 26.19 -42.95
N GLY F 167 -32.49 24.91 -42.59
CA GLY F 167 -32.99 23.89 -43.50
C GLY F 167 -32.01 22.77 -43.76
N PHE F 168 -31.52 22.67 -45.00
CA PHE F 168 -30.55 21.65 -45.41
C PHE F 168 -31.13 20.25 -45.21
N GLU F 169 -32.18 19.97 -45.99
CA GLU F 169 -32.88 18.70 -45.93
C GLU F 169 -32.38 17.75 -47.01
N ASP F 170 -32.14 16.49 -46.64
CA ASP F 170 -31.72 15.44 -47.57
C ASP F 170 -30.42 15.82 -48.29
N ILE F 171 -29.36 15.95 -47.49
CA ILE F 171 -28.07 16.42 -48.01
C ILE F 171 -27.41 15.39 -48.93
N ARG F 172 -27.84 14.13 -48.88
CA ARG F 172 -27.23 13.11 -49.73
C ARG F 172 -27.29 13.49 -51.20
N THR F 173 -28.40 14.09 -51.63
CA THR F 173 -28.58 14.43 -53.04
C THR F 173 -28.93 15.89 -53.29
N ASN F 174 -29.45 16.63 -52.30
CA ASN F 174 -29.88 17.99 -52.53
C ASN F 174 -28.81 19.03 -52.25
N TYR F 175 -27.66 18.64 -51.69
CA TYR F 175 -26.59 19.57 -51.39
C TYR F 175 -25.24 18.97 -51.75
N THR F 176 -25.14 18.44 -52.97
CA THR F 176 -23.95 17.72 -53.39
C THR F 176 -22.74 18.64 -53.52
N SER F 177 -22.92 19.79 -54.16
CA SER F 177 -21.79 20.63 -54.55
C SER F 177 -21.87 22.00 -53.88
N ARG F 178 -20.79 22.77 -54.04
CA ARG F 178 -20.71 24.09 -53.42
C ARG F 178 -21.72 25.06 -54.03
N GLN F 179 -21.81 25.09 -55.36
CA GLN F 179 -22.79 25.96 -56.01
C GLN F 179 -24.21 25.56 -55.61
N ASP F 180 -24.44 24.25 -55.46
CA ASP F 180 -25.74 23.77 -55.01
C ASP F 180 -26.03 24.15 -53.57
N PHE F 181 -24.99 24.48 -52.79
CA PHE F 181 -25.23 24.98 -51.43
C PHE F 181 -25.73 26.41 -51.45
N LYS F 182 -25.16 27.26 -52.30
CA LYS F 182 -25.51 28.67 -52.33
C LYS F 182 -26.92 28.91 -52.88
N ASN F 183 -27.55 27.89 -53.46
CA ASN F 183 -28.93 28.03 -53.92
C ASN F 183 -29.93 28.11 -52.77
N ASN F 184 -29.49 27.86 -51.54
CA ASN F 184 -30.37 28.00 -50.39
C ASN F 184 -30.79 29.46 -50.21
N LYS F 185 -32.02 29.65 -49.73
CA LYS F 185 -32.53 31.00 -49.55
C LYS F 185 -31.80 31.74 -48.42
N ASN F 186 -31.42 31.02 -47.37
CA ASN F 186 -30.76 31.62 -46.21
C ASN F 186 -29.27 31.25 -46.17
N TRP F 187 -28.62 31.19 -47.32
CA TRP F 187 -27.19 30.92 -47.35
C TRP F 187 -26.36 32.21 -47.29
N SER F 188 -26.68 33.18 -48.15
CA SER F 188 -25.92 34.43 -48.15
C SER F 188 -26.06 35.18 -46.84
N ALA F 189 -27.17 34.96 -46.12
CA ALA F 189 -27.36 35.65 -44.85
C ALA F 189 -26.47 35.07 -43.75
N ILE F 190 -26.35 33.75 -43.69
CA ILE F 190 -25.58 33.15 -42.61
C ILE F 190 -24.08 33.22 -42.89
N VAL F 191 -23.68 33.28 -44.16
CA VAL F 191 -22.27 33.46 -44.47
C VAL F 191 -21.81 34.86 -44.06
N GLU F 192 -22.69 35.85 -44.18
CA GLU F 192 -22.34 37.22 -43.80
C GLU F 192 -22.01 37.32 -42.32
N MET F 193 -22.73 36.58 -41.48
CA MET F 193 -22.48 36.65 -40.04
C MET F 193 -21.08 36.20 -39.70
N ILE F 194 -20.59 35.14 -40.35
CA ILE F 194 -19.22 34.70 -40.12
C ILE F 194 -18.23 35.76 -40.57
N LYS F 195 -18.48 36.39 -41.72
CA LYS F 195 -17.60 37.44 -42.21
C LYS F 195 -17.55 38.61 -41.25
N THR F 196 -18.71 39.05 -40.75
CA THR F 196 -18.72 40.14 -39.78
C THR F 196 -18.12 39.70 -38.46
N ALA F 197 -18.30 38.43 -38.08
CA ALA F 197 -17.67 37.94 -36.86
C ALA F 197 -16.16 38.01 -36.94
N PHE F 198 -15.59 37.66 -38.11
CA PHE F 198 -14.14 37.75 -38.27
C PHE F 198 -13.68 39.20 -38.39
N SER F 199 -14.47 40.05 -39.06
CA SER F 199 -14.04 41.41 -39.34
C SER F 199 -14.16 42.31 -38.12
N SER F 200 -15.37 42.50 -37.62
CA SER F 200 -15.59 43.43 -36.52
C SER F 200 -14.92 42.93 -35.25
N THR F 201 -14.29 43.85 -34.53
CA THR F 201 -13.66 43.49 -33.27
C THR F 201 -14.72 43.05 -32.27
N ASP F 202 -14.40 42.00 -31.51
CA ASP F 202 -15.30 41.42 -30.52
C ASP F 202 -16.59 40.90 -31.15
N GLY F 203 -16.51 40.46 -32.41
CA GLY F 203 -17.64 39.85 -33.07
C GLY F 203 -17.91 38.45 -32.57
N LEU F 204 -19.08 37.93 -32.91
CA LEU F 204 -19.47 36.60 -32.46
C LEU F 204 -20.58 36.07 -33.36
N ALA F 205 -20.60 34.75 -33.52
CA ALA F 205 -21.64 34.08 -34.30
C ALA F 205 -21.74 32.65 -33.81
N ILE F 206 -22.82 32.33 -33.10
CA ILE F 206 -23.00 31.03 -32.47
C ILE F 206 -24.04 30.25 -33.26
N PHE F 207 -23.68 29.04 -33.68
CA PHE F 207 -24.57 28.15 -34.40
C PHE F 207 -24.84 26.92 -33.55
N GLU F 208 -26.12 26.55 -33.43
CA GLU F 208 -26.52 25.34 -32.73
C GLU F 208 -26.98 24.33 -33.78
N VAL F 209 -26.10 23.39 -34.08
CA VAL F 209 -26.31 22.43 -35.17
C VAL F 209 -27.04 21.21 -34.63
N ARG F 210 -27.94 20.64 -35.44
CA ARG F 210 -28.69 19.46 -35.05
C ARG F 210 -28.99 18.63 -36.30
N ALA F 211 -28.43 17.43 -36.37
CA ALA F 211 -28.61 16.54 -37.50
C ALA F 211 -29.43 15.32 -37.09
N THR F 212 -30.17 14.77 -38.07
CA THR F 212 -30.98 13.58 -37.87
C THR F 212 -30.58 12.55 -38.92
N LEU F 213 -30.09 11.40 -38.47
CA LEU F 213 -29.63 10.34 -39.37
C LEU F 213 -30.64 9.22 -39.41
N HIS F 214 -31.02 8.80 -40.62
CA HIS F 214 -31.89 7.65 -40.83
C HIS F 214 -30.99 6.46 -41.14
N LEU F 215 -30.65 5.71 -40.12
CA LEU F 215 -29.79 4.55 -40.26
C LEU F 215 -30.63 3.29 -40.44
N PRO F 216 -30.09 2.26 -41.09
CA PRO F 216 -30.86 1.01 -41.26
C PRO F 216 -31.11 0.30 -39.95
N THR F 217 -31.82 -0.82 -40.00
CA THR F 217 -32.18 -1.55 -38.79
C THR F 217 -30.93 -2.04 -38.06
N ASN F 218 -30.86 -1.77 -36.76
CA ASN F 218 -29.77 -2.21 -35.90
C ASN F 218 -28.42 -1.73 -36.43
N ALA F 219 -28.38 -0.55 -37.05
CA ALA F 219 -27.14 -0.04 -37.60
C ALA F 219 -26.18 0.37 -36.50
N MET F 220 -24.91 0.49 -36.85
CA MET F 220 -23.85 0.79 -35.91
C MET F 220 -23.55 2.28 -35.89
N VAL F 221 -23.39 2.83 -34.70
CA VAL F 221 -23.00 4.22 -34.50
C VAL F 221 -21.55 4.23 -34.02
N ARG F 222 -20.72 5.03 -34.68
CA ARG F 222 -19.29 5.04 -34.40
C ARG F 222 -18.86 6.36 -33.77
N PRO F 223 -18.75 6.44 -32.44
CA PRO F 223 -18.25 7.66 -31.80
C PRO F 223 -16.73 7.71 -31.73
N SER F 224 -16.20 8.72 -31.05
CA SER F 224 -14.75 8.80 -30.85
C SER F 224 -14.32 7.90 -29.70
N GLN F 225 -13.04 7.52 -29.72
CA GLN F 225 -12.48 6.60 -28.76
C GLN F 225 -11.37 7.26 -27.97
N VAL F 226 -11.16 6.78 -26.74
CA VAL F 226 -10.20 7.40 -25.84
C VAL F 226 -8.78 6.91 -26.18
N PHE F 227 -7.80 7.73 -25.83
CA PHE F 227 -6.40 7.35 -25.97
C PHE F 227 -5.99 6.41 -24.84
N THR F 228 -5.25 5.36 -25.19
CA THR F 228 -4.80 4.35 -24.25
C THR F 228 -3.52 3.69 -24.75
N ASN F 242 -8.39 -4.23 -23.13
CA ASN F 242 -9.56 -3.67 -23.79
C ASN F 242 -9.15 -2.86 -25.03
N SER F 243 -9.98 -2.93 -26.06
CA SER F 243 -9.77 -2.19 -27.29
C SER F 243 -11.06 -1.47 -27.67
N ARG F 244 -10.91 -0.33 -28.35
CA ARG F 244 -12.05 0.45 -28.83
C ARG F 244 -12.96 0.87 -27.67
N VAL F 245 -12.40 1.69 -26.78
CA VAL F 245 -13.16 2.22 -25.65
C VAL F 245 -13.72 3.58 -26.07
N PHE F 246 -15.05 3.69 -26.10
CA PHE F 246 -15.70 4.90 -26.55
C PHE F 246 -15.63 6.00 -25.49
N GLN F 247 -15.54 7.24 -25.96
CA GLN F 247 -15.70 8.37 -25.07
C GLN F 247 -17.15 8.52 -24.67
N SER F 248 -17.39 8.88 -23.41
CA SER F 248 -18.74 8.88 -22.87
C SER F 248 -18.96 10.07 -21.95
N THR F 249 -20.15 10.66 -22.05
CA THR F 249 -20.64 11.64 -21.08
C THR F 249 -22.01 11.20 -20.60
N THR F 250 -22.37 11.67 -19.41
CA THR F 250 -23.60 11.25 -18.76
C THR F 250 -24.73 12.23 -19.08
N ILE F 251 -25.78 11.72 -19.71
CA ILE F 251 -26.99 12.49 -19.99
C ILE F 251 -28.14 11.81 -19.27
N ASP F 252 -28.79 12.54 -18.37
CA ASP F 252 -29.92 12.03 -17.59
C ASP F 252 -29.55 10.77 -16.80
N GLY F 253 -28.29 10.69 -16.36
CA GLY F 253 -27.83 9.55 -15.60
C GLY F 253 -27.34 8.37 -16.41
N GLU F 254 -27.46 8.43 -17.74
CA GLU F 254 -27.04 7.34 -18.61
C GLU F 254 -25.82 7.79 -19.40
N ARG F 255 -24.76 6.98 -19.35
CA ARG F 255 -23.57 7.28 -20.15
C ARG F 255 -23.89 7.11 -21.63
N SER F 256 -23.45 8.07 -22.44
CA SER F 256 -23.75 8.05 -23.86
C SER F 256 -22.48 8.29 -24.66
N PRO F 257 -22.33 7.64 -25.81
CA PRO F 257 -21.19 7.94 -26.68
C PRO F 257 -21.29 9.35 -27.25
N ILE F 258 -20.13 9.95 -27.48
CA ILE F 258 -20.02 11.31 -27.99
C ILE F 258 -18.92 11.38 -29.03
N LEU F 259 -18.89 12.49 -29.74
CA LEU F 259 -17.76 12.85 -30.60
C LEU F 259 -16.99 13.98 -29.93
N GLY F 260 -15.69 13.80 -29.78
CA GLY F 260 -14.90 14.74 -29.01
C GLY F 260 -14.97 16.15 -29.58
N ALA F 261 -14.84 17.13 -28.69
CA ALA F 261 -14.87 18.52 -29.12
C ALA F 261 -13.71 18.83 -30.06
N PHE F 262 -12.52 18.30 -29.75
CA PHE F 262 -11.38 18.49 -30.65
C PHE F 262 -11.55 17.72 -31.94
N LYS F 263 -12.31 16.61 -31.91
CA LYS F 263 -12.53 15.84 -33.13
C LYS F 263 -13.50 16.56 -34.07
N THR F 264 -14.58 17.12 -33.54
CA THR F 264 -15.48 17.90 -34.39
C THR F 264 -14.80 19.16 -34.89
N GLY F 265 -13.90 19.74 -34.10
CA GLY F 265 -13.09 20.84 -34.59
C GLY F 265 -12.17 20.41 -35.71
N ALA F 266 -11.65 19.18 -35.63
CA ALA F 266 -10.84 18.65 -36.71
C ALA F 266 -11.65 18.34 -37.95
N ALA F 267 -12.97 18.29 -37.83
CA ALA F 267 -13.83 18.00 -38.97
C ALA F 267 -14.18 19.25 -39.77
N ILE F 268 -14.70 20.27 -39.10
CA ILE F 268 -15.09 21.50 -39.79
C ILE F 268 -13.89 22.31 -40.27
N ALA F 269 -12.68 21.95 -39.83
CA ALA F 269 -11.47 22.64 -40.25
C ALA F 269 -10.75 21.93 -41.39
N THR F 270 -11.34 20.87 -41.94
CA THR F 270 -10.73 20.16 -43.07
C THR F 270 -11.05 20.92 -44.36
N ILE F 271 -10.34 22.03 -44.53
CA ILE F 271 -10.52 22.89 -45.70
C ILE F 271 -9.25 23.03 -46.53
N ASP F 272 -8.12 22.53 -46.06
CA ASP F 272 -6.84 22.78 -46.71
C ASP F 272 -6.69 21.86 -47.91
N ASP F 273 -6.82 22.43 -49.11
CA ASP F 273 -6.57 21.73 -50.36
C ASP F 273 -5.65 22.54 -51.27
N TRP F 274 -4.74 23.31 -50.66
CA TRP F 274 -3.85 24.20 -51.39
C TRP F 274 -2.42 23.68 -51.43
N TYR F 275 -2.18 22.45 -51.00
CA TYR F 275 -0.84 21.88 -51.00
C TYR F 275 -0.43 21.54 -52.44
N PRO F 276 0.88 21.39 -52.70
CA PRO F 276 1.37 21.45 -54.10
C PRO F 276 0.68 20.51 -55.08
N GLU F 277 0.32 19.30 -54.65
CA GLU F 277 -0.32 18.36 -55.56
C GLU F 277 -1.66 17.92 -54.97
N ALA F 278 -2.46 18.88 -54.54
CA ALA F 278 -3.66 18.60 -53.78
C ALA F 278 -4.71 17.88 -54.61
N THR F 279 -5.39 16.92 -53.97
CA THR F 279 -6.54 16.24 -54.52
C THR F 279 -7.74 16.30 -53.59
N GLU F 280 -7.53 16.18 -52.28
CA GLU F 280 -8.60 16.18 -51.29
C GLU F 280 -8.23 17.10 -50.14
N PRO F 281 -9.22 17.67 -49.46
CA PRO F 281 -8.93 18.57 -48.34
C PRO F 281 -8.26 17.85 -47.18
N LEU F 282 -7.47 18.60 -46.43
CA LEU F 282 -6.83 18.11 -45.21
C LEU F 282 -7.20 19.01 -44.05
N ARG F 283 -6.94 18.52 -42.84
CA ARG F 283 -7.06 19.34 -41.65
C ARG F 283 -5.98 20.41 -41.66
N VAL F 284 -6.37 21.65 -41.35
CA VAL F 284 -5.43 22.77 -41.42
C VAL F 284 -4.40 22.61 -40.30
N GLY F 285 -3.16 22.31 -40.69
CA GLY F 285 -2.10 22.17 -39.72
C GLY F 285 -0.83 22.82 -40.23
N ARG F 286 0.10 23.05 -39.31
CA ARG F 286 1.34 23.73 -39.66
C ARG F 286 2.23 22.91 -40.58
N PHE F 287 1.95 21.61 -40.74
CA PHE F 287 2.72 20.77 -41.64
C PHE F 287 1.82 19.88 -42.50
N GLY F 288 0.57 20.28 -42.72
CA GLY F 288 -0.35 19.61 -43.62
C GLY F 288 -0.32 18.10 -43.59
N VAL F 289 -0.56 17.52 -42.41
CA VAL F 289 -0.36 16.09 -42.22
C VAL F 289 -1.56 15.32 -42.75
N HIS F 290 -1.29 14.35 -43.62
CA HIS F 290 -2.29 13.40 -44.08
C HIS F 290 -2.39 12.24 -43.09
N ARG F 291 -3.60 11.70 -42.95
CA ARG F 291 -3.84 10.58 -42.05
C ARG F 291 -4.14 9.28 -42.77
N GLU F 292 -4.93 9.31 -43.84
CA GLU F 292 -5.14 8.10 -44.62
C GLU F 292 -3.83 7.57 -45.18
N ASP F 293 -2.98 8.46 -45.68
CA ASP F 293 -1.61 8.14 -45.99
C ASP F 293 -0.72 8.71 -44.89
N VAL F 294 0.23 7.91 -44.42
CA VAL F 294 1.02 8.30 -43.26
C VAL F 294 1.86 9.53 -43.56
N THR F 295 2.48 9.58 -44.73
CA THR F 295 3.36 10.69 -45.06
C THR F 295 2.60 12.01 -45.10
N CYS F 296 3.30 13.10 -44.78
CA CYS F 296 2.71 14.41 -44.68
C CYS F 296 3.25 15.33 -45.77
N TYR F 297 2.36 16.08 -46.41
CA TYR F 297 2.75 17.08 -47.39
C TYR F 297 3.11 18.38 -46.67
N ARG F 298 3.43 19.42 -47.45
CA ARG F 298 3.85 20.71 -46.90
C ARG F 298 5.00 20.55 -45.93
N HIS F 299 5.94 19.67 -46.28
CA HIS F 299 7.12 19.47 -45.47
C HIS F 299 8.00 20.71 -45.54
N PRO F 300 8.76 21.01 -44.48
CA PRO F 300 9.64 22.20 -44.52
C PRO F 300 10.63 22.17 -45.66
N SER F 301 11.00 20.99 -46.16
CA SER F 301 11.85 20.92 -47.34
C SER F 301 11.13 21.48 -48.57
N THR F 302 9.80 21.37 -48.61
CA THR F 302 9.04 21.89 -49.74
C THR F 302 8.81 23.39 -49.65
N GLY F 303 9.02 23.98 -48.47
CA GLY F 303 8.88 25.42 -48.32
C GLY F 303 7.46 25.93 -48.25
N LYS F 304 6.47 25.05 -48.20
CA LYS F 304 5.08 25.46 -48.11
C LYS F 304 4.52 25.33 -46.69
N ASP F 305 5.35 25.00 -45.72
CA ASP F 305 4.88 24.86 -44.35
C ASP F 305 4.47 26.22 -43.79
N PHE F 306 3.74 26.18 -42.67
CA PHE F 306 3.23 27.41 -42.10
C PHE F 306 4.36 28.34 -41.66
N PHE F 307 5.41 27.79 -41.05
CA PHE F 307 6.50 28.62 -40.59
C PHE F 307 7.23 29.30 -41.75
N SER F 308 7.48 28.54 -42.82
CA SER F 308 8.13 29.12 -43.99
C SER F 308 7.26 30.18 -44.64
N ILE F 309 5.94 29.96 -44.68
CA ILE F 309 5.06 30.98 -45.22
C ILE F 309 5.04 32.21 -44.34
N LEU F 310 5.00 32.03 -43.02
CA LEU F 310 4.94 33.15 -42.08
C LEU F 310 6.21 33.98 -42.13
N GLN F 311 7.36 33.34 -42.32
CA GLN F 311 8.60 34.11 -42.39
C GLN F 311 8.71 34.95 -43.67
N GLN F 312 7.65 35.00 -44.49
CA GLN F 312 7.57 35.87 -45.65
C GLN F 312 6.42 36.87 -45.48
N ALA F 313 6.14 37.26 -44.24
CA ALA F 313 5.03 38.16 -43.98
C ALA F 313 5.27 39.53 -44.59
N GLU F 314 6.52 40.02 -44.53
CA GLU F 314 6.83 41.31 -45.15
C GLU F 314 6.62 41.27 -46.66
N HIS F 315 7.04 40.18 -47.30
CA HIS F 315 6.83 40.05 -48.73
C HIS F 315 5.35 39.98 -49.07
N TYR F 316 4.57 39.25 -48.27
CA TYR F 316 3.14 39.18 -48.52
C TYR F 316 2.46 40.53 -48.34
N ILE F 317 2.87 41.29 -47.32
CA ILE F 317 2.32 42.62 -47.12
C ILE F 317 2.66 43.53 -48.29
N GLU F 318 3.90 43.43 -48.80
CA GLU F 318 4.28 44.22 -49.96
C GLU F 318 3.45 43.85 -51.18
N VAL F 319 3.21 42.55 -51.39
CA VAL F 319 2.46 42.11 -52.57
C VAL F 319 1.01 42.55 -52.47
N LEU F 320 0.37 42.33 -51.32
CA LEU F 320 -1.04 42.64 -51.19
C LEU F 320 -1.29 44.14 -51.22
N SER F 321 -0.33 44.95 -50.79
CA SER F 321 -0.51 46.39 -50.77
C SER F 321 -0.46 47.00 -52.17
N ALA F 322 0.12 46.29 -53.13
CA ALA F 322 0.23 46.80 -54.48
C ALA F 322 -1.13 46.86 -55.15
N ASN F 323 -1.25 47.72 -56.16
CA ASN F 323 -2.51 47.86 -56.88
C ASN F 323 -2.85 46.59 -57.66
N LYS F 324 -1.83 45.89 -58.17
CA LYS F 324 -2.07 44.69 -58.95
C LYS F 324 -2.76 43.62 -58.10
N THR F 325 -3.66 42.88 -58.73
CA THR F 325 -4.32 41.77 -58.05
C THR F 325 -3.32 40.64 -57.85
N PRO F 326 -3.20 40.09 -56.63
CA PRO F 326 -2.23 39.02 -56.40
C PRO F 326 -2.57 37.77 -57.20
N ALA F 327 -1.52 37.06 -57.60
CA ALA F 327 -1.70 35.83 -58.36
C ALA F 327 -2.31 34.74 -57.49
N GLN F 328 -2.82 33.71 -58.15
CA GLN F 328 -3.49 32.62 -57.41
C GLN F 328 -2.53 31.90 -56.48
N GLU F 329 -1.24 31.84 -56.83
CA GLU F 329 -0.27 31.20 -55.95
C GLU F 329 -0.15 31.94 -54.63
N THR F 330 -0.11 33.28 -54.66
CA THR F 330 -0.03 34.04 -53.43
C THR F 330 -1.32 33.93 -52.63
N ILE F 331 -2.46 33.89 -53.30
CA ILE F 331 -3.74 33.82 -52.61
C ILE F 331 -3.85 32.51 -51.82
N ASN F 332 -3.37 31.41 -52.38
CA ASN F 332 -3.43 30.13 -51.66
C ASN F 332 -2.57 30.17 -50.40
N ASP F 333 -1.38 30.73 -50.49
CA ASP F 333 -0.53 30.85 -49.30
C ASP F 333 -1.19 31.74 -48.26
N MET F 334 -1.79 32.86 -48.69
CA MET F 334 -2.47 33.73 -47.76
C MET F 334 -3.63 33.02 -47.08
N HIS F 335 -4.40 32.24 -47.85
CA HIS F 335 -5.50 31.48 -47.27
C HIS F 335 -4.99 30.47 -46.24
N PHE F 336 -3.90 29.79 -46.55
CA PHE F 336 -3.36 28.81 -45.61
C PHE F 336 -2.88 29.48 -44.33
N LEU F 337 -2.20 30.62 -44.46
CA LEU F 337 -1.72 31.32 -43.27
C LEU F 337 -2.88 31.85 -42.44
N MET F 338 -3.93 32.36 -43.09
CA MET F 338 -5.11 32.81 -42.37
C MET F 338 -5.80 31.66 -41.64
N ALA F 339 -5.89 30.51 -42.29
CA ALA F 339 -6.51 29.35 -41.65
C ALA F 339 -5.70 28.89 -40.44
N ASN F 340 -4.37 28.93 -40.56
CA ASN F 340 -3.53 28.57 -39.41
C ASN F 340 -3.70 29.57 -38.27
N LEU F 341 -3.76 30.86 -38.59
CA LEU F 341 -3.99 31.85 -37.54
C LEU F 341 -5.35 31.65 -36.88
N ILE F 342 -6.36 31.27 -37.66
CA ILE F 342 -7.66 30.95 -37.08
C ILE F 342 -7.54 29.78 -36.12
N LYS F 343 -6.85 28.73 -36.54
CA LYS F 343 -6.49 27.61 -35.66
C LYS F 343 -5.12 27.84 -35.02
N GLY F 344 -4.94 29.03 -34.46
CA GLY F 344 -3.65 29.39 -33.91
C GLY F 344 -3.24 28.55 -32.73
N GLY F 345 -1.93 28.49 -32.50
CA GLY F 345 -1.34 27.74 -31.41
C GLY F 345 -0.24 28.56 -30.77
N MET F 346 0.98 27.99 -30.69
CA MET F 346 2.15 28.75 -30.31
C MET F 346 3.20 28.60 -31.40
N PHE F 347 3.71 29.74 -31.88
CA PHE F 347 4.75 29.75 -32.90
C PHE F 347 6.06 30.29 -32.34
N GLN F 348 6.33 30.01 -31.07
CA GLN F 348 7.44 30.63 -30.35
C GLN F 348 8.71 29.79 -30.36
N HIS F 349 8.72 28.66 -31.07
CA HIS F 349 9.89 27.77 -31.10
C HIS F 349 10.26 27.30 -29.70
N LYS G 2 8.00 -6.57 -48.08
CA LYS G 2 7.03 -5.95 -48.98
C LYS G 2 5.90 -5.31 -48.17
N LEU G 3 5.54 -5.91 -47.06
CA LEU G 3 4.46 -5.38 -46.23
C LEU G 3 4.91 -4.10 -45.55
N PRO G 4 4.25 -2.97 -45.76
CA PRO G 4 4.64 -1.73 -45.09
C PRO G 4 4.32 -1.78 -43.61
N THR G 5 5.02 -0.91 -42.86
CA THR G 5 4.85 -0.89 -41.41
C THR G 5 3.42 -0.55 -41.00
N ASN G 6 2.68 0.15 -41.85
CA ASN G 6 1.28 0.48 -41.61
C ASN G 6 0.48 0.16 -42.85
N LEU G 7 -0.49 -0.75 -42.72
CA LEU G 7 -1.38 -1.08 -43.84
C LEU G 7 -2.66 -1.66 -43.24
N ALA G 8 -3.75 -0.92 -43.35
CA ALA G 8 -5.03 -1.32 -42.78
C ALA G 8 -6.14 -1.10 -43.79
N TYR G 9 -7.10 -2.02 -43.81
CA TYR G 9 -8.28 -1.92 -44.65
C TYR G 9 -9.52 -1.87 -43.77
N GLU G 10 -10.62 -1.40 -44.35
CA GLU G 10 -11.89 -1.30 -43.65
C GLU G 10 -12.90 -2.21 -44.35
N ARG G 11 -13.74 -2.87 -43.56
CA ARG G 11 -14.67 -3.85 -44.10
C ARG G 11 -15.67 -3.20 -45.04
N SER G 12 -16.01 -3.92 -46.11
CA SER G 12 -17.02 -3.46 -47.05
C SER G 12 -18.41 -3.97 -46.71
N ILE G 13 -18.51 -5.17 -46.19
CA ILE G 13 -19.79 -5.75 -45.77
C ILE G 13 -19.99 -5.43 -44.29
N ASP G 14 -21.15 -4.87 -43.95
CA ASP G 14 -21.43 -4.38 -42.61
C ASP G 14 -22.74 -4.98 -42.11
N PRO G 15 -22.70 -6.23 -41.66
CA PRO G 15 -23.91 -6.84 -41.10
C PRO G 15 -24.26 -6.25 -39.75
N SER G 16 -25.52 -6.45 -39.36
CA SER G 16 -26.04 -5.95 -38.10
C SER G 16 -26.55 -7.13 -37.27
N ASP G 17 -27.04 -6.81 -36.07
CA ASP G 17 -27.56 -7.82 -35.17
C ASP G 17 -28.88 -8.40 -35.69
N VAL G 18 -29.11 -9.66 -35.37
CA VAL G 18 -30.34 -10.35 -35.75
C VAL G 18 -31.24 -10.42 -34.52
N CYS G 19 -32.42 -9.83 -34.62
CA CYS G 19 -33.37 -9.77 -33.52
C CYS G 19 -34.56 -10.68 -33.81
N PHE G 20 -34.84 -11.60 -32.89
CA PHE G 20 -35.90 -12.58 -33.08
C PHE G 20 -37.24 -12.03 -32.59
N PHE G 21 -38.28 -12.25 -33.38
CA PHE G 21 -39.63 -11.83 -33.03
C PHE G 21 -40.59 -13.01 -33.14
N VAL G 22 -41.57 -13.04 -32.25
CA VAL G 22 -42.57 -14.10 -32.20
C VAL G 22 -43.87 -13.55 -32.75
N VAL G 23 -44.47 -14.28 -33.69
CA VAL G 23 -45.72 -13.88 -34.34
C VAL G 23 -46.84 -14.76 -33.81
N TRP G 24 -47.89 -14.13 -33.29
CA TRP G 24 -49.04 -14.83 -32.75
C TRP G 24 -50.10 -15.02 -33.83
N PRO G 25 -51.10 -15.87 -33.60
CA PRO G 25 -52.16 -16.05 -34.59
C PRO G 25 -52.90 -14.76 -34.92
N ASP G 26 -52.97 -13.82 -33.99
CA ASP G 26 -53.55 -12.51 -34.27
C ASP G 26 -52.62 -11.63 -35.11
N ASP G 27 -51.43 -12.13 -35.45
CA ASP G 27 -50.38 -11.46 -36.21
C ASP G 27 -49.66 -10.39 -35.41
N ARG G 28 -50.03 -10.17 -34.15
CA ARG G 28 -49.27 -9.28 -33.29
C ARG G 28 -47.91 -9.89 -32.98
N LYS G 29 -46.89 -9.06 -32.91
CA LYS G 29 -45.51 -9.51 -32.73
C LYS G 29 -44.99 -9.07 -31.37
N THR G 30 -44.34 -10.00 -30.66
CA THR G 30 -43.71 -9.72 -29.39
C THR G 30 -42.28 -10.24 -29.43
N PRO G 31 -41.34 -9.53 -28.79
CA PRO G 31 -39.94 -9.98 -28.80
C PRO G 31 -39.79 -11.34 -28.12
N LEU G 32 -38.90 -12.16 -28.67
CA LEU G 32 -38.62 -13.46 -28.08
C LEU G 32 -37.90 -13.28 -26.75
N THR G 33 -38.19 -14.18 -25.82
CA THR G 33 -37.59 -14.14 -24.49
C THR G 33 -37.08 -15.53 -24.11
N TYR G 34 -36.06 -15.57 -23.26
CA TYR G 34 -35.45 -16.82 -22.85
C TYR G 34 -35.40 -16.89 -21.33
N ASN G 35 -35.40 -18.12 -20.82
CA ASN G 35 -35.32 -18.38 -19.39
C ASN G 35 -33.89 -18.71 -19.00
N SER G 36 -33.53 -18.36 -17.77
CA SER G 36 -32.22 -18.62 -17.22
C SER G 36 -32.36 -19.45 -15.94
N ARG G 37 -31.66 -20.57 -15.89
CA ARG G 37 -31.72 -21.48 -14.75
C ARG G 37 -30.36 -21.53 -14.07
N THR G 38 -30.36 -21.39 -12.74
CA THR G 38 -29.14 -21.46 -11.95
C THR G 38 -29.34 -22.42 -10.78
N LEU G 39 -28.25 -23.06 -10.37
CA LEU G 39 -28.28 -24.05 -9.31
C LEU G 39 -27.52 -23.54 -8.09
N LEU G 40 -28.05 -23.83 -6.90
CA LEU G 40 -27.43 -23.40 -5.67
C LEU G 40 -26.77 -24.57 -4.95
N HIS G 71 -22.49 -21.35 -12.24
CA HIS G 71 -23.22 -22.25 -13.14
C HIS G 71 -24.55 -21.65 -13.55
N GLN G 72 -24.66 -21.27 -14.82
CA GLN G 72 -25.88 -20.70 -15.37
C GLN G 72 -26.17 -21.31 -16.72
N VAL G 73 -27.37 -21.85 -16.89
CA VAL G 73 -27.79 -22.48 -18.13
C VAL G 73 -29.00 -21.72 -18.66
N ASP G 74 -28.98 -21.40 -19.95
CA ASP G 74 -29.99 -20.57 -20.58
C ASP G 74 -30.80 -21.41 -21.56
N PHE G 75 -32.12 -21.26 -21.50
CA PHE G 75 -33.03 -22.00 -22.37
C PHE G 75 -33.91 -21.02 -23.14
N CYS G 76 -34.03 -21.23 -24.45
CA CYS G 76 -34.86 -20.39 -25.31
C CYS G 76 -35.67 -21.30 -26.23
N HIS G 77 -37.00 -21.24 -26.09
CA HIS G 77 -37.88 -22.06 -26.90
C HIS G 77 -39.03 -21.21 -27.42
N VAL G 78 -39.62 -21.66 -28.52
CA VAL G 78 -40.80 -20.99 -29.07
C VAL G 78 -41.98 -21.19 -28.13
N PRO G 79 -42.66 -20.14 -27.69
CA PRO G 79 -43.80 -20.32 -26.78
C PRO G 79 -44.93 -21.08 -27.46
N TYR G 80 -45.70 -21.81 -26.65
CA TYR G 80 -46.81 -22.57 -27.16
C TYR G 80 -47.88 -21.65 -27.74
N GLY G 81 -48.38 -22.00 -28.92
CA GLY G 81 -49.37 -21.20 -29.60
C GLY G 81 -48.79 -20.19 -30.58
N ALA G 82 -47.48 -20.00 -30.60
CA ALA G 82 -46.86 -19.07 -31.52
C ALA G 82 -46.98 -19.58 -32.95
N SER G 83 -47.23 -18.66 -33.88
CA SER G 83 -47.39 -19.04 -35.28
C SER G 83 -46.03 -19.30 -35.93
N HIS G 84 -45.15 -18.29 -35.95
CA HIS G 84 -43.87 -18.43 -36.62
C HIS G 84 -42.90 -17.38 -36.07
N ILE G 85 -41.64 -17.77 -35.94
CA ILE G 85 -40.60 -16.87 -35.50
C ILE G 85 -40.16 -16.00 -36.67
N GLU G 86 -39.89 -14.73 -36.39
CA GLU G 86 -39.45 -13.77 -37.40
C GLU G 86 -38.12 -13.17 -36.98
N CYS G 87 -37.16 -13.15 -37.89
CA CYS G 87 -35.83 -12.61 -37.65
C CYS G 87 -35.52 -11.55 -38.69
N SER G 88 -35.02 -10.40 -38.24
CA SER G 88 -34.74 -9.29 -39.13
C SER G 88 -33.39 -8.66 -38.82
N PHE G 89 -32.66 -8.30 -39.87
CA PHE G 89 -31.39 -7.61 -39.74
C PHE G 89 -31.10 -6.88 -41.04
N SER G 90 -30.13 -5.98 -40.99
CA SER G 90 -29.76 -5.17 -42.16
C SER G 90 -28.27 -5.34 -42.45
N VAL G 91 -27.95 -5.55 -43.73
CA VAL G 91 -26.57 -5.68 -44.19
C VAL G 91 -26.36 -4.63 -45.27
N SER G 92 -25.25 -3.90 -45.17
CA SER G 92 -24.96 -2.79 -46.08
C SER G 92 -23.60 -2.99 -46.71
N PHE G 93 -23.56 -2.95 -48.04
CA PHE G 93 -22.32 -3.04 -48.79
C PHE G 93 -21.79 -1.64 -49.10
N SER G 94 -20.47 -1.56 -49.30
CA SER G 94 -19.84 -0.27 -49.58
C SER G 94 -18.53 -0.51 -50.32
N SER G 95 -18.03 0.54 -50.97
CA SER G 95 -16.79 0.47 -51.73
C SER G 95 -15.63 1.00 -50.91
N GLU G 96 -15.33 0.32 -49.80
CA GLU G 96 -14.21 0.68 -48.95
C GLU G 96 -12.98 -0.17 -49.21
N LEU G 97 -13.03 -1.06 -50.21
CA LEU G 97 -11.87 -1.83 -50.62
C LEU G 97 -11.14 -1.19 -51.79
N ARG G 98 -11.61 -0.04 -52.27
CA ARG G 98 -10.97 0.60 -53.41
C ARG G 98 -9.53 1.02 -53.11
N GLN G 99 -9.31 1.60 -51.93
CA GLN G 99 -8.00 2.05 -51.52
C GLN G 99 -7.78 1.70 -50.06
N PRO G 100 -6.53 1.47 -49.64
CA PRO G 100 -6.26 1.14 -48.24
C PRO G 100 -6.65 2.27 -47.31
N TYR G 101 -7.15 1.90 -46.13
CA TYR G 101 -7.53 2.91 -45.14
C TYR G 101 -6.30 3.65 -44.62
N LYS G 102 -5.22 2.93 -44.32
CA LYS G 102 -3.94 3.52 -43.94
C LYS G 102 -2.84 2.84 -44.73
N CYS G 103 -1.78 3.58 -45.01
CA CYS G 103 -0.71 3.05 -45.86
C CYS G 103 0.57 3.81 -45.56
N ASN G 104 1.56 3.11 -45.03
CA ASN G 104 2.84 3.75 -44.70
C ASN G 104 3.58 4.20 -45.95
N SER G 105 3.58 3.37 -46.98
CA SER G 105 4.32 3.65 -48.21
C SER G 105 3.35 3.85 -49.37
N SER G 106 3.69 4.79 -50.25
CA SER G 106 2.82 5.10 -51.38
C SER G 106 2.87 4.04 -52.46
N LYS G 107 3.98 3.32 -52.58
CA LYS G 107 4.13 2.34 -53.65
C LYS G 107 3.10 1.22 -53.53
N VAL G 108 2.98 0.64 -52.34
CA VAL G 108 2.05 -0.46 -52.16
C VAL G 108 0.61 0.03 -52.26
N LYS G 109 0.36 1.30 -51.96
CA LYS G 109 -1.00 1.84 -52.09
C LYS G 109 -1.45 1.81 -53.54
N GLN G 110 -0.64 2.38 -54.45
CA GLN G 110 -0.99 2.34 -55.86
C GLN G 110 -0.94 0.93 -56.41
N THR G 111 -0.06 0.07 -55.87
CA THR G 111 -0.05 -1.32 -56.27
C THR G 111 -1.39 -1.99 -55.99
N LEU G 112 -1.90 -1.82 -54.77
CA LEU G 112 -3.18 -2.43 -54.41
C LEU G 112 -4.33 -1.81 -55.18
N VAL G 113 -4.31 -0.49 -55.40
CA VAL G 113 -5.38 0.14 -56.16
C VAL G 113 -5.40 -0.39 -57.59
N GLN G 114 -4.23 -0.49 -58.22
CA GLN G 114 -4.16 -1.02 -59.57
C GLN G 114 -4.59 -2.49 -59.62
N LEU G 115 -4.24 -3.26 -58.59
CA LEU G 115 -4.66 -4.65 -58.54
C LEU G 115 -6.19 -4.75 -58.48
N VAL G 116 -6.81 -3.93 -57.65
CA VAL G 116 -8.27 -3.95 -57.55
C VAL G 116 -8.90 -3.55 -58.88
N GLU G 117 -8.37 -2.49 -59.51
CA GLU G 117 -8.92 -2.05 -60.79
C GLU G 117 -8.79 -3.13 -61.86
N LEU G 118 -7.61 -3.78 -61.93
CA LEU G 118 -7.40 -4.82 -62.93
C LEU G 118 -8.32 -6.01 -62.69
N TYR G 119 -8.46 -6.43 -61.42
CA TYR G 119 -9.37 -7.54 -61.14
C TYR G 119 -10.79 -7.19 -61.53
N GLU G 120 -11.25 -5.99 -61.19
CA GLU G 120 -12.61 -5.57 -61.54
C GLU G 120 -12.80 -5.56 -63.05
N THR G 121 -11.83 -5.05 -63.80
CA THR G 121 -11.97 -4.92 -65.24
C THR G 121 -11.84 -6.25 -65.97
N LYS G 122 -11.05 -7.18 -65.45
CA LYS G 122 -10.73 -8.41 -66.17
C LYS G 122 -11.60 -9.60 -65.77
N ILE G 123 -11.94 -9.73 -64.49
CA ILE G 123 -12.71 -10.86 -64.00
C ILE G 123 -14.14 -10.47 -63.66
N GLY G 124 -14.33 -9.34 -63.01
CA GLY G 124 -15.65 -8.87 -62.63
C GLY G 124 -16.05 -9.29 -61.23
N TRP G 125 -17.02 -8.59 -60.69
CA TRP G 125 -17.50 -8.81 -59.33
C TRP G 125 -18.65 -9.80 -59.25
N THR G 126 -19.01 -10.44 -60.36
CA THR G 126 -20.19 -11.30 -60.38
C THR G 126 -20.05 -12.47 -59.41
N GLU G 127 -18.89 -13.12 -59.41
CA GLU G 127 -18.73 -14.31 -58.57
C GLU G 127 -18.79 -13.97 -57.09
N LEU G 128 -18.03 -12.96 -56.66
CA LEU G 128 -18.06 -12.55 -55.26
C LEU G 128 -19.44 -12.05 -54.86
N ALA G 129 -20.08 -11.27 -55.73
CA ALA G 129 -21.40 -10.75 -55.42
C ALA G 129 -22.41 -11.88 -55.25
N THR G 130 -22.39 -12.87 -56.15
CA THR G 130 -23.32 -13.98 -56.03
C THR G 130 -23.03 -14.81 -54.78
N ARG G 131 -21.77 -15.05 -54.47
CA ARG G 131 -21.44 -15.86 -53.29
C ARG G 131 -21.83 -15.13 -52.01
N TYR G 132 -21.69 -13.81 -51.98
CA TYR G 132 -22.09 -13.05 -50.80
C TYR G 132 -23.60 -12.90 -50.71
N LEU G 133 -24.30 -12.90 -51.84
CA LEU G 133 -25.74 -12.71 -51.83
C LEU G 133 -26.50 -14.00 -51.57
N MET G 134 -25.92 -15.15 -51.96
CA MET G 134 -26.60 -16.42 -51.73
C MET G 134 -26.73 -16.71 -50.24
N ASN G 135 -25.69 -16.42 -49.46
CA ASN G 135 -25.76 -16.63 -48.02
C ASN G 135 -26.79 -15.71 -47.37
N ILE G 136 -27.05 -14.55 -47.97
CA ILE G 136 -28.09 -13.66 -47.46
C ILE G 136 -29.46 -14.27 -47.72
N CYS G 137 -29.66 -14.87 -48.89
CA CYS G 137 -30.98 -15.30 -49.32
C CYS G 137 -31.32 -16.73 -48.92
N ASN G 138 -30.33 -17.62 -48.80
CA ASN G 138 -30.59 -19.01 -48.47
C ASN G 138 -30.72 -19.27 -46.98
N GLY G 139 -30.59 -18.25 -46.14
CA GLY G 139 -30.71 -18.44 -44.72
C GLY G 139 -29.51 -19.04 -44.03
N LYS G 140 -28.32 -18.87 -44.61
CA LYS G 140 -27.10 -19.38 -43.96
C LYS G 140 -26.87 -18.67 -42.64
N TRP G 141 -27.21 -17.38 -42.55
CA TRP G 141 -27.00 -16.60 -41.34
C TRP G 141 -27.84 -17.09 -40.17
N LEU G 142 -28.86 -17.93 -40.42
CA LEU G 142 -29.64 -18.50 -39.34
C LEU G 142 -28.90 -19.62 -38.62
N TRP G 143 -27.79 -20.12 -39.18
CA TRP G 143 -26.97 -21.17 -38.59
C TRP G 143 -27.85 -22.39 -38.38
N LYS G 144 -27.95 -22.94 -37.17
CA LYS G 144 -28.68 -24.18 -36.94
C LYS G 144 -30.15 -23.95 -36.62
N ASN G 145 -30.62 -22.71 -36.60
CA ASN G 145 -32.02 -22.45 -36.29
C ASN G 145 -32.95 -22.97 -37.37
N THR G 146 -32.44 -23.21 -38.57
CA THR G 146 -33.24 -23.71 -39.69
C THR G 146 -33.16 -25.22 -39.83
N ARG G 147 -32.67 -25.92 -38.81
CA ARG G 147 -32.45 -27.36 -38.92
C ARG G 147 -33.75 -28.12 -39.04
N LYS G 148 -34.71 -27.84 -38.16
CA LYS G 148 -35.95 -28.63 -38.08
C LYS G 148 -37.19 -27.78 -38.33
N ALA G 149 -37.04 -26.67 -39.06
CA ALA G 149 -38.19 -25.87 -39.45
C ALA G 149 -38.84 -26.45 -40.69
N TYR G 150 -40.18 -26.46 -40.71
CA TYR G 150 -40.90 -27.00 -41.86
C TYR G 150 -40.59 -26.20 -43.12
N CYS G 151 -40.67 -24.87 -43.02
CA CYS G 151 -40.38 -24.01 -44.15
C CYS G 151 -40.05 -22.62 -43.63
N TRP G 152 -39.08 -21.97 -44.27
CA TRP G 152 -38.69 -20.62 -43.89
C TRP G 152 -38.49 -19.78 -45.15
N ASN G 153 -38.94 -18.53 -45.08
CA ASN G 153 -38.93 -17.62 -46.22
C ASN G 153 -37.98 -16.46 -45.95
N ILE G 154 -37.38 -15.96 -47.02
CA ILE G 154 -36.47 -14.81 -46.96
C ILE G 154 -37.00 -13.75 -47.91
N VAL G 155 -37.37 -12.60 -47.36
CA VAL G 155 -37.81 -11.45 -48.14
C VAL G 155 -37.01 -10.24 -47.69
N LEU G 156 -36.44 -9.52 -48.64
CA LEU G 156 -35.58 -8.38 -48.34
C LEU G 156 -35.97 -7.20 -49.21
N THR G 157 -35.76 -6.00 -48.67
CA THR G 157 -36.02 -4.76 -49.41
C THR G 157 -34.71 -4.01 -49.64
N PRO G 158 -34.13 -4.09 -50.83
CA PRO G 158 -32.85 -3.43 -51.08
C PRO G 158 -33.01 -1.92 -51.13
N TRP G 159 -31.87 -1.23 -51.15
CA TRP G 159 -31.84 0.21 -51.25
C TRP G 159 -30.54 0.63 -51.93
N PRO G 160 -30.60 1.46 -52.97
CA PRO G 160 -31.79 2.08 -53.56
C PRO G 160 -32.60 1.11 -54.41
N TRP G 161 -33.93 1.20 -54.33
CA TRP G 161 -34.83 0.31 -55.03
C TRP G 161 -35.93 1.13 -55.68
N ASN G 162 -36.54 0.55 -56.72
CA ASN G 162 -37.56 1.26 -57.50
C ASN G 162 -38.81 0.43 -57.74
N GLY G 163 -38.94 -0.72 -57.09
CA GLY G 163 -40.09 -1.59 -57.31
C GLY G 163 -40.48 -2.33 -56.04
N GLU G 164 -41.00 -3.55 -56.22
CA GLU G 164 -41.45 -4.36 -55.11
C GLU G 164 -40.27 -5.02 -54.42
N LYS G 165 -40.53 -5.53 -53.22
CA LYS G 165 -39.49 -6.22 -52.44
C LYS G 165 -39.16 -7.56 -53.07
N VAL G 166 -37.88 -7.92 -53.02
CA VAL G 166 -37.45 -9.22 -53.51
C VAL G 166 -37.90 -10.29 -52.52
N GLY G 167 -38.52 -11.34 -53.03
CA GLY G 167 -39.07 -12.37 -52.16
C GLY G 167 -38.70 -13.78 -52.54
N PHE G 168 -38.24 -14.56 -51.56
CA PHE G 168 -37.94 -15.97 -51.74
C PHE G 168 -38.86 -16.79 -50.84
N GLU G 169 -39.52 -17.78 -51.42
CA GLU G 169 -40.51 -18.58 -50.71
C GLU G 169 -40.05 -20.04 -50.64
N ASP G 170 -40.08 -20.60 -49.43
CA ASP G 170 -39.78 -22.02 -49.20
C ASP G 170 -38.38 -22.37 -49.70
N ILE G 171 -37.39 -21.77 -49.04
CA ILE G 171 -35.99 -21.97 -49.40
C ILE G 171 -35.62 -23.45 -49.33
N ARG G 172 -36.26 -24.20 -48.44
CA ARG G 172 -35.90 -25.61 -48.25
C ARG G 172 -36.06 -26.41 -49.54
N THR G 173 -37.16 -26.20 -50.25
CA THR G 173 -37.46 -26.98 -51.45
C THR G 173 -37.23 -26.21 -52.76
N ASN G 174 -37.55 -24.91 -52.79
CA ASN G 174 -37.50 -24.18 -54.05
C ASN G 174 -36.08 -23.75 -54.40
N TYR G 175 -35.49 -22.90 -53.56
CA TYR G 175 -34.20 -22.29 -53.85
C TYR G 175 -33.11 -23.08 -53.12
N THR G 176 -32.49 -24.03 -53.83
CA THR G 176 -31.44 -24.85 -53.27
C THR G 176 -30.16 -24.86 -54.11
N SER G 177 -30.05 -23.98 -55.11
CA SER G 177 -28.89 -24.00 -55.99
C SER G 177 -28.74 -22.64 -56.65
N ARG G 178 -27.58 -22.43 -57.27
CA ARG G 178 -27.32 -21.18 -57.98
C ARG G 178 -28.32 -20.99 -59.12
N GLN G 179 -28.64 -22.07 -59.84
CA GLN G 179 -29.64 -21.97 -60.89
C GLN G 179 -31.01 -21.62 -60.33
N ASP G 180 -31.36 -22.23 -59.19
CA ASP G 180 -32.64 -21.92 -58.56
C ASP G 180 -32.72 -20.44 -58.17
N PHE G 181 -31.62 -19.89 -57.66
CA PHE G 181 -31.61 -18.46 -57.31
C PHE G 181 -31.66 -17.58 -58.56
N LYS G 182 -30.90 -17.94 -59.59
CA LYS G 182 -30.87 -17.13 -60.81
C LYS G 182 -32.20 -17.15 -61.54
N ASN G 183 -32.97 -18.22 -61.40
CA ASN G 183 -34.27 -18.29 -62.04
C ASN G 183 -35.31 -17.42 -61.35
N ASN G 184 -34.92 -16.62 -60.37
CA ASN G 184 -35.86 -15.71 -59.73
C ASN G 184 -36.21 -14.57 -60.68
N LYS G 185 -37.30 -13.88 -60.36
CA LYS G 185 -37.83 -12.84 -61.25
C LYS G 185 -36.81 -11.71 -61.44
N ASN G 186 -36.18 -11.26 -60.36
CA ASN G 186 -35.27 -10.13 -60.39
C ASN G 186 -33.98 -10.44 -59.66
N TRP G 187 -33.42 -11.62 -59.90
CA TRP G 187 -32.12 -11.95 -59.31
C TRP G 187 -31.00 -11.15 -59.95
N SER G 188 -31.10 -10.87 -61.25
CA SER G 188 -30.07 -10.08 -61.92
C SER G 188 -30.05 -8.65 -61.42
N ALA G 189 -31.22 -8.08 -61.13
CA ALA G 189 -31.30 -6.70 -60.69
C ALA G 189 -30.65 -6.50 -59.32
N ILE G 190 -30.93 -7.41 -58.38
CA ILE G 190 -30.40 -7.24 -57.03
C ILE G 190 -28.89 -7.46 -57.00
N VAL G 191 -28.40 -8.49 -57.70
CA VAL G 191 -26.97 -8.73 -57.75
C VAL G 191 -26.25 -7.62 -58.51
N GLU G 192 -26.94 -6.90 -59.38
CA GLU G 192 -26.30 -5.83 -60.13
C GLU G 192 -25.93 -4.66 -59.22
N MET G 193 -26.83 -4.28 -58.31
CA MET G 193 -26.55 -3.15 -57.44
C MET G 193 -25.40 -3.43 -56.48
N ILE G 194 -25.11 -4.70 -56.18
CA ILE G 194 -23.91 -5.02 -55.42
C ILE G 194 -22.66 -4.78 -56.26
N LYS G 195 -22.71 -5.13 -57.54
CA LYS G 195 -21.57 -4.88 -58.42
C LYS G 195 -21.28 -3.40 -58.55
N THR G 196 -22.31 -2.57 -58.74
CA THR G 196 -22.10 -1.14 -58.83
C THR G 196 -21.58 -0.58 -57.51
N ALA G 197 -22.11 -1.07 -56.39
CA ALA G 197 -21.63 -0.61 -55.09
C ALA G 197 -20.16 -0.95 -54.89
N PHE G 198 -19.73 -2.14 -55.30
CA PHE G 198 -18.34 -2.52 -55.16
C PHE G 198 -17.46 -1.75 -56.14
N SER G 199 -17.97 -1.43 -57.33
CA SER G 199 -17.14 -0.81 -58.36
C SER G 199 -17.01 0.70 -58.15
N SER G 200 -18.11 1.42 -58.22
CA SER G 200 -18.06 2.87 -58.17
C SER G 200 -17.73 3.35 -56.76
N THR G 201 -16.90 4.39 -56.68
CA THR G 201 -16.62 5.02 -55.39
C THR G 201 -17.87 5.67 -54.84
N ASP G 202 -18.02 5.59 -53.51
CA ASP G 202 -19.17 6.12 -52.78
C ASP G 202 -20.40 5.26 -53.04
N GLY G 203 -20.29 4.31 -53.96
CA GLY G 203 -21.40 3.41 -54.22
C GLY G 203 -21.75 2.59 -53.00
N LEU G 204 -23.04 2.36 -52.81
CA LEU G 204 -23.52 1.72 -51.59
C LEU G 204 -24.87 1.06 -51.85
N ALA G 205 -25.02 -0.16 -51.32
CA ALA G 205 -26.26 -0.91 -51.41
C ALA G 205 -26.62 -1.43 -50.02
N ILE G 206 -27.86 -1.22 -49.61
CA ILE G 206 -28.34 -1.59 -48.29
C ILE G 206 -29.49 -2.57 -48.44
N PHE G 207 -29.40 -3.70 -47.74
CA PHE G 207 -30.46 -4.70 -47.71
C PHE G 207 -31.02 -4.80 -46.29
N GLU G 208 -32.32 -5.10 -46.21
CA GLU G 208 -32.98 -5.32 -44.93
C GLU G 208 -33.70 -6.67 -45.00
N VAL G 209 -33.07 -7.71 -44.48
CA VAL G 209 -33.59 -9.07 -44.60
C VAL G 209 -34.61 -9.32 -43.49
N ARG G 210 -35.57 -10.20 -43.76
CA ARG G 210 -36.59 -10.55 -42.78
C ARG G 210 -36.99 -12.01 -43.00
N ALA G 211 -36.52 -12.88 -42.11
CA ALA G 211 -36.81 -14.31 -42.19
C ALA G 211 -38.10 -14.64 -41.47
N THR G 212 -38.80 -15.65 -41.97
CA THR G 212 -40.02 -16.15 -41.34
C THR G 212 -39.87 -17.65 -41.15
N LEU G 213 -39.71 -18.08 -39.90
CA LEU G 213 -39.44 -19.47 -39.56
C LEU G 213 -40.69 -20.11 -38.99
N HIS G 214 -41.20 -21.14 -39.66
CA HIS G 214 -42.36 -21.90 -39.17
C HIS G 214 -41.87 -23.10 -38.36
N LEU G 215 -41.33 -22.79 -37.18
CA LEU G 215 -40.75 -23.83 -36.34
C LEU G 215 -41.84 -24.68 -35.71
N PRO G 216 -41.52 -25.92 -35.34
CA PRO G 216 -42.50 -26.76 -34.64
C PRO G 216 -42.84 -26.21 -33.27
N THR G 217 -43.91 -26.75 -32.70
CA THR G 217 -44.37 -26.30 -31.39
C THR G 217 -43.30 -26.54 -30.34
N ASN G 218 -42.93 -25.47 -29.63
CA ASN G 218 -41.90 -25.52 -28.59
C ASN G 218 -40.60 -26.10 -29.13
N ALA G 219 -40.14 -25.56 -30.26
CA ALA G 219 -38.88 -25.95 -30.86
C ALA G 219 -37.74 -25.10 -30.31
N MET G 220 -36.55 -25.68 -30.28
CA MET G 220 -35.39 -25.02 -29.70
C MET G 220 -34.85 -23.96 -30.66
N VAL G 221 -34.63 -22.76 -30.15
CA VAL G 221 -34.02 -21.67 -30.89
C VAL G 221 -32.63 -21.43 -30.30
N ARG G 222 -31.62 -21.37 -31.17
CA ARG G 222 -30.22 -21.32 -30.76
C ARG G 222 -29.61 -19.98 -31.12
N PRO G 223 -29.59 -19.01 -30.21
CA PRO G 223 -28.92 -17.74 -30.50
C PRO G 223 -27.43 -17.81 -30.18
N SER G 224 -26.74 -16.68 -30.30
CA SER G 224 -25.32 -16.63 -29.98
C SER G 224 -25.12 -16.69 -28.47
N GLN G 225 -24.01 -17.32 -28.07
CA GLN G 225 -23.65 -17.47 -26.67
C GLN G 225 -22.46 -16.57 -26.36
N VAL G 226 -22.55 -15.81 -25.27
CA VAL G 226 -21.54 -14.80 -24.97
C VAL G 226 -20.27 -15.47 -24.45
N PHE G 227 -19.13 -14.86 -24.77
CA PHE G 227 -17.84 -15.36 -24.30
C PHE G 227 -17.76 -15.21 -22.78
N THR G 228 -17.13 -16.18 -22.14
CA THR G 228 -16.94 -16.13 -20.69
C THR G 228 -15.78 -17.01 -20.25
N SER G 243 -20.43 -22.81 -19.58
CA SER G 243 -21.88 -23.00 -19.55
C SER G 243 -22.56 -22.23 -20.68
N ARG G 244 -23.88 -22.39 -20.80
CA ARG G 244 -24.65 -21.80 -21.89
C ARG G 244 -25.33 -20.53 -21.40
N VAL G 245 -24.84 -19.38 -21.84
CA VAL G 245 -25.44 -18.09 -21.57
C VAL G 245 -25.46 -17.28 -22.86
N PHE G 246 -26.63 -16.74 -23.20
CA PHE G 246 -26.83 -16.09 -24.49
C PHE G 246 -26.44 -14.62 -24.45
N GLN G 247 -26.28 -14.05 -25.63
CA GLN G 247 -26.14 -12.60 -25.77
C GLN G 247 -27.53 -11.97 -25.81
N SER G 248 -27.68 -10.83 -25.14
CA SER G 248 -28.99 -10.24 -24.97
C SER G 248 -28.93 -8.74 -25.16
N THR G 249 -29.95 -8.19 -25.83
CA THR G 249 -30.17 -6.77 -25.94
C THR G 249 -31.64 -6.46 -25.69
N THR G 250 -31.90 -5.40 -24.94
CA THR G 250 -33.26 -5.08 -24.54
C THR G 250 -34.05 -4.54 -25.73
N ILE G 251 -35.19 -5.17 -26.00
CA ILE G 251 -36.09 -4.75 -27.07
C ILE G 251 -37.48 -4.55 -26.47
N ASP G 252 -38.05 -3.37 -26.69
CA ASP G 252 -39.39 -3.03 -26.18
C ASP G 252 -39.46 -3.22 -24.67
N GLY G 253 -38.38 -2.88 -23.98
CA GLY G 253 -38.35 -2.94 -22.53
C GLY G 253 -38.06 -4.29 -21.93
N GLU G 254 -37.84 -5.32 -22.75
CA GLU G 254 -37.54 -6.65 -22.26
C GLU G 254 -36.35 -7.23 -23.01
N ARG G 255 -35.59 -8.08 -22.32
CA ARG G 255 -34.43 -8.69 -22.93
C ARG G 255 -34.85 -9.74 -23.96
N SER G 256 -34.00 -9.93 -24.96
CA SER G 256 -34.27 -10.85 -26.06
C SER G 256 -32.98 -11.53 -26.47
N PRO G 257 -33.05 -12.78 -26.91
CA PRO G 257 -31.86 -13.42 -27.49
C PRO G 257 -31.49 -12.77 -28.81
N ILE G 258 -30.20 -12.85 -29.13
CA ILE G 258 -29.64 -12.16 -30.28
C ILE G 258 -28.58 -13.03 -30.93
N LEU G 259 -28.33 -12.77 -32.21
CA LEU G 259 -27.21 -13.35 -32.94
C LEU G 259 -26.21 -12.23 -33.19
N GLY G 260 -24.97 -12.45 -32.74
CA GLY G 260 -23.99 -11.38 -32.78
C GLY G 260 -23.73 -10.88 -34.19
N ALA G 261 -23.42 -9.59 -34.29
CA ALA G 261 -23.14 -8.99 -35.59
C ALA G 261 -21.93 -9.63 -36.24
N PHE G 262 -20.87 -9.89 -35.46
CA PHE G 262 -19.71 -10.59 -35.99
C PHE G 262 -20.06 -12.01 -36.40
N LYS G 263 -20.91 -12.68 -35.61
CA LYS G 263 -21.29 -14.06 -35.93
C LYS G 263 -22.07 -14.12 -37.23
N THR G 264 -23.00 -13.18 -37.44
CA THR G 264 -23.73 -13.16 -38.70
C THR G 264 -22.83 -12.83 -39.88
N GLY G 265 -21.83 -11.97 -39.66
CA GLY G 265 -20.87 -11.68 -40.71
C GLY G 265 -20.09 -12.89 -41.14
N ALA G 266 -19.80 -13.80 -40.21
CA ALA G 266 -19.10 -15.03 -40.56
C ALA G 266 -19.92 -15.88 -41.52
N ALA G 267 -21.23 -15.98 -41.29
CA ALA G 267 -22.08 -16.76 -42.17
C ALA G 267 -22.25 -16.09 -43.53
N ILE G 268 -22.32 -14.76 -43.55
CA ILE G 268 -22.44 -14.04 -44.82
C ILE G 268 -21.16 -14.16 -45.63
N ALA G 269 -20.01 -14.17 -44.96
CA ALA G 269 -18.72 -14.20 -45.64
C ALA G 269 -18.18 -15.61 -45.83
N THR G 270 -18.95 -16.64 -45.47
CA THR G 270 -18.51 -18.03 -45.65
C THR G 270 -18.66 -18.37 -47.12
N ILE G 271 -17.63 -18.05 -47.89
CA ILE G 271 -17.67 -18.26 -49.34
C ILE G 271 -16.61 -19.23 -49.83
N ASP G 272 -15.55 -19.48 -49.07
CA ASP G 272 -14.46 -20.35 -49.53
C ASP G 272 -14.92 -21.77 -49.81
N ARG G 283 -14.54 -20.26 -43.92
CA ARG G 283 -14.77 -18.82 -43.76
C ARG G 283 -13.57 -18.04 -44.27
N VAL G 284 -13.84 -16.90 -44.92
CA VAL G 284 -12.77 -16.09 -45.48
C VAL G 284 -11.92 -15.51 -44.36
N GLY G 285 -10.61 -15.69 -44.45
CA GLY G 285 -9.71 -15.17 -43.45
C GLY G 285 -8.29 -15.20 -43.95
N ARG G 286 -7.37 -14.78 -43.08
CA ARG G 286 -5.96 -14.81 -43.44
C ARG G 286 -5.48 -16.23 -43.68
N PHE G 287 -5.93 -17.17 -42.85
CA PHE G 287 -5.65 -18.59 -43.02
C PHE G 287 -6.98 -19.34 -43.02
N GLY G 288 -7.00 -20.49 -43.69
CA GLY G 288 -8.23 -21.24 -43.81
C GLY G 288 -8.65 -21.89 -42.51
N VAL G 289 -8.87 -21.07 -41.49
CA VAL G 289 -9.18 -21.59 -40.16
C VAL G 289 -10.56 -22.23 -40.17
N HIS G 290 -10.64 -23.46 -39.64
CA HIS G 290 -11.90 -24.16 -39.49
C HIS G 290 -12.25 -24.21 -38.00
N ARG G 291 -13.49 -23.82 -37.69
CA ARG G 291 -13.88 -23.71 -36.27
C ARG G 291 -14.06 -25.08 -35.62
N GLU G 292 -14.74 -26.01 -36.30
CA GLU G 292 -15.04 -27.30 -35.70
C GLU G 292 -13.79 -28.16 -35.60
N ASP G 293 -13.21 -28.52 -36.74
CA ASP G 293 -11.92 -29.21 -36.75
C ASP G 293 -10.82 -28.17 -36.61
N VAL G 294 -9.97 -28.35 -35.59
CA VAL G 294 -9.07 -27.28 -35.17
C VAL G 294 -8.11 -26.90 -36.28
N THR G 295 -7.64 -27.87 -37.06
CA THR G 295 -6.63 -27.61 -38.08
C THR G 295 -7.06 -26.50 -39.02
N CYS G 296 -6.08 -25.72 -39.48
CA CYS G 296 -6.32 -24.63 -40.42
C CYS G 296 -5.71 -24.96 -41.77
N TYR G 297 -6.51 -24.85 -42.81
CA TYR G 297 -6.02 -24.99 -44.17
C TYR G 297 -5.37 -23.66 -44.61
N ARG G 298 -4.83 -23.65 -45.83
CA ARG G 298 -4.07 -22.50 -46.33
C ARG G 298 -2.96 -22.12 -45.36
N HIS G 299 -2.30 -23.13 -44.80
CA HIS G 299 -1.21 -22.90 -43.87
C HIS G 299 -0.05 -22.21 -44.58
N PRO G 300 0.77 -21.45 -43.85
CA PRO G 300 1.93 -20.81 -44.50
C PRO G 300 2.82 -21.77 -45.24
N SER G 301 2.93 -23.02 -44.78
CA SER G 301 3.72 -24.01 -45.51
C SER G 301 3.07 -24.34 -46.85
N THR G 302 1.75 -24.34 -46.92
CA THR G 302 1.06 -24.65 -48.17
C THR G 302 1.23 -23.58 -49.23
N GLY G 303 1.69 -22.38 -48.86
CA GLY G 303 1.94 -21.35 -49.83
C GLY G 303 0.71 -20.73 -50.45
N LYS G 304 -0.44 -20.86 -49.81
CA LYS G 304 -1.68 -20.29 -50.31
C LYS G 304 -2.44 -19.58 -49.20
N ASP G 305 -1.71 -18.94 -48.29
CA ASP G 305 -2.34 -18.09 -47.29
C ASP G 305 -2.57 -16.71 -47.92
N PHE G 306 -2.97 -15.73 -47.11
CA PHE G 306 -3.17 -14.39 -47.65
C PHE G 306 -1.84 -13.72 -47.95
N PHE G 307 -0.88 -13.82 -47.03
CA PHE G 307 0.37 -13.09 -47.17
C PHE G 307 1.23 -13.66 -48.29
N SER G 308 1.34 -14.99 -48.37
CA SER G 308 2.08 -15.59 -49.47
C SER G 308 1.43 -15.32 -50.81
N ILE G 309 0.14 -14.98 -50.82
CA ILE G 309 -0.53 -14.57 -52.05
C ILE G 309 -0.43 -13.06 -52.24
N LEU G 310 -0.51 -12.29 -51.16
CA LEU G 310 -0.40 -10.83 -51.27
C LEU G 310 0.95 -10.42 -51.80
N GLN G 311 2.02 -11.10 -51.37
CA GLN G 311 3.36 -10.73 -51.80
C GLN G 311 3.64 -11.07 -53.26
N GLN G 312 2.73 -11.75 -53.94
CA GLN G 312 2.82 -11.97 -55.37
C GLN G 312 2.00 -10.95 -56.16
N ALA G 313 1.88 -9.73 -55.63
CA ALA G 313 1.04 -8.71 -56.26
C ALA G 313 1.57 -8.31 -57.62
N GLU G 314 2.90 -8.16 -57.76
CA GLU G 314 3.46 -7.80 -59.05
C GLU G 314 3.21 -8.88 -60.08
N HIS G 315 3.38 -10.15 -59.70
CA HIS G 315 3.13 -11.25 -60.62
C HIS G 315 1.66 -11.29 -61.03
N TYR G 316 0.76 -11.06 -60.07
CA TYR G 316 -0.67 -11.07 -60.39
C TYR G 316 -1.03 -9.91 -61.30
N ILE G 317 -0.41 -8.74 -61.10
CA ILE G 317 -0.64 -7.61 -61.99
C ILE G 317 -0.17 -7.93 -63.40
N GLU G 318 1.00 -8.55 -63.52
CA GLU G 318 1.49 -8.93 -64.85
C GLU G 318 0.56 -9.94 -65.51
N VAL G 319 0.06 -10.91 -64.73
CA VAL G 319 -0.78 -11.96 -65.30
C VAL G 319 -2.12 -11.41 -65.74
N LEU G 320 -2.75 -10.58 -64.91
CA LEU G 320 -4.09 -10.08 -65.21
C LEU G 320 -4.14 -9.21 -66.46
N SER G 321 -2.99 -8.66 -66.88
CA SER G 321 -2.95 -7.76 -68.02
C SER G 321 -2.32 -8.38 -69.27
N ALA G 322 -1.63 -9.51 -69.14
CA ALA G 322 -0.92 -10.07 -70.28
C ALA G 322 -1.86 -10.89 -71.17
N ASN G 323 -2.44 -11.96 -70.63
CA ASN G 323 -3.25 -12.87 -71.42
C ASN G 323 -4.42 -13.34 -70.55
N LYS G 324 -5.17 -14.32 -71.05
CA LYS G 324 -6.31 -14.85 -70.32
C LYS G 324 -5.82 -15.64 -69.11
N THR G 325 -6.26 -15.22 -67.93
CA THR G 325 -5.82 -15.87 -66.70
C THR G 325 -6.38 -17.28 -66.60
N PRO G 326 -5.62 -18.21 -66.02
CA PRO G 326 -6.15 -19.57 -65.81
C PRO G 326 -7.23 -19.57 -64.74
N ALA G 327 -8.34 -20.24 -65.04
CA ALA G 327 -9.46 -20.31 -64.11
C ALA G 327 -9.23 -21.27 -62.95
N GLN G 328 -8.13 -22.02 -62.97
CA GLN G 328 -7.86 -23.02 -61.96
C GLN G 328 -7.03 -22.48 -60.80
N GLU G 329 -5.97 -21.72 -61.09
CA GLU G 329 -5.03 -21.28 -60.07
C GLU G 329 -5.06 -19.78 -59.85
N THR G 330 -4.86 -18.98 -60.90
CA THR G 330 -4.74 -17.53 -60.72
C THR G 330 -6.09 -16.91 -60.36
N ILE G 331 -7.18 -17.38 -60.98
CA ILE G 331 -8.48 -16.79 -60.71
C ILE G 331 -8.90 -17.05 -59.27
N ASN G 332 -8.67 -18.27 -58.77
CA ASN G 332 -9.03 -18.56 -57.38
C ASN G 332 -8.19 -17.76 -56.41
N ASP G 333 -6.89 -17.59 -56.71
CA ASP G 333 -6.06 -16.74 -55.86
C ASP G 333 -6.55 -15.30 -55.85
N MET G 334 -6.96 -14.79 -57.02
CA MET G 334 -7.52 -13.45 -57.07
C MET G 334 -8.79 -13.34 -56.25
N HIS G 335 -9.66 -14.36 -56.36
CA HIS G 335 -10.90 -14.36 -55.57
C HIS G 335 -10.60 -14.34 -54.08
N PHE G 336 -9.63 -15.15 -53.65
CA PHE G 336 -9.25 -15.17 -52.24
C PHE G 336 -8.68 -13.83 -51.79
N LEU G 337 -7.82 -13.23 -52.62
CA LEU G 337 -7.22 -11.95 -52.27
C LEU G 337 -8.28 -10.87 -52.10
N MET G 338 -9.20 -10.76 -53.06
CA MET G 338 -10.24 -9.73 -52.93
C MET G 338 -11.22 -10.06 -51.81
N ALA G 339 -11.48 -11.33 -51.54
CA ALA G 339 -12.33 -11.68 -50.42
C ALA G 339 -11.70 -11.26 -49.10
N ASN G 340 -10.38 -11.42 -48.97
CA ASN G 340 -9.70 -10.95 -47.78
C ASN G 340 -9.69 -9.43 -47.71
N LEU G 341 -9.54 -8.76 -48.86
CA LEU G 341 -9.58 -7.30 -48.88
C LEU G 341 -10.92 -6.78 -48.41
N ILE G 342 -12.01 -7.42 -48.84
CA ILE G 342 -13.35 -6.99 -48.44
C ILE G 342 -13.52 -7.10 -46.93
N LYS G 343 -13.03 -8.20 -46.35
CA LYS G 343 -13.13 -8.36 -44.90
C LYS G 343 -12.36 -7.27 -44.17
N GLY G 344 -11.18 -6.92 -44.65
CA GLY G 344 -10.38 -5.89 -44.03
C GLY G 344 -9.44 -6.45 -42.98
N GLY G 345 -8.80 -5.53 -42.26
CA GLY G 345 -7.88 -5.90 -41.22
C GLY G 345 -6.58 -5.15 -41.36
N MET G 346 -5.54 -5.68 -40.73
CA MET G 346 -4.22 -5.07 -40.71
C MET G 346 -3.19 -6.06 -41.23
N PHE G 347 -2.39 -5.63 -42.19
CA PHE G 347 -1.34 -6.45 -42.80
C PHE G 347 0.04 -5.85 -42.52
N GLN G 348 0.27 -5.45 -41.27
CA GLN G 348 1.42 -4.61 -40.96
C GLN G 348 2.74 -5.36 -41.10
N HIS G 349 2.84 -6.56 -40.55
CA HIS G 349 4.13 -7.26 -40.56
C HIS G 349 4.06 -8.61 -41.26
N VAL H 97 65.85 -9.20 32.92
CA VAL H 97 66.04 -8.13 31.95
C VAL H 97 66.29 -8.71 30.56
N ILE H 98 65.59 -8.18 29.56
CA ILE H 98 65.73 -8.59 28.18
C ILE H 98 66.10 -7.37 27.34
N ARG H 99 67.15 -7.52 26.53
CA ARG H 99 67.61 -6.46 25.64
C ARG H 99 67.77 -6.89 24.19
N THR H 100 67.83 -8.19 23.90
CA THR H 100 68.06 -8.66 22.55
C THR H 100 66.95 -8.17 21.62
N GLN H 101 67.34 -7.80 20.39
CA GLN H 101 66.40 -7.28 19.41
C GLN H 101 65.85 -8.44 18.58
N ALA H 102 65.16 -8.13 17.48
CA ALA H 102 64.56 -9.14 16.63
C ALA H 102 65.63 -9.99 15.95
N LEU H 103 65.48 -11.31 16.03
CA LEU H 103 66.37 -12.24 15.33
C LEU H 103 65.59 -12.78 14.13
N GLY H 104 65.83 -12.19 12.97
CA GLY H 104 65.16 -12.57 11.74
C GLY H 104 64.29 -11.45 11.19
N GLU H 105 63.90 -11.64 9.94
CA GLU H 105 63.05 -10.71 9.22
C GLU H 105 61.70 -11.34 8.94
N LEU H 106 60.67 -10.51 8.90
CA LEU H 106 59.30 -10.96 8.72
C LEU H 106 58.78 -10.54 7.36
N PRO H 107 57.71 -11.18 6.87
CA PRO H 107 57.13 -10.75 5.60
C PRO H 107 56.53 -9.36 5.70
N SER H 108 56.36 -8.73 4.54
CA SER H 108 55.89 -7.34 4.51
C SER H 108 54.50 -7.16 5.09
N PHE H 109 53.67 -8.21 5.08
CA PHE H 109 52.29 -8.08 5.57
C PHE H 109 52.16 -8.53 7.03
N LEU H 110 53.27 -8.63 7.75
CA LEU H 110 53.27 -8.96 9.18
C LEU H 110 54.08 -7.90 9.92
N LEU H 111 53.62 -7.53 11.11
CA LEU H 111 54.24 -6.45 11.88
C LEU H 111 55.03 -6.98 13.07
N SER H 112 56.22 -6.41 13.26
CA SER H 112 57.10 -6.76 14.36
C SER H 112 58.09 -5.61 14.56
N SER H 113 58.94 -5.75 15.58
CA SER H 113 59.90 -4.71 15.91
C SER H 113 60.98 -4.54 14.84
N SER H 114 61.18 -5.54 13.96
CA SER H 114 62.19 -5.41 12.92
C SER H 114 61.85 -4.33 11.90
N LYS H 115 60.56 -4.04 11.70
CA LYS H 115 60.17 -3.06 10.70
C LYS H 115 60.29 -1.61 11.17
N ILE H 116 60.59 -1.38 12.45
CA ILE H 116 60.63 -0.02 12.97
C ILE H 116 61.93 0.17 13.74
N PRO H 117 62.46 1.39 13.80
CA PRO H 117 63.67 1.64 14.59
C PRO H 117 63.40 1.50 16.08
N PRO H 118 64.08 0.57 16.75
CA PRO H 118 63.75 0.26 18.15
C PRO H 118 64.48 1.09 19.19
N TYR H 119 65.11 2.20 18.81
CA TYR H 119 65.90 2.99 19.76
C TYR H 119 65.00 3.96 20.53
N HIS H 120 64.06 3.38 21.27
CA HIS H 120 63.14 4.13 22.10
C HIS H 120 63.00 3.46 23.46
N TRP H 121 64.13 3.04 24.02
CA TRP H 121 64.14 2.24 25.25
C TRP H 121 64.23 3.15 26.47
N SER H 122 64.22 2.54 27.64
CA SER H 122 64.31 3.28 28.90
C SER H 122 65.08 2.49 29.95
N THR H 187 73.00 -6.68 24.57
CA THR H 187 71.97 -7.67 24.32
C THR H 187 72.14 -8.88 25.23
N THR H 188 71.42 -8.88 26.35
CA THR H 188 71.50 -9.93 27.35
C THR H 188 70.11 -10.41 27.71
N ILE H 189 69.97 -11.71 27.90
CA ILE H 189 68.71 -12.33 28.31
C ILE H 189 68.97 -13.16 29.56
N ASN H 190 68.34 -12.77 30.67
CA ASN H 190 68.46 -13.53 31.91
C ASN H 190 67.22 -13.24 32.75
N VAL H 191 66.28 -14.18 32.76
CA VAL H 191 65.01 -14.03 33.47
C VAL H 191 64.76 -15.28 34.30
N THR H 192 63.86 -15.15 35.26
CA THR H 192 63.44 -16.25 36.12
C THR H 192 62.01 -16.64 35.80
N LEU H 193 61.69 -17.91 36.06
CA LEU H 193 60.39 -18.47 35.68
C LEU H 193 59.63 -19.06 36.85
N ALA H 194 60.32 -19.73 37.79
CA ALA H 194 59.60 -20.41 38.86
C ALA H 194 58.81 -19.47 39.76
N PRO H 195 59.37 -18.37 40.29
CA PRO H 195 58.56 -17.46 41.11
C PRO H 195 57.88 -16.34 40.34
N ASN H 196 58.29 -16.08 39.11
CA ASN H 196 57.71 -14.98 38.34
C ASN H 196 56.30 -15.32 37.89
N TYR H 197 55.49 -14.26 37.73
CA TYR H 197 54.10 -14.38 37.33
C TYR H 197 53.89 -14.07 35.85
N LEU H 198 54.94 -14.05 35.06
CA LEU H 198 54.82 -13.75 33.64
C LEU H 198 54.06 -14.87 32.92
N THR H 199 53.41 -14.49 31.82
CA THR H 199 52.62 -15.43 31.06
C THR H 199 53.49 -16.49 30.40
N GLN H 200 52.89 -17.63 30.08
CA GLN H 200 53.59 -18.74 29.47
C GLN H 200 52.57 -19.62 28.77
N ILE H 201 52.85 -19.98 27.51
CA ILE H 201 51.95 -20.78 26.69
C ILE H 201 52.76 -21.81 25.92
N SER H 202 52.04 -22.73 25.28
CA SER H 202 52.66 -23.79 24.50
C SER H 202 51.98 -23.90 23.14
N LEU H 203 52.79 -23.97 22.08
CA LEU H 203 52.33 -24.14 20.72
C LEU H 203 53.12 -25.27 20.08
N PRO H 204 52.57 -25.93 19.06
CA PRO H 204 53.30 -27.04 18.41
C PRO H 204 54.41 -26.51 17.51
N ASP H 205 55.65 -26.87 17.84
CA ASP H 205 56.78 -26.58 16.98
C ASP H 205 57.04 -27.68 15.97
N SER H 206 56.33 -28.80 16.06
CA SER H 206 56.49 -29.91 15.14
C SER H 206 55.21 -30.73 15.15
N ASP H 207 55.13 -31.68 14.22
CA ASP H 207 53.96 -32.53 14.12
C ASP H 207 53.80 -33.45 15.33
N THR H 208 54.87 -33.65 16.11
CA THR H 208 54.83 -34.55 17.25
C THR H 208 55.28 -33.89 18.56
N SER H 209 55.56 -32.59 18.56
CA SER H 209 56.05 -31.92 19.75
C SER H 209 55.50 -30.51 19.81
N TYR H 210 55.76 -29.83 20.93
CA TYR H 210 55.29 -28.48 21.17
C TYR H 210 56.46 -27.59 21.57
N ILE H 211 56.22 -26.29 21.58
CA ILE H 211 57.21 -25.30 22.01
C ILE H 211 56.57 -24.37 23.04
N SER H 212 57.31 -24.08 24.10
CA SER H 212 56.88 -23.13 25.12
C SER H 212 57.51 -21.77 24.86
N LEU H 213 56.74 -20.71 25.05
CA LEU H 213 57.20 -19.36 24.81
C LEU H 213 56.39 -18.39 25.66
N SER H 214 57.02 -17.28 26.04
CA SER H 214 56.38 -16.25 26.86
C SER H 214 56.34 -14.92 26.12
N PRO H 215 55.26 -14.65 25.39
CA PRO H 215 55.18 -13.38 24.64
C PRO H 215 55.28 -12.18 25.57
N VAL H 216 56.24 -11.31 25.27
CA VAL H 216 56.48 -10.11 26.08
C VAL H 216 56.33 -8.89 25.18
N ALA H 217 55.56 -7.91 25.65
CA ALA H 217 55.31 -6.71 24.87
C ALA H 217 56.59 -5.91 24.66
N SER H 218 56.75 -5.39 23.44
CA SER H 218 57.88 -4.55 23.09
C SER H 218 57.50 -3.08 23.28
N LEU H 219 58.19 -2.39 24.19
CA LEU H 219 57.86 -1.00 24.47
C LEU H 219 58.10 -0.10 23.27
N SER H 220 58.99 -0.51 22.36
CA SER H 220 59.22 0.27 21.15
C SER H 220 57.93 0.45 20.36
N MET H 221 57.22 -0.66 20.09
CA MET H 221 55.98 -0.57 19.32
C MET H 221 54.91 0.21 20.09
N GLN H 222 54.83 0.00 21.41
CA GLN H 222 53.81 0.72 22.18
C GLN H 222 54.04 2.22 22.06
N SER H 223 55.29 2.67 22.17
CA SER H 223 55.57 4.09 22.02
C SER H 223 55.28 4.55 20.60
N HIS H 224 55.68 3.75 19.60
CA HIS H 224 55.43 4.08 18.21
C HIS H 224 53.93 4.22 17.93
N PHE H 225 53.10 3.65 18.79
CA PHE H 225 51.65 3.67 18.64
C PHE H 225 51.03 4.81 19.43
N HIS H 226 51.52 5.01 20.66
CA HIS H 226 51.04 6.12 21.48
C HIS H 226 51.34 7.46 20.82
N GLN H 227 52.52 7.60 20.25
CA GLN H 227 52.88 8.88 19.62
C GLN H 227 52.05 9.15 18.38
N ARG H 228 51.80 8.13 17.56
CA ARG H 228 51.11 8.33 16.29
C ARG H 228 49.60 8.45 16.47
N LEU H 229 49.02 7.71 17.41
CA LEU H 229 47.56 7.57 17.47
C LEU H 229 46.84 8.83 17.94
N GLN H 230 47.52 9.82 18.50
CA GLN H 230 46.84 11.06 18.87
C GLN H 230 46.34 11.78 17.62
N ASP H 231 45.24 12.53 17.80
CA ASP H 231 44.49 13.20 16.73
C ASP H 231 43.81 12.20 15.80
N GLU H 232 43.65 10.96 16.22
CA GLU H 232 42.98 9.91 15.46
C GLU H 232 41.92 9.25 16.33
N ASN H 233 41.07 10.08 16.94
CA ASN H 233 40.08 9.59 17.90
C ASN H 233 39.16 8.54 17.32
N ARG H 234 38.92 8.58 16.00
CA ARG H 234 38.03 7.60 15.37
C ARG H 234 38.59 6.18 15.46
N HIS H 235 39.90 6.02 15.57
CA HIS H 235 40.52 4.70 15.61
C HIS H 235 41.51 4.58 16.75
N SER H 236 41.28 5.30 17.84
CA SER H 236 42.14 5.28 19.01
C SER H 236 41.35 4.81 20.23
N ALA H 237 41.95 3.92 21.01
CA ALA H 237 41.38 3.44 22.25
C ALA H 237 42.37 3.67 23.38
N ILE H 238 41.87 4.13 24.52
CA ILE H 238 42.71 4.51 25.65
C ILE H 238 42.49 3.51 26.78
N THR H 239 43.55 3.29 27.56
CA THR H 239 43.47 2.46 28.75
C THR H 239 44.39 3.02 29.82
N ARG H 240 43.93 2.99 31.07
CA ARG H 240 44.69 3.44 32.21
C ARG H 240 45.14 2.24 33.03
N PHE H 241 46.43 2.17 33.35
CA PHE H 241 47.00 1.08 34.10
C PHE H 241 47.43 1.57 35.47
N SER H 242 47.09 0.80 36.51
CA SER H 242 47.42 1.14 37.89
C SER H 242 46.93 2.53 38.28
N GLY H 256 50.74 6.54 32.40
CA GLY H 256 49.88 5.39 32.65
C GLY H 256 48.79 5.24 31.61
N ALA H 257 48.57 6.28 30.81
CA ALA H 257 47.57 6.26 29.75
C ALA H 257 48.25 5.85 28.44
N PHE H 258 47.91 4.66 27.95
CA PHE H 258 48.49 4.11 26.72
C PHE H 258 47.36 3.99 25.70
N ARG H 259 47.43 4.80 24.64
CA ARG H 259 46.46 4.69 23.56
C ARG H 259 46.90 3.63 22.56
N MET H 260 45.91 2.95 21.97
CA MET H 260 46.17 1.88 21.02
C MET H 260 45.31 2.09 19.79
N LEU H 261 45.13 1.03 19.01
CA LEU H 261 44.41 1.08 17.73
C LEU H 261 43.04 0.44 17.86
N LYS H 262 42.00 1.27 17.81
CA LYS H 262 40.64 0.76 17.80
C LYS H 262 40.34 0.15 16.43
N SER H 263 39.46 -0.85 16.41
CA SER H 263 39.19 -1.61 15.19
C SER H 263 37.97 -1.00 14.50
N GLY H 264 38.21 0.03 13.69
CA GLY H 264 37.18 0.66 12.91
C GLY H 264 36.21 1.47 13.74
N ALA H 265 34.91 1.17 13.62
CA ALA H 265 33.88 1.83 14.40
C ALA H 265 32.99 0.78 15.06
N LYS H 266 32.50 -0.16 14.25
CA LYS H 266 31.57 -1.17 14.73
C LYS H 266 31.70 -2.41 13.86
N PHE H 267 31.13 -3.51 14.32
CA PHE H 267 31.08 -4.76 13.58
C PHE H 267 29.71 -4.89 12.91
N SER H 268 29.67 -4.81 11.58
CA SER H 268 28.44 -5.06 10.87
C SER H 268 28.25 -6.57 10.69
N SER H 269 27.16 -6.95 10.02
CA SER H 269 26.81 -8.36 9.84
C SER H 269 26.33 -8.61 8.41
N PRO H 270 27.24 -8.51 7.43
CA PRO H 270 26.84 -8.79 6.04
C PRO H 270 26.59 -10.29 5.82
N ASN H 384 39.39 -33.76 0.54
CA ASN H 384 39.71 -34.24 1.88
C ASN H 384 38.50 -34.86 2.54
N GLY H 385 37.40 -34.10 2.59
CA GLY H 385 36.17 -34.59 3.17
C GLY H 385 36.19 -34.53 4.69
N SER H 386 35.09 -35.01 5.28
CA SER H 386 34.89 -35.06 6.73
C SER H 386 35.04 -33.67 7.34
N PHE H 387 34.13 -32.78 6.96
CA PHE H 387 34.08 -31.44 7.51
C PHE H 387 33.18 -31.43 8.75
N LEU H 388 33.71 -30.94 9.85
CA LEU H 388 33.00 -30.91 11.12
C LEU H 388 32.75 -29.47 11.54
N VAL H 389 31.54 -29.20 12.01
CA VAL H 389 31.11 -27.85 12.35
C VAL H 389 30.71 -27.80 13.82
N LEU H 390 30.94 -26.62 14.42
CA LEU H 390 30.49 -26.30 15.77
C LEU H 390 29.84 -24.92 15.70
N PRO H 391 28.63 -24.84 15.14
CA PRO H 391 28.04 -23.54 14.87
C PRO H 391 27.62 -22.82 16.15
N ASN H 392 27.65 -21.48 16.07
CA ASN H 392 27.12 -20.60 17.11
C ASN H 392 27.78 -20.86 18.47
N ILE H 393 29.08 -20.61 18.52
CA ILE H 393 29.84 -20.64 19.77
C ILE H 393 29.91 -19.22 20.30
N ARG H 394 29.37 -18.99 21.49
CA ARG H 394 29.36 -17.68 22.12
C ARG H 394 30.26 -17.70 23.35
N VAL H 395 31.22 -16.79 23.39
CA VAL H 395 32.13 -16.66 24.53
C VAL H 395 31.83 -15.32 25.21
N CYS H 396 31.63 -15.37 26.52
CA CYS H 396 31.23 -14.20 27.30
C CYS H 396 32.42 -13.75 28.13
N GLY H 397 32.81 -12.49 27.96
CA GLY H 397 33.94 -11.95 28.71
C GLY H 397 35.28 -12.48 28.25
N ALA H 398 35.60 -12.27 26.98
CA ALA H 398 36.89 -12.65 26.41
C ALA H 398 37.73 -11.38 26.25
N THR H 399 38.97 -11.44 26.72
CA THR H 399 39.82 -10.25 26.69
C THR H 399 40.04 -9.78 25.26
N ALA H 400 39.86 -8.48 25.04
CA ALA H 400 40.04 -7.88 23.72
C ALA H 400 41.43 -7.26 23.54
N LEU H 401 42.22 -7.18 24.60
CA LEU H 401 43.60 -6.69 24.51
C LEU H 401 44.51 -7.83 24.03
N SER H 402 44.23 -8.30 22.82
CA SER H 402 45.00 -9.38 22.23
C SER H 402 46.47 -8.98 22.11
N SER H 403 46.74 -7.98 21.29
CA SER H 403 48.07 -7.40 21.22
C SER H 403 48.19 -6.23 22.19
N PRO H 404 49.40 -5.91 22.64
CA PRO H 404 49.57 -4.74 23.51
C PRO H 404 49.33 -3.41 22.83
N VAL H 405 49.06 -3.39 21.52
CA VAL H 405 48.92 -2.12 20.81
C VAL H 405 47.63 -2.08 19.99
N THR H 406 46.72 -3.03 20.24
CA THR H 406 45.41 -3.01 19.60
C THR H 406 44.38 -3.65 20.51
N VAL H 407 43.11 -3.30 20.26
CA VAL H 407 41.96 -3.88 20.93
C VAL H 407 40.92 -4.25 19.88
N GLY H 408 40.19 -5.33 20.14
CA GLY H 408 39.18 -5.78 19.20
C GLY H 408 38.84 -7.25 19.29
N ILE H 409 38.87 -7.94 18.16
CA ILE H 409 38.58 -9.37 18.08
C ILE H 409 39.67 -10.10 18.87
N PRO H 410 39.36 -11.21 19.53
CA PRO H 410 40.40 -11.95 20.25
C PRO H 410 41.45 -12.51 19.30
N SER H 411 42.63 -12.77 19.87
CA SER H 411 43.77 -13.16 19.06
C SER H 411 43.55 -14.49 18.36
N LEU H 412 43.91 -14.53 17.08
CA LEU H 412 43.84 -15.79 16.34
C LEU H 412 44.81 -16.82 16.89
N THR H 413 45.86 -16.38 17.57
CA THR H 413 46.70 -17.33 18.31
C THR H 413 45.89 -18.02 19.40
N ALA H 414 45.05 -17.26 20.12
CA ALA H 414 44.17 -17.88 21.10
C ALA H 414 43.13 -18.77 20.42
N PHE H 415 42.64 -18.37 19.25
CA PHE H 415 41.73 -19.23 18.51
C PHE H 415 42.37 -20.58 18.18
N PHE H 416 43.60 -20.54 17.66
CA PHE H 416 44.31 -21.76 17.31
C PHE H 416 44.63 -22.58 18.55
N GLY H 417 44.96 -21.92 19.66
CA GLY H 417 45.17 -22.65 20.90
C GLY H 417 43.92 -23.36 21.38
N PHE H 418 42.76 -22.70 21.25
CA PHE H 418 41.50 -23.35 21.57
C PHE H 418 41.25 -24.55 20.67
N VAL H 419 41.52 -24.40 19.38
CA VAL H 419 41.33 -25.51 18.44
C VAL H 419 42.24 -26.69 18.82
N HIS H 420 43.50 -26.40 19.14
CA HIS H 420 44.42 -27.48 19.50
C HIS H 420 44.08 -28.09 20.85
N ALA H 421 43.53 -27.30 21.78
CA ALA H 421 43.03 -27.88 23.03
C ALA H 421 41.87 -28.82 22.76
N PHE H 422 41.00 -28.45 21.82
CA PHE H 422 39.94 -29.35 21.39
C PHE H 422 40.53 -30.63 20.79
N GLU H 423 41.60 -30.49 20.01
CA GLU H 423 42.29 -31.64 19.45
C GLU H 423 42.79 -32.56 20.54
N ARG H 424 43.43 -31.98 21.56
CA ARG H 424 43.96 -32.78 22.67
C ARG H 424 42.83 -33.47 23.43
N ASN H 425 41.72 -32.76 23.65
CA ASN H 425 40.60 -33.36 24.38
C ASN H 425 39.98 -34.51 23.59
N ILE H 426 39.83 -34.35 22.28
CA ILE H 426 39.25 -35.40 21.45
C ILE H 426 40.24 -36.53 21.16
N ASN H 427 41.54 -36.31 21.39
CA ASN H 427 42.52 -37.34 21.09
C ASN H 427 42.47 -38.49 22.07
N ARG H 428 42.02 -38.23 23.31
CA ARG H 428 42.02 -39.29 24.31
C ARG H 428 41.03 -40.40 23.97
N THR H 429 39.90 -40.06 23.35
CA THR H 429 38.93 -41.05 22.92
C THR H 429 39.19 -41.57 21.51
N THR H 430 40.04 -40.89 20.74
CA THR H 430 40.35 -41.33 19.38
C THR H 430 41.74 -40.78 19.03
N SER H 431 42.73 -41.67 18.94
CA SER H 431 44.10 -41.25 18.69
C SER H 431 44.38 -40.95 17.23
N SER H 432 43.43 -41.19 16.33
CA SER H 432 43.62 -40.98 14.91
C SER H 432 42.96 -39.70 14.41
N PHE H 433 42.49 -38.83 15.32
CA PHE H 433 41.78 -37.62 14.94
C PHE H 433 42.75 -36.44 14.93
N ARG H 434 42.94 -35.85 13.75
CA ARG H 434 43.73 -34.63 13.58
C ARG H 434 42.95 -33.66 12.71
N VAL H 435 43.03 -32.37 13.06
CA VAL H 435 42.37 -31.32 12.29
C VAL H 435 43.45 -30.62 11.46
N GLU H 436 43.35 -30.76 10.14
CA GLU H 436 44.37 -30.19 9.26
C GLU H 436 44.30 -28.66 9.25
N SER H 437 43.10 -28.11 9.14
CA SER H 437 42.93 -26.67 9.09
C SER H 437 41.54 -26.30 9.57
N PHE H 438 41.36 -25.03 9.88
CA PHE H 438 40.10 -24.51 10.39
C PHE H 438 39.84 -23.13 9.79
N ALA H 439 38.56 -22.77 9.73
CA ALA H 439 38.13 -21.45 9.30
C ALA H 439 37.21 -20.87 10.36
N ILE H 440 37.28 -19.55 10.53
CA ILE H 440 36.56 -18.86 11.58
C ILE H 440 35.56 -17.90 10.95
N CYS H 441 34.29 -18.02 11.33
CA CYS H 441 33.25 -17.10 10.91
C CYS H 441 32.72 -16.37 12.13
N VAL H 442 32.69 -15.04 12.05
CA VAL H 442 32.22 -14.20 13.15
C VAL H 442 30.80 -13.75 12.85
N HIS H 443 29.93 -13.83 13.86
CA HIS H 443 28.54 -13.45 13.75
C HIS H 443 28.21 -12.14 14.46
N GLN H 444 28.57 -12.03 15.74
CA GLN H 444 28.36 -10.81 16.51
C GLN H 444 29.64 -10.48 17.26
N LEU H 445 30.12 -9.25 17.10
CA LEU H 445 31.32 -8.77 17.76
C LEU H 445 30.98 -7.51 18.54
N HIS H 446 31.39 -7.47 19.80
CA HIS H 446 31.06 -6.33 20.66
C HIS H 446 32.17 -6.17 21.69
N VAL H 447 32.93 -5.09 21.58
CA VAL H 447 34.03 -4.80 22.50
C VAL H 447 33.73 -3.48 23.20
N GLU H 448 33.77 -3.50 24.53
CA GLU H 448 33.52 -2.31 25.34
C GLU H 448 34.40 -2.37 26.57
N LYS H 449 34.58 -1.20 27.20
CA LYS H 449 35.41 -1.09 28.39
C LYS H 449 34.73 -1.75 29.58
N ARG H 450 35.47 -2.59 30.29
CA ARG H 450 35.00 -3.22 31.52
C ARG H 450 36.16 -3.24 32.50
N GLY H 451 36.01 -4.00 33.57
CA GLY H 451 37.06 -4.10 34.57
C GLY H 451 37.02 -5.44 35.25
N LEU H 452 38.17 -5.87 35.77
CA LEU H 452 38.31 -7.13 36.50
C LEU H 452 38.45 -6.82 37.98
N THR H 453 37.57 -7.39 38.79
CA THR H 453 37.62 -7.22 40.23
C THR H 453 38.61 -8.24 40.79
N ALA H 454 39.82 -7.78 41.11
CA ALA H 454 40.87 -8.69 41.56
C ALA H 454 40.53 -9.28 42.91
N GLU H 455 40.92 -10.54 43.10
CA GLU H 455 40.70 -11.22 44.37
C GLU H 455 41.54 -10.59 45.47
N PHE H 456 41.03 -10.64 46.70
CA PHE H 456 41.73 -10.07 47.83
C PHE H 456 43.02 -10.83 48.11
N VAL H 457 44.10 -10.09 48.35
CA VAL H 457 45.39 -10.70 48.62
C VAL H 457 45.94 -10.21 49.97
N ILE H 464 44.46 -6.49 54.87
CA ILE H 464 44.57 -6.91 53.48
C ILE H 464 43.44 -6.32 52.65
N SER H 465 43.66 -6.21 51.35
CA SER H 465 42.67 -5.64 50.44
C SER H 465 43.02 -6.05 49.02
N ALA H 466 42.22 -5.58 48.06
CA ALA H 466 42.47 -5.89 46.67
C ALA H 466 43.74 -5.20 46.17
N PRO H 467 44.46 -5.82 45.24
CA PRO H 467 45.69 -5.20 44.72
C PRO H 467 45.40 -4.03 43.78
N ALA H 468 46.44 -3.49 43.16
CA ALA H 468 46.27 -2.37 42.25
C ALA H 468 45.33 -2.72 41.12
N THR H 469 44.38 -1.82 40.84
CA THR H 469 43.37 -2.07 39.83
C THR H 469 43.96 -2.06 38.44
N ARG H 470 43.30 -2.75 37.52
CA ARG H 470 43.71 -2.83 36.13
C ARG H 470 42.49 -2.69 35.23
N ASP H 471 42.65 -1.96 34.14
CA ASP H 471 41.58 -1.72 33.18
C ASP H 471 41.94 -2.39 31.86
N ASP H 472 41.06 -3.25 31.38
CA ASP H 472 41.29 -3.95 30.12
C ASP H 472 39.95 -4.17 29.42
N TRP H 473 39.97 -4.08 28.10
CA TRP H 473 38.76 -4.28 27.32
C TRP H 473 38.37 -5.76 27.31
N GLN H 474 37.08 -6.01 27.07
CA GLN H 474 36.56 -7.37 26.98
C GLN H 474 35.63 -7.46 25.79
N CYS H 475 35.49 -8.68 25.28
CA CYS H 475 34.69 -8.93 24.09
C CYS H 475 33.80 -10.14 24.29
N ASP H 476 32.65 -10.13 23.61
CA ASP H 476 31.68 -11.21 23.67
C ASP H 476 31.37 -11.74 22.28
N VAL H 477 32.42 -12.02 21.50
CA VAL H 477 32.26 -12.40 20.10
C VAL H 477 31.45 -13.69 20.00
N VAL H 478 30.50 -13.70 19.06
CA VAL H 478 29.76 -14.90 18.69
C VAL H 478 30.30 -15.37 17.35
N PHE H 479 30.87 -16.57 17.34
CA PHE H 479 31.57 -17.03 16.14
C PHE H 479 31.23 -18.49 15.89
N SER H 480 31.35 -18.88 14.62
CA SER H 480 31.20 -20.24 14.16
C SER H 480 32.45 -20.64 13.39
N LEU H 481 32.87 -21.90 13.54
CA LEU H 481 34.12 -22.35 12.95
C LEU H 481 33.91 -23.65 12.20
N ILE H 482 34.71 -23.84 11.15
CA ILE H 482 34.73 -25.06 10.36
C ILE H 482 36.00 -25.81 10.69
N LEU H 483 35.94 -27.14 10.64
CA LEU H 483 37.08 -27.98 10.92
C LEU H 483 37.28 -28.97 9.78
N ASN H 484 38.51 -29.05 9.28
CA ASN H 484 38.91 -30.06 8.30
C ASN H 484 39.72 -31.12 9.02
N THR H 485 39.17 -32.33 9.12
CA THR H 485 39.79 -33.39 9.90
C THR H 485 40.06 -34.61 9.03
N ASN H 486 40.98 -35.44 9.51
CA ASN H 486 41.40 -36.67 8.82
C ASN H 486 40.63 -37.89 9.29
N PHE H 487 39.63 -37.72 10.15
CA PHE H 487 38.89 -38.87 10.67
C PHE H 487 38.17 -39.62 9.54
N ALA H 488 37.62 -38.88 8.58
CA ALA H 488 37.01 -39.44 7.37
C ALA H 488 35.84 -40.38 7.68
N GLN H 489 35.22 -40.22 8.84
CA GLN H 489 34.06 -41.03 9.20
C GLN H 489 33.30 -40.31 10.31
N HIS H 490 32.08 -40.77 10.54
CA HIS H 490 31.21 -40.16 11.54
C HIS H 490 31.71 -40.46 12.95
N ILE H 491 31.47 -39.51 13.85
CA ILE H 491 31.82 -39.66 15.26
C ILE H 491 30.61 -39.30 16.10
N ASP H 492 30.41 -40.04 17.20
CA ASP H 492 29.26 -39.82 18.06
C ASP H 492 29.32 -38.42 18.68
N GLN H 493 28.16 -37.77 18.76
CA GLN H 493 28.10 -36.39 19.20
C GLN H 493 28.23 -36.22 20.71
N ASP H 494 27.97 -37.27 21.49
CA ASP H 494 28.05 -37.14 22.93
C ASP H 494 29.48 -36.87 23.40
N THR H 495 30.43 -37.67 22.92
CA THR H 495 31.83 -37.43 23.27
C THR H 495 32.37 -36.19 22.60
N LEU H 496 31.88 -35.85 21.40
CA LEU H 496 32.33 -34.65 20.71
C LEU H 496 31.99 -33.40 21.52
N VAL H 497 30.78 -33.34 22.08
CA VAL H 497 30.41 -32.20 22.91
C VAL H 497 30.94 -32.31 24.32
N THR H 498 31.24 -33.53 24.80
CA THR H 498 31.87 -33.69 26.10
C THR H 498 33.32 -33.19 26.07
N SER H 499 33.99 -33.33 24.94
CA SER H 499 35.38 -32.90 24.80
C SER H 499 35.52 -31.46 24.35
N LEU H 500 34.42 -30.73 24.20
CA LEU H 500 34.49 -29.35 23.74
C LEU H 500 35.00 -28.45 24.85
N PRO H 501 36.13 -27.77 24.68
CA PRO H 501 36.61 -26.86 25.73
C PRO H 501 35.69 -25.67 25.91
N LYS H 502 35.67 -25.15 27.14
CA LYS H 502 34.84 -24.00 27.50
C LYS H 502 35.63 -22.70 27.53
N ARG H 503 36.82 -22.70 28.11
CA ARG H 503 37.61 -21.49 28.19
C ARG H 503 38.08 -21.06 26.80
N LEU H 504 38.02 -19.75 26.55
CA LEU H 504 38.46 -19.19 25.27
C LEU H 504 38.90 -17.76 25.52
N ALA H 505 40.21 -17.52 25.45
CA ALA H 505 40.78 -16.19 25.66
C ALA H 505 40.30 -15.59 26.97
N ARG H 506 40.48 -16.36 28.06
CA ARG H 506 40.03 -15.98 29.39
C ARG H 506 38.53 -15.74 29.44
N GLY H 507 37.77 -16.51 28.64
CA GLY H 507 36.34 -16.37 28.59
C GLY H 507 35.59 -17.65 28.87
N SER H 508 34.29 -17.68 28.54
CA SER H 508 33.43 -18.85 28.75
C SER H 508 32.69 -19.14 27.46
N ALA H 509 33.29 -19.95 26.60
CA ALA H 509 32.69 -20.30 25.31
C ALA H 509 31.79 -21.52 25.51
N LYS H 510 30.48 -21.30 25.43
CA LYS H 510 29.49 -22.36 25.56
C LYS H 510 28.54 -22.30 24.38
N ILE H 511 28.03 -23.47 23.99
CA ILE H 511 27.12 -23.61 22.86
C ILE H 511 25.74 -23.97 23.37
N ALA H 512 24.71 -23.38 22.75
CA ALA H 512 23.35 -23.61 23.18
C ALA H 512 22.95 -25.07 23.03
N ILE H 513 22.09 -25.53 23.93
CA ILE H 513 21.70 -26.95 23.95
C ILE H 513 20.95 -27.33 22.69
N ASP H 514 20.01 -26.49 22.26
CA ASP H 514 19.20 -26.81 21.09
C ASP H 514 20.02 -26.83 19.80
N ASP H 515 21.24 -26.32 19.82
CA ASP H 515 22.13 -26.36 18.67
C ASP H 515 23.01 -27.60 18.66
N PHE H 516 22.84 -28.51 19.62
CA PHE H 516 23.65 -29.72 19.65
C PHE H 516 23.39 -30.59 18.42
N LYS H 517 22.13 -30.71 18.01
CA LYS H 517 21.79 -31.50 16.83
C LYS H 517 22.41 -30.94 15.56
N HIS H 518 22.78 -29.65 15.56
CA HIS H 518 23.47 -29.05 14.42
C HIS H 518 24.93 -29.43 14.34
N ILE H 519 25.49 -30.04 15.38
CA ILE H 519 26.87 -30.50 15.37
C ILE H 519 26.91 -31.84 14.63
N ASN H 520 27.24 -31.79 13.33
CA ASN H 520 27.29 -32.99 12.51
C ASN H 520 28.47 -32.87 11.57
N SER H 521 28.97 -34.01 11.10
CA SER H 521 30.11 -34.06 10.19
C SER H 521 29.63 -34.29 8.76
N PHE H 522 30.13 -33.48 7.83
CA PHE H 522 29.75 -33.53 6.43
C PHE H 522 30.98 -33.77 5.57
N SER H 523 30.76 -34.42 4.43
CA SER H 523 31.86 -34.76 3.53
C SER H 523 32.24 -33.63 2.58
N THR H 524 31.44 -32.57 2.48
CA THR H 524 31.77 -31.47 1.58
C THR H 524 31.40 -30.12 2.20
N LEU H 525 32.36 -29.20 2.19
CA LEU H 525 32.15 -27.89 2.77
C LEU H 525 31.17 -27.05 1.94
N GLU H 526 31.00 -27.37 0.67
CA GLU H 526 30.03 -26.66 -0.15
C GLU H 526 28.62 -26.82 0.39
N THR H 527 28.25 -28.04 0.79
CA THR H 527 26.97 -28.25 1.47
C THR H 527 27.03 -27.95 2.95
N ALA H 528 28.22 -28.01 3.57
CA ALA H 528 28.34 -27.63 4.97
C ALA H 528 28.03 -26.16 5.19
N ILE H 529 28.48 -25.30 4.28
CA ILE H 529 28.23 -23.87 4.40
C ILE H 529 26.74 -23.54 4.28
N GLU H 530 26.00 -24.28 3.45
CA GLU H 530 24.57 -24.06 3.34
C GLU H 530 23.78 -24.59 4.53
N SER H 531 24.45 -25.15 5.54
CA SER H 531 23.76 -25.88 6.59
C SER H 531 23.62 -25.13 7.92
N LEU H 532 24.58 -24.30 8.30
CA LEU H 532 24.52 -23.67 9.61
C LEU H 532 23.33 -22.70 9.68
N PRO H 533 22.66 -22.60 10.82
CA PRO H 533 21.38 -21.89 10.89
C PRO H 533 21.48 -20.37 10.85
N ILE H 534 22.68 -19.81 10.78
CA ILE H 534 22.85 -18.35 10.80
C ILE H 534 23.16 -17.89 9.38
N GLU H 535 22.35 -16.95 8.89
CA GLU H 535 22.51 -16.41 7.53
C GLU H 535 23.37 -15.16 7.49
N ALA H 536 23.91 -14.72 8.62
CA ALA H 536 24.71 -13.50 8.67
C ALA H 536 26.06 -13.79 9.33
N GLY H 537 27.08 -13.12 8.86
CA GLY H 537 28.42 -13.26 9.41
C GLY H 537 29.47 -12.92 8.37
N ARG H 538 30.73 -12.99 8.82
CA ARG H 538 31.86 -12.68 7.96
C ARG H 538 32.96 -13.71 8.18
N TRP H 539 33.76 -13.92 7.14
CA TRP H 539 34.91 -14.81 7.17
C TRP H 539 36.22 -14.03 7.26
N LEU H 540 37.17 -14.62 7.98
CA LEU H 540 38.43 -13.97 8.30
C LEU H 540 39.50 -14.39 7.31
N SER H 541 40.20 -13.41 6.73
CA SER H 541 41.33 -13.66 5.85
C SER H 541 42.42 -12.66 6.17
N LEU H 542 43.61 -12.90 5.62
CA LEU H 542 44.76 -12.05 5.87
C LEU H 542 44.86 -10.97 4.80
N TYR H 543 45.38 -9.81 5.19
CA TYR H 543 45.57 -8.69 4.28
C TYR H 543 46.96 -8.80 3.68
N ALA H 544 47.04 -9.34 2.45
CA ALA H 544 48.32 -9.60 1.83
C ALA H 544 49.07 -8.34 1.43
N GLN H 545 48.38 -7.20 1.34
CA GLN H 545 49.04 -5.96 0.95
C GLN H 545 49.94 -5.47 2.07
N SER H 546 50.88 -4.59 1.71
CA SER H 546 51.88 -4.15 2.66
C SER H 546 51.27 -3.29 3.75
N ASN H 547 51.79 -3.45 4.97
CA ASN H 547 51.43 -2.63 6.13
C ASN H 547 52.69 -2.25 6.89
N ASN H 548 53.73 -1.84 6.16
CA ASN H 548 55.07 -1.68 6.75
C ASN H 548 55.09 -0.64 7.86
N ASN H 549 54.39 0.47 7.68
CA ASN H 549 54.45 1.58 8.63
C ASN H 549 53.08 1.85 9.22
N LEU H 550 53.07 2.39 10.44
CA LEU H 550 51.81 2.66 11.12
C LEU H 550 51.04 3.78 10.42
N SER H 551 51.74 4.72 9.78
CA SER H 551 51.05 5.71 8.98
C SER H 551 50.31 5.03 7.83
N ASP H 552 50.96 4.08 7.17
CA ASP H 552 50.29 3.29 6.14
C ASP H 552 49.21 2.41 6.75
N LEU H 553 49.40 1.95 7.99
CA LEU H 553 48.35 1.20 8.68
C LEU H 553 47.08 2.02 8.81
N LEU H 554 47.20 3.26 9.31
CA LEU H 554 46.02 4.10 9.46
C LEU H 554 45.47 4.54 8.11
N ALA H 555 46.33 4.71 7.11
CA ALA H 555 45.84 5.02 5.77
C ALA H 555 44.99 3.89 5.22
N ALA H 556 45.43 2.65 5.41
CA ALA H 556 44.66 1.47 5.00
C ALA H 556 43.37 1.36 5.79
N MET H 557 43.43 1.67 7.08
CA MET H 557 42.24 1.57 7.94
C MET H 557 41.14 2.54 7.50
N THR H 558 41.50 3.77 7.13
CA THR H 558 40.51 4.80 6.84
C THR H 558 39.72 4.60 5.54
N GLU H 559 40.10 3.72 4.61
CA GLU H 559 39.26 3.60 3.42
C GLU H 559 37.93 2.91 3.74
N ASP H 560 37.93 1.93 4.65
CA ASP H 560 36.70 1.20 4.93
C ASP H 560 36.33 1.11 6.41
N HIS H 561 37.26 1.34 7.34
CA HIS H 561 36.98 1.31 8.78
C HIS H 561 36.16 0.09 9.19
N GLN H 562 36.37 -1.03 8.51
CA GLN H 562 35.67 -2.28 8.79
C GLN H 562 36.59 -3.44 9.13
N LEU H 563 37.78 -3.50 8.56
CA LEU H 563 38.71 -4.57 8.88
C LEU H 563 39.22 -4.40 10.31
N MET H 564 39.67 -5.50 10.89
CA MET H 564 40.14 -5.52 12.27
C MET H 564 41.57 -6.04 12.33
N ALA H 565 42.32 -5.55 13.32
CA ALA H 565 43.70 -5.95 13.53
C ALA H 565 43.84 -6.50 14.93
N SER H 566 44.50 -7.66 15.06
CA SER H 566 44.72 -8.30 16.34
C SER H 566 45.95 -9.19 16.22
N CYS H 567 46.32 -9.82 17.33
CA CYS H 567 47.46 -10.72 17.34
C CYS H 567 47.20 -11.92 16.45
N VAL H 568 48.16 -12.24 15.57
CA VAL H 568 48.04 -13.37 14.68
C VAL H 568 49.18 -14.37 14.82
N GLY H 569 50.29 -13.99 15.43
CA GLY H 569 51.41 -14.89 15.58
C GLY H 569 52.42 -14.31 16.54
N TYR H 570 53.50 -15.07 16.75
CA TYR H 570 54.54 -14.68 17.68
C TYR H 570 55.91 -14.75 17.02
N HIS H 571 56.73 -13.74 17.27
CA HIS H 571 58.08 -13.65 16.73
C HIS H 571 59.05 -13.86 17.88
N LEU H 572 59.80 -14.97 17.84
CA LEU H 572 60.71 -15.29 18.93
C LEU H 572 61.91 -14.37 18.91
N LEU H 573 62.21 -13.78 20.08
CA LEU H 573 63.40 -12.98 20.26
C LEU H 573 64.61 -13.80 20.68
N GLU H 574 64.41 -15.09 20.97
CA GLU H 574 65.48 -15.97 21.40
C GLU H 574 65.18 -17.37 20.86
N GLU H 575 66.22 -18.08 20.43
CA GLU H 575 66.04 -19.42 19.92
C GLU H 575 65.55 -20.35 21.03
N PRO H 576 64.77 -21.38 20.68
CA PRO H 576 64.24 -22.29 21.71
C PRO H 576 65.35 -22.96 22.52
N LYS H 577 65.33 -22.73 23.82
CA LYS H 577 66.29 -23.28 24.78
C LYS H 577 65.53 -23.88 25.94
N ASP H 578 66.11 -24.92 26.53
CA ASP H 578 65.52 -25.59 27.68
C ASP H 578 65.91 -24.89 28.97
N LYS H 579 64.93 -24.67 29.84
CA LYS H 579 65.13 -24.14 31.18
C LYS H 579 64.51 -25.09 32.20
N PRO H 580 65.00 -25.07 33.45
CA PRO H 580 64.51 -26.05 34.43
C PRO H 580 63.01 -26.04 34.64
N ASN H 581 62.36 -24.87 34.62
CA ASN H 581 60.94 -24.75 34.91
C ASN H 581 60.22 -24.22 33.69
N SER H 582 59.81 -25.12 32.81
CA SER H 582 58.98 -24.80 31.66
C SER H 582 57.52 -25.13 31.97
N LEU H 583 56.65 -24.85 31.00
CA LEU H 583 55.23 -25.19 31.16
C LEU H 583 55.05 -26.70 31.28
N ARG H 584 55.73 -27.47 30.43
CA ARG H 584 55.67 -28.92 30.48
C ARG H 584 57.04 -29.54 30.22
N GLY H 585 58.11 -28.81 30.58
CA GLY H 585 59.45 -29.30 30.36
C GLY H 585 59.95 -29.19 28.93
N TYR H 586 59.35 -28.30 28.14
CA TYR H 586 59.77 -28.08 26.76
C TYR H 586 60.66 -26.84 26.68
N LYS H 587 61.24 -26.65 25.49
CA LYS H 587 62.08 -25.48 25.25
C LYS H 587 61.28 -24.20 25.41
N HIS H 588 61.88 -23.22 26.08
CA HIS H 588 61.25 -21.93 26.33
C HIS H 588 62.02 -20.83 25.61
N ALA H 589 61.28 -19.83 25.14
CA ALA H 589 61.88 -18.73 24.41
C ALA H 589 61.01 -17.50 24.52
N ILE H 590 61.59 -16.38 24.97
CA ILE H 590 60.86 -15.13 25.08
C ILE H 590 60.58 -14.59 23.69
N ALA H 591 59.30 -14.41 23.36
CA ALA H 591 58.84 -13.99 22.05
C ALA H 591 58.13 -12.64 22.16
N GLU H 592 57.66 -12.15 21.01
CA GLU H 592 56.98 -10.86 20.94
C GLU H 592 55.79 -10.98 19.99
N CYS H 593 54.67 -10.39 20.40
CA CYS H 593 53.44 -10.51 19.62
C CYS H 593 53.57 -9.77 18.30
N ILE H 594 52.98 -10.35 17.25
CA ILE H 594 52.95 -9.74 15.92
C ILE H 594 51.51 -9.36 15.61
N ILE H 595 51.32 -8.14 15.11
CA ILE H 595 49.99 -7.62 14.80
C ILE H 595 49.77 -7.77 13.29
N GLY H 596 48.68 -8.43 12.92
CA GLY H 596 48.33 -8.58 11.52
C GLY H 596 47.03 -7.88 11.20
N LEU H 597 46.49 -8.14 10.01
CA LEU H 597 45.26 -7.49 9.56
C LEU H 597 44.29 -8.55 9.06
N ILE H 598 43.08 -8.56 9.61
CA ILE H 598 42.07 -9.55 9.29
C ILE H 598 41.12 -8.97 8.27
N ASN H 599 40.99 -9.64 7.13
CA ASN H 599 40.09 -9.20 6.08
C ASN H 599 38.69 -9.76 6.29
N SER H 600 37.74 -9.26 5.49
CA SER H 600 36.36 -9.72 5.51
C SER H 600 36.02 -10.32 4.15
N ILE H 601 35.64 -11.59 4.16
CA ILE H 601 35.34 -12.34 2.93
C ILE H 601 33.92 -12.89 3.06
N THR H 602 33.09 -12.63 2.05
CA THR H 602 31.74 -13.15 2.00
C THR H 602 31.73 -14.38 1.10
N PHE H 603 31.53 -15.54 1.71
CA PHE H 603 31.55 -16.79 0.96
C PHE H 603 30.38 -16.84 -0.01
N SER H 604 30.65 -17.32 -1.22
CA SER H 604 29.66 -17.41 -2.29
C SER H 604 30.24 -18.30 -3.37
N SER H 605 29.61 -18.30 -4.55
CA SER H 605 30.17 -18.99 -5.69
C SER H 605 31.51 -18.37 -6.08
N GLU H 606 32.33 -19.17 -6.77
CA GLU H 606 33.66 -18.78 -7.24
C GLU H 606 34.57 -18.29 -6.11
N THR H 607 34.29 -18.69 -4.88
CA THR H 607 35.07 -18.32 -3.71
C THR H 607 35.82 -19.55 -3.23
N ASP H 608 37.12 -19.58 -3.47
CA ASP H 608 37.93 -20.75 -3.12
C ASP H 608 38.09 -20.85 -1.60
N PRO H 609 37.91 -22.04 -1.02
CA PRO H 609 38.16 -22.21 0.42
C PRO H 609 39.60 -22.00 0.81
N ASN H 610 40.51 -22.02 -0.16
CA ASN H 610 41.94 -21.87 0.12
C ASN H 610 42.27 -20.51 0.73
N THR H 611 41.39 -19.53 0.58
CA THR H 611 41.61 -18.19 1.11
C THR H 611 41.05 -17.97 2.50
N ILE H 612 40.38 -18.95 3.08
CA ILE H 612 39.73 -18.78 4.39
C ILE H 612 40.18 -19.79 5.43
N PHE H 613 40.95 -20.81 5.06
CA PHE H 613 41.39 -21.83 6.01
C PHE H 613 42.77 -21.48 6.56
N TRP H 614 42.88 -21.41 7.88
CA TRP H 614 44.12 -21.04 8.56
C TRP H 614 44.80 -22.27 9.16
N SER H 615 46.11 -22.15 9.35
CA SER H 615 46.91 -23.20 9.97
C SER H 615 48.23 -22.61 10.43
N LEU H 616 48.95 -23.37 11.25
CA LEU H 616 50.25 -22.96 11.76
C LEU H 616 51.34 -23.53 10.86
N LYS H 617 52.08 -22.64 10.19
CA LYS H 617 53.12 -23.08 9.28
C LYS H 617 54.39 -23.52 9.99
N ASN H 618 54.63 -23.02 11.20
CA ASN H 618 55.78 -23.40 12.02
C ASN H 618 57.09 -23.08 11.30
N TYR H 619 57.29 -21.79 11.02
CA TYR H 619 58.55 -21.32 10.48
C TYR H 619 59.64 -21.33 11.54
N GLN H 620 60.89 -21.44 11.09
CA GLN H 620 62.00 -21.61 12.00
C GLN H 620 62.26 -20.34 12.81
N ASN H 621 61.88 -19.18 12.27
CA ASN H 621 62.12 -17.90 12.94
C ASN H 621 60.88 -17.30 13.57
N TYR H 622 59.69 -17.79 13.23
CA TYR H 622 58.48 -17.29 13.87
C TYR H 622 57.38 -18.34 13.75
N LEU H 623 56.46 -18.31 14.72
CA LEU H 623 55.33 -19.24 14.78
C LEU H 623 54.07 -18.42 14.63
N VAL H 624 53.37 -18.58 13.50
CA VAL H 624 52.18 -17.80 13.19
C VAL H 624 51.17 -18.67 12.47
N VAL H 625 49.90 -18.32 12.62
CA VAL H 625 48.82 -18.99 11.91
C VAL H 625 48.35 -18.02 10.84
N GLN H 626 48.39 -18.46 9.59
CA GLN H 626 48.00 -17.65 8.45
C GLN H 626 47.21 -18.52 7.48
N PRO H 627 46.38 -17.90 6.62
CA PRO H 627 45.76 -18.68 5.55
C PRO H 627 46.77 -19.28 4.58
N ARG H 628 46.49 -20.52 4.18
CA ARG H 628 47.34 -21.35 3.33
C ARG H 628 47.38 -20.92 1.86
N SER H 629 46.71 -19.84 1.45
CA SER H 629 46.87 -19.37 0.08
C SER H 629 48.17 -18.62 -0.19
N ILE H 630 48.91 -18.24 0.83
CA ILE H 630 50.17 -17.53 0.63
C ILE H 630 51.31 -18.54 0.55
N ASN H 631 52.12 -18.43 -0.49
CA ASN H 631 53.25 -19.34 -0.67
C ASN H 631 54.50 -18.78 -0.02
N LYS I 2 -40.54 -53.17 13.64
CA LYS I 2 -39.29 -52.42 13.73
C LYS I 2 -38.55 -52.45 12.40
N TRP I 3 -37.96 -51.31 12.03
CA TRP I 3 -37.30 -51.19 10.74
C TRP I 3 -36.04 -52.04 10.70
N TYR I 4 -35.76 -52.60 9.52
CA TYR I 4 -34.52 -53.31 9.25
C TYR I 4 -33.99 -52.87 7.89
N TYR I 5 -32.67 -52.83 7.76
CA TYR I 5 -32.06 -52.34 6.53
C TYR I 5 -30.87 -53.20 6.15
N LYS I 6 -30.62 -53.24 4.85
CA LYS I 6 -29.39 -53.79 4.29
C LYS I 6 -28.86 -52.82 3.24
N THR I 7 -27.53 -52.76 3.11
CA THR I 7 -26.89 -51.78 2.26
C THR I 7 -26.04 -52.47 1.21
N ILE I 8 -25.82 -51.77 0.10
CA ILE I 8 -24.97 -52.23 -0.99
C ILE I 8 -24.10 -51.08 -1.45
N THR I 9 -22.84 -51.37 -1.77
CA THR I 9 -21.86 -50.37 -2.16
C THR I 9 -21.38 -50.64 -3.58
N PHE I 10 -21.29 -49.58 -4.38
CA PHE I 10 -20.79 -49.66 -5.74
C PHE I 10 -19.26 -49.71 -5.70
N LEU I 11 -18.71 -50.91 -5.78
CA LEU I 11 -17.27 -51.09 -5.64
C LEU I 11 -16.45 -50.38 -6.71
N PRO I 12 -16.74 -50.50 -8.01
CA PRO I 12 -15.86 -49.86 -9.01
C PRO I 12 -15.80 -48.35 -8.83
N GLU I 13 -14.61 -47.80 -8.98
CA GLU I 13 -14.43 -46.36 -8.84
C GLU I 13 -14.88 -45.61 -10.08
N LEU I 14 -14.84 -46.25 -11.24
CA LEU I 14 -15.22 -45.63 -12.52
C LEU I 14 -16.66 -46.07 -12.79
N CYS I 15 -17.61 -45.30 -12.26
CA CYS I 15 -19.02 -45.65 -12.40
C CYS I 15 -19.85 -44.41 -12.13
N ASN I 16 -21.01 -44.34 -12.79
CA ASN I 16 -22.00 -43.29 -12.53
C ASN I 16 -22.98 -43.80 -11.49
N ASN I 17 -22.77 -43.39 -10.23
CA ASN I 17 -23.69 -43.77 -9.19
C ASN I 17 -25.10 -43.24 -9.42
N GLU I 18 -25.25 -42.17 -10.21
CA GLU I 18 -26.59 -41.78 -10.66
C GLU I 18 -27.26 -42.92 -11.42
N SER I 19 -26.56 -43.48 -12.40
CA SER I 19 -27.13 -44.57 -13.19
C SER I 19 -27.36 -45.82 -12.33
N LEU I 20 -26.42 -46.11 -11.41
CA LEU I 20 -26.59 -47.27 -10.56
C LEU I 20 -27.80 -47.12 -9.64
N ALA I 21 -27.99 -45.93 -9.06
CA ALA I 21 -29.16 -45.69 -8.23
C ALA I 21 -30.44 -45.73 -9.06
N ALA I 22 -30.38 -45.25 -10.30
CA ALA I 22 -31.55 -45.34 -11.17
C ALA I 22 -31.93 -46.79 -11.42
N LYS I 23 -30.94 -47.65 -11.67
CA LYS I 23 -31.24 -49.06 -11.89
C LYS I 23 -31.78 -49.71 -10.63
N CYS I 24 -31.22 -49.35 -9.47
CA CYS I 24 -31.70 -49.89 -8.21
C CYS I 24 -33.17 -49.50 -8.01
N LEU I 25 -33.50 -48.23 -8.20
CA LEU I 25 -34.88 -47.81 -8.06
C LEU I 25 -35.76 -48.51 -9.08
N ARG I 26 -35.21 -48.83 -10.26
CA ARG I 26 -35.99 -49.52 -11.28
C ARG I 26 -36.39 -50.91 -10.80
N VAL I 27 -35.41 -51.68 -10.31
CA VAL I 27 -35.74 -53.03 -9.83
C VAL I 27 -36.66 -52.94 -8.62
N LEU I 28 -36.44 -51.95 -7.75
CA LEU I 28 -37.30 -51.76 -6.59
C LEU I 28 -38.75 -51.54 -7.03
N HIS I 29 -38.96 -50.66 -8.00
CA HIS I 29 -40.30 -50.42 -8.52
C HIS I 29 -40.88 -51.68 -9.13
N GLY I 30 -40.05 -52.43 -9.86
CA GLY I 30 -40.53 -53.67 -10.46
C GLY I 30 -41.05 -54.63 -9.40
N PHE I 31 -40.29 -54.80 -8.33
CA PHE I 31 -40.72 -55.66 -7.23
C PHE I 31 -42.01 -55.13 -6.59
N ASN I 32 -42.12 -53.80 -6.47
CA ASN I 32 -43.30 -53.19 -5.87
C ASN I 32 -44.56 -53.34 -6.70
N TYR I 33 -44.46 -53.85 -7.92
CA TYR I 33 -45.64 -54.11 -8.75
C TYR I 33 -45.87 -55.61 -8.94
N GLN I 34 -44.87 -56.33 -9.46
CA GLN I 34 -44.87 -57.78 -9.57
C GLN I 34 -45.42 -58.41 -8.28
N TYR I 35 -45.06 -57.85 -7.13
CA TYR I 35 -45.76 -58.07 -5.87
C TYR I 35 -46.50 -56.81 -5.47
N GLU I 36 -47.56 -56.99 -4.67
CA GLU I 36 -48.42 -55.88 -4.28
C GLU I 36 -47.85 -55.06 -3.14
N THR I 37 -46.85 -55.56 -2.42
CA THR I 37 -46.35 -54.85 -1.24
C THR I 37 -45.61 -53.58 -1.64
N ARG I 38 -45.65 -52.59 -0.74
CA ARG I 38 -44.91 -51.34 -0.88
C ARG I 38 -44.22 -50.99 0.42
N ASN I 39 -43.90 -52.00 1.23
CA ASN I 39 -43.34 -51.76 2.56
C ASN I 39 -41.96 -51.12 2.47
N ILE I 40 -41.10 -51.62 1.59
CA ILE I 40 -39.69 -51.25 1.58
C ILE I 40 -39.51 -49.86 0.99
N GLY I 41 -38.75 -49.02 1.69
CA GLY I 41 -38.32 -47.74 1.17
C GLY I 41 -36.83 -47.80 0.84
N VAL I 42 -36.34 -46.71 0.24
CA VAL I 42 -34.96 -46.61 -0.21
C VAL I 42 -34.33 -45.37 0.42
N SER I 43 -33.12 -45.53 0.97
CA SER I 43 -32.40 -44.43 1.56
C SER I 43 -30.94 -44.48 1.14
N PHE I 44 -30.31 -43.32 1.09
CA PHE I 44 -28.89 -43.20 0.80
C PHE I 44 -28.16 -42.78 2.06
N PRO I 45 -27.32 -43.63 2.63
CA PRO I 45 -26.63 -43.27 3.88
C PRO I 45 -25.76 -42.04 3.77
N LEU I 46 -25.19 -41.80 2.58
CA LEU I 46 -24.36 -40.62 2.35
C LEU I 46 -24.88 -39.91 1.10
N TRP I 47 -24.79 -38.59 1.14
CA TRP I 47 -25.30 -37.73 0.09
C TRP I 47 -24.34 -36.57 -0.11
N CYS I 48 -24.04 -36.26 -1.37
CA CYS I 48 -23.17 -35.15 -1.72
C CYS I 48 -23.89 -34.21 -2.68
N ASP I 49 -23.57 -32.92 -2.57
CA ASP I 49 -24.23 -31.92 -3.40
C ASP I 49 -23.90 -32.08 -4.88
N ALA I 50 -22.82 -32.79 -5.22
CA ALA I 50 -22.42 -32.96 -6.60
C ALA I 50 -22.75 -34.34 -7.17
N THR I 51 -23.02 -35.32 -6.31
CA THR I 51 -23.34 -36.67 -6.78
C THR I 51 -24.02 -37.43 -5.65
N VAL I 52 -24.87 -38.38 -6.03
CA VAL I 52 -25.49 -39.24 -5.04
C VAL I 52 -24.43 -40.16 -4.44
N GLY I 53 -24.69 -40.63 -3.23
CA GLY I 53 -23.69 -41.35 -2.48
C GLY I 53 -23.31 -42.68 -3.12
N LYS I 54 -22.16 -43.19 -2.71
CA LYS I 54 -21.62 -44.45 -3.22
C LYS I 54 -22.34 -45.66 -2.66
N LYS I 55 -23.27 -45.48 -1.73
CA LYS I 55 -24.01 -46.59 -1.14
C LYS I 55 -25.50 -46.25 -1.15
N ILE I 56 -26.30 -47.30 -1.34
CA ILE I 56 -27.76 -47.19 -1.28
C ILE I 56 -28.26 -48.24 -0.29
N SER I 57 -29.09 -47.81 0.66
CA SER I 57 -29.58 -48.68 1.72
C SER I 57 -31.10 -48.78 1.63
N PHE I 58 -31.60 -50.02 1.59
CA PHE I 58 -33.03 -50.27 1.53
C PHE I 58 -33.57 -50.49 2.93
N VAL I 59 -34.62 -49.76 3.29
CA VAL I 59 -35.21 -49.80 4.62
C VAL I 59 -36.64 -50.29 4.49
N SER I 60 -37.00 -51.30 5.28
CA SER I 60 -38.35 -51.85 5.26
C SER I 60 -38.77 -52.19 6.68
N LYS I 61 -40.08 -52.13 6.92
CA LYS I 61 -40.62 -52.55 8.21
C LYS I 61 -40.66 -54.07 8.33
N ASN I 62 -40.79 -54.77 7.22
CA ASN I 62 -40.85 -56.23 7.21
C ASN I 62 -39.50 -56.78 6.76
N LYS I 63 -38.93 -57.65 7.59
CA LYS I 63 -37.62 -58.24 7.28
C LYS I 63 -37.71 -59.17 6.07
N ILE I 64 -38.71 -60.05 6.06
CA ILE I 64 -38.79 -61.07 5.03
C ILE I 64 -38.97 -60.44 3.66
N GLU I 65 -39.81 -59.40 3.57
CA GLU I 65 -40.04 -58.74 2.29
C GLU I 65 -38.75 -58.12 1.76
N LEU I 66 -37.98 -57.46 2.62
CA LEU I 66 -36.74 -56.83 2.18
C LEU I 66 -35.72 -57.88 1.74
N ASP I 67 -35.57 -58.95 2.51
CA ASP I 67 -34.62 -59.99 2.12
C ASP I 67 -35.02 -60.64 0.80
N LEU I 68 -36.32 -60.89 0.61
CA LEU I 68 -36.77 -61.45 -0.66
C LEU I 68 -36.55 -60.47 -1.80
N LEU I 69 -36.71 -59.17 -1.54
CA LEU I 69 -36.44 -58.17 -2.57
C LEU I 69 -34.98 -58.20 -3.00
N LEU I 70 -34.07 -58.27 -2.04
CA LEU I 70 -32.65 -58.27 -2.39
C LEU I 70 -32.16 -59.64 -2.89
N LYS I 71 -33.06 -60.57 -3.17
CA LYS I 71 -32.75 -61.78 -3.89
C LYS I 71 -33.12 -61.70 -5.37
N GLN I 72 -33.47 -60.51 -5.85
CA GLN I 72 -33.87 -60.34 -7.25
C GLN I 72 -32.71 -60.66 -8.18
N HIS I 73 -33.06 -61.07 -9.40
CA HIS I 73 -32.06 -61.62 -10.33
C HIS I 73 -30.94 -60.62 -10.60
N TYR I 74 -31.28 -59.34 -10.74
CA TYR I 74 -30.26 -58.33 -11.05
C TYR I 74 -29.18 -58.30 -9.97
N PHE I 75 -29.59 -58.28 -8.71
CA PHE I 75 -28.62 -58.21 -7.62
C PHE I 75 -27.76 -59.46 -7.58
N VAL I 76 -28.36 -60.64 -7.79
CA VAL I 76 -27.59 -61.88 -7.75
C VAL I 76 -26.58 -61.93 -8.89
N GLN I 77 -27.01 -61.56 -10.10
CA GLN I 77 -26.10 -61.59 -11.25
C GLN I 77 -25.07 -60.46 -11.22
N MET I 78 -25.24 -59.45 -10.39
CA MET I 78 -24.17 -58.48 -10.19
C MET I 78 -23.30 -58.78 -8.98
N GLU I 79 -23.76 -59.61 -8.04
CA GLU I 79 -22.96 -59.89 -6.86
C GLU I 79 -21.67 -60.64 -7.21
N GLN I 80 -21.78 -61.72 -7.99
CA GLN I 80 -20.60 -62.51 -8.31
C GLN I 80 -19.67 -61.81 -9.29
N LEU I 81 -20.10 -60.69 -9.87
CA LEU I 81 -19.28 -59.92 -10.80
C LEU I 81 -18.35 -58.93 -10.09
N GLN I 82 -18.33 -58.94 -8.75
CA GLN I 82 -17.49 -58.06 -7.95
C GLN I 82 -17.82 -56.58 -8.13
N TYR I 83 -19.01 -56.28 -8.65
CA TYR I 83 -19.45 -54.90 -8.78
C TYR I 83 -20.32 -54.44 -7.62
N PHE I 84 -20.82 -55.38 -6.81
CA PHE I 84 -21.68 -55.05 -5.69
C PHE I 84 -21.18 -55.76 -4.43
N HIS I 85 -21.33 -55.10 -3.30
CA HIS I 85 -21.04 -55.70 -1.99
C HIS I 85 -22.29 -55.53 -1.15
N ILE I 86 -22.78 -56.64 -0.58
CA ILE I 86 -24.08 -56.67 0.08
C ILE I 86 -23.87 -56.98 1.56
N SER I 87 -24.59 -56.25 2.41
CA SER I 87 -24.64 -56.54 3.84
C SER I 87 -25.90 -57.33 4.16
N ASN I 88 -25.76 -58.32 5.05
CA ASN I 88 -26.86 -59.23 5.35
C ASN I 88 -28.06 -58.51 5.95
N THR I 89 -27.92 -58.00 7.16
CA THR I 89 -28.97 -57.23 7.83
C THR I 89 -28.40 -56.63 9.11
N VAL I 90 -28.81 -55.40 9.41
CA VAL I 90 -28.43 -54.74 10.66
C VAL I 90 -29.66 -54.02 11.20
N LEU I 91 -29.96 -54.23 12.48
CA LEU I 91 -31.07 -53.53 13.11
C LEU I 91 -30.80 -52.03 13.14
N VAL I 92 -31.86 -51.25 12.94
CA VAL I 92 -31.74 -49.79 12.87
C VAL I 92 -31.21 -49.27 14.20
N PRO I 93 -30.07 -48.56 14.20
CA PRO I 93 -29.57 -47.99 15.45
C PRO I 93 -30.46 -46.86 15.94
N GLU I 94 -30.48 -46.69 17.26
CA GLU I 94 -31.23 -45.59 17.86
C GLU I 94 -30.54 -44.25 17.66
N ASP I 95 -29.28 -44.25 17.23
CA ASP I 95 -28.53 -43.02 16.99
C ASP I 95 -28.64 -42.52 15.56
N CYS I 96 -29.41 -43.21 14.71
CA CYS I 96 -29.54 -42.80 13.32
C CYS I 96 -30.42 -41.56 13.22
N THR I 97 -30.33 -40.90 12.07
CA THR I 97 -31.12 -39.71 11.79
C THR I 97 -32.16 -40.01 10.71
N TYR I 98 -33.25 -39.26 10.76
CA TYR I 98 -34.38 -39.44 9.85
C TYR I 98 -34.49 -38.23 8.93
N VAL I 99 -34.37 -38.46 7.63
CA VAL I 99 -34.58 -37.44 6.60
C VAL I 99 -35.41 -38.05 5.48
N SER I 100 -36.02 -37.17 4.67
CA SER I 100 -36.93 -37.58 3.62
C SER I 100 -36.37 -37.19 2.26
N PHE I 101 -36.34 -38.16 1.33
CA PHE I 101 -35.82 -37.95 -0.03
C PHE I 101 -36.96 -37.65 -1.00
N ARG I 102 -37.70 -36.59 -0.72
CA ARG I 102 -38.92 -36.30 -1.48
C ARG I 102 -38.62 -36.08 -2.95
N ARG I 103 -39.43 -36.70 -3.81
CA ARG I 103 -39.40 -36.40 -5.24
C ARG I 103 -40.10 -35.07 -5.49
N CYS I 104 -39.57 -34.30 -6.43
CA CYS I 104 -40.08 -32.97 -6.71
C CYS I 104 -40.69 -32.98 -8.11
N GLN I 105 -42.00 -32.81 -8.17
CA GLN I 105 -42.72 -32.65 -9.43
C GLN I 105 -42.67 -31.22 -9.94
N SER I 106 -42.10 -30.30 -9.17
CA SER I 106 -42.11 -28.89 -9.55
C SER I 106 -41.20 -28.64 -10.73
N ILE I 107 -40.07 -29.34 -10.82
CA ILE I 107 -39.10 -29.11 -11.88
C ILE I 107 -39.67 -29.52 -13.24
N ASP I 108 -40.47 -30.58 -13.26
CA ASP I 108 -41.07 -31.03 -14.52
C ASP I 108 -41.96 -29.96 -15.14
N LYS I 109 -42.53 -29.09 -14.31
CA LYS I 109 -43.30 -27.96 -14.81
C LYS I 109 -42.47 -26.70 -14.96
N LEU I 110 -41.41 -26.56 -14.18
CA LEU I 110 -40.53 -25.41 -14.30
C LEU I 110 -39.77 -25.42 -15.62
N THR I 111 -39.48 -26.60 -16.16
CA THR I 111 -38.80 -26.66 -17.44
C THR I 111 -39.68 -26.10 -18.56
N ALA I 112 -39.08 -25.85 -19.71
CA ALA I 112 -39.78 -25.16 -20.80
C ALA I 112 -40.89 -26.02 -21.39
N ALA I 113 -40.58 -27.28 -21.73
CA ALA I 113 -41.60 -28.16 -22.26
C ALA I 113 -42.68 -28.45 -21.22
N GLY I 114 -42.31 -28.47 -19.94
CA GLY I 114 -43.32 -28.61 -18.90
C GLY I 114 -44.24 -27.42 -18.82
N LEU I 115 -43.69 -26.22 -19.01
CA LEU I 115 -44.54 -25.04 -19.08
C LEU I 115 -45.49 -25.11 -20.26
N ALA I 116 -44.99 -25.57 -21.41
CA ALA I 116 -45.86 -25.76 -22.58
C ALA I 116 -46.95 -26.78 -22.28
N ARG I 117 -46.60 -27.86 -21.59
CA ARG I 117 -47.59 -28.85 -21.19
C ARG I 117 -48.63 -28.24 -20.26
N LYS I 118 -48.20 -27.40 -19.32
CA LYS I 118 -49.14 -26.76 -18.41
C LYS I 118 -50.12 -25.87 -19.16
N ILE I 119 -49.61 -25.08 -20.11
CA ILE I 119 -50.51 -24.22 -20.88
C ILE I 119 -51.46 -25.04 -21.74
N ARG I 120 -50.96 -26.14 -22.34
CA ARG I 120 -51.83 -27.00 -23.12
C ARG I 120 -52.90 -27.65 -22.25
N ARG I 121 -52.53 -28.05 -21.04
CA ARG I 121 -53.50 -28.62 -20.11
C ARG I 121 -54.55 -27.59 -19.73
N LEU I 122 -54.14 -26.35 -19.51
CA LEU I 122 -55.13 -25.30 -19.24
C LEU I 122 -56.05 -25.08 -20.43
N GLU I 123 -55.49 -25.12 -21.65
CA GLU I 123 -56.33 -24.99 -22.84
C GLU I 123 -57.34 -26.11 -22.94
N LYS I 124 -56.92 -27.35 -22.66
CA LYS I 124 -57.85 -28.47 -22.72
C LYS I 124 -58.90 -28.36 -21.62
N ARG I 125 -58.50 -27.98 -20.40
CA ARG I 125 -59.45 -27.82 -19.30
C ARG I 125 -60.36 -26.61 -19.47
N ALA I 126 -60.04 -25.71 -20.39
CA ALA I 126 -60.93 -24.59 -20.71
C ALA I 126 -62.28 -25.04 -21.26
N LEU I 127 -62.49 -26.35 -21.44
CA LEU I 127 -63.82 -26.82 -21.83
C LEU I 127 -64.86 -26.43 -20.79
N SER I 128 -64.45 -26.27 -19.53
CA SER I 128 -65.29 -25.62 -18.55
C SER I 128 -65.57 -24.20 -19.01
N ARG I 129 -66.85 -23.88 -19.23
CA ARG I 129 -67.21 -22.73 -20.02
C ARG I 129 -66.65 -21.44 -19.44
N GLY I 130 -66.09 -20.62 -20.33
CA GLY I 130 -65.50 -19.35 -19.94
C GLY I 130 -64.89 -18.71 -21.17
N GLU I 131 -64.50 -17.45 -21.01
CA GLU I 131 -63.91 -16.73 -22.13
C GLU I 131 -62.61 -17.39 -22.56
N GLN I 132 -62.44 -17.55 -23.87
CA GLN I 132 -61.25 -18.20 -24.41
C GLN I 132 -60.02 -17.37 -24.10
N PHE I 133 -59.09 -17.95 -23.34
CA PHE I 133 -57.87 -17.24 -22.98
C PHE I 133 -56.90 -17.21 -24.15
N ASP I 134 -55.96 -16.27 -24.10
CA ASP I 134 -54.93 -16.13 -25.10
C ASP I 134 -53.59 -16.58 -24.55
N PRO I 135 -52.87 -17.47 -25.25
CA PRO I 135 -51.57 -17.92 -24.73
C PRO I 135 -50.54 -16.82 -24.62
N SER I 136 -50.73 -15.69 -25.31
CA SER I 136 -49.74 -14.63 -25.28
C SER I 136 -49.56 -14.05 -23.88
N SER I 137 -50.60 -14.08 -23.06
CA SER I 137 -50.51 -13.54 -21.71
C SER I 137 -49.50 -14.30 -20.87
N PHE I 138 -49.49 -15.63 -20.99
CA PHE I 138 -48.58 -16.43 -20.19
C PHE I 138 -47.16 -16.32 -20.72
N ALA I 139 -46.19 -16.27 -19.80
CA ALA I 139 -44.79 -16.16 -20.17
C ALA I 139 -43.95 -16.84 -19.10
N GLN I 140 -42.72 -17.18 -19.48
CA GLN I 140 -41.79 -17.84 -18.58
C GLN I 140 -41.04 -16.81 -17.74
N LYS I 141 -40.63 -17.23 -16.54
CA LYS I 141 -39.91 -16.35 -15.65
C LYS I 141 -38.54 -16.00 -16.23
N GLU I 142 -38.11 -14.76 -16.01
CA GLU I 142 -36.80 -14.34 -16.51
C GLU I 142 -35.68 -15.13 -15.83
N HIS I 143 -35.76 -15.30 -14.52
CA HIS I 143 -34.75 -16.02 -13.77
C HIS I 143 -35.40 -17.02 -12.84
N THR I 144 -34.83 -18.22 -12.75
CA THR I 144 -35.31 -19.27 -11.86
C THR I 144 -34.14 -19.82 -11.06
N ALA I 145 -34.30 -19.87 -9.74
CA ALA I 145 -33.29 -20.41 -8.84
C ALA I 145 -33.87 -21.60 -8.10
N ILE I 146 -33.12 -22.70 -8.08
CA ILE I 146 -33.58 -23.95 -7.48
C ILE I 146 -32.46 -24.53 -6.61
N ALA I 147 -32.87 -25.36 -5.64
CA ALA I 147 -31.93 -26.01 -4.75
C ALA I 147 -31.26 -27.19 -5.45
N HIS I 148 -30.24 -27.73 -4.79
CA HIS I 148 -29.47 -28.83 -5.37
C HIS I 148 -30.32 -30.09 -5.47
N TYR I 149 -30.14 -30.83 -6.56
CA TYR I 149 -30.86 -32.07 -6.79
C TYR I 149 -30.03 -32.92 -7.73
N HIS I 150 -30.38 -34.21 -7.81
CA HIS I 150 -29.59 -35.17 -8.57
C HIS I 150 -30.24 -35.63 -9.86
N SER I 151 -31.56 -35.79 -9.89
CA SER I 151 -32.30 -36.13 -11.12
C SER I 151 -31.77 -37.44 -11.71
N LEU I 152 -32.03 -38.52 -10.98
CA LEU I 152 -31.36 -39.80 -11.23
C LEU I 152 -31.59 -40.29 -12.65
N GLY I 153 -32.85 -40.36 -13.08
CA GLY I 153 -33.13 -40.85 -14.43
C GLY I 153 -33.97 -42.12 -14.46
N GLU I 154 -34.84 -42.24 -15.46
CA GLU I 154 -35.74 -43.38 -15.55
C GLU I 154 -36.27 -43.47 -16.97
N SER I 155 -36.78 -44.65 -17.32
CA SER I 155 -37.45 -44.88 -18.59
C SER I 155 -38.74 -45.63 -18.36
N SER I 156 -39.85 -45.10 -18.91
CA SER I 156 -41.14 -45.77 -18.80
C SER I 156 -41.15 -47.05 -19.63
N LYS I 157 -41.92 -48.04 -19.15
CA LYS I 157 -41.98 -49.33 -19.81
C LYS I 157 -43.22 -49.51 -20.68
N GLN I 158 -44.38 -49.03 -20.23
CA GLN I 158 -45.58 -49.15 -21.05
C GLN I 158 -45.44 -48.37 -22.36
N THR I 159 -44.86 -47.18 -22.30
CA THR I 159 -44.53 -46.39 -23.48
C THR I 159 -43.08 -45.94 -23.40
N ASN I 160 -42.47 -45.75 -24.56
CA ASN I 160 -41.04 -45.44 -24.63
C ASN I 160 -40.84 -43.94 -24.40
N ARG I 161 -41.05 -43.53 -23.15
CA ARG I 161 -40.83 -42.17 -22.71
C ARG I 161 -39.85 -42.20 -21.55
N ASN I 162 -38.74 -41.50 -21.69
CA ASN I 162 -37.66 -41.52 -20.69
C ASN I 162 -37.84 -40.36 -19.71
N PHE I 163 -38.83 -40.52 -18.83
CA PHE I 163 -39.05 -39.52 -17.80
C PHE I 163 -37.98 -39.63 -16.72
N ARG I 164 -37.44 -38.48 -16.32
CA ARG I 164 -36.32 -38.43 -15.39
C ARG I 164 -36.83 -38.00 -14.02
N LEU I 165 -36.66 -38.87 -13.03
CA LEU I 165 -37.11 -38.59 -11.67
C LEU I 165 -35.99 -37.92 -10.88
N ASN I 166 -36.38 -36.98 -10.02
CA ASN I 166 -35.45 -36.24 -9.18
C ASN I 166 -35.93 -36.29 -7.74
N ILE I 167 -34.98 -36.30 -6.80
CA ILE I 167 -35.29 -36.37 -5.37
C ILE I 167 -34.51 -35.31 -4.63
N ARG I 168 -35.18 -34.64 -3.70
CA ARG I 168 -34.59 -33.62 -2.84
C ARG I 168 -34.61 -34.08 -1.39
N MET I 169 -33.46 -34.03 -0.73
CA MET I 169 -33.32 -34.50 0.64
C MET I 169 -33.65 -33.39 1.64
N LEU I 170 -34.42 -33.75 2.67
CA LEU I 170 -34.78 -32.81 3.72
C LEU I 170 -35.09 -33.58 4.99
N SER I 171 -34.72 -33.01 6.14
CA SER I 171 -34.95 -33.64 7.43
C SER I 171 -36.43 -33.53 7.83
N GLU I 172 -36.87 -34.49 8.64
CA GLU I 172 -38.26 -34.56 9.08
C GLU I 172 -38.34 -35.16 10.48
N GLN I 173 -39.56 -35.17 11.02
CA GLN I 173 -39.80 -35.66 12.37
C GLN I 173 -39.47 -37.15 12.44
N PRO I 174 -38.76 -37.59 13.49
CA PRO I 174 -38.26 -38.97 13.52
C PRO I 174 -39.33 -40.05 13.69
N ARG I 175 -40.62 -39.74 13.71
CA ARG I 175 -41.63 -40.77 13.92
C ARG I 175 -42.69 -40.71 12.82
N GLU I 176 -42.91 -41.84 12.16
CA GLU I 176 -44.09 -42.02 11.31
C GLU I 176 -44.27 -43.52 11.13
N GLY I 177 -45.33 -44.07 11.73
CA GLY I 177 -45.58 -45.51 11.81
C GLY I 177 -46.28 -46.18 10.64
N ASN I 178 -46.70 -45.41 9.64
CA ASN I 178 -47.45 -45.99 8.51
C ASN I 178 -46.61 -46.97 7.70
N SER I 179 -45.36 -46.64 7.43
CA SER I 179 -44.42 -47.48 6.67
C SER I 179 -45.00 -47.86 5.32
N ILE I 180 -45.38 -46.82 4.57
CA ILE I 180 -45.96 -46.94 3.24
C ILE I 180 -45.19 -46.03 2.29
N PHE I 181 -45.12 -46.43 1.02
CA PHE I 181 -44.42 -45.66 0.00
C PHE I 181 -45.14 -45.84 -1.34
N SER I 182 -44.72 -45.04 -2.31
CA SER I 182 -45.22 -45.11 -3.68
C SER I 182 -44.54 -46.29 -4.39
N SER I 183 -44.73 -46.36 -5.72
CA SER I 183 -44.14 -47.45 -6.50
C SER I 183 -42.63 -47.54 -6.28
N TYR I 184 -41.99 -46.41 -6.02
CA TYR I 184 -40.58 -46.35 -5.67
C TYR I 184 -40.51 -45.80 -4.27
N GLY I 185 -39.45 -46.10 -3.53
CA GLY I 185 -39.26 -45.47 -2.24
C GLY I 185 -39.01 -44.01 -2.53
N LEU I 186 -39.81 -43.13 -1.95
CA LEU I 186 -39.69 -41.72 -2.31
C LEU I 186 -39.87 -40.74 -1.17
N SER I 187 -40.37 -41.16 -0.01
CA SER I 187 -40.63 -40.26 1.12
C SER I 187 -41.53 -39.09 0.72
N ASN I 188 -42.21 -39.18 -0.42
CA ASN I 188 -43.15 -38.15 -0.86
C ASN I 188 -44.43 -38.83 -1.37
N SER I 189 -44.79 -39.93 -0.71
CA SER I 189 -46.01 -40.66 -1.01
C SER I 189 -47.22 -39.73 -0.96
N GLU I 190 -48.13 -39.89 -1.93
CA GLU I 190 -49.27 -38.98 -2.01
C GLU I 190 -49.95 -38.83 -0.66
N ASN I 191 -50.02 -39.93 0.11
CA ASN I 191 -50.73 -39.88 1.39
C ASN I 191 -49.92 -39.10 2.43
N SER I 192 -48.62 -39.38 2.54
CA SER I 192 -47.79 -38.76 3.56
C SER I 192 -46.33 -38.80 3.13
N PHE I 193 -45.52 -37.98 3.80
CA PHE I 193 -44.09 -37.85 3.50
C PHE I 193 -43.26 -38.62 4.53
N GLN I 194 -43.39 -39.94 4.45
CA GLN I 194 -42.75 -40.83 5.41
C GLN I 194 -41.23 -40.73 5.40
N PRO I 195 -40.59 -40.43 6.53
CA PRO I 195 -39.13 -40.38 6.57
C PRO I 195 -38.49 -41.77 6.52
N VAL I 196 -37.21 -41.78 6.17
CA VAL I 196 -36.40 -42.99 6.08
C VAL I 196 -35.08 -42.75 6.83
N PRO I 197 -34.47 -43.78 7.41
CA PRO I 197 -33.20 -43.59 8.12
C PRO I 197 -31.99 -43.76 7.22
N LEU I 198 -30.88 -43.15 7.65
CA LEU I 198 -29.62 -43.24 6.94
C LEU I 198 -29.02 -44.64 7.05
N ALA J 196 -20.61 -87.10 -32.85
CA ALA J 196 -19.94 -86.51 -34.00
C ALA J 196 -18.66 -85.80 -33.59
N ALA J 197 -18.21 -86.06 -32.35
CA ALA J 197 -16.98 -85.44 -31.88
C ALA J 197 -15.76 -85.95 -32.63
N CYS J 198 -15.83 -87.18 -33.15
CA CYS J 198 -14.72 -87.74 -33.92
C CYS J 198 -14.61 -87.15 -35.33
N THR J 199 -15.65 -86.45 -35.80
CA THR J 199 -15.61 -85.86 -37.13
C THR J 199 -14.56 -84.77 -37.23
N VAL J 200 -14.31 -84.06 -36.12
CA VAL J 200 -13.33 -82.97 -36.13
C VAL J 200 -11.94 -83.48 -36.44
N SER J 201 -11.65 -84.75 -36.16
CA SER J 201 -10.36 -85.31 -36.57
C SER J 201 -10.23 -85.32 -38.09
N ASN J 202 -11.30 -85.70 -38.78
CA ASN J 202 -11.31 -85.61 -40.24
C ASN J 202 -11.29 -84.15 -40.69
N TRP J 203 -12.01 -83.29 -39.97
CA TRP J 203 -12.04 -81.87 -40.33
C TRP J 203 -10.65 -81.24 -40.21
N LEU J 204 -9.93 -81.54 -39.13
CA LEU J 204 -8.59 -81.00 -38.95
C LEU J 204 -7.63 -81.54 -40.00
N ALA J 205 -7.88 -82.74 -40.54
CA ALA J 205 -7.04 -83.28 -41.59
C ALA J 205 -7.14 -82.44 -42.86
N GLY J 206 -8.33 -81.95 -43.18
CA GLY J 206 -8.47 -81.01 -44.28
C GLY J 206 -9.17 -81.54 -45.52
N HIS J 207 -10.17 -82.39 -45.36
CA HIS J 207 -10.97 -82.83 -46.50
C HIS J 207 -12.35 -83.25 -46.01
N GLU J 208 -13.29 -83.31 -46.96
CA GLU J 208 -14.68 -83.71 -46.71
C GLU J 208 -15.26 -82.74 -45.66
N SER J 209 -15.91 -83.23 -44.61
CA SER J 209 -16.46 -82.40 -43.55
C SER J 209 -17.48 -81.40 -44.11
N LYS J 210 -18.56 -81.95 -44.65
CA LYS J 210 -19.62 -81.12 -45.23
C LYS J 210 -20.19 -80.09 -44.26
N PRO J 211 -20.50 -80.42 -42.99
CA PRO J 211 -21.07 -79.38 -42.11
C PRO J 211 -20.04 -78.36 -41.64
N LEU J 212 -18.84 -78.38 -42.21
CA LEU J 212 -17.79 -77.46 -41.80
C LEU J 212 -17.25 -76.71 -43.00
N PRO J 213 -16.75 -75.48 -42.79
CA PRO J 213 -16.40 -74.60 -43.91
C PRO J 213 -15.06 -74.91 -44.59
N ASN J 214 -14.39 -76.01 -44.23
CA ASN J 214 -13.18 -76.48 -44.92
C ASN J 214 -12.13 -75.38 -45.11
N LEU J 215 -11.84 -74.66 -44.03
CA LEU J 215 -10.81 -73.62 -44.05
C LEU J 215 -9.43 -74.26 -44.14
N PRO J 216 -8.40 -73.49 -44.47
CA PRO J 216 -7.03 -74.03 -44.42
C PRO J 216 -6.70 -74.50 -43.01
N LYS J 217 -5.84 -75.52 -42.93
CA LYS J 217 -5.63 -76.21 -41.66
C LYS J 217 -5.11 -75.27 -40.57
N SER J 218 -4.29 -74.29 -40.95
CA SER J 218 -3.83 -73.29 -39.98
C SER J 218 -5.02 -72.56 -39.36
N TYR J 219 -5.93 -72.08 -40.21
CA TYR J 219 -7.10 -71.38 -39.70
C TYR J 219 -8.02 -72.31 -38.92
N ARG J 220 -8.10 -73.58 -39.33
CA ARG J 220 -8.86 -74.57 -38.56
C ARG J 220 -8.32 -74.64 -37.13
N TRP J 221 -7.00 -74.72 -37.00
CA TRP J 221 -6.37 -74.78 -35.68
C TRP J 221 -6.66 -73.52 -34.90
N GLY J 222 -6.51 -72.35 -35.55
CA GLY J 222 -6.82 -71.10 -34.87
C GLY J 222 -8.27 -71.04 -34.41
N LEU J 223 -9.17 -71.60 -35.23
CA LEU J 223 -10.59 -71.61 -34.88
C LEU J 223 -10.81 -72.43 -33.63
N VAL J 224 -10.21 -73.62 -33.56
CA VAL J 224 -10.37 -74.44 -32.35
C VAL J 224 -9.68 -73.75 -31.17
N HIS J 225 -8.63 -72.97 -31.45
CA HIS J 225 -7.95 -72.21 -30.41
C HIS J 225 -8.90 -71.20 -29.80
N TRP J 226 -9.69 -70.55 -30.64
CA TRP J 226 -10.76 -69.69 -30.16
C TRP J 226 -11.80 -70.49 -29.38
N TRP J 227 -12.22 -71.62 -29.94
CA TRP J 227 -13.28 -72.44 -29.36
C TRP J 227 -13.00 -72.92 -27.94
N MET J 228 -11.75 -73.28 -27.59
CA MET J 228 -11.55 -73.76 -26.21
C MET J 228 -12.06 -72.73 -25.19
N GLY J 229 -11.63 -71.48 -25.30
CA GLY J 229 -12.05 -70.48 -24.33
C GLY J 229 -13.56 -70.31 -24.28
N ILE J 230 -14.21 -70.26 -25.44
CA ILE J 230 -15.66 -70.09 -25.49
C ILE J 230 -16.32 -71.34 -26.06
N ASP J 236 -13.68 -78.63 -27.31
CA ASP J 236 -12.99 -79.91 -27.18
C ASP J 236 -13.98 -81.06 -26.98
N HIS J 237 -15.27 -80.74 -27.02
CA HIS J 237 -16.32 -81.74 -26.86
C HIS J 237 -17.30 -81.68 -28.03
N PHE J 238 -18.42 -82.40 -27.91
CA PHE J 238 -19.35 -82.52 -29.03
C PHE J 238 -20.07 -81.21 -29.34
N SER J 239 -19.99 -80.20 -28.47
CA SER J 239 -20.67 -78.95 -28.73
C SER J 239 -20.08 -78.20 -29.93
N PHE J 240 -18.91 -78.61 -30.39
CA PHE J 240 -18.25 -77.91 -31.49
C PHE J 240 -19.01 -78.05 -32.80
N VAL J 241 -19.51 -79.24 -33.11
CA VAL J 241 -19.98 -79.52 -34.47
C VAL J 241 -21.29 -78.78 -34.76
N GLN J 242 -22.26 -78.86 -33.85
CA GLN J 242 -23.55 -78.27 -34.14
C GLN J 242 -23.58 -76.76 -33.92
N PHE J 243 -22.51 -76.18 -33.36
CA PHE J 243 -22.39 -74.73 -33.36
C PHE J 243 -22.27 -74.18 -34.78
N PHE J 244 -21.49 -74.86 -35.62
CA PHE J 244 -21.38 -74.47 -37.02
C PHE J 244 -22.55 -74.97 -37.86
N SER J 245 -23.31 -75.92 -37.35
CA SER J 245 -24.61 -76.22 -37.94
C SER J 245 -25.59 -75.11 -37.56
N ASN J 246 -26.28 -74.57 -38.56
CA ASN J 246 -27.11 -73.37 -38.39
C ASN J 246 -26.23 -72.25 -37.82
N TRP J 247 -25.04 -72.13 -38.40
CA TRP J 247 -24.01 -71.22 -37.91
C TRP J 247 -24.42 -69.76 -37.86
N PRO J 248 -25.05 -69.16 -38.88
CA PRO J 248 -25.35 -67.72 -38.78
C PRO J 248 -26.28 -67.41 -37.60
N ARG J 249 -27.38 -68.15 -37.47
CA ARG J 249 -28.29 -67.93 -36.35
C ARG J 249 -27.59 -68.20 -35.02
N SER J 250 -26.76 -69.26 -34.96
CA SER J 250 -26.11 -69.60 -33.71
C SER J 250 -25.15 -68.50 -33.26
N PHE J 251 -24.29 -68.04 -34.17
CA PHE J 251 -23.34 -66.99 -33.84
C PHE J 251 -24.06 -65.68 -33.51
N HIS J 252 -25.08 -65.33 -34.29
CA HIS J 252 -25.81 -64.12 -33.98
C HIS J 252 -26.50 -64.23 -32.62
N SER J 253 -26.95 -65.42 -32.25
CA SER J 253 -27.63 -65.60 -30.97
C SER J 253 -26.67 -65.46 -29.81
N ILE J 254 -25.46 -66.05 -29.91
CA ILE J 254 -24.51 -65.88 -28.82
C ILE J 254 -24.08 -64.42 -28.71
N ILE J 255 -23.94 -63.73 -29.85
CA ILE J 255 -23.64 -62.29 -29.79
C ILE J 255 -24.79 -61.54 -29.12
N GLU J 256 -26.04 -61.90 -29.45
CA GLU J 256 -27.20 -61.32 -28.79
C GLU J 256 -27.12 -61.48 -27.28
N ASP J 257 -26.85 -62.71 -26.82
CA ASP J 257 -26.87 -62.95 -25.38
C ASP J 257 -25.74 -62.20 -24.68
N GLU J 258 -24.55 -62.17 -25.29
CA GLU J 258 -23.45 -61.45 -24.67
C GLU J 258 -23.70 -59.94 -24.62
N VAL J 259 -24.18 -59.37 -25.73
CA VAL J 259 -24.45 -57.94 -25.77
C VAL J 259 -25.58 -57.58 -24.80
N GLU J 260 -26.59 -58.45 -24.69
CA GLU J 260 -27.70 -58.17 -23.80
C GLU J 260 -27.26 -58.27 -22.34
N PHE J 261 -26.41 -59.25 -22.02
CA PHE J 261 -25.88 -59.34 -20.67
C PHE J 261 -25.08 -58.10 -20.31
N ASN J 262 -24.19 -57.67 -21.22
CA ASN J 262 -23.34 -56.52 -20.93
C ASN J 262 -24.14 -55.23 -20.86
N LEU J 263 -25.23 -55.12 -21.63
CA LEU J 263 -26.02 -53.89 -21.59
C LEU J 263 -26.95 -53.86 -20.38
N GLU J 264 -27.67 -54.95 -20.12
CA GLU J 264 -28.59 -54.97 -18.99
C GLU J 264 -27.85 -54.89 -17.66
N HIS J 265 -26.74 -55.62 -17.52
CA HIS J 265 -25.94 -55.57 -16.31
C HIS J 265 -24.81 -54.55 -16.40
N ALA J 266 -24.97 -53.53 -17.24
CA ALA J 266 -23.97 -52.48 -17.35
C ALA J 266 -23.85 -51.72 -16.03
N VAL J 267 -22.61 -51.36 -15.69
CA VAL J 267 -22.32 -50.71 -14.42
C VAL J 267 -21.94 -49.23 -14.59
N VAL J 268 -21.34 -48.86 -15.71
CA VAL J 268 -20.86 -47.48 -15.86
C VAL J 268 -22.03 -46.53 -16.04
N SER J 269 -22.77 -46.68 -17.15
CA SER J 269 -23.91 -45.82 -17.47
C SER J 269 -24.54 -46.37 -18.75
N THR J 270 -25.74 -45.86 -19.06
CA THR J 270 -26.40 -46.22 -20.31
C THR J 270 -25.61 -45.71 -21.52
N SER J 271 -25.10 -44.48 -21.42
CA SER J 271 -24.23 -43.90 -22.43
C SER J 271 -22.81 -43.84 -21.90
N GLU J 272 -21.91 -43.30 -22.73
CA GLU J 272 -20.50 -43.10 -22.39
C GLU J 272 -19.78 -44.43 -22.13
N LEU J 273 -20.42 -45.55 -22.44
CA LEU J 273 -19.82 -46.86 -22.23
C LEU J 273 -18.56 -47.03 -23.09
N ARG J 274 -17.76 -48.03 -22.74
CA ARG J 274 -16.51 -48.35 -23.40
C ARG J 274 -16.63 -49.69 -24.11
N LEU J 275 -15.78 -49.89 -25.11
CA LEU J 275 -15.84 -51.10 -25.90
C LEU J 275 -15.67 -52.34 -25.03
N LYS J 276 -14.66 -52.34 -24.15
CA LYS J 276 -14.43 -53.52 -23.32
C LYS J 276 -15.64 -53.85 -22.47
N ASP J 277 -16.32 -52.83 -21.96
CA ASP J 277 -17.49 -53.05 -21.12
C ASP J 277 -18.62 -53.75 -21.88
N LEU J 278 -18.78 -53.43 -23.16
CA LEU J 278 -19.91 -53.93 -23.96
C LEU J 278 -19.52 -55.04 -24.92
N LEU J 279 -18.42 -54.88 -25.66
CA LEU J 279 -18.03 -55.86 -26.67
C LEU J 279 -16.58 -56.32 -26.58
N GLY J 280 -15.78 -55.74 -25.68
CA GLY J 280 -14.35 -56.01 -25.58
C GLY J 280 -13.96 -57.46 -25.77
N ARG J 281 -14.46 -58.36 -24.92
CA ARG J 281 -14.05 -59.75 -24.92
C ARG J 281 -14.14 -60.34 -26.33
N LEU J 282 -15.37 -60.45 -26.86
CA LEU J 282 -15.59 -61.10 -28.15
C LEU J 282 -14.81 -60.44 -29.27
N PHE J 283 -14.67 -59.11 -29.23
CA PHE J 283 -14.02 -58.41 -30.33
C PHE J 283 -12.51 -58.54 -30.20
N PHE J 284 -11.96 -57.85 -29.21
CA PHE J 284 -10.52 -57.83 -28.93
C PHE J 284 -9.91 -59.22 -28.97
N GLY J 285 -10.69 -60.23 -28.60
CA GLY J 285 -10.20 -61.60 -28.65
C GLY J 285 -10.07 -62.08 -30.08
N SER J 286 -11.21 -62.31 -30.75
CA SER J 286 -11.19 -62.90 -32.09
C SER J 286 -10.33 -62.13 -33.08
N ILE J 287 -10.11 -60.83 -32.86
CA ILE J 287 -9.42 -60.01 -33.85
C ILE J 287 -8.03 -60.56 -34.15
N ARG J 288 -7.18 -60.61 -33.13
CA ARG J 288 -5.79 -60.98 -33.34
C ARG J 288 -5.67 -62.48 -33.63
N LEU J 289 -6.07 -62.88 -34.83
CA LEU J 289 -5.93 -64.27 -35.19
C LEU J 289 -4.94 -64.36 -36.36
N PRO J 290 -4.39 -65.54 -36.64
CA PRO J 290 -3.41 -65.66 -37.74
C PRO J 290 -3.86 -64.99 -39.03
N GLU J 291 -2.97 -64.21 -39.63
CA GLU J 291 -3.15 -63.57 -40.93
C GLU J 291 -4.19 -62.45 -40.94
N ARG J 292 -5.32 -62.65 -40.27
CA ARG J 292 -6.43 -61.70 -40.09
C ARG J 292 -7.26 -61.61 -41.37
N ASN J 293 -7.06 -62.52 -42.32
CA ASN J 293 -7.87 -62.55 -43.54
C ASN J 293 -9.35 -62.64 -43.21
N LEU J 294 -10.12 -61.65 -43.69
CA LEU J 294 -11.53 -61.58 -43.35
C LEU J 294 -12.30 -62.81 -43.82
N GLN J 295 -12.10 -63.22 -45.07
CA GLN J 295 -12.83 -64.37 -45.59
C GLN J 295 -12.50 -65.63 -44.82
N HIS J 296 -11.20 -65.89 -44.63
CA HIS J 296 -10.81 -67.11 -43.92
C HIS J 296 -11.19 -67.03 -42.45
N ASN J 297 -11.01 -65.87 -41.83
CA ASN J 297 -11.44 -65.69 -40.44
C ASN J 297 -12.95 -65.48 -40.44
N ILE J 298 -13.68 -66.59 -40.48
CA ILE J 298 -15.13 -66.55 -40.60
C ILE J 298 -15.74 -65.83 -39.39
N ILE J 299 -15.13 -66.02 -38.21
CA ILE J 299 -15.66 -65.40 -36.99
C ILE J 299 -15.56 -63.89 -37.08
N LEU J 300 -14.42 -63.38 -37.52
CA LEU J 300 -14.26 -61.94 -37.66
C LEU J 300 -15.13 -61.38 -38.79
N GLY J 301 -15.29 -62.14 -39.86
CA GLY J 301 -16.18 -61.71 -40.93
C GLY J 301 -17.60 -61.53 -40.44
N GLU J 302 -18.12 -62.52 -39.72
CA GLU J 302 -19.49 -62.42 -39.23
C GLU J 302 -19.62 -61.37 -38.15
N LEU J 303 -18.60 -61.22 -37.30
CA LEU J 303 -18.63 -60.18 -36.28
C LEU J 303 -18.70 -58.80 -36.90
N LEU J 304 -17.87 -58.55 -37.92
CA LEU J 304 -17.92 -57.25 -38.60
C LEU J 304 -19.24 -57.05 -39.33
N CYS J 305 -19.79 -58.12 -39.92
CA CYS J 305 -21.10 -58.01 -40.57
C CYS J 305 -22.15 -57.57 -39.56
N TYR J 306 -22.21 -58.25 -38.42
CA TYR J 306 -23.19 -57.90 -37.39
C TYR J 306 -22.98 -56.49 -36.87
N LEU J 307 -21.73 -56.12 -36.61
CA LEU J 307 -21.44 -54.81 -36.06
C LEU J 307 -21.85 -53.71 -37.03
N GLU J 308 -21.51 -53.86 -38.31
CA GLU J 308 -21.86 -52.85 -39.30
C GLU J 308 -23.36 -52.78 -39.53
N ASN J 309 -24.03 -53.93 -39.58
CA ASN J 309 -25.47 -53.94 -39.80
C ASN J 309 -26.25 -53.45 -38.60
N ARG J 310 -25.66 -53.44 -37.40
CA ARG J 310 -26.34 -52.89 -36.24
C ARG J 310 -25.74 -51.56 -35.77
N LEU J 311 -24.90 -50.93 -36.57
CA LEU J 311 -24.45 -49.57 -36.27
C LEU J 311 -25.62 -48.60 -36.38
N TRP J 312 -25.63 -47.62 -35.48
CA TRP J 312 -26.61 -46.52 -35.44
C TRP J 312 -28.02 -46.98 -35.11
N GLN J 313 -28.21 -48.22 -34.65
CA GLN J 313 -29.51 -48.62 -34.16
C GLN J 313 -29.78 -48.01 -32.79
N ASP J 314 -31.06 -48.00 -32.42
CA ASP J 314 -31.55 -47.35 -31.18
C ASP J 314 -31.11 -45.89 -31.23
N LYS J 315 -30.26 -45.43 -30.32
CA LYS J 315 -29.70 -44.08 -30.36
C LYS J 315 -28.26 -44.08 -30.82
N GLY J 316 -27.87 -45.05 -31.64
CA GLY J 316 -26.48 -45.19 -32.05
C GLY J 316 -25.57 -45.51 -30.89
N LEU J 317 -25.99 -46.41 -30.00
CA LEU J 317 -25.20 -46.75 -28.84
C LEU J 317 -23.89 -47.43 -29.24
N ILE J 318 -23.92 -48.24 -30.29
CA ILE J 318 -22.69 -48.90 -30.75
C ILE J 318 -21.84 -47.97 -31.59
N ALA J 319 -22.44 -46.92 -32.16
CA ALA J 319 -21.71 -45.99 -33.01
C ALA J 319 -21.14 -44.81 -32.24
N ASN J 320 -21.31 -44.78 -30.92
CA ASN J 320 -20.79 -43.68 -30.11
C ASN J 320 -19.97 -44.17 -28.93
N LEU J 321 -19.56 -45.44 -28.94
CA LEU J 321 -18.76 -45.98 -27.85
C LEU J 321 -17.40 -45.29 -27.82
N LYS J 322 -17.00 -44.85 -26.63
CA LYS J 322 -15.69 -44.24 -26.46
C LYS J 322 -14.59 -45.28 -26.54
N MET J 323 -13.55 -45.00 -27.33
CA MET J 323 -12.41 -45.90 -27.47
C MET J 323 -11.11 -45.15 -27.25
N ASN J 324 -10.13 -45.86 -26.73
CA ASN J 324 -8.81 -45.31 -26.47
C ASN J 324 -7.91 -45.52 -27.69
N ALA J 325 -6.79 -44.80 -27.71
CA ALA J 325 -5.91 -44.85 -28.87
C ALA J 325 -5.26 -46.22 -29.06
N LEU J 326 -5.08 -46.99 -27.98
CA LEU J 326 -4.39 -48.27 -28.11
C LEU J 326 -5.20 -49.29 -28.91
N GLU J 327 -6.48 -49.46 -28.56
CA GLU J 327 -7.30 -50.43 -29.30
C GLU J 327 -7.53 -49.99 -30.73
N ALA J 328 -7.53 -48.69 -30.99
CA ALA J 328 -7.65 -48.21 -32.36
C ALA J 328 -6.51 -48.72 -33.22
N THR J 329 -5.28 -48.69 -32.70
CA THR J 329 -4.15 -49.25 -33.41
C THR J 329 -4.31 -50.75 -33.58
N VAL J 330 -4.83 -51.44 -32.56
CA VAL J 330 -5.00 -52.88 -32.63
C VAL J 330 -5.96 -53.26 -33.75
N MET J 331 -7.07 -52.54 -33.87
CA MET J 331 -8.08 -52.87 -34.87
C MET J 331 -7.84 -52.20 -36.22
N LEU J 332 -6.84 -51.32 -36.32
CA LEU J 332 -6.51 -50.69 -37.59
C LEU J 332 -5.20 -51.19 -38.19
N ASN J 333 -4.37 -51.90 -37.43
CA ASN J 333 -3.05 -52.33 -37.88
C ASN J 333 -2.24 -51.10 -38.31
N CYS J 334 -1.99 -50.23 -37.33
CA CYS J 334 -1.38 -48.94 -37.58
C CYS J 334 -0.40 -48.62 -36.45
N SER J 335 0.55 -47.74 -36.76
CA SER J 335 1.57 -47.32 -35.81
C SER J 335 1.08 -46.15 -34.96
N LEU J 336 1.65 -46.04 -33.77
CA LEU J 336 1.32 -44.90 -32.91
C LEU J 336 1.71 -43.58 -33.55
N ASP J 337 2.89 -43.54 -34.19
CA ASP J 337 3.31 -42.33 -34.87
C ASP J 337 2.37 -41.99 -36.01
N GLN J 338 1.90 -43.01 -36.74
CA GLN J 338 0.94 -42.75 -37.82
C GLN J 338 -0.39 -42.26 -37.27
N ILE J 339 -0.82 -42.79 -36.12
CA ILE J 339 -2.06 -42.31 -35.49
C ILE J 339 -1.90 -40.86 -35.10
N ALA J 340 -0.75 -40.50 -34.53
CA ALA J 340 -0.48 -39.09 -34.23
C ALA J 340 -0.51 -38.25 -35.49
N SER J 341 0.01 -38.79 -36.59
CA SER J 341 0.01 -38.06 -37.86
C SER J 341 -1.41 -37.77 -38.33
N MET J 342 -2.28 -38.78 -38.30
CA MET J 342 -3.64 -38.56 -38.78
C MET J 342 -4.42 -37.64 -37.85
N VAL J 343 -4.23 -37.77 -36.54
CA VAL J 343 -4.94 -36.86 -35.63
C VAL J 343 -4.40 -35.45 -35.74
N GLU J 344 -3.14 -35.28 -36.14
CA GLU J 344 -2.63 -33.95 -36.46
C GLU J 344 -3.27 -33.43 -37.73
N GLN J 345 -3.47 -34.29 -38.73
CA GLN J 345 -4.18 -33.93 -39.94
C GLN J 345 -5.69 -33.81 -39.73
N ARG J 346 -6.18 -34.11 -38.53
CA ARG J 346 -7.60 -34.07 -38.17
C ARG J 346 -8.43 -35.11 -38.90
N ILE J 347 -7.80 -36.16 -39.43
CA ILE J 347 -8.56 -37.31 -39.89
C ILE J 347 -9.29 -37.95 -38.72
N LEU J 348 -8.62 -38.01 -37.57
CA LEU J 348 -9.25 -38.40 -36.31
C LEU J 348 -9.55 -37.16 -35.47
N LYS J 349 -10.81 -37.06 -35.03
CA LYS J 349 -11.26 -35.89 -34.29
C LYS J 349 -11.56 -36.30 -32.86
N PRO J 350 -10.74 -35.90 -31.88
CA PRO J 350 -11.05 -36.21 -30.49
C PRO J 350 -12.27 -35.45 -29.99
N ASN J 351 -12.93 -36.02 -28.99
CA ASN J 351 -14.10 -35.40 -28.40
C ASN J 351 -13.74 -34.58 -27.17
N ASP J 361 -3.38 -37.21 -26.51
CA ASP J 361 -2.78 -38.01 -25.46
C ASP J 361 -2.42 -39.40 -25.99
N VAL J 362 -1.37 -40.00 -25.42
CA VAL J 362 -0.92 -41.31 -25.87
C VAL J 362 -1.97 -42.37 -25.57
N THR J 363 -2.60 -42.30 -24.40
CA THR J 363 -3.59 -43.30 -23.99
C THR J 363 -4.77 -42.53 -23.36
N ASP J 364 -5.75 -42.22 -24.18
CA ASP J 364 -6.95 -41.54 -23.70
C ASP J 364 -8.14 -41.97 -24.55
N TYR J 365 -9.32 -41.96 -23.93
CA TYR J 365 -10.57 -42.39 -24.59
C TYR J 365 -11.14 -41.19 -25.34
N LEU J 366 -10.57 -40.90 -26.50
CA LEU J 366 -10.94 -39.72 -27.28
C LEU J 366 -11.62 -40.02 -28.59
N PHE J 367 -11.68 -41.28 -29.02
CA PHE J 367 -12.26 -41.63 -30.30
C PHE J 367 -13.60 -42.35 -30.10
N HIS J 368 -14.27 -42.61 -31.21
CA HIS J 368 -15.56 -43.29 -31.20
C HIS J 368 -15.51 -44.50 -32.13
N PHE J 369 -16.28 -45.53 -31.76
CA PHE J 369 -16.24 -46.78 -32.51
C PHE J 369 -16.73 -46.60 -33.94
N GLY J 370 -17.80 -45.84 -34.14
CA GLY J 370 -18.29 -45.62 -35.50
C GLY J 370 -17.28 -44.88 -36.36
N ASP J 371 -16.66 -43.83 -35.81
CA ASP J 371 -15.65 -43.09 -36.55
C ASP J 371 -14.47 -43.97 -36.91
N ILE J 372 -13.99 -44.77 -35.95
CA ILE J 372 -12.84 -45.63 -36.21
C ILE J 372 -13.19 -46.71 -37.24
N PHE J 373 -14.38 -47.30 -37.13
CA PHE J 373 -14.80 -48.32 -38.09
C PHE J 373 -14.87 -47.74 -39.48
N CYS J 374 -15.44 -46.54 -39.62
CA CYS J 374 -15.56 -45.92 -40.93
C CYS J 374 -14.19 -45.52 -41.46
N LEU J 375 -13.27 -45.10 -40.59
CA LEU J 375 -11.91 -44.82 -41.04
C LEU J 375 -11.24 -46.08 -41.54
N TRP J 376 -11.49 -47.22 -40.89
CA TRP J 376 -10.97 -48.48 -41.41
C TRP J 376 -11.53 -48.78 -42.79
N LEU J 377 -12.84 -48.59 -42.95
CA LEU J 377 -13.48 -48.85 -44.25
C LEU J 377 -12.96 -47.92 -45.32
N ALA J 378 -12.55 -46.70 -44.96
CA ALA J 378 -12.13 -45.72 -45.94
C ALA J 378 -10.65 -45.80 -46.30
N GLU J 379 -9.78 -46.04 -45.30
CA GLU J 379 -8.34 -45.90 -45.50
C GLU J 379 -7.51 -47.10 -45.11
N PHE J 380 -8.09 -48.14 -44.53
CA PHE J 380 -7.29 -49.25 -44.02
C PHE J 380 -7.79 -50.60 -44.53
N GLN J 381 -8.34 -50.62 -45.74
CA GLN J 381 -8.68 -51.87 -46.40
C GLN J 381 -7.46 -52.43 -47.13
N SER J 382 -7.25 -53.73 -47.01
CA SER J 382 -6.10 -54.37 -47.63
C SER J 382 -6.57 -55.40 -48.67
N ASP J 383 -5.60 -56.07 -49.28
CA ASP J 383 -5.91 -57.09 -50.28
C ASP J 383 -6.67 -58.26 -49.65
N GLU J 384 -6.30 -58.65 -48.43
CA GLU J 384 -6.96 -59.74 -47.72
C GLU J 384 -7.81 -59.28 -46.56
N PHE J 385 -7.59 -58.07 -46.04
CA PHE J 385 -8.44 -57.49 -45.01
C PHE J 385 -9.48 -56.58 -45.66
N ASN J 386 -10.28 -57.19 -46.54
CA ASN J 386 -11.16 -56.45 -47.44
C ASN J 386 -12.63 -56.73 -47.10
N ARG J 387 -13.45 -55.70 -47.26
CA ARG J 387 -14.88 -55.83 -46.97
C ARG J 387 -15.58 -56.76 -47.95
N SER J 388 -15.18 -56.72 -49.23
CA SER J 388 -15.89 -57.51 -50.23
C SER J 388 -15.73 -59.02 -50.01
N PHE J 389 -14.76 -59.45 -49.21
CA PHE J 389 -14.52 -60.86 -49.00
C PHE J 389 -15.45 -61.45 -47.94
N TYR J 390 -16.27 -60.63 -47.30
CA TYR J 390 -17.11 -61.05 -46.18
C TYR J 390 -18.57 -60.65 -46.30
N VAL J 391 -18.92 -59.76 -47.21
CA VAL J 391 -20.31 -59.34 -47.38
C VAL J 391 -21.13 -60.47 -48.02
N GLN K 4 -35.78 -46.51 -55.11
CA GLN K 4 -35.47 -47.92 -54.86
C GLN K 4 -34.20 -48.33 -55.59
N ARG K 5 -33.71 -49.52 -55.29
CA ARG K 5 -32.47 -50.01 -55.87
C ARG K 5 -32.66 -50.36 -57.33
N PRO K 6 -31.87 -49.79 -58.25
CA PRO K 6 -31.90 -50.22 -59.65
C PRO K 6 -31.13 -51.52 -59.82
N LYS K 7 -31.08 -51.99 -61.07
CA LYS K 7 -30.43 -53.27 -61.37
C LYS K 7 -28.92 -53.14 -61.17
N PRO K 8 -28.33 -53.90 -60.24
CA PRO K 8 -26.89 -53.76 -60.00
C PRO K 8 -26.05 -54.78 -60.75
N TYR K 9 -24.78 -54.47 -60.96
CA TYR K 9 -23.81 -55.46 -61.40
C TYR K 9 -22.42 -55.00 -60.99
N SER K 10 -21.48 -55.96 -60.99
CA SER K 10 -20.17 -55.71 -60.41
C SER K 10 -19.40 -54.64 -61.17
N ASP K 11 -19.50 -54.63 -62.50
CA ASP K 11 -18.69 -53.72 -63.30
C ASP K 11 -19.03 -52.25 -63.05
N GLU K 12 -20.21 -51.96 -62.52
CA GLU K 12 -20.63 -50.59 -62.30
C GLU K 12 -19.68 -49.85 -61.36
N SER K 13 -19.36 -48.61 -61.72
CA SER K 13 -18.59 -47.73 -60.87
C SER K 13 -19.52 -46.88 -60.00
N LEU K 14 -18.92 -46.16 -59.05
CA LEU K 14 -19.71 -45.34 -58.14
C LEU K 14 -20.47 -44.25 -58.88
N GLU K 15 -19.80 -43.55 -59.81
CA GLU K 15 -20.45 -42.47 -60.53
C GLU K 15 -21.58 -42.99 -61.40
N SER K 16 -21.36 -44.10 -62.11
CA SER K 16 -22.38 -44.64 -63.00
C SER K 16 -23.62 -45.09 -62.22
N PHE K 17 -23.42 -45.70 -61.05
CA PHE K 17 -24.55 -46.11 -60.24
C PHE K 17 -25.38 -44.92 -59.81
N PHE K 18 -24.72 -43.83 -59.41
CA PHE K 18 -25.46 -42.63 -59.02
C PHE K 18 -26.18 -42.00 -60.22
N ILE K 19 -25.55 -42.03 -61.40
CA ILE K 19 -26.25 -41.57 -62.61
C ILE K 19 -27.53 -42.38 -62.82
N ARG K 20 -27.44 -43.70 -62.75
CA ARG K 20 -28.62 -44.53 -62.98
C ARG K 20 -29.68 -44.28 -61.92
N VAL K 21 -29.29 -44.18 -60.65
CA VAL K 21 -30.26 -43.98 -59.58
C VAL K 21 -30.95 -42.63 -59.73
N ALA K 22 -30.18 -41.57 -60.06
CA ALA K 22 -30.78 -40.26 -60.26
C ALA K 22 -31.75 -40.28 -61.44
N ASN K 23 -31.38 -40.96 -62.52
CA ASN K 23 -32.27 -41.04 -63.68
C ASN K 23 -33.55 -41.80 -63.35
N LYS K 24 -33.44 -42.87 -62.58
CA LYS K 24 -34.57 -43.77 -62.33
C LYS K 24 -35.46 -43.29 -61.20
N ASN K 25 -34.88 -42.71 -60.14
CA ASN K 25 -35.66 -42.37 -58.96
C ASN K 25 -36.67 -41.26 -59.20
N GLY K 26 -36.53 -40.51 -60.29
CA GLY K 26 -37.47 -39.46 -60.65
C GLY K 26 -36.85 -38.08 -60.78
N TYR K 27 -35.69 -37.85 -60.18
CA TYR K 27 -35.03 -36.56 -60.31
C TYR K 27 -34.64 -36.33 -61.76
N GLY K 28 -34.79 -35.08 -62.20
CA GLY K 28 -34.55 -34.76 -63.61
C GLY K 28 -33.15 -35.11 -64.06
N ASP K 29 -32.15 -34.69 -63.28
CA ASP K 29 -30.76 -34.90 -63.66
C ASP K 29 -29.90 -34.93 -62.40
N VAL K 30 -28.73 -35.56 -62.53
CA VAL K 30 -27.75 -35.59 -61.45
C VAL K 30 -27.24 -34.17 -61.25
N HIS K 31 -26.45 -33.94 -60.19
CA HIS K 31 -25.98 -32.63 -59.73
C HIS K 31 -27.16 -32.01 -58.97
N ARG K 32 -28.28 -32.72 -58.89
CA ARG K 32 -29.44 -32.32 -58.11
C ARG K 32 -29.78 -33.47 -57.18
N PHE K 33 -29.39 -34.69 -57.57
CA PHE K 33 -29.54 -35.83 -56.67
C PHE K 33 -28.54 -35.74 -55.53
N LEU K 34 -27.27 -35.47 -55.85
CA LEU K 34 -26.27 -35.37 -54.80
C LEU K 34 -26.70 -34.31 -53.79
N GLU K 35 -27.26 -33.21 -54.30
CA GLU K 35 -27.81 -32.16 -53.43
C GLU K 35 -28.91 -32.74 -52.55
N ALA K 36 -29.87 -33.45 -53.17
CA ALA K 36 -30.97 -34.04 -52.42
C ALA K 36 -30.42 -34.89 -51.29
N THR K 37 -29.34 -35.63 -51.59
CA THR K 37 -28.73 -36.51 -50.61
C THR K 37 -28.18 -35.68 -49.46
N LYS K 38 -27.41 -34.63 -49.80
CA LYS K 38 -26.83 -33.78 -48.78
C LYS K 38 -27.91 -33.29 -47.82
N ARG K 39 -29.09 -32.93 -48.36
CA ARG K 39 -30.11 -32.40 -47.46
C ARG K 39 -30.68 -33.51 -46.61
N PHE K 40 -30.92 -34.68 -47.19
CA PHE K 40 -31.39 -35.82 -46.41
C PHE K 40 -30.43 -36.08 -45.25
N LEU K 41 -29.13 -36.10 -45.54
CA LEU K 41 -28.14 -36.33 -44.49
C LEU K 41 -28.22 -35.25 -43.43
N GLN K 42 -28.49 -34.01 -43.84
CA GLN K 42 -28.70 -32.93 -42.88
C GLN K 42 -29.90 -33.22 -41.99
N ASP K 43 -30.97 -33.77 -42.57
CA ASP K 43 -32.20 -34.01 -41.81
C ASP K 43 -31.97 -35.02 -40.69
N ILE K 44 -31.22 -36.10 -40.96
CA ILE K 44 -30.99 -37.13 -39.96
C ILE K 44 -29.90 -36.72 -38.98
N ASP K 45 -29.27 -35.55 -39.20
CA ASP K 45 -28.24 -35.00 -38.32
C ASP K 45 -26.97 -35.86 -38.33
N HIS K 46 -26.47 -36.13 -39.53
CA HIS K 46 -25.19 -36.79 -39.71
C HIS K 46 -24.08 -35.73 -39.73
N ASN K 47 -23.05 -35.95 -38.92
CA ASN K 47 -22.00 -34.94 -38.78
C ASN K 47 -21.18 -34.74 -40.05
N GLY K 48 -21.27 -35.66 -41.01
CA GLY K 48 -20.49 -35.55 -42.22
C GLY K 48 -21.23 -34.94 -43.38
N TYR K 49 -22.36 -34.29 -43.10
CA TYR K 49 -23.16 -33.70 -44.16
C TYR K 49 -22.48 -32.51 -44.83
N GLN K 50 -21.53 -31.86 -44.16
CA GLN K 50 -20.92 -30.67 -44.73
C GLN K 50 -20.01 -31.00 -45.90
N THR K 51 -19.30 -32.13 -45.81
CA THR K 51 -18.25 -32.47 -46.76
C THR K 51 -18.73 -33.33 -47.92
N PHE K 52 -20.03 -33.59 -48.02
CA PHE K 52 -20.52 -34.40 -49.13
C PHE K 52 -20.34 -33.64 -50.44
N PRO K 53 -19.72 -34.24 -51.45
CA PRO K 53 -19.46 -33.51 -52.70
C PRO K 53 -20.74 -33.19 -53.44
N THR K 54 -20.70 -32.09 -54.19
CA THR K 54 -21.84 -31.65 -54.99
C THR K 54 -21.74 -32.08 -56.44
N ASP K 55 -20.53 -32.25 -56.96
CA ASP K 55 -20.30 -32.68 -58.34
C ASP K 55 -19.90 -34.15 -58.38
N ILE K 56 -20.15 -34.78 -59.54
CA ILE K 56 -19.83 -36.19 -59.72
C ILE K 56 -18.34 -36.42 -59.59
N THR K 57 -17.52 -35.51 -60.10
CA THR K 57 -16.09 -35.58 -59.87
C THR K 57 -15.81 -35.55 -58.37
N ARG K 58 -14.84 -36.37 -57.96
CA ARG K 58 -14.35 -36.51 -56.58
C ARG K 58 -15.40 -37.05 -55.62
N ILE K 59 -16.49 -37.65 -56.14
CA ILE K 59 -17.46 -38.27 -55.25
C ILE K 59 -16.84 -39.46 -54.52
N ASN K 60 -15.86 -40.11 -55.12
CA ASN K 60 -15.23 -41.26 -54.50
C ASN K 60 -14.49 -40.83 -53.23
N PRO K 61 -14.44 -41.69 -52.21
CA PRO K 61 -13.78 -41.31 -50.96
C PRO K 61 -12.27 -41.13 -51.10
N TYR K 62 -11.67 -41.51 -52.22
CA TYR K 62 -10.24 -41.33 -52.41
C TYR K 62 -9.87 -39.90 -52.78
N SER K 63 -10.85 -39.03 -53.02
CA SER K 63 -10.59 -37.64 -53.35
C SER K 63 -11.33 -36.73 -52.37
N ALA K 64 -11.25 -37.04 -51.08
CA ALA K 64 -11.95 -36.30 -50.05
C ALA K 64 -11.01 -35.62 -49.07
N LYS K 65 -9.71 -35.67 -49.32
CA LYS K 65 -8.68 -35.05 -48.47
C LYS K 65 -8.81 -35.70 -47.09
N ASN K 66 -8.92 -34.94 -46.00
CA ASN K 66 -9.05 -35.52 -44.68
C ASN K 66 -10.45 -36.00 -44.36
N SER K 67 -11.47 -35.51 -45.07
CA SER K 67 -12.86 -35.87 -44.78
C SER K 67 -13.31 -37.03 -45.68
N SER K 68 -12.56 -38.13 -45.61
CA SER K 68 -12.94 -39.35 -46.29
C SER K 68 -13.75 -40.28 -45.40
N SER K 69 -13.44 -40.30 -44.10
CA SER K 69 -14.24 -41.09 -43.17
C SER K 69 -15.67 -40.60 -43.14
N ALA K 70 -15.87 -39.27 -43.17
CA ALA K 70 -17.21 -38.73 -43.20
C ALA K 70 -17.95 -39.14 -44.47
N ARG K 71 -17.27 -39.12 -45.61
CA ARG K 71 -17.92 -39.53 -46.85
C ARG K 71 -18.30 -41.00 -46.83
N THR K 72 -17.41 -41.86 -46.34
CA THR K 72 -17.75 -43.29 -46.26
C THR K 72 -18.88 -43.52 -45.26
N ALA K 73 -18.90 -42.78 -44.15
CA ALA K 73 -20.00 -42.91 -43.19
C ALA K 73 -21.32 -42.51 -43.83
N SER K 74 -21.33 -41.41 -44.58
CA SER K 74 -22.55 -41.00 -45.27
C SER K 74 -22.99 -42.04 -46.28
N PHE K 75 -22.03 -42.61 -47.01
CA PHE K 75 -22.38 -43.63 -48.00
C PHE K 75 -22.99 -44.86 -47.33
N LEU K 76 -22.37 -45.33 -46.25
CA LEU K 76 -22.90 -46.50 -45.56
C LEU K 76 -24.28 -46.21 -44.97
N LYS K 77 -24.46 -45.02 -44.39
CA LYS K 77 -25.76 -44.67 -43.82
C LYS K 77 -26.84 -44.61 -44.90
N LEU K 78 -26.52 -44.02 -46.05
CA LEU K 78 -27.47 -43.97 -47.15
C LEU K 78 -27.80 -45.37 -47.65
N ALA K 79 -26.80 -46.24 -47.77
CA ALA K 79 -27.05 -47.60 -48.24
C ALA K 79 -27.94 -48.35 -47.26
N GLN K 80 -27.70 -48.19 -45.96
CA GLN K 80 -28.49 -48.90 -44.96
C GLN K 80 -29.92 -48.35 -44.89
N LEU K 81 -30.08 -47.04 -45.05
CA LEU K 81 -31.40 -46.43 -45.00
C LEU K 81 -31.80 -45.86 -46.35
N PRO K 86 -31.82 -52.27 -49.67
CA PRO K 86 -30.47 -51.75 -49.43
C PRO K 86 -29.45 -52.22 -50.46
N PRO K 87 -28.92 -51.29 -51.26
CA PRO K 87 -27.98 -51.67 -52.30
C PRO K 87 -26.52 -51.70 -51.88
N GLU K 88 -25.63 -52.02 -52.82
CA GLU K 88 -24.21 -52.16 -52.50
C GLU K 88 -23.53 -50.85 -52.89
N LEU K 89 -23.61 -49.86 -51.98
CA LEU K 89 -22.96 -48.57 -52.24
C LEU K 89 -21.45 -48.68 -52.11
N LEU K 90 -20.98 -49.31 -51.04
CA LEU K 90 -19.57 -49.54 -50.86
C LEU K 90 -19.07 -50.59 -51.85
N GLY K 91 -17.78 -50.93 -51.76
CA GLY K 91 -17.21 -51.87 -52.71
C GLY K 91 -17.01 -51.24 -54.07
N LEU K 92 -18.09 -50.70 -54.65
CA LEU K 92 -17.95 -49.93 -55.88
C LEU K 92 -17.12 -48.67 -55.66
N ALA K 93 -17.00 -48.21 -54.41
CA ALA K 93 -16.24 -47.01 -54.12
C ALA K 93 -14.75 -47.25 -54.34
N ILE K 94 -14.03 -46.16 -54.58
CA ILE K 94 -12.58 -46.18 -54.77
C ILE K 94 -11.96 -45.57 -53.53
N ASN K 95 -11.20 -46.38 -52.79
CA ASN K 95 -10.60 -45.97 -51.53
C ASN K 95 -9.09 -45.94 -51.65
N ARG K 96 -8.45 -45.47 -50.59
CA ARG K 96 -7.01 -45.49 -50.46
C ARG K 96 -6.62 -46.45 -49.34
N THR K 97 -5.41 -47.00 -49.42
CA THR K 97 -4.95 -47.99 -48.47
C THR K 97 -3.59 -47.60 -47.92
N ASN K 98 -3.29 -48.11 -46.72
CA ASN K 98 -2.00 -47.89 -46.09
C ASN K 98 -0.88 -48.71 -46.71
N MET K 99 -1.20 -49.71 -47.53
CA MET K 99 -0.18 -50.55 -48.14
C MET K 99 0.65 -49.76 -49.16
N ALA K 107 -2.19 -48.93 -53.25
CA ALA K 107 -2.42 -47.51 -53.04
C ALA K 107 -3.91 -47.19 -53.13
N VAL K 108 -4.59 -47.81 -54.09
CA VAL K 108 -6.01 -47.58 -54.33
C VAL K 108 -6.72 -48.93 -54.33
N VAL K 109 -7.79 -49.03 -53.55
CA VAL K 109 -8.57 -50.27 -53.45
C VAL K 109 -10.02 -49.99 -53.82
N ARG K 110 -10.59 -50.89 -54.60
CA ARG K 110 -12.02 -50.87 -54.92
C ARG K 110 -12.53 -52.30 -54.93
N GLY K 111 -13.60 -52.56 -54.19
CA GLY K 111 -14.10 -53.91 -54.10
C GLY K 111 -13.07 -54.81 -53.44
N ALA K 112 -12.68 -55.87 -54.14
CA ALA K 112 -11.72 -56.84 -53.62
C ALA K 112 -10.45 -56.91 -54.46
N GLU K 113 -10.08 -55.80 -55.09
CA GLU K 113 -8.86 -55.75 -55.90
C GLU K 113 -8.14 -54.43 -55.65
N VAL K 114 -6.89 -54.51 -55.25
CA VAL K 114 -6.08 -53.31 -55.03
C VAL K 114 -5.52 -52.84 -56.37
N PHE K 115 -5.37 -51.53 -56.52
CA PHE K 115 -4.89 -50.95 -57.77
C PHE K 115 -3.57 -50.21 -57.54
N LEU K 132 -23.78 -46.78 -67.40
CA LEU K 132 -23.42 -48.18 -67.55
C LEU K 132 -21.91 -48.35 -67.73
N ARG K 133 -21.16 -47.34 -67.29
CA ARG K 133 -19.71 -47.38 -67.42
C ARG K 133 -19.12 -48.41 -66.48
N GLU K 134 -17.88 -48.79 -66.75
CA GLU K 134 -17.19 -49.83 -66.00
C GLU K 134 -15.97 -49.25 -65.29
N ASN K 135 -15.62 -49.86 -64.16
CA ASN K 135 -14.49 -49.38 -63.37
C ASN K 135 -13.17 -49.53 -64.13
N GLY K 136 -13.06 -50.52 -65.00
CA GLY K 136 -11.85 -50.68 -65.79
C GLY K 136 -11.58 -49.51 -66.71
N TYR K 137 -12.64 -48.79 -67.11
CA TYR K 137 -12.46 -47.61 -67.95
C TYR K 137 -11.70 -46.52 -67.20
N ALA K 138 -11.99 -46.34 -65.91
CA ALA K 138 -11.38 -45.26 -65.14
C ALA K 138 -9.87 -45.43 -65.05
N SER K 139 -9.40 -46.64 -64.78
CA SER K 139 -7.97 -46.88 -64.65
C SER K 139 -7.30 -46.98 -66.00
#